data_9VG7
#
_entry.id   9VG7
#
_cell.length_a   1.00
_cell.length_b   1.00
_cell.length_c   1.00
_cell.angle_alpha   90.00
_cell.angle_beta   90.00
_cell.angle_gamma   90.00
#
_symmetry.space_group_name_H-M   'P 1'
#
loop_
_entity.id
_entity.type
_entity.pdbx_description
1 polymer 'Spike glycoprotein'
2 branched 2-acetamido-2-deoxy-beta-D-glucopyranose-(1-4)-2-acetamido-2-deoxy-beta-D-glucopyranose
3 branched beta-D-mannopyranose-(1-4)-2-acetamido-2-deoxy-beta-D-glucopyranose-(1-4)-2-acetamido-2-deoxy-beta-D-glucopyranose
4 non-polymer 2-acetamido-2-deoxy-beta-D-glucopyranose
#
_entity_poly.entity_id   1
_entity_poly.type   'polypeptide(L)'
_entity_poly.pdbx_seq_one_letter_code
;CVNITYGSHHLYVSSRTRGVYYPDDAFRSSTNVLHEGFFLPFDSNVTWYSFWNQKYSVATSPFGDGVYFSTIDKSNVVRG
WVFGTTLDNDTQSVLLYNDGTHVRVEVCTFHFCPTPVFSASSPHLYSSAFNCTLNYTLASVRADFTEVDGSFKTIREFVF
KLQDGSLNVYYASTSYVLAIGATSQLPSGVTPLVPLWKIPIGLNITNFKTLVYLRSDNTPLQAAYVVGHLKRRTMMFKYD
ENGTIVDAIDCALDPLSETKCTLRSFIVEKGIYQTSNFRVQPQDTVVRFPNITNLCPFSEVFNATTFASVYAWNRKRISN
CVADYSVLYNSTSFSTFQCYGVSSTKLNDLCFTNVYADSFVVRGDEVRQIAPGQTGVIADYNYKLPDDFTGCVLAWNSRN
QDASTSGNFNYYYRIWRSEKLRPFERDIAHYDYQVGTQFKSSLKNYGFYSSAGDSHQPYRVVVLSFELLNAPATVCGPKQ
STELIKNKCVNFNFNGLTGTGVLTDSNKKFQSFQQFGRDVSDFTDSVKDPKTLEVLDITPCSYGGVSVITPGTNASTQVA
VLYQDVNCTDVPTAIHAEQLTPSWRVYSTGTNMFQTQAGCLIGAEHVNNSYDCDIPIGAGICATYHTPSMLRSANNNKRI
VAYVMSLGAENSVAYSNNTIAIPTNFTISVTTEVMPVSMTKTSVDCTMYICGDSVECSTLLLQYGSFCTQLNRALTGIAV
EQDKNTQEVFAQVKQIYKTPDIKDFGGFNFSQILPDPSKPSKRSPIEDLLFNKVTLADAGFVKQYGDCLGDIQARDLICA
QKFNGLTVLPPLLTDEMIAAYTAALISGTATAGWTFGAGPALQIPFPMQMAYRFNGIGVTQNVLYENQKLIANQFNSAIG
KIQESLTSTPSALGKLQDVVNQNAQALNTLVKQLSSNFGAISSVLNDIISRLDPPEAEVQIDRLITGRLQSLQTYVTQQL
IRAAEIRASANLAATKMSECVLGQSKRVDFCGKGYHLMSFPQAAPHGVVFLHVTYIPSQERNFTTAPAICHEGKAHFPRE
GVFVSNGTHWFITQRNFYEPQIITTDNTFVSGTCDVVIGIVNNTVYDPLQPELESFKDELDKYFKNHTSPDIDLGDISGI
NASVVDIQKEIDILKDVAKNLNESLINLQELGKYEQYIGTKHHHHHH
;
_entity_poly.pdbx_strand_id   A,B,C
#
loop_
_chem_comp.id
_chem_comp.type
_chem_comp.name
_chem_comp.formula
BMA D-saccharide, beta linking beta-D-mannopyranose 'C6 H12 O6'
NAG D-saccharide, beta linking 2-acetamido-2-deoxy-beta-D-glucopyranose 'C8 H15 N O6'
#
# COMPACT_ATOMS: atom_id res chain seq x y z
N CYS A 1 -39.79 -57.38 -16.05
CA CYS A 1 -39.68 -56.00 -16.57
C CYS A 1 -40.95 -55.64 -17.35
N VAL A 2 -41.13 -54.36 -17.71
CA VAL A 2 -42.37 -53.93 -18.42
C VAL A 2 -42.01 -53.48 -19.84
N ASN A 3 -42.65 -54.05 -20.86
CA ASN A 3 -42.41 -53.63 -22.27
C ASN A 3 -43.33 -52.45 -22.58
N ILE A 4 -42.76 -51.25 -22.71
CA ILE A 4 -43.58 -50.03 -22.97
C ILE A 4 -43.52 -49.69 -24.46
N THR A 5 -44.67 -49.58 -25.12
CA THR A 5 -44.71 -49.29 -26.57
C THR A 5 -45.18 -47.87 -26.78
N TYR A 6 -45.64 -47.21 -25.72
CA TYR A 6 -46.16 -45.82 -25.83
C TYR A 6 -45.05 -44.92 -26.39
N GLY A 7 -45.42 -43.99 -27.26
CA GLY A 7 -44.43 -43.08 -27.88
C GLY A 7 -43.96 -42.02 -26.91
N SER A 8 -43.08 -41.12 -27.36
CA SER A 8 -42.52 -40.08 -26.46
C SER A 8 -42.89 -38.68 -26.98
N HIS A 9 -43.32 -37.79 -26.09
CA HIS A 9 -43.64 -36.39 -26.49
C HIS A 9 -42.79 -35.43 -25.66
N HIS A 10 -42.04 -34.56 -26.34
CA HIS A 10 -41.19 -33.56 -25.62
C HIS A 10 -41.26 -32.22 -26.36
N LEU A 11 -40.97 -31.13 -25.64
CA LEU A 11 -40.97 -29.78 -26.27
C LEU A 11 -39.88 -28.93 -25.59
N TYR A 12 -39.60 -27.75 -26.15
CA TYR A 12 -38.53 -26.88 -25.59
C TYR A 12 -39.17 -25.68 -24.90
N VAL A 13 -38.77 -25.41 -23.64
CA VAL A 13 -39.33 -24.27 -22.87
C VAL A 13 -38.18 -23.40 -22.35
N SER A 14 -38.50 -22.24 -21.76
CA SER A 14 -37.45 -21.35 -21.19
C SER A 14 -37.17 -21.73 -19.73
N SER A 15 -35.91 -21.61 -19.30
CA SER A 15 -35.54 -21.94 -17.90
C SER A 15 -35.94 -20.80 -16.97
N ARG A 16 -36.19 -19.60 -17.52
CA ARG A 16 -36.51 -18.42 -16.69
C ARG A 16 -35.39 -18.20 -15.65
N THR A 17 -35.76 -17.85 -14.41
CA THR A 17 -34.75 -17.63 -13.34
C THR A 17 -34.73 -18.83 -12.41
N ARG A 18 -34.99 -20.03 -12.96
CA ARG A 18 -35.02 -21.26 -12.12
C ARG A 18 -33.62 -21.88 -12.01
N GLY A 19 -33.43 -22.78 -11.03
CA GLY A 19 -32.14 -23.49 -10.91
C GLY A 19 -31.15 -22.79 -10.00
N VAL A 20 -31.58 -21.74 -9.30
CA VAL A 20 -30.67 -21.06 -8.33
C VAL A 20 -30.55 -21.95 -7.08
N TYR A 21 -29.33 -22.19 -6.61
CA TYR A 21 -29.11 -23.02 -5.40
C TYR A 21 -28.06 -22.32 -4.54
N TYR A 22 -27.96 -22.68 -3.27
CA TYR A 22 -26.93 -22.08 -2.38
C TYR A 22 -25.57 -22.55 -2.85
N PRO A 23 -24.67 -21.65 -3.30
CA PRO A 23 -23.39 -22.06 -3.87
C PRO A 23 -22.39 -22.57 -2.85
N ASP A 24 -22.60 -22.25 -1.56
CA ASP A 24 -21.62 -22.64 -0.51
C ASP A 24 -22.33 -23.05 0.78
N ASP A 25 -21.56 -23.48 1.79
CA ASP A 25 -22.14 -23.86 3.11
C ASP A 25 -21.79 -22.76 4.11
N ALA A 26 -21.22 -21.64 3.63
CA ALA A 26 -20.83 -20.51 4.50
C ALA A 26 -22.02 -19.58 4.72
N PHE A 27 -22.24 -19.17 5.97
CA PHE A 27 -23.41 -18.29 6.28
C PHE A 27 -23.14 -16.90 5.74
N ARG A 28 -24.03 -16.41 4.86
CA ARG A 28 -23.89 -15.04 4.30
C ARG A 28 -25.18 -14.26 4.58
N SER A 29 -25.09 -13.09 5.21
CA SER A 29 -26.31 -12.34 5.59
C SER A 29 -26.23 -10.90 5.07
N SER A 30 -27.34 -10.37 4.53
CA SER A 30 -27.39 -8.96 4.05
C SER A 30 -26.14 -8.64 3.22
N THR A 31 -25.91 -9.38 2.13
CA THR A 31 -24.73 -9.16 1.28
C THR A 31 -24.99 -9.63 -0.13
N ASN A 32 -24.44 -8.94 -1.13
CA ASN A 32 -24.56 -9.41 -2.54
C ASN A 32 -23.29 -10.19 -2.86
N VAL A 33 -23.40 -11.50 -3.04
CA VAL A 33 -22.18 -12.34 -3.23
C VAL A 33 -22.05 -12.77 -4.70
N LEU A 34 -20.86 -12.59 -5.29
CA LEU A 34 -20.60 -13.05 -6.68
C LEU A 34 -20.11 -14.49 -6.64
N HIS A 35 -20.51 -15.32 -7.61
CA HIS A 35 -20.09 -16.76 -7.56
C HIS A 35 -19.79 -17.29 -8.96
N GLU A 36 -18.57 -17.82 -9.18
CA GLU A 36 -18.26 -18.44 -10.50
C GLU A 36 -18.36 -19.96 -10.32
N GLY A 37 -19.24 -20.61 -11.10
CA GLY A 37 -19.43 -22.06 -10.98
C GLY A 37 -20.38 -22.59 -12.02
N PHE A 38 -20.96 -23.76 -11.76
CA PHE A 38 -21.89 -24.39 -12.74
C PHE A 38 -23.32 -24.08 -12.32
N PHE A 39 -24.01 -23.29 -13.14
CA PHE A 39 -25.41 -22.89 -12.84
C PHE A 39 -26.27 -23.08 -14.08
N LEU A 40 -27.59 -23.10 -13.90
CA LEU A 40 -28.50 -23.14 -15.08
C LEU A 40 -28.57 -21.71 -15.61
N PRO A 41 -28.12 -21.42 -16.86
CA PRO A 41 -28.21 -20.06 -17.39
C PRO A 41 -29.66 -19.57 -17.42
N PHE A 42 -29.85 -18.29 -17.10
CA PHE A 42 -31.22 -17.71 -17.09
C PHE A 42 -31.75 -17.64 -18.53
N ASP A 43 -33.07 -17.82 -18.69
CA ASP A 43 -33.74 -17.75 -20.03
C ASP A 43 -33.14 -18.78 -21.00
N SER A 44 -32.60 -19.87 -20.49
CA SER A 44 -31.95 -20.90 -21.35
C SER A 44 -32.98 -21.87 -21.96
N ASN A 45 -32.58 -22.62 -22.98
CA ASN A 45 -33.50 -23.57 -23.70
C ASN A 45 -33.45 -24.93 -22.98
N VAL A 46 -34.52 -25.28 -22.26
CA VAL A 46 -34.51 -26.55 -21.46
C VAL A 46 -35.53 -27.54 -22.06
N THR A 47 -35.36 -28.84 -21.80
CA THR A 47 -36.25 -29.84 -22.43
C THR A 47 -37.39 -30.21 -21.50
N TRP A 48 -38.63 -30.05 -21.97
CA TRP A 48 -39.84 -30.34 -21.15
C TRP A 48 -40.47 -31.64 -21.66
N TYR A 49 -40.59 -32.63 -20.78
CA TYR A 49 -41.23 -33.92 -21.17
C TYR A 49 -42.61 -34.04 -20.56
N SER A 50 -43.57 -34.50 -21.37
CA SER A 50 -44.97 -34.65 -20.86
C SER A 50 -45.45 -36.10 -21.04
N PHE A 51 -46.17 -36.62 -20.06
CA PHE A 51 -46.68 -38.01 -20.14
C PHE A 51 -48.18 -38.02 -19.97
N TRP A 52 -48.87 -38.87 -20.73
CA TRP A 52 -50.33 -39.04 -20.55
C TRP A 52 -50.68 -40.48 -20.90
N ASN A 53 -51.95 -40.88 -20.79
CA ASN A 53 -52.33 -42.31 -20.98
C ASN A 53 -51.70 -42.90 -22.25
N GLN A 54 -51.35 -42.07 -23.25
CA GLN A 54 -50.84 -42.63 -24.52
C GLN A 54 -49.37 -42.25 -24.77
N LYS A 55 -48.75 -41.50 -23.84
CA LYS A 55 -47.37 -41.02 -24.10
C LYS A 55 -46.43 -41.32 -22.92
N TYR A 56 -45.38 -42.10 -23.15
CA TYR A 56 -44.35 -42.35 -22.09
C TYR A 56 -43.06 -41.74 -22.59
N SER A 57 -42.57 -40.69 -21.96
CA SER A 57 -41.38 -39.95 -22.46
C SER A 57 -40.17 -40.03 -21.51
N VAL A 58 -39.44 -41.14 -21.53
CA VAL A 58 -38.18 -41.21 -20.72
C VAL A 58 -37.02 -41.62 -21.65
N ALA A 59 -35.94 -40.85 -21.66
CA ALA A 59 -34.76 -41.20 -22.48
C ALA A 59 -33.50 -41.01 -21.64
N THR A 60 -32.38 -41.62 -22.05
CA THR A 60 -31.11 -41.41 -21.33
C THR A 60 -30.59 -40.03 -21.70
N SER A 61 -30.26 -39.23 -20.69
CA SER A 61 -29.78 -37.85 -20.93
C SER A 61 -28.33 -37.71 -20.44
N PRO A 62 -27.49 -36.87 -21.09
CA PRO A 62 -26.14 -36.66 -20.60
C PRO A 62 -26.17 -35.91 -19.28
N PHE A 63 -25.19 -36.19 -18.42
CA PHE A 63 -25.12 -35.49 -17.11
C PHE A 63 -24.31 -34.21 -17.30
N GLY A 64 -23.20 -34.30 -18.06
CA GLY A 64 -22.34 -33.14 -18.29
C GLY A 64 -21.74 -32.59 -17.00
N ASP A 65 -21.77 -31.27 -16.84
CA ASP A 65 -21.18 -30.61 -15.65
C ASP A 65 -22.23 -30.47 -14.55
N GLY A 66 -23.33 -31.22 -14.64
CA GLY A 66 -24.43 -31.10 -13.65
C GLY A 66 -25.79 -30.96 -14.31
N VAL A 67 -26.85 -31.28 -13.57
CA VAL A 67 -28.21 -31.29 -14.18
C VAL A 67 -29.23 -30.54 -13.32
N TYR A 68 -30.03 -29.68 -13.96
CA TYR A 68 -31.19 -29.08 -13.25
C TYR A 68 -32.36 -29.99 -13.63
N PHE A 69 -33.08 -30.51 -12.63
CA PHE A 69 -34.25 -31.39 -12.90
C PHE A 69 -35.46 -30.87 -12.16
N SER A 70 -36.61 -30.76 -12.85
CA SER A 70 -37.85 -30.37 -12.12
C SER A 70 -39.00 -31.28 -12.52
N THR A 71 -39.93 -31.53 -11.59
CA THR A 71 -41.12 -32.34 -11.90
C THR A 71 -42.35 -31.51 -11.60
N ILE A 72 -43.26 -31.38 -12.56
CA ILE A 72 -44.53 -30.65 -12.32
C ILE A 72 -45.67 -31.69 -12.40
N ASP A 73 -46.10 -32.21 -11.25
CA ASP A 73 -47.13 -33.28 -11.28
C ASP A 73 -48.10 -33.11 -10.11
N LYS A 74 -49.00 -34.07 -9.95
CA LYS A 74 -50.00 -34.03 -8.85
C LYS A 74 -50.10 -35.43 -8.23
N SER A 75 -49.43 -36.43 -8.82
CA SER A 75 -49.61 -37.82 -8.34
C SER A 75 -48.28 -38.54 -8.07
N ASN A 76 -47.20 -37.81 -7.75
CA ASN A 76 -45.90 -38.43 -7.40
C ASN A 76 -45.48 -39.46 -8.45
N VAL A 77 -45.52 -39.10 -9.74
CA VAL A 77 -45.18 -40.05 -10.84
C VAL A 77 -43.66 -40.29 -10.90
N VAL A 78 -42.87 -39.22 -10.77
CA VAL A 78 -41.39 -39.37 -10.75
C VAL A 78 -41.00 -39.97 -9.41
N ARG A 79 -40.36 -41.14 -9.42
CA ARG A 79 -40.00 -41.83 -8.16
C ARG A 79 -38.51 -41.61 -7.88
N GLY A 80 -37.72 -41.35 -8.92
CA GLY A 80 -36.28 -41.13 -8.73
C GLY A 80 -35.49 -41.21 -10.03
N TRP A 81 -34.21 -41.55 -9.94
CA TRP A 81 -33.37 -41.54 -11.17
C TRP A 81 -32.26 -42.58 -11.13
N VAL A 82 -31.70 -42.91 -12.29
CA VAL A 82 -30.52 -43.80 -12.35
C VAL A 82 -29.36 -42.94 -12.86
N PHE A 83 -28.22 -42.95 -12.16
CA PHE A 83 -27.04 -42.19 -12.63
C PHE A 83 -25.89 -43.16 -12.89
N GLY A 84 -25.09 -42.87 -13.93
CA GLY A 84 -23.93 -43.72 -14.22
C GLY A 84 -23.24 -43.37 -15.53
N THR A 85 -22.58 -44.35 -16.15
CA THR A 85 -21.89 -44.12 -17.43
C THR A 85 -22.61 -44.90 -18.50
N THR A 86 -22.49 -46.23 -18.48
CA THR A 86 -23.12 -47.10 -19.49
C THR A 86 -24.54 -47.45 -19.06
N LEU A 87 -24.84 -47.33 -17.76
CA LEU A 87 -26.19 -47.67 -17.20
C LEU A 87 -26.48 -49.16 -17.52
N ASP A 88 -25.44 -50.00 -17.45
CA ASP A 88 -25.58 -51.46 -17.75
C ASP A 88 -24.78 -52.28 -16.74
N ASN A 89 -24.49 -53.55 -17.05
CA ASN A 89 -23.82 -54.45 -16.06
C ASN A 89 -22.31 -54.53 -16.28
N ASP A 90 -21.71 -53.58 -17.00
CA ASP A 90 -20.21 -53.60 -17.10
C ASP A 90 -19.65 -52.53 -16.17
N THR A 91 -20.53 -51.78 -15.49
CA THR A 91 -20.08 -50.71 -14.57
C THR A 91 -21.07 -50.59 -13.43
N GLN A 92 -20.70 -49.85 -12.38
CA GLN A 92 -21.65 -49.61 -11.27
C GLN A 92 -22.56 -48.42 -11.62
N SER A 93 -23.79 -48.42 -11.13
CA SER A 93 -24.70 -47.27 -11.36
C SER A 93 -25.33 -46.84 -10.03
N VAL A 94 -25.79 -45.58 -9.97
CA VAL A 94 -26.44 -45.08 -8.73
C VAL A 94 -27.95 -45.14 -8.92
N LEU A 95 -28.65 -45.86 -8.05
CA LEU A 95 -30.14 -45.90 -8.12
C LEU A 95 -30.69 -45.07 -6.95
N LEU A 96 -31.26 -43.90 -7.24
CA LEU A 96 -31.84 -43.03 -6.18
C LEU A 96 -33.37 -43.00 -6.40
N TYR A 97 -34.14 -43.53 -5.45
CA TYR A 97 -35.61 -43.63 -5.69
C TYR A 97 -36.41 -43.62 -4.39
N ASN A 98 -37.72 -43.37 -4.51
CA ASN A 98 -38.61 -43.44 -3.32
C ASN A 98 -39.35 -44.78 -3.40
N ASP A 99 -39.21 -45.63 -2.38
CA ASP A 99 -39.83 -46.99 -2.39
C ASP A 99 -41.30 -46.91 -1.98
N GLY A 100 -41.80 -45.73 -1.60
CA GLY A 100 -43.18 -45.58 -1.11
C GLY A 100 -43.19 -44.97 0.27
N THR A 101 -42.20 -45.27 1.10
CA THR A 101 -42.14 -44.74 2.48
C THR A 101 -40.81 -44.08 2.73
N HIS A 102 -39.76 -44.48 2.00
CA HIS A 102 -38.40 -43.96 2.26
C HIS A 102 -37.67 -43.64 0.96
N VAL A 103 -36.80 -42.63 0.99
CA VAL A 103 -35.94 -42.35 -0.20
C VAL A 103 -34.70 -43.23 -0.01
N ARG A 104 -34.41 -44.09 -0.98
CA ARG A 104 -33.27 -45.03 -0.81
C ARG A 104 -32.22 -44.79 -1.88
N VAL A 105 -30.96 -45.06 -1.57
CA VAL A 105 -29.88 -44.95 -2.60
C VAL A 105 -29.17 -46.31 -2.65
N GLU A 106 -28.98 -46.86 -3.86
CA GLU A 106 -28.26 -48.14 -4.02
C GLU A 106 -27.14 -47.92 -5.05
N VAL A 107 -25.91 -48.29 -4.72
CA VAL A 107 -24.79 -48.20 -5.71
C VAL A 107 -24.32 -49.64 -5.98
N CYS A 108 -24.73 -50.22 -7.11
CA CYS A 108 -24.38 -51.63 -7.43
C CYS A 108 -24.19 -51.79 -8.93
N THR A 109 -23.78 -52.98 -9.37
CA THR A 109 -23.69 -53.26 -10.82
C THR A 109 -25.04 -53.81 -11.23
N PHE A 110 -26.00 -52.92 -11.56
CA PHE A 110 -27.37 -53.38 -11.85
C PHE A 110 -27.57 -53.63 -13.34
N HIS A 111 -28.20 -54.76 -13.69
CA HIS A 111 -28.56 -54.99 -15.11
C HIS A 111 -29.99 -54.46 -15.27
N PHE A 112 -30.13 -53.14 -15.48
CA PHE A 112 -31.48 -52.52 -15.52
C PHE A 112 -32.32 -53.03 -16.68
N CYS A 113 -33.65 -53.02 -16.50
CA CYS A 113 -34.57 -53.43 -17.59
C CYS A 113 -34.46 -52.41 -18.73
N PRO A 114 -34.79 -52.75 -20.00
CA PRO A 114 -34.76 -51.76 -21.07
C PRO A 114 -35.45 -50.46 -20.66
N THR A 115 -36.62 -50.56 -20.01
CA THR A 115 -37.32 -49.36 -19.53
C THR A 115 -37.63 -49.54 -18.06
N PRO A 116 -36.73 -49.18 -17.13
CA PRO A 116 -36.95 -49.41 -15.71
C PRO A 116 -38.12 -48.55 -15.23
N VAL A 117 -39.14 -49.18 -14.64
CA VAL A 117 -40.35 -48.42 -14.20
C VAL A 117 -41.00 -49.12 -13.00
N PHE A 118 -41.90 -48.42 -12.30
CA PHE A 118 -42.65 -49.05 -11.19
C PHE A 118 -44.06 -49.35 -11.69
N SER A 119 -44.53 -50.59 -11.53
CA SER A 119 -45.93 -50.91 -11.92
C SER A 119 -46.85 -50.74 -10.71
N ALA A 120 -47.42 -49.54 -10.52
CA ALA A 120 -48.32 -49.29 -9.38
C ALA A 120 -47.67 -49.75 -8.08
N SER A 121 -46.56 -49.12 -7.67
CA SER A 121 -45.86 -49.45 -6.40
C SER A 121 -44.98 -50.70 -6.56
N SER A 122 -45.19 -51.48 -7.63
CA SER A 122 -44.40 -52.71 -7.85
C SER A 122 -43.13 -52.37 -8.65
N PRO A 123 -41.92 -52.66 -8.13
CA PRO A 123 -40.69 -52.27 -8.82
C PRO A 123 -40.23 -53.19 -9.96
N HIS A 124 -39.88 -52.60 -11.10
CA HIS A 124 -39.32 -53.38 -12.24
C HIS A 124 -38.15 -52.57 -12.79
N LEU A 125 -37.13 -52.34 -11.96
CA LEU A 125 -36.01 -51.46 -12.41
C LEU A 125 -34.88 -52.30 -13.02
N TYR A 126 -34.34 -53.27 -12.27
CA TYR A 126 -33.18 -54.05 -12.78
C TYR A 126 -33.45 -55.54 -12.64
N SER A 127 -32.91 -56.34 -13.58
CA SER A 127 -33.08 -57.81 -13.51
C SER A 127 -32.23 -58.37 -12.36
N SER A 128 -31.01 -57.85 -12.19
CA SER A 128 -30.10 -58.36 -11.12
C SER A 128 -29.19 -57.23 -10.63
N ALA A 129 -28.68 -57.33 -9.39
CA ALA A 129 -27.73 -56.31 -8.89
C ALA A 129 -26.63 -57.01 -8.10
N PHE A 130 -25.39 -56.60 -8.32
CA PHE A 130 -24.24 -57.23 -7.60
C PHE A 130 -23.23 -56.14 -7.26
N ASN A 131 -22.12 -56.51 -6.62
CA ASN A 131 -21.02 -55.55 -6.31
C ASN A 131 -21.58 -54.26 -5.69
N CYS A 132 -22.50 -54.40 -4.72
CA CYS A 132 -23.08 -53.21 -4.06
C CYS A 132 -22.08 -52.60 -3.09
N THR A 133 -21.75 -51.32 -3.25
CA THR A 133 -20.79 -50.63 -2.36
C THR A 133 -21.55 -49.68 -1.46
N LEU A 134 -22.79 -49.38 -1.81
CA LEU A 134 -23.61 -48.43 -1.01
C LEU A 134 -25.09 -48.84 -1.06
N ASN A 135 -25.74 -48.97 0.09
CA ASN A 135 -27.20 -49.28 0.11
C ASN A 135 -27.73 -48.77 1.45
N TYR A 136 -28.47 -47.65 1.42
CA TYR A 136 -28.99 -47.08 2.68
C TYR A 136 -30.16 -46.14 2.42
N THR A 137 -30.89 -45.80 3.50
CA THR A 137 -32.04 -44.88 3.39
C THR A 137 -31.57 -43.46 3.64
N LEU A 138 -31.93 -42.53 2.76
CA LEU A 138 -31.53 -41.12 2.92
C LEU A 138 -32.54 -40.37 3.79
N ALA A 139 -33.83 -40.63 3.61
CA ALA A 139 -34.85 -39.86 4.37
C ALA A 139 -36.19 -40.60 4.41
N SER A 140 -37.01 -40.32 5.42
CA SER A 140 -38.36 -40.94 5.51
C SER A 140 -39.40 -39.97 4.95
N VAL A 141 -39.87 -40.21 3.73
CA VAL A 141 -40.83 -39.27 3.07
C VAL A 141 -41.97 -40.10 2.46
N ARG A 142 -43.19 -39.95 2.97
CA ARG A 142 -44.33 -40.75 2.45
C ARG A 142 -44.78 -40.18 1.10
N ALA A 143 -44.56 -40.92 0.00
CA ALA A 143 -45.04 -40.48 -1.33
C ALA A 143 -45.99 -41.55 -1.86
N ASP A 144 -47.28 -41.23 -1.98
CA ASP A 144 -48.28 -42.26 -2.38
C ASP A 144 -48.18 -42.54 -3.87
N PHE A 145 -48.80 -43.64 -4.32
CA PHE A 145 -48.83 -43.98 -5.77
C PHE A 145 -50.26 -43.86 -6.26
N THR A 146 -51.06 -43.00 -5.61
CA THR A 146 -52.48 -42.84 -5.99
C THR A 146 -52.60 -41.87 -7.14
N GLU A 147 -53.71 -41.94 -7.88
CA GLU A 147 -53.94 -41.03 -9.03
C GLU A 147 -54.87 -39.88 -8.59
N VAL A 148 -54.35 -38.65 -8.61
CA VAL A 148 -55.15 -37.46 -8.19
C VAL A 148 -55.71 -36.79 -9.45
N ASP A 149 -57.02 -36.51 -9.45
CA ASP A 149 -57.65 -35.85 -10.63
C ASP A 149 -57.51 -34.33 -10.52
N GLY A 150 -57.50 -33.63 -11.65
CA GLY A 150 -57.44 -32.16 -11.62
C GLY A 150 -56.14 -31.60 -12.15
N SER A 151 -55.83 -30.34 -11.82
CA SER A 151 -54.61 -29.67 -12.34
C SER A 151 -53.36 -30.02 -11.53
N PHE A 152 -52.18 -29.73 -12.08
CA PHE A 152 -50.92 -29.91 -11.30
C PHE A 152 -50.91 -28.83 -10.22
N LYS A 153 -50.31 -29.12 -9.06
CA LYS A 153 -50.39 -28.14 -7.95
C LYS A 153 -49.01 -27.80 -7.36
N THR A 154 -47.97 -28.58 -7.68
CA THR A 154 -46.64 -28.34 -7.05
C THR A 154 -45.52 -28.59 -8.03
N ILE A 155 -44.47 -27.77 -7.97
CA ILE A 155 -43.26 -28.06 -8.79
C ILE A 155 -42.15 -28.46 -7.80
N ARG A 156 -41.49 -29.59 -8.06
CA ARG A 156 -40.35 -30.02 -7.21
C ARG A 156 -39.06 -29.86 -8.02
N GLU A 157 -38.11 -29.07 -7.53
CA GLU A 157 -36.89 -28.79 -8.33
C GLU A 157 -35.67 -29.45 -7.70
N PHE A 158 -34.79 -29.99 -8.55
CA PHE A 158 -33.57 -30.65 -8.05
C PHE A 158 -32.37 -30.20 -8.83
N VAL A 159 -31.21 -30.08 -8.17
CA VAL A 159 -29.96 -29.78 -8.90
C VAL A 159 -29.00 -30.92 -8.53
N PHE A 160 -28.48 -31.62 -9.54
CA PHE A 160 -27.55 -32.76 -9.28
C PHE A 160 -26.16 -32.38 -9.72
N LYS A 161 -25.19 -32.46 -8.81
CA LYS A 161 -23.78 -32.09 -9.13
C LYS A 161 -22.82 -33.15 -8.57
N LEU A 162 -21.70 -33.37 -9.25
CA LEU A 162 -20.69 -34.34 -8.77
C LEU A 162 -19.49 -33.55 -8.23
N GLN A 163 -19.04 -33.87 -7.01
CA GLN A 163 -17.88 -33.14 -6.41
C GLN A 163 -17.11 -34.10 -5.48
N ASP A 164 -15.89 -34.48 -5.85
CA ASP A 164 -15.03 -35.35 -5.00
C ASP A 164 -15.70 -36.70 -4.74
N GLY A 165 -16.24 -37.35 -5.77
CA GLY A 165 -16.83 -38.69 -5.63
C GLY A 165 -18.20 -38.65 -4.97
N SER A 166 -18.70 -37.46 -4.66
CA SER A 166 -20.00 -37.35 -3.95
C SER A 166 -21.07 -36.72 -4.85
N LEU A 167 -22.25 -37.33 -4.90
CA LEU A 167 -23.37 -36.71 -5.66
C LEU A 167 -24.06 -35.72 -4.72
N ASN A 168 -23.97 -34.42 -5.05
CA ASN A 168 -24.63 -33.36 -4.23
C ASN A 168 -26.02 -33.12 -4.78
N VAL A 169 -27.03 -33.16 -3.90
CA VAL A 169 -28.43 -32.98 -4.36
C VAL A 169 -28.99 -31.71 -3.69
N TYR A 170 -29.43 -30.75 -4.51
CA TYR A 170 -30.09 -29.53 -3.97
C TYR A 170 -31.57 -29.67 -4.27
N TYR A 171 -32.42 -29.11 -3.40
CA TYR A 171 -33.87 -29.32 -3.59
C TYR A 171 -34.71 -28.13 -3.17
N ALA A 172 -35.83 -27.93 -3.86
CA ALA A 172 -36.83 -26.93 -3.42
C ALA A 172 -38.21 -27.42 -3.88
N SER A 173 -39.24 -27.18 -3.06
CA SER A 173 -40.62 -27.51 -3.47
C SER A 173 -41.46 -26.22 -3.44
N THR A 174 -42.18 -25.92 -4.52
CA THR A 174 -43.00 -24.70 -4.59
C THR A 174 -44.35 -25.05 -5.19
N SER A 175 -45.43 -24.53 -4.61
CA SER A 175 -46.79 -24.78 -5.16
C SER A 175 -46.91 -24.13 -6.54
N TYR A 176 -47.18 -24.93 -7.57
CA TYR A 176 -47.32 -24.40 -8.95
C TYR A 176 -48.57 -24.99 -9.59
N VAL A 177 -49.64 -24.22 -9.63
CA VAL A 177 -50.91 -24.70 -10.25
C VAL A 177 -50.80 -24.56 -11.78
N LEU A 178 -50.88 -25.69 -12.50
CA LEU A 178 -50.79 -25.67 -13.98
C LEU A 178 -51.88 -26.59 -14.55
N ALA A 179 -52.80 -26.03 -15.35
CA ALA A 179 -53.88 -26.84 -15.96
C ALA A 179 -53.28 -27.83 -16.95
N ILE A 180 -53.98 -28.94 -17.20
CA ILE A 180 -53.43 -29.99 -18.12
C ILE A 180 -53.31 -29.40 -19.54
N GLY A 181 -54.22 -28.52 -19.93
CA GLY A 181 -54.19 -27.94 -21.29
C GLY A 181 -53.37 -26.66 -21.35
N ALA A 182 -53.00 -26.11 -20.19
CA ALA A 182 -52.25 -24.84 -20.15
C ALA A 182 -50.89 -25.01 -20.84
N THR A 183 -50.37 -23.93 -21.42
CA THR A 183 -49.07 -23.99 -22.13
C THR A 183 -48.01 -24.52 -21.19
N SER A 184 -47.10 -25.38 -21.70
CA SER A 184 -45.99 -25.92 -20.88
C SER A 184 -45.04 -24.78 -20.49
N GLN A 185 -44.88 -24.53 -19.19
CA GLN A 185 -44.09 -23.34 -18.78
C GLN A 185 -43.62 -23.48 -17.33
N LEU A 186 -42.40 -23.03 -17.02
CA LEU A 186 -41.90 -23.05 -15.62
C LEU A 186 -42.42 -21.81 -14.88
N PRO A 187 -42.52 -21.80 -13.53
CA PRO A 187 -42.94 -20.62 -12.80
C PRO A 187 -41.94 -19.48 -12.88
N SER A 188 -42.40 -18.25 -12.66
CA SER A 188 -41.49 -17.07 -12.65
C SER A 188 -40.95 -16.83 -11.23
N GLY A 189 -39.81 -16.14 -11.11
CA GLY A 189 -39.25 -15.80 -9.80
C GLY A 189 -38.08 -16.69 -9.40
N VAL A 190 -37.31 -16.26 -8.40
CA VAL A 190 -36.14 -17.05 -7.92
C VAL A 190 -36.58 -17.92 -6.74
N THR A 191 -36.33 -19.24 -6.80
CA THR A 191 -36.61 -20.12 -5.64
C THR A 191 -35.30 -20.80 -5.32
N PRO A 192 -34.55 -20.44 -4.25
CA PRO A 192 -33.24 -21.04 -4.01
C PRO A 192 -33.35 -22.49 -3.56
N LEU A 193 -32.58 -23.36 -4.21
CA LEU A 193 -32.58 -24.79 -3.83
C LEU A 193 -31.56 -24.99 -2.70
N VAL A 194 -31.97 -25.68 -1.64
CA VAL A 194 -31.06 -25.86 -0.47
C VAL A 194 -30.32 -27.20 -0.60
N PRO A 195 -29.09 -27.31 -0.08
CA PRO A 195 -28.38 -28.59 -0.09
C PRO A 195 -29.19 -29.59 0.72
N LEU A 196 -29.49 -30.74 0.12
CA LEU A 196 -30.34 -31.76 0.80
C LEU A 196 -29.49 -32.98 1.16
N TRP A 197 -28.77 -33.54 0.18
CA TRP A 197 -28.00 -34.77 0.44
C TRP A 197 -26.62 -34.71 -0.23
N LYS A 198 -25.61 -35.26 0.46
CA LYS A 198 -24.26 -35.39 -0.16
C LYS A 198 -24.01 -36.91 -0.11
N ILE A 199 -24.12 -37.60 -1.25
CA ILE A 199 -24.03 -39.09 -1.25
C ILE A 199 -22.65 -39.54 -1.75
N PRO A 200 -21.84 -40.24 -0.92
CA PRO A 200 -20.50 -40.68 -1.32
C PRO A 200 -20.55 -41.89 -2.25
N ILE A 201 -20.77 -41.65 -3.54
CA ILE A 201 -20.95 -42.78 -4.50
C ILE A 201 -19.60 -43.24 -5.06
N GLY A 202 -18.62 -42.33 -5.20
CA GLY A 202 -17.29 -42.66 -5.76
C GLY A 202 -17.39 -43.13 -7.20
N LEU A 203 -18.38 -42.65 -7.95
CA LEU A 203 -18.57 -43.17 -9.33
C LEU A 203 -18.46 -42.04 -10.35
N ASN A 204 -18.09 -42.36 -11.58
CA ASN A 204 -18.02 -41.37 -12.69
C ASN A 204 -19.42 -41.34 -13.31
N ILE A 205 -20.05 -40.17 -13.39
CA ILE A 205 -21.45 -40.10 -13.93
C ILE A 205 -21.42 -39.26 -15.21
N THR A 206 -21.88 -39.85 -16.33
CA THR A 206 -21.90 -39.14 -17.63
C THR A 206 -23.33 -39.15 -18.13
N ASN A 207 -24.14 -40.08 -17.64
CA ASN A 207 -25.52 -40.22 -18.15
C ASN A 207 -26.49 -40.49 -17.00
N PHE A 208 -27.76 -40.16 -17.21
CA PHE A 208 -28.78 -40.45 -16.17
C PHE A 208 -30.09 -40.76 -16.87
N LYS A 209 -31.00 -41.42 -16.15
CA LYS A 209 -32.32 -41.76 -16.71
C LYS A 209 -33.37 -41.56 -15.61
N THR A 210 -34.57 -41.10 -15.97
CA THR A 210 -35.63 -40.82 -14.98
C THR A 210 -36.45 -42.08 -14.73
N LEU A 211 -36.86 -42.30 -13.47
CA LEU A 211 -37.73 -43.46 -13.13
C LEU A 211 -39.14 -42.94 -12.86
N VAL A 212 -40.15 -43.56 -13.46
CA VAL A 212 -41.56 -43.13 -13.25
C VAL A 212 -42.40 -44.35 -12.85
N TYR A 213 -43.61 -44.12 -12.34
CA TYR A 213 -44.50 -45.27 -12.01
C TYR A 213 -45.69 -45.25 -12.97
N LEU A 214 -46.07 -46.43 -13.48
CA LEU A 214 -47.23 -46.54 -14.39
C LEU A 214 -48.46 -46.97 -13.57
N ARG A 215 -49.65 -46.99 -14.18
CA ARG A 215 -50.86 -47.47 -13.46
C ARG A 215 -50.84 -49.01 -13.42
N SER A 216 -51.74 -49.62 -12.64
CA SER A 216 -51.78 -51.09 -12.51
C SER A 216 -51.85 -51.77 -13.89
N ASP A 217 -52.38 -51.06 -14.90
CA ASP A 217 -52.51 -51.61 -16.28
C ASP A 217 -51.27 -51.23 -17.11
N ASN A 218 -50.22 -50.72 -16.47
CA ASN A 218 -48.95 -50.32 -17.17
C ASN A 218 -49.19 -49.13 -18.10
N THR A 219 -50.24 -48.34 -17.88
CA THR A 219 -50.42 -47.14 -18.73
C THR A 219 -49.77 -45.95 -18.05
N PRO A 220 -49.14 -45.02 -18.82
CA PRO A 220 -48.55 -43.82 -18.24
C PRO A 220 -49.55 -42.85 -17.65
N LEU A 221 -49.14 -42.17 -16.57
CA LEU A 221 -50.04 -41.21 -15.87
C LEU A 221 -49.84 -39.81 -16.47
N GLN A 222 -50.59 -38.82 -15.97
CA GLN A 222 -50.39 -37.41 -16.40
C GLN A 222 -49.32 -36.76 -15.52
N ALA A 223 -48.20 -36.38 -16.12
CA ALA A 223 -47.08 -35.76 -15.36
C ALA A 223 -46.15 -35.04 -16.33
N ALA A 224 -45.30 -34.16 -15.81
CA ALA A 224 -44.29 -33.51 -16.69
C ALA A 224 -42.98 -33.36 -15.93
N TYR A 225 -41.86 -33.50 -16.62
CA TYR A 225 -40.55 -33.24 -15.96
C TYR A 225 -39.69 -32.42 -16.91
N VAL A 226 -38.77 -31.65 -16.35
CA VAL A 226 -37.92 -30.75 -17.19
C VAL A 226 -36.44 -31.05 -16.94
N VAL A 227 -35.64 -31.08 -18.00
CA VAL A 227 -34.19 -31.34 -17.84
C VAL A 227 -33.39 -30.15 -18.42
N GLY A 228 -32.51 -29.57 -17.61
CA GLY A 228 -31.61 -28.50 -18.07
C GLY A 228 -30.18 -28.84 -17.68
N HIS A 229 -29.20 -28.31 -18.40
CA HIS A 229 -27.77 -28.64 -18.10
C HIS A 229 -27.08 -27.41 -17.49
N LEU A 230 -26.30 -27.65 -16.44
CA LEU A 230 -25.58 -26.53 -15.78
C LEU A 230 -24.40 -26.11 -16.66
N LYS A 231 -24.14 -24.81 -16.74
CA LYS A 231 -22.99 -24.31 -17.53
C LYS A 231 -22.13 -23.37 -16.67
N ARG A 232 -20.86 -23.19 -17.05
CA ARG A 232 -19.95 -22.32 -16.26
C ARG A 232 -20.39 -20.86 -16.40
N ARG A 233 -20.65 -20.21 -15.28
CA ARG A 233 -21.15 -18.81 -15.33
C ARG A 233 -20.86 -18.10 -14.01
N THR A 234 -20.85 -16.78 -14.04
CA THR A 234 -20.74 -16.02 -12.78
C THR A 234 -22.14 -15.56 -12.44
N MET A 235 -22.60 -15.81 -11.22
CA MET A 235 -23.94 -15.35 -10.80
C MET A 235 -23.82 -14.47 -9.55
N MET A 236 -24.73 -13.51 -9.39
CA MET A 236 -24.74 -12.67 -8.17
C MET A 236 -25.98 -13.04 -7.35
N PHE A 237 -25.78 -13.37 -6.08
CA PHE A 237 -26.92 -13.79 -5.21
C PHE A 237 -27.14 -12.72 -4.15
N LYS A 238 -28.41 -12.42 -3.88
CA LYS A 238 -28.77 -11.42 -2.85
C LYS A 238 -29.23 -12.16 -1.59
N TYR A 239 -28.47 -12.03 -0.50
CA TYR A 239 -28.87 -12.67 0.78
C TYR A 239 -29.59 -11.67 1.66
N ASP A 240 -30.64 -12.12 2.35
CA ASP A 240 -31.33 -11.22 3.32
C ASP A 240 -30.56 -11.27 4.63
N GLU A 241 -31.14 -10.74 5.72
CA GLU A 241 -30.48 -10.79 7.05
C GLU A 241 -30.56 -12.21 7.64
N ASN A 242 -31.58 -12.98 7.25
CA ASN A 242 -31.73 -14.38 7.73
C ASN A 242 -30.68 -15.26 7.07
N GLY A 243 -30.19 -14.87 5.88
CA GLY A 243 -29.21 -15.69 5.14
C GLY A 243 -29.86 -16.38 3.96
N THR A 244 -31.15 -16.12 3.75
CA THR A 244 -31.89 -16.70 2.60
C THR A 244 -31.47 -15.98 1.34
N ILE A 245 -31.58 -16.65 0.18
CA ILE A 245 -31.33 -15.97 -1.12
C ILE A 245 -32.69 -15.43 -1.57
N VAL A 246 -32.78 -14.13 -1.87
CA VAL A 246 -34.10 -13.54 -2.23
C VAL A 246 -34.11 -13.17 -3.72
N ASP A 247 -32.92 -12.98 -4.29
CA ASP A 247 -32.83 -12.59 -5.73
C ASP A 247 -31.50 -13.09 -6.33
N ALA A 248 -31.44 -13.19 -7.66
CA ALA A 248 -30.20 -13.66 -8.33
C ALA A 248 -30.07 -13.04 -9.72
N ILE A 249 -28.82 -12.88 -10.17
CA ILE A 249 -28.56 -12.29 -11.52
C ILE A 249 -27.56 -13.18 -12.28
N ASP A 250 -27.88 -13.55 -13.53
CA ASP A 250 -26.88 -14.25 -14.38
C ASP A 250 -26.06 -13.12 -15.00
N CYS A 251 -24.79 -12.97 -14.61
CA CYS A 251 -23.95 -11.83 -15.06
C CYS A 251 -23.74 -11.83 -16.59
N ALA A 252 -23.97 -12.97 -17.24
CA ALA A 252 -23.75 -13.09 -18.71
C ALA A 252 -25.07 -13.05 -19.48
N LEU A 253 -26.18 -12.70 -18.83
CA LEU A 253 -27.50 -12.75 -19.52
C LEU A 253 -27.66 -11.57 -20.48
N ASP A 254 -27.44 -10.34 -19.99
CA ASP A 254 -27.68 -9.12 -20.80
C ASP A 254 -26.82 -7.96 -20.28
N PRO A 255 -26.72 -6.81 -21.01
CA PRO A 255 -25.94 -5.68 -20.54
C PRO A 255 -26.35 -5.10 -19.17
N LEU A 256 -27.64 -5.11 -18.86
CA LEU A 256 -28.11 -4.62 -17.54
C LEU A 256 -27.64 -5.59 -16.45
N SER A 257 -27.74 -6.90 -16.69
CA SER A 257 -27.30 -7.93 -15.72
C SER A 257 -25.80 -7.77 -15.47
N GLU A 258 -25.05 -7.52 -16.54
CA GLU A 258 -23.59 -7.34 -16.40
C GLU A 258 -23.28 -6.05 -15.61
N THR A 259 -24.03 -4.98 -15.84
CA THR A 259 -23.83 -3.72 -15.09
C THR A 259 -24.08 -3.98 -13.61
N LYS A 260 -25.15 -4.70 -13.29
CA LYS A 260 -25.48 -5.02 -11.89
C LYS A 260 -24.33 -5.83 -11.26
N CYS A 261 -23.80 -6.80 -11.98
CA CYS A 261 -22.70 -7.65 -11.44
C CYS A 261 -21.42 -6.80 -11.26
N THR A 262 -21.15 -5.90 -12.21
CA THR A 262 -19.94 -5.04 -12.12
C THR A 262 -20.06 -4.15 -10.90
N LEU A 263 -21.25 -3.60 -10.65
CA LEU A 263 -21.45 -2.67 -9.51
C LEU A 263 -21.79 -3.47 -8.25
N ARG A 264 -21.99 -4.79 -8.38
CA ARG A 264 -22.39 -5.63 -7.22
C ARG A 264 -23.63 -5.02 -6.56
N SER A 265 -24.59 -4.55 -7.37
CA SER A 265 -25.82 -3.92 -6.82
C SER A 265 -27.02 -4.27 -7.70
N PHE A 266 -28.10 -4.78 -7.10
CA PHE A 266 -29.31 -5.16 -7.86
C PHE A 266 -30.04 -3.91 -8.35
N ILE A 267 -29.71 -2.76 -7.75
CA ILE A 267 -30.34 -1.48 -8.17
C ILE A 267 -29.26 -0.64 -8.86
N VAL A 268 -29.58 -0.14 -10.07
CA VAL A 268 -28.60 0.70 -10.82
C VAL A 268 -29.22 2.10 -10.98
N GLU A 269 -28.49 3.14 -10.59
CA GLU A 269 -29.00 4.52 -10.73
C GLU A 269 -28.86 5.00 -12.19
N LYS A 270 -29.48 6.13 -12.51
CA LYS A 270 -29.36 6.69 -13.87
C LYS A 270 -27.89 7.09 -14.14
N GLY A 271 -27.33 6.63 -15.26
CA GLY A 271 -25.97 7.05 -15.61
C GLY A 271 -25.32 6.16 -16.65
N ILE A 272 -24.01 6.31 -16.84
CA ILE A 272 -23.25 5.44 -17.79
C ILE A 272 -22.24 4.65 -16.96
N TYR A 273 -22.12 3.35 -17.21
CA TYR A 273 -21.20 2.51 -16.41
C TYR A 273 -20.30 1.72 -17.33
N GLN A 274 -19.00 1.74 -17.06
CA GLN A 274 -18.05 0.88 -17.82
C GLN A 274 -18.14 -0.49 -17.16
N THR A 275 -18.47 -1.53 -17.93
CA THR A 275 -18.71 -2.84 -17.28
C THR A 275 -17.51 -3.74 -17.39
N SER A 276 -17.33 -4.63 -16.42
CA SER A 276 -16.25 -5.63 -16.52
C SER A 276 -16.72 -6.69 -17.54
N ASN A 277 -15.79 -7.23 -18.33
CA ASN A 277 -16.19 -8.29 -19.29
C ASN A 277 -16.71 -9.51 -18.52
N PHE A 278 -17.91 -9.97 -18.86
CA PHE A 278 -18.53 -11.15 -18.18
C PHE A 278 -19.42 -11.88 -19.18
N ARG A 279 -19.30 -11.56 -20.46
CA ARG A 279 -20.23 -12.16 -21.47
C ARG A 279 -19.54 -13.24 -22.30
N VAL A 280 -18.22 -13.17 -22.47
CA VAL A 280 -17.52 -14.15 -23.36
C VAL A 280 -16.77 -15.18 -22.51
N GLN A 281 -17.08 -16.47 -22.67
CA GLN A 281 -16.36 -17.55 -21.94
C GLN A 281 -15.97 -18.64 -22.95
N PRO A 282 -14.72 -19.12 -22.97
CA PRO A 282 -14.31 -20.11 -23.96
C PRO A 282 -15.23 -21.35 -23.95
N GLN A 283 -15.62 -21.81 -25.13
CA GLN A 283 -16.51 -22.99 -25.22
C GLN A 283 -15.70 -24.19 -25.75
N ASP A 284 -14.48 -23.94 -26.25
CA ASP A 284 -13.69 -25.06 -26.84
C ASP A 284 -12.23 -24.98 -26.40
N THR A 285 -11.53 -26.13 -26.45
CA THR A 285 -10.10 -26.16 -26.09
C THR A 285 -9.29 -26.54 -27.32
N VAL A 286 -8.28 -25.76 -27.64
CA VAL A 286 -7.41 -26.08 -28.82
C VAL A 286 -6.07 -26.60 -28.28
N VAL A 287 -5.71 -27.84 -28.64
CA VAL A 287 -4.43 -28.44 -28.17
C VAL A 287 -3.57 -28.73 -29.41
N ARG A 288 -2.37 -28.17 -29.46
CA ARG A 288 -1.49 -28.33 -30.65
C ARG A 288 -0.08 -28.75 -30.21
N PHE A 289 0.28 -30.02 -30.44
CA PHE A 289 1.64 -30.53 -30.08
C PHE A 289 2.33 -30.97 -31.37
N PRO A 290 3.68 -31.13 -31.41
CA PRO A 290 4.36 -31.46 -32.66
C PRO A 290 4.10 -32.88 -33.14
N ASN A 291 4.58 -33.20 -34.34
CA ASN A 291 4.35 -34.56 -34.91
C ASN A 291 5.38 -35.54 -34.34
N ILE A 292 5.33 -35.81 -33.04
CA ILE A 292 6.26 -36.80 -32.41
C ILE A 292 5.40 -37.93 -31.83
N THR A 293 5.64 -39.18 -32.26
CA THR A 293 4.83 -40.32 -31.78
C THR A 293 5.71 -41.36 -31.10
N ASN A 294 7.01 -41.41 -31.46
CA ASN A 294 7.94 -42.41 -30.87
C ASN A 294 8.03 -42.24 -29.36
N LEU A 295 7.98 -43.34 -28.60
CA LEU A 295 8.07 -43.27 -27.12
C LEU A 295 9.53 -42.98 -26.71
N CYS A 296 9.73 -42.14 -25.70
CA CYS A 296 11.11 -41.87 -25.20
C CYS A 296 11.72 -43.22 -24.77
N PRO A 297 13.03 -43.48 -25.01
CA PRO A 297 13.58 -44.79 -24.71
C PRO A 297 13.84 -45.03 -23.23
N PHE A 298 12.84 -44.84 -22.37
CA PHE A 298 13.04 -44.97 -20.90
C PHE A 298 13.19 -46.44 -20.50
N SER A 299 12.40 -47.33 -21.11
CA SER A 299 12.43 -48.77 -20.70
C SER A 299 13.82 -49.37 -20.89
N GLU A 300 14.49 -49.08 -22.01
CA GLU A 300 15.85 -49.62 -22.27
C GLU A 300 16.85 -49.02 -21.27
N VAL A 301 16.65 -47.75 -20.86
CA VAL A 301 17.54 -47.12 -19.83
C VAL A 301 17.21 -47.78 -18.48
N PHE A 302 15.98 -47.64 -18.00
CA PHE A 302 15.69 -48.19 -16.65
C PHE A 302 16.17 -49.65 -16.59
N ASN A 303 16.25 -50.34 -17.73
CA ASN A 303 16.62 -51.79 -17.69
C ASN A 303 18.06 -52.04 -18.16
N ALA A 304 18.91 -51.01 -18.21
CA ALA A 304 20.32 -51.31 -18.58
C ALA A 304 20.87 -52.35 -17.60
N THR A 305 21.69 -53.29 -18.09
CA THR A 305 22.24 -54.37 -17.24
C THR A 305 23.04 -53.78 -16.09
N THR A 306 23.78 -52.70 -16.35
CA THR A 306 24.51 -52.03 -15.25
C THR A 306 24.32 -50.54 -15.34
N PHE A 307 24.11 -49.89 -14.19
CA PHE A 307 24.05 -48.40 -14.15
C PHE A 307 25.44 -47.89 -13.76
N ALA A 308 25.64 -46.58 -13.83
CA ALA A 308 26.95 -46.00 -13.47
C ALA A 308 27.10 -45.89 -11.95
N SER A 309 28.36 -45.82 -11.49
CA SER A 309 28.57 -45.57 -10.03
C SER A 309 28.23 -44.10 -9.78
N VAL A 310 27.76 -43.76 -8.58
CA VAL A 310 27.29 -42.36 -8.31
C VAL A 310 28.43 -41.33 -8.53
N TYR A 311 29.67 -41.67 -8.20
CA TYR A 311 30.81 -40.73 -8.37
C TYR A 311 31.05 -40.47 -9.86
N ALA A 312 30.76 -41.46 -10.71
CA ALA A 312 30.98 -41.35 -12.17
C ALA A 312 29.62 -41.40 -12.86
N TRP A 313 28.66 -40.60 -12.38
CA TRP A 313 27.27 -40.66 -12.89
C TRP A 313 27.17 -40.35 -14.39
N ASN A 314 26.22 -40.99 -15.08
CA ASN A 314 26.08 -40.83 -16.54
C ASN A 314 25.04 -39.75 -16.87
N ARG A 315 25.25 -38.99 -17.95
CA ARG A 315 24.21 -38.02 -18.41
C ARG A 315 23.82 -38.42 -19.84
N LYS A 316 22.51 -38.60 -20.09
CA LYS A 316 22.02 -38.94 -21.45
C LYS A 316 21.04 -37.85 -21.91
N ARG A 317 21.20 -37.36 -23.14
CA ARG A 317 20.23 -36.36 -23.66
C ARG A 317 19.00 -37.11 -24.20
N ILE A 318 17.79 -36.68 -23.82
CA ILE A 318 16.54 -37.30 -24.37
C ILE A 318 15.88 -36.27 -25.29
N SER A 319 15.58 -36.65 -26.53
CA SER A 319 15.04 -35.68 -27.51
C SER A 319 14.20 -36.39 -28.60
N ASN A 320 13.33 -35.64 -29.29
CA ASN A 320 12.53 -36.19 -30.41
C ASN A 320 11.74 -37.43 -29.97
N CYS A 321 11.01 -37.35 -28.86
CA CYS A 321 10.28 -38.54 -28.35
C CYS A 321 9.13 -38.14 -27.42
N VAL A 322 8.27 -39.10 -27.09
CA VAL A 322 7.11 -38.83 -26.19
C VAL A 322 7.42 -39.43 -24.81
N ALA A 323 7.41 -38.60 -23.76
CA ALA A 323 7.65 -39.11 -22.39
C ALA A 323 6.34 -39.59 -21.76
N ASP A 324 6.17 -40.90 -21.66
CA ASP A 324 4.96 -41.47 -21.01
C ASP A 324 5.45 -42.41 -19.90
N TYR A 325 5.32 -42.02 -18.63
CA TYR A 325 5.89 -42.82 -17.52
C TYR A 325 4.93 -43.94 -17.09
N SER A 326 3.64 -43.80 -17.38
CA SER A 326 2.65 -44.84 -17.00
C SER A 326 2.97 -46.15 -17.73
N VAL A 327 3.56 -46.08 -18.92
CA VAL A 327 3.96 -47.29 -19.68
C VAL A 327 4.95 -48.11 -18.83
N LEU A 328 5.71 -47.45 -17.95
CA LEU A 328 6.77 -48.15 -17.16
C LEU A 328 6.21 -48.78 -15.88
N TYR A 329 4.95 -48.53 -15.54
CA TYR A 329 4.41 -49.04 -14.24
C TYR A 329 4.48 -50.57 -14.18
N ASN A 330 4.31 -51.25 -15.31
CA ASN A 330 4.28 -52.74 -15.30
C ASN A 330 5.64 -53.32 -14.92
N SER A 331 6.74 -52.63 -15.25
CA SER A 331 8.09 -53.19 -15.00
C SER A 331 8.84 -52.40 -13.92
N THR A 332 8.34 -51.23 -13.53
CA THR A 332 9.11 -50.40 -12.57
C THR A 332 8.22 -49.89 -11.46
N SER A 333 8.52 -50.26 -10.22
CA SER A 333 7.75 -49.70 -9.07
C SER A 333 8.55 -48.51 -8.52
N PHE A 334 8.11 -47.28 -8.79
CA PHE A 334 8.93 -46.11 -8.36
C PHE A 334 8.78 -45.89 -6.87
N SER A 335 9.80 -46.24 -6.10
CA SER A 335 9.74 -45.93 -4.64
C SER A 335 9.78 -44.41 -4.47
N THR A 336 10.45 -43.71 -5.39
CA THR A 336 10.54 -42.24 -5.32
C THR A 336 10.21 -41.64 -6.66
N PHE A 337 9.29 -40.67 -6.69
CA PHE A 337 8.99 -39.93 -7.94
C PHE A 337 8.68 -38.50 -7.49
N GLN A 338 9.71 -37.67 -7.44
CA GLN A 338 9.52 -36.29 -6.89
C GLN A 338 9.96 -35.26 -7.92
N CYS A 339 9.12 -34.25 -8.15
CA CYS A 339 9.45 -33.21 -9.15
C CYS A 339 9.68 -31.86 -8.45
N TYR A 340 10.56 -31.03 -9.02
CA TYR A 340 10.86 -29.69 -8.45
C TYR A 340 10.66 -28.68 -9.59
N GLY A 341 9.98 -27.56 -9.33
CA GLY A 341 9.78 -26.52 -10.35
C GLY A 341 8.66 -26.87 -11.31
N VAL A 342 8.22 -28.14 -11.32
CA VAL A 342 7.11 -28.60 -12.21
C VAL A 342 6.31 -29.63 -11.41
N SER A 343 4.98 -29.60 -11.50
CA SER A 343 4.16 -30.63 -10.81
C SER A 343 4.15 -31.93 -11.62
N SER A 344 4.29 -33.09 -10.96
CA SER A 344 4.32 -34.39 -11.66
C SER A 344 3.03 -34.62 -12.45
N THR A 345 1.90 -34.15 -11.92
CA THR A 345 0.58 -34.36 -12.56
C THR A 345 0.49 -33.57 -13.86
N LYS A 346 1.32 -32.55 -14.02
CA LYS A 346 1.23 -31.67 -15.23
C LYS A 346 2.22 -32.14 -16.30
N LEU A 347 3.13 -33.07 -16.00
CA LEU A 347 4.19 -33.49 -16.97
C LEU A 347 3.57 -33.98 -18.29
N ASN A 348 2.40 -34.64 -18.24
CA ASN A 348 1.74 -35.21 -19.45
C ASN A 348 1.16 -34.11 -20.34
N ASP A 349 1.04 -32.88 -19.81
CA ASP A 349 0.46 -31.74 -20.57
C ASP A 349 1.57 -30.79 -21.01
N LEU A 350 2.83 -31.11 -20.68
CA LEU A 350 3.92 -30.12 -20.98
C LEU A 350 4.84 -30.60 -22.11
N CYS A 351 5.61 -29.68 -22.68
CA CYS A 351 6.62 -30.05 -23.70
C CYS A 351 7.95 -29.41 -23.26
N PHE A 352 9.08 -30.05 -23.55
CA PHE A 352 10.38 -29.53 -23.05
C PHE A 352 11.35 -29.30 -24.20
N THR A 353 12.08 -28.19 -24.17
CA THR A 353 13.08 -27.89 -25.22
C THR A 353 14.21 -28.88 -25.11
N ASN A 354 14.69 -29.13 -23.89
CA ASN A 354 15.81 -30.09 -23.68
C ASN A 354 15.52 -30.96 -22.45
N VAL A 355 15.83 -32.26 -22.52
CA VAL A 355 15.65 -33.16 -21.35
C VAL A 355 16.96 -33.95 -21.14
N TYR A 356 17.54 -33.89 -19.94
CA TYR A 356 18.76 -34.66 -19.63
C TYR A 356 18.43 -35.74 -18.61
N ALA A 357 19.02 -36.92 -18.79
CA ALA A 357 18.75 -38.05 -17.86
C ALA A 357 20.03 -38.44 -17.15
N ASP A 358 20.12 -38.17 -15.84
CA ASP A 358 21.31 -38.57 -15.04
C ASP A 358 21.00 -39.93 -14.39
N SER A 359 21.91 -40.89 -14.53
CA SER A 359 21.62 -42.25 -14.01
C SER A 359 22.78 -42.79 -13.16
N PHE A 360 22.46 -43.34 -12.00
CA PHE A 360 23.52 -43.91 -11.10
C PHE A 360 22.86 -44.83 -10.07
N VAL A 361 23.69 -45.51 -9.29
CA VAL A 361 23.16 -46.42 -8.22
C VAL A 361 23.62 -45.91 -6.85
N VAL A 362 22.69 -45.88 -5.89
CA VAL A 362 23.05 -45.48 -4.50
C VAL A 362 22.42 -46.50 -3.55
N ARG A 363 22.75 -46.43 -2.27
CA ARG A 363 22.09 -47.30 -1.27
C ARG A 363 20.71 -46.71 -0.94
N GLY A 364 19.77 -47.55 -0.49
CA GLY A 364 18.39 -47.10 -0.21
C GLY A 364 18.33 -45.88 0.70
N ASP A 365 19.13 -45.83 1.74
CA ASP A 365 19.06 -44.76 2.75
C ASP A 365 19.75 -43.48 2.30
N GLU A 366 20.23 -43.46 1.04
CA GLU A 366 20.95 -42.28 0.51
C GLU A 366 20.15 -41.68 -0.66
N VAL A 367 18.89 -42.08 -0.82
CA VAL A 367 18.06 -41.61 -1.96
C VAL A 367 17.54 -40.24 -1.56
N ARG A 368 17.36 -40.01 -0.27
CA ARG A 368 16.91 -38.70 0.25
C ARG A 368 17.91 -37.60 -0.10
N GLN A 369 19.15 -37.93 -0.42
CA GLN A 369 20.20 -36.91 -0.63
C GLN A 369 20.16 -36.45 -2.07
N ILE A 370 19.36 -37.12 -2.88
CA ILE A 370 19.22 -36.70 -4.29
C ILE A 370 18.06 -35.74 -4.32
N ALA A 371 18.29 -34.54 -3.82
CA ALA A 371 17.24 -33.50 -3.76
C ALA A 371 17.92 -32.16 -3.43
N PRO A 372 17.38 -30.99 -3.81
CA PRO A 372 18.08 -29.75 -3.53
C PRO A 372 18.24 -29.48 -2.03
N GLY A 373 19.36 -28.85 -1.63
CA GLY A 373 19.57 -28.47 -0.22
C GLY A 373 19.75 -29.66 0.70
N GLN A 374 20.24 -30.79 0.17
CA GLN A 374 20.51 -31.98 1.03
C GLN A 374 22.00 -32.00 1.41
N THR A 375 22.32 -32.46 2.61
CA THR A 375 23.73 -32.56 3.05
C THR A 375 24.03 -34.01 3.36
N GLY A 376 25.12 -34.54 2.79
CA GLY A 376 25.49 -35.95 3.04
C GLY A 376 26.61 -36.39 2.12
N VAL A 377 27.17 -37.58 2.37
CA VAL A 377 28.32 -38.09 1.57
C VAL A 377 28.00 -38.03 0.06
N ILE A 378 26.79 -38.41 -0.33
CA ILE A 378 26.43 -38.41 -1.78
C ILE A 378 26.22 -36.96 -2.24
N ALA A 379 25.45 -36.17 -1.49
CA ALA A 379 25.14 -34.78 -1.89
C ALA A 379 26.42 -33.92 -1.88
N ASP A 380 27.40 -34.27 -1.05
CA ASP A 380 28.63 -33.41 -0.92
C ASP A 380 29.74 -33.86 -1.87
N TYR A 381 29.97 -35.15 -2.05
CA TYR A 381 31.17 -35.58 -2.84
C TYR A 381 30.84 -36.44 -4.07
N ASN A 382 29.56 -36.64 -4.41
CA ASN A 382 29.25 -37.56 -5.55
C ASN A 382 28.30 -36.90 -6.55
N TYR A 383 27.15 -36.40 -6.09
CA TYR A 383 26.14 -35.81 -7.01
C TYR A 383 25.36 -34.71 -6.30
N LYS A 384 25.49 -33.47 -6.80
CA LYS A 384 24.77 -32.34 -6.17
C LYS A 384 23.76 -31.76 -7.15
N LEU A 385 22.54 -31.51 -6.69
CA LEU A 385 21.54 -30.85 -7.55
C LEU A 385 21.58 -29.34 -7.27
N PRO A 386 21.24 -28.46 -8.23
CA PRO A 386 21.15 -27.04 -7.96
C PRO A 386 19.94 -26.75 -7.10
N ASP A 387 19.97 -25.64 -6.37
CA ASP A 387 18.86 -25.30 -5.45
C ASP A 387 17.63 -24.87 -6.28
N ASP A 388 17.86 -24.38 -7.51
CA ASP A 388 16.76 -23.95 -8.42
C ASP A 388 16.49 -25.05 -9.45
N PHE A 389 16.72 -26.32 -9.09
CA PHE A 389 16.57 -27.44 -10.05
C PHE A 389 15.16 -27.55 -10.62
N THR A 390 15.05 -27.69 -11.94
CA THR A 390 13.73 -27.95 -12.57
C THR A 390 13.75 -29.35 -13.16
N GLY A 391 13.05 -30.29 -12.53
CA GLY A 391 13.06 -31.67 -13.05
C GLY A 391 12.44 -32.65 -12.09
N CYS A 392 12.65 -33.95 -12.35
CA CYS A 392 12.05 -34.99 -11.49
C CYS A 392 13.11 -36.02 -11.07
N VAL A 393 13.05 -36.46 -9.82
CA VAL A 393 13.99 -37.52 -9.35
C VAL A 393 13.18 -38.83 -9.28
N LEU A 394 13.61 -39.86 -10.00
CA LEU A 394 12.92 -41.18 -9.96
C LEU A 394 13.89 -42.21 -9.37
N ALA A 395 13.42 -43.01 -8.41
CA ALA A 395 14.29 -44.04 -7.80
C ALA A 395 13.49 -45.32 -7.53
N TRP A 396 14.17 -46.47 -7.62
CA TRP A 396 13.51 -47.76 -7.34
C TRP A 396 14.51 -48.78 -6.79
N ASN A 397 14.03 -49.73 -5.99
CA ASN A 397 14.91 -50.80 -5.44
C ASN A 397 15.37 -51.70 -6.60
N SER A 398 16.68 -51.86 -6.77
CA SER A 398 17.23 -52.67 -7.89
C SER A 398 17.85 -53.98 -7.36
N ARG A 399 17.40 -54.44 -6.20
CA ARG A 399 17.96 -55.68 -5.59
C ARG A 399 18.07 -56.80 -6.63
N ASN A 400 17.06 -56.97 -7.48
CA ASN A 400 17.03 -58.11 -8.44
C ASN A 400 18.10 -57.97 -9.53
N GLN A 401 18.61 -56.76 -9.76
CA GLN A 401 19.58 -56.56 -10.87
C GLN A 401 20.96 -56.15 -10.32
N ASP A 402 21.04 -55.62 -9.10
CA ASP A 402 22.35 -55.09 -8.61
C ASP A 402 22.80 -55.73 -7.29
N ALA A 403 21.96 -56.55 -6.66
CA ALA A 403 22.42 -57.25 -5.42
C ALA A 403 22.55 -58.75 -5.71
N SER A 404 23.51 -59.40 -5.04
CA SER A 404 23.71 -60.86 -5.23
C SER A 404 23.84 -61.53 -3.86
N THR A 405 23.74 -62.86 -3.80
CA THR A 405 23.89 -63.60 -2.52
C THR A 405 25.30 -63.44 -2.02
N SER A 406 26.30 -63.58 -2.89
CA SER A 406 27.73 -63.42 -2.50
C SER A 406 28.06 -61.94 -2.31
N GLY A 407 27.32 -61.04 -2.96
CA GLY A 407 27.55 -59.59 -2.83
C GLY A 407 28.01 -58.97 -4.14
N ASN A 408 27.50 -57.78 -4.45
CA ASN A 408 27.94 -57.07 -5.68
C ASN A 408 28.83 -55.90 -5.25
N PHE A 409 30.08 -55.88 -5.73
CA PHE A 409 31.06 -54.83 -5.31
C PHE A 409 31.53 -54.05 -6.53
N ASN A 410 30.63 -53.84 -7.50
CA ASN A 410 31.00 -53.13 -8.75
C ASN A 410 30.60 -51.64 -8.66
N TYR A 411 29.94 -51.25 -7.56
CA TYR A 411 29.46 -49.84 -7.43
C TYR A 411 30.34 -49.10 -6.43
N TYR A 412 30.74 -47.87 -6.79
CA TYR A 412 31.66 -47.08 -5.92
C TYR A 412 31.09 -45.72 -5.61
N TYR A 413 31.49 -45.15 -4.47
CA TYR A 413 31.07 -43.77 -4.10
C TYR A 413 32.29 -43.09 -3.46
N ARG A 414 32.37 -41.76 -3.58
CA ARG A 414 33.50 -41.00 -2.98
C ARG A 414 33.20 -40.73 -1.50
N ILE A 415 34.24 -40.78 -0.64
CA ILE A 415 34.05 -40.58 0.82
C ILE A 415 34.66 -39.23 1.22
N TRP A 416 35.57 -38.70 0.42
CA TRP A 416 36.23 -37.44 0.79
C TRP A 416 36.63 -36.66 -0.44
N ARG A 417 36.37 -35.36 -0.43
CA ARG A 417 36.82 -34.48 -1.53
C ARG A 417 37.25 -33.19 -0.83
N SER A 418 38.45 -32.67 -1.14
CA SER A 418 38.97 -31.46 -0.47
C SER A 418 37.89 -30.37 -0.39
N GLU A 419 37.05 -30.28 -1.41
CA GLU A 419 35.94 -29.29 -1.39
C GLU A 419 34.66 -30.02 -1.80
N LYS A 420 33.48 -29.45 -1.48
CA LYS A 420 32.19 -30.05 -1.89
C LYS A 420 31.98 -29.85 -3.40
N LEU A 421 31.22 -30.75 -4.03
CA LEU A 421 30.94 -30.62 -5.49
C LEU A 421 29.94 -29.48 -5.74
N ARG A 422 30.06 -28.83 -6.89
CA ARG A 422 29.06 -27.80 -7.28
C ARG A 422 27.92 -28.52 -8.03
N PRO A 423 26.74 -27.90 -8.25
CA PRO A 423 25.66 -28.54 -8.96
C PRO A 423 26.03 -29.16 -10.31
N PHE A 424 25.67 -30.42 -10.53
CA PHE A 424 25.95 -31.15 -11.81
C PHE A 424 27.47 -31.32 -12.06
N GLU A 425 28.29 -31.20 -11.01
CA GLU A 425 29.75 -31.42 -11.19
C GLU A 425 30.06 -32.92 -11.01
N ARG A 426 30.95 -33.44 -11.86
CA ARG A 426 31.36 -34.87 -11.71
C ARG A 426 32.87 -34.93 -11.48
N ASP A 427 33.32 -35.71 -10.50
CA ASP A 427 34.77 -35.90 -10.27
C ASP A 427 35.07 -37.40 -10.43
N ILE A 428 35.75 -37.79 -11.52
CA ILE A 428 36.00 -39.23 -11.79
C ILE A 428 37.47 -39.58 -11.47
N ALA A 429 38.23 -38.62 -10.94
CA ALA A 429 39.67 -38.85 -10.66
C ALA A 429 39.89 -39.82 -9.50
N HIS A 430 40.93 -40.64 -9.59
CA HIS A 430 41.27 -41.58 -8.48
C HIS A 430 42.41 -40.96 -7.66
N TYR A 431 42.14 -40.66 -6.39
CA TYR A 431 43.19 -40.05 -5.53
C TYR A 431 43.02 -40.53 -4.08
N ASP A 432 44.12 -40.51 -3.32
CA ASP A 432 44.07 -40.93 -1.89
C ASP A 432 43.99 -39.69 -1.00
N TYR A 433 43.39 -39.84 0.19
CA TYR A 433 43.35 -38.72 1.16
C TYR A 433 44.04 -39.18 2.44
N GLN A 434 44.56 -38.23 3.23
CA GLN A 434 45.31 -38.61 4.45
C GLN A 434 44.39 -38.66 5.67
N VAL A 435 44.41 -39.77 6.41
CA VAL A 435 43.63 -39.86 7.69
C VAL A 435 44.69 -40.09 8.78
N GLY A 436 45.00 -39.07 9.56
CA GLY A 436 46.09 -39.21 10.54
C GLY A 436 47.40 -39.40 9.80
N THR A 437 48.03 -40.56 9.95
CA THR A 437 49.33 -40.84 9.28
C THR A 437 49.13 -41.77 8.11
N GLN A 438 47.89 -42.22 7.85
CA GLN A 438 47.67 -43.23 6.80
C GLN A 438 46.97 -42.63 5.57
N PHE A 439 47.34 -43.08 4.36
CA PHE A 439 46.64 -42.62 3.13
C PHE A 439 45.58 -43.65 2.76
N LYS A 440 44.37 -43.18 2.48
CA LYS A 440 43.25 -44.10 2.12
C LYS A 440 42.63 -43.65 0.79
N SER A 441 42.11 -44.60 0.01
CA SER A 441 41.43 -44.24 -1.26
C SER A 441 40.20 -43.36 -0.98
N SER A 442 40.00 -42.30 -1.77
CA SER A 442 38.81 -41.43 -1.62
C SER A 442 37.56 -42.15 -2.15
N LEU A 443 37.75 -43.29 -2.81
CA LEU A 443 36.59 -44.07 -3.32
C LEU A 443 36.37 -45.32 -2.44
N LYS A 444 35.12 -45.59 -2.09
CA LYS A 444 34.81 -46.82 -1.30
C LYS A 444 33.84 -47.69 -2.11
N ASN A 445 33.87 -49.00 -1.87
CA ASN A 445 33.01 -49.94 -2.63
C ASN A 445 31.73 -50.23 -1.84
N TYR A 446 30.58 -50.28 -2.51
CA TYR A 446 29.34 -50.70 -1.81
C TYR A 446 29.34 -52.22 -1.83
N GLY A 447 28.72 -52.84 -0.82
CA GLY A 447 28.59 -54.31 -0.82
C GLY A 447 27.11 -54.64 -0.85
N PHE A 448 26.55 -54.85 -2.05
CA PHE A 448 25.08 -55.07 -2.14
C PHE A 448 24.76 -56.56 -2.02
N TYR A 449 24.13 -56.93 -0.90
CA TYR A 449 23.72 -58.34 -0.69
C TYR A 449 22.21 -58.45 -0.78
N SER A 450 21.72 -59.49 -1.47
CA SER A 450 20.26 -59.67 -1.67
C SER A 450 19.54 -59.95 -0.34
N SER A 451 20.29 -60.28 0.72
CA SER A 451 19.69 -60.60 2.04
C SER A 451 19.63 -59.36 2.94
N ALA A 452 20.15 -58.22 2.48
CA ALA A 452 20.20 -57.01 3.32
C ALA A 452 18.83 -56.34 3.43
N GLY A 453 18.67 -55.43 4.40
CA GLY A 453 17.40 -54.68 4.54
C GLY A 453 17.29 -53.63 3.46
N ASP A 454 16.10 -53.05 3.28
CA ASP A 454 15.88 -52.06 2.18
C ASP A 454 16.87 -50.90 2.27
N SER A 455 17.24 -50.49 3.49
CA SER A 455 18.18 -49.35 3.70
C SER A 455 19.54 -49.64 3.08
N HIS A 456 19.89 -50.92 2.92
CA HIS A 456 21.21 -51.31 2.37
C HIS A 456 21.06 -51.98 1.00
N GLN A 457 19.85 -51.94 0.43
CA GLN A 457 19.67 -52.50 -0.93
C GLN A 457 20.12 -51.47 -1.97
N PRO A 458 20.56 -51.90 -3.18
CA PRO A 458 20.91 -50.95 -4.22
C PRO A 458 19.67 -50.30 -4.79
N TYR A 459 19.71 -48.98 -4.95
CA TYR A 459 18.57 -48.27 -5.61
C TYR A 459 19.08 -47.63 -6.89
N ARG A 460 18.37 -47.85 -8.00
CA ARG A 460 18.74 -47.17 -9.25
C ARG A 460 18.05 -45.81 -9.25
N VAL A 461 18.81 -44.74 -9.52
CA VAL A 461 18.22 -43.37 -9.48
C VAL A 461 18.34 -42.77 -10.88
N VAL A 462 17.26 -42.17 -11.37
CA VAL A 462 17.31 -41.47 -12.69
C VAL A 462 16.80 -40.04 -12.44
N VAL A 463 17.65 -39.05 -12.71
CA VAL A 463 17.26 -37.62 -12.48
C VAL A 463 16.97 -36.98 -13.84
N LEU A 464 15.72 -36.55 -14.03
CA LEU A 464 15.33 -35.93 -15.32
C LEU A 464 15.41 -34.40 -15.16
N SER A 465 16.40 -33.76 -15.82
CA SER A 465 16.53 -32.28 -15.77
C SER A 465 15.79 -31.69 -16.97
N PHE A 466 14.83 -30.78 -16.75
CA PHE A 466 13.97 -30.27 -17.84
C PHE A 466 14.35 -28.85 -18.26
N GLU A 467 14.42 -28.60 -19.57
CA GLU A 467 14.67 -27.22 -20.03
C GLU A 467 13.41 -26.72 -20.75
N LEU A 468 12.88 -25.57 -20.33
CA LEU A 468 11.61 -25.03 -20.93
C LEU A 468 11.86 -23.63 -21.50
N LEU A 469 12.37 -23.54 -22.74
CA LEU A 469 12.73 -22.21 -23.31
C LEU A 469 11.89 -21.87 -24.54
N ASN A 470 12.03 -20.64 -25.06
CA ASN A 470 11.32 -20.24 -26.32
C ASN A 470 12.10 -20.89 -27.46
N ALA A 471 11.89 -22.19 -27.68
CA ALA A 471 12.66 -22.93 -28.69
C ALA A 471 11.85 -24.12 -29.15
N PRO A 472 12.24 -24.83 -30.24
CA PRO A 472 11.50 -26.00 -30.68
C PRO A 472 11.32 -27.06 -29.60
N ALA A 473 10.10 -27.60 -29.48
CA ALA A 473 9.84 -28.68 -28.50
C ALA A 473 10.41 -29.99 -29.07
N THR A 474 11.08 -30.79 -28.23
CA THR A 474 11.57 -32.11 -28.71
C THR A 474 11.03 -33.22 -27.84
N VAL A 475 10.67 -32.91 -26.60
CA VAL A 475 10.09 -33.94 -25.68
C VAL A 475 8.72 -33.44 -25.19
N CYS A 476 7.63 -34.16 -25.54
CA CYS A 476 6.27 -33.74 -25.14
C CYS A 476 5.51 -34.89 -24.46
N GLY A 477 4.46 -34.59 -23.71
CA GLY A 477 3.62 -35.64 -23.11
C GLY A 477 2.70 -36.26 -24.14
N PRO A 478 2.02 -37.37 -23.84
CA PRO A 478 1.15 -38.04 -24.80
C PRO A 478 -0.23 -37.39 -24.97
N LYS A 479 -0.25 -36.08 -25.18
CA LYS A 479 -1.54 -35.37 -25.39
C LYS A 479 -1.95 -35.40 -26.86
N GLN A 480 -3.24 -35.69 -27.12
CA GLN A 480 -3.74 -35.69 -28.53
C GLN A 480 -3.98 -34.24 -28.96
N SER A 481 -3.55 -33.90 -30.18
CA SER A 481 -3.79 -32.54 -30.70
C SER A 481 -5.22 -32.44 -31.24
N THR A 482 -5.85 -31.27 -31.09
CA THR A 482 -7.21 -31.07 -31.64
C THR A 482 -7.11 -30.33 -32.94
N GLU A 483 -8.25 -29.84 -33.46
CA GLU A 483 -8.21 -29.01 -34.69
C GLU A 483 -8.04 -27.53 -34.28
N LEU A 484 -7.34 -26.75 -35.10
CA LEU A 484 -7.13 -25.31 -34.79
C LEU A 484 -8.45 -24.55 -34.97
N ILE A 485 -8.94 -23.87 -33.93
CA ILE A 485 -10.19 -23.06 -34.04
C ILE A 485 -9.80 -21.57 -34.08
N LYS A 486 -10.10 -20.89 -35.18
CA LYS A 486 -9.70 -19.46 -35.32
C LYS A 486 -10.90 -18.53 -35.13
N ASN A 487 -10.66 -17.26 -34.78
CA ASN A 487 -11.73 -16.23 -34.69
C ASN A 487 -12.77 -16.54 -33.61
N LYS A 488 -12.37 -17.17 -32.50
CA LYS A 488 -13.31 -17.43 -31.37
C LYS A 488 -12.54 -17.42 -30.05
N CYS A 489 -13.21 -17.13 -28.93
CA CYS A 489 -12.54 -17.20 -27.61
C CYS A 489 -12.36 -18.67 -27.23
N VAL A 490 -11.11 -19.14 -27.15
CA VAL A 490 -10.87 -20.59 -26.88
C VAL A 490 -9.79 -20.76 -25.81
N ASN A 491 -9.81 -21.89 -25.11
CA ASN A 491 -8.68 -22.21 -24.19
C ASN A 491 -7.64 -22.88 -25.09
N PHE A 492 -6.38 -22.42 -25.09
CA PHE A 492 -5.42 -23.00 -26.06
C PHE A 492 -4.26 -23.67 -25.32
N ASN A 493 -3.66 -24.68 -25.95
CA ASN A 493 -2.45 -25.33 -25.38
C ASN A 493 -1.49 -25.57 -26.55
N PHE A 494 -0.44 -24.75 -26.65
CA PHE A 494 0.55 -24.91 -27.75
C PHE A 494 1.89 -25.37 -27.17
N ASN A 495 2.27 -26.63 -27.40
CA ASN A 495 3.58 -27.17 -26.93
C ASN A 495 3.74 -26.95 -25.43
N GLY A 496 2.66 -27.09 -24.66
CA GLY A 496 2.73 -26.93 -23.19
C GLY A 496 2.28 -25.55 -22.74
N LEU A 497 2.35 -24.55 -23.63
CA LEU A 497 1.99 -23.16 -23.25
C LEU A 497 0.46 -22.99 -23.34
N THR A 498 -0.19 -22.70 -22.20
CA THR A 498 -1.66 -22.61 -22.18
C THR A 498 -2.12 -21.18 -22.04
N GLY A 499 -3.40 -20.92 -22.32
CA GLY A 499 -3.96 -19.57 -22.17
C GLY A 499 -5.36 -19.47 -22.74
N THR A 500 -5.98 -18.28 -22.64
CA THR A 500 -7.33 -18.07 -23.20
C THR A 500 -7.25 -16.88 -24.14
N GLY A 501 -7.82 -17.01 -25.35
CA GLY A 501 -7.85 -15.85 -26.26
C GLY A 501 -8.39 -16.21 -27.63
N VAL A 502 -8.38 -15.23 -28.54
CA VAL A 502 -8.86 -15.47 -29.93
C VAL A 502 -7.63 -15.71 -30.82
N LEU A 503 -7.62 -16.81 -31.57
CA LEU A 503 -6.48 -17.11 -32.48
C LEU A 503 -6.80 -16.57 -33.88
N THR A 504 -5.91 -15.74 -34.44
CA THR A 504 -6.13 -15.17 -35.80
C THR A 504 -4.88 -15.35 -36.65
N ASP A 505 -5.01 -15.24 -37.96
CA ASP A 505 -3.83 -15.33 -38.86
C ASP A 505 -2.90 -14.13 -38.58
N SER A 506 -1.58 -14.38 -38.51
CA SER A 506 -0.64 -13.29 -38.14
C SER A 506 0.22 -12.85 -39.34
N ASN A 507 0.48 -11.55 -39.47
CA ASN A 507 1.41 -11.07 -40.52
C ASN A 507 2.79 -10.95 -39.88
N LYS A 508 2.88 -11.21 -38.58
CA LYS A 508 4.16 -11.12 -37.85
C LYS A 508 5.12 -12.20 -38.39
N LYS A 509 6.41 -11.89 -38.43
CA LYS A 509 7.41 -12.86 -38.93
C LYS A 509 8.23 -13.37 -37.73
N PHE A 510 8.48 -14.67 -37.65
CA PHE A 510 9.18 -15.25 -36.47
C PHE A 510 10.58 -15.68 -36.86
N GLN A 511 11.51 -15.64 -35.89
CA GLN A 511 12.88 -16.13 -36.15
C GLN A 511 12.83 -17.66 -36.34
N SER A 512 13.90 -18.27 -36.85
CA SER A 512 13.91 -19.73 -37.19
C SER A 512 13.45 -20.63 -36.04
N PHE A 513 13.87 -20.36 -34.80
CA PHE A 513 13.55 -21.30 -33.69
C PHE A 513 12.52 -20.69 -32.73
N GLN A 514 12.07 -19.46 -33.00
CA GLN A 514 11.08 -18.79 -32.12
C GLN A 514 9.75 -19.58 -32.16
N GLN A 515 9.12 -19.77 -31.00
CA GLN A 515 7.85 -20.55 -30.93
C GLN A 515 6.72 -19.61 -30.51
N PHE A 516 7.05 -18.52 -29.81
CA PHE A 516 5.99 -17.60 -29.31
C PHE A 516 6.53 -16.18 -29.25
N GLY A 517 5.64 -15.19 -29.28
CA GLY A 517 6.06 -13.78 -29.18
C GLY A 517 5.42 -13.13 -27.97
N ARG A 518 6.16 -12.22 -27.32
CA ARG A 518 5.59 -11.50 -26.14
C ARG A 518 5.80 -9.99 -26.30
N ASP A 519 5.00 -9.19 -25.58
CA ASP A 519 5.12 -7.70 -25.65
C ASP A 519 5.78 -7.20 -24.36
N VAL A 520 5.85 -5.87 -24.19
CA VAL A 520 6.46 -5.28 -22.97
C VAL A 520 5.72 -5.78 -21.71
N SER A 521 4.41 -5.99 -21.82
CA SER A 521 3.61 -6.43 -20.65
C SER A 521 3.91 -7.90 -20.32
N ASP A 522 4.63 -8.60 -21.20
CA ASP A 522 4.91 -10.06 -21.03
C ASP A 522 3.62 -10.82 -21.39
N PHE A 523 2.78 -10.22 -22.23
CA PHE A 523 1.57 -10.93 -22.71
C PHE A 523 1.95 -11.69 -23.98
N THR A 524 1.62 -12.98 -24.03
CA THR A 524 1.91 -13.78 -25.25
C THR A 524 0.95 -13.33 -26.34
N ASP A 525 1.45 -12.56 -27.30
CA ASP A 525 0.55 -11.98 -28.34
C ASP A 525 0.58 -12.85 -29.60
N SER A 526 1.49 -13.82 -29.67
CA SER A 526 1.58 -14.61 -30.93
C SER A 526 2.21 -15.98 -30.67
N VAL A 527 1.89 -16.97 -31.52
CA VAL A 527 2.42 -18.35 -31.33
C VAL A 527 2.62 -19.01 -32.70
N LYS A 528 3.66 -19.85 -32.82
CA LYS A 528 3.83 -20.61 -34.08
C LYS A 528 3.16 -21.97 -33.87
N ASP A 529 2.24 -22.34 -34.76
CA ASP A 529 1.55 -23.66 -34.64
C ASP A 529 2.57 -24.77 -34.88
N PRO A 530 2.76 -25.73 -33.95
CA PRO A 530 3.80 -26.74 -34.11
C PRO A 530 3.53 -27.73 -35.26
N LYS A 531 2.32 -27.72 -35.83
CA LYS A 531 1.97 -28.69 -36.89
C LYS A 531 2.03 -28.02 -38.28
N THR A 532 1.52 -26.78 -38.39
CA THR A 532 1.47 -26.10 -39.71
C THR A 532 2.60 -25.10 -39.84
N LEU A 533 3.27 -24.75 -38.73
CA LEU A 533 4.41 -23.79 -38.73
C LEU A 533 3.88 -22.38 -39.07
N GLU A 534 2.57 -22.18 -38.96
CA GLU A 534 1.96 -20.86 -39.26
C GLU A 534 1.95 -20.00 -37.99
N VAL A 535 2.30 -18.72 -38.11
CA VAL A 535 2.29 -17.81 -36.93
C VAL A 535 0.87 -17.31 -36.71
N LEU A 536 0.35 -17.44 -35.49
CA LEU A 536 -1.02 -16.99 -35.18
C LEU A 536 -0.98 -15.86 -34.14
N ASP A 537 -1.79 -14.81 -34.32
CA ASP A 537 -1.87 -13.75 -33.29
C ASP A 537 -2.83 -14.20 -32.18
N ILE A 538 -2.49 -13.88 -30.93
CA ILE A 538 -3.40 -14.22 -29.79
C ILE A 538 -3.95 -12.91 -29.23
N THR A 539 -5.26 -12.69 -29.36
CA THR A 539 -5.89 -11.46 -28.87
C THR A 539 -6.66 -11.78 -27.60
N PRO A 540 -6.72 -10.87 -26.60
CA PRO A 540 -7.54 -11.11 -25.43
C PRO A 540 -9.01 -11.29 -25.82
N CYS A 541 -9.74 -12.14 -25.09
CA CYS A 541 -11.15 -12.45 -25.44
C CYS A 541 -12.03 -11.18 -25.36
N SER A 542 -11.70 -10.24 -24.47
CA SER A 542 -12.47 -8.97 -24.41
C SER A 542 -11.53 -7.82 -24.04
N TYR A 543 -10.98 -7.11 -25.03
CA TYR A 543 -10.01 -6.02 -24.74
C TYR A 543 -10.67 -4.65 -24.94
N GLY A 544 -11.66 -4.57 -25.83
CA GLY A 544 -12.38 -3.31 -26.04
C GLY A 544 -13.20 -2.95 -24.82
N GLY A 545 -13.38 -1.65 -24.55
CA GLY A 545 -14.21 -1.21 -23.41
C GLY A 545 -15.67 -1.13 -23.80
N VAL A 546 -16.57 -1.64 -22.94
CA VAL A 546 -18.03 -1.55 -23.21
C VAL A 546 -18.68 -0.71 -22.10
N SER A 547 -19.42 0.33 -22.47
CA SER A 547 -20.15 1.13 -21.45
C SER A 547 -21.66 0.89 -21.59
N VAL A 548 -22.35 0.73 -20.46
CA VAL A 548 -23.84 0.55 -20.51
C VAL A 548 -24.53 1.83 -20.02
N ILE A 549 -25.46 2.35 -20.82
CA ILE A 549 -26.21 3.59 -20.46
C ILE A 549 -27.60 3.17 -19.95
N THR A 550 -27.97 3.60 -18.74
CA THR A 550 -29.28 3.22 -18.18
C THR A 550 -29.98 4.44 -17.59
N PRO A 551 -31.32 4.58 -17.74
CA PRO A 551 -32.03 5.65 -17.08
C PRO A 551 -32.33 5.34 -15.62
N GLY A 552 -31.78 4.22 -15.10
CA GLY A 552 -32.07 3.79 -13.72
C GLY A 552 -33.04 2.62 -13.72
N THR A 553 -32.76 1.59 -12.91
CA THR A 553 -33.61 0.37 -12.90
C THR A 553 -35.01 0.69 -12.42
N ASN A 554 -35.17 1.76 -11.62
CA ASN A 554 -36.51 2.17 -11.12
C ASN A 554 -37.33 2.80 -12.25
N ALA A 555 -36.66 3.33 -13.27
CA ALA A 555 -37.38 4.03 -14.37
C ALA A 555 -37.62 3.09 -15.55
N SER A 556 -36.64 2.23 -15.87
CA SER A 556 -36.77 1.34 -17.05
C SER A 556 -35.71 0.25 -17.04
N THR A 557 -35.98 -0.88 -17.71
CA THR A 557 -34.97 -1.95 -17.85
C THR A 557 -34.32 -1.79 -19.22
N GLN A 558 -34.79 -0.82 -20.02
CA GLN A 558 -34.17 -0.54 -21.34
C GLN A 558 -32.76 0.04 -21.12
N VAL A 559 -31.78 -0.41 -21.92
CA VAL A 559 -30.40 0.10 -21.78
C VAL A 559 -29.81 0.40 -23.18
N ALA A 560 -28.83 1.28 -23.25
CA ALA A 560 -28.12 1.50 -24.53
C ALA A 560 -26.67 1.09 -24.29
N VAL A 561 -25.98 0.60 -25.32
CA VAL A 561 -24.60 0.08 -25.09
C VAL A 561 -23.63 0.86 -25.97
N LEU A 562 -22.54 1.38 -25.36
CA LEU A 562 -21.50 2.11 -26.13
C LEU A 562 -20.26 1.22 -26.27
N TYR A 563 -19.88 0.90 -27.52
CA TYR A 563 -18.64 0.11 -27.77
C TYR A 563 -17.54 1.12 -28.08
N GLN A 564 -16.60 1.31 -27.17
CA GLN A 564 -15.57 2.37 -27.31
C GLN A 564 -14.56 2.10 -28.44
N ASP A 565 -14.30 3.11 -29.28
CA ASP A 565 -13.27 3.02 -30.36
C ASP A 565 -13.55 1.85 -31.30
N VAL A 566 -14.82 1.45 -31.43
CA VAL A 566 -15.19 0.36 -32.37
C VAL A 566 -16.17 0.93 -33.40
N ASN A 567 -15.99 0.60 -34.67
CA ASN A 567 -16.97 1.03 -35.72
C ASN A 567 -18.22 0.15 -35.63
N CYS A 568 -19.38 0.71 -35.95
CA CYS A 568 -20.66 -0.04 -35.84
C CYS A 568 -20.63 -1.33 -36.68
N THR A 569 -19.84 -1.37 -37.75
CA THR A 569 -19.74 -2.57 -38.62
C THR A 569 -18.94 -3.66 -37.94
N ASP A 570 -18.02 -3.31 -37.03
CA ASP A 570 -17.09 -4.31 -36.44
C ASP A 570 -17.55 -4.80 -35.06
N VAL A 571 -18.66 -4.23 -34.57
CA VAL A 571 -19.14 -4.59 -33.20
C VAL A 571 -19.39 -6.11 -33.08
N PRO A 572 -20.09 -6.80 -34.01
CA PRO A 572 -20.32 -8.23 -33.87
C PRO A 572 -19.04 -9.07 -33.73
N THR A 573 -17.98 -8.70 -34.46
CA THR A 573 -16.70 -9.45 -34.37
C THR A 573 -15.94 -9.05 -33.12
N ALA A 574 -15.95 -7.76 -32.79
CA ALA A 574 -15.21 -7.23 -31.62
C ALA A 574 -15.70 -7.89 -30.33
N ILE A 575 -17.02 -8.09 -30.20
CA ILE A 575 -17.59 -8.62 -28.91
C ILE A 575 -17.93 -10.12 -29.05
N HIS A 576 -17.63 -10.75 -30.19
CA HIS A 576 -17.87 -12.21 -30.40
C HIS A 576 -19.36 -12.53 -30.13
N ALA A 577 -20.26 -11.90 -30.88
CA ALA A 577 -21.72 -12.05 -30.64
C ALA A 577 -22.22 -13.49 -30.82
N GLU A 578 -21.60 -14.25 -31.72
CA GLU A 578 -22.06 -15.64 -32.00
C GLU A 578 -21.89 -16.50 -30.74
N GLN A 579 -20.92 -16.19 -29.89
CA GLN A 579 -20.67 -16.97 -28.65
C GLN A 579 -21.47 -16.36 -27.50
N LEU A 580 -22.27 -15.32 -27.77
CA LEU A 580 -22.99 -14.62 -26.68
C LEU A 580 -24.44 -15.11 -26.59
N THR A 581 -25.17 -14.65 -25.56
CA THR A 581 -26.60 -15.01 -25.40
C THR A 581 -27.44 -14.26 -26.41
N PRO A 582 -28.62 -14.77 -26.79
CA PRO A 582 -29.51 -14.03 -27.68
C PRO A 582 -29.78 -12.63 -27.14
N SER A 583 -29.86 -12.47 -25.82
CA SER A 583 -30.10 -11.14 -25.18
C SER A 583 -28.98 -10.15 -25.52
N TRP A 584 -27.71 -10.59 -25.55
CA TRP A 584 -26.59 -9.70 -25.93
C TRP A 584 -26.59 -9.43 -27.44
N ARG A 585 -26.98 -10.42 -28.24
CA ARG A 585 -26.91 -10.26 -29.73
C ARG A 585 -27.82 -9.09 -30.18
N VAL A 586 -28.87 -8.80 -29.42
CA VAL A 586 -29.78 -7.65 -29.75
C VAL A 586 -28.97 -6.33 -29.72
N TYR A 587 -27.91 -6.28 -28.91
CA TYR A 587 -27.11 -5.03 -28.79
C TYR A 587 -25.86 -5.09 -29.66
N SER A 588 -25.77 -6.08 -30.56
CA SER A 588 -24.62 -6.16 -31.49
C SER A 588 -25.00 -5.51 -32.83
N THR A 589 -26.30 -5.34 -33.09
CA THR A 589 -26.77 -4.75 -34.36
C THR A 589 -28.07 -4.05 -34.09
N GLY A 590 -28.73 -3.52 -35.13
CA GLY A 590 -30.05 -2.90 -34.95
C GLY A 590 -30.24 -1.68 -35.83
N THR A 591 -31.47 -1.17 -35.92
CA THR A 591 -31.74 0.05 -36.71
C THR A 591 -31.17 1.24 -35.97
N ASN A 592 -31.25 1.22 -34.63
CA ASN A 592 -30.69 2.32 -33.81
C ASN A 592 -29.19 2.10 -33.58
N MET A 593 -28.36 2.31 -34.61
CA MET A 593 -26.89 2.22 -34.43
C MET A 593 -26.29 3.56 -34.86
N PHE A 594 -25.63 4.28 -33.96
CA PHE A 594 -25.10 5.63 -34.29
C PHE A 594 -23.62 5.62 -34.02
N GLN A 595 -22.82 6.07 -34.99
CA GLN A 595 -21.35 6.16 -34.79
C GLN A 595 -21.02 7.50 -34.12
N THR A 596 -20.29 7.47 -33.00
CA THR A 596 -19.84 8.72 -32.35
C THR A 596 -18.33 8.68 -32.31
N GLN A 597 -17.68 9.79 -31.94
CA GLN A 597 -16.20 9.78 -31.80
C GLN A 597 -15.83 8.92 -30.58
N ALA A 598 -16.80 8.66 -29.70
CA ALA A 598 -16.55 7.82 -28.50
C ALA A 598 -16.71 6.33 -28.83
N GLY A 599 -17.26 6.00 -30.00
CA GLY A 599 -17.47 4.59 -30.40
C GLY A 599 -18.86 4.36 -30.99
N CYS A 600 -19.28 3.10 -31.07
CA CYS A 600 -20.62 2.78 -31.65
C CYS A 600 -21.66 2.72 -30.53
N LEU A 601 -22.71 3.53 -30.61
CA LEU A 601 -23.80 3.50 -29.61
C LEU A 601 -24.97 2.67 -30.18
N ILE A 602 -25.38 1.62 -29.46
CA ILE A 602 -26.53 0.77 -29.91
C ILE A 602 -27.63 0.81 -28.85
N GLY A 603 -28.89 0.98 -29.28
CA GLY A 603 -30.02 0.98 -28.33
C GLY A 603 -30.55 2.37 -28.05
N ALA A 604 -29.86 3.41 -28.53
CA ALA A 604 -30.36 4.81 -28.34
C ALA A 604 -30.80 5.38 -29.69
N GLU A 605 -31.94 6.09 -29.69
CA GLU A 605 -32.42 6.74 -30.93
C GLU A 605 -31.71 8.10 -31.07
N HIS A 606 -31.07 8.35 -32.21
CA HIS A 606 -30.36 9.64 -32.41
C HIS A 606 -31.37 10.72 -32.82
N VAL A 607 -31.32 11.89 -32.17
CA VAL A 607 -32.24 13.01 -32.56
C VAL A 607 -31.41 14.22 -33.00
N ASN A 608 -32.01 15.08 -33.82
CA ASN A 608 -31.31 16.30 -34.33
C ASN A 608 -31.56 17.46 -33.36
N ASN A 609 -32.39 17.24 -32.34
CA ASN A 609 -32.73 18.33 -31.40
C ASN A 609 -31.62 18.45 -30.34
N SER A 610 -31.38 19.67 -29.84
CA SER A 610 -30.29 19.90 -28.85
C SER A 610 -30.90 20.14 -27.47
N TYR A 611 -30.42 19.42 -26.45
CA TYR A 611 -30.95 19.58 -25.07
C TYR A 611 -29.81 19.72 -24.10
N ASP A 612 -30.14 20.04 -22.85
CA ASP A 612 -29.08 20.08 -21.80
C ASP A 612 -28.62 18.64 -21.55
N CYS A 613 -27.35 18.47 -21.17
CA CYS A 613 -26.80 17.11 -20.99
C CYS A 613 -27.46 16.43 -19.78
N ASP A 614 -27.94 15.19 -19.95
CA ASP A 614 -28.55 14.42 -18.83
C ASP A 614 -27.57 13.29 -18.46
N ILE A 615 -27.32 12.37 -19.39
CA ILE A 615 -26.33 11.29 -19.15
C ILE A 615 -25.16 11.54 -20.13
N PRO A 616 -23.97 11.97 -19.65
CA PRO A 616 -22.87 12.26 -20.56
C PRO A 616 -22.26 11.01 -21.17
N ILE A 617 -22.12 10.98 -22.49
CA ILE A 617 -21.49 9.81 -23.17
C ILE A 617 -20.05 10.18 -23.57
N GLY A 618 -19.88 11.38 -24.14
CA GLY A 618 -18.54 11.84 -24.56
C GLY A 618 -18.57 12.44 -25.96
N ALA A 619 -17.52 13.18 -26.32
CA ALA A 619 -17.41 13.81 -27.67
C ALA A 619 -18.65 14.68 -27.96
N GLY A 620 -19.20 15.36 -26.94
CA GLY A 620 -20.34 16.27 -27.14
C GLY A 620 -21.68 15.56 -27.15
N ILE A 621 -21.68 14.22 -27.06
CA ILE A 621 -22.95 13.45 -27.16
C ILE A 621 -23.46 13.12 -25.75
N CYS A 622 -24.76 13.34 -25.52
CA CYS A 622 -25.37 12.97 -24.22
C CYS A 622 -26.62 12.10 -24.49
N ALA A 623 -27.10 11.39 -23.47
CA ALA A 623 -28.31 10.57 -23.64
C ALA A 623 -29.36 10.93 -22.59
N THR A 624 -30.64 10.70 -22.91
CA THR A 624 -31.75 10.99 -21.99
C THR A 624 -32.84 9.95 -22.17
N TYR A 625 -33.72 9.78 -21.17
CA TYR A 625 -34.88 8.85 -21.32
C TYR A 625 -36.11 9.67 -21.69
N HIS A 626 -36.09 10.31 -22.86
CA HIS A 626 -37.22 11.18 -23.26
C HIS A 626 -38.34 10.34 -23.87
N THR A 627 -39.49 10.95 -24.13
CA THR A 627 -40.62 10.24 -24.76
C THR A 627 -40.68 10.63 -26.22
N PRO A 628 -40.22 9.78 -27.16
CA PRO A 628 -40.32 10.08 -28.58
C PRO A 628 -41.62 9.57 -29.19
N ASN A 637 -44.24 5.49 -25.90
CA ASN A 637 -43.35 4.82 -24.92
C ASN A 637 -42.05 5.62 -24.79
N LYS A 638 -41.55 5.77 -23.56
CA LYS A 638 -40.25 6.46 -23.39
C LYS A 638 -39.14 5.58 -23.96
N ARG A 639 -38.11 6.20 -24.54
CA ARG A 639 -36.97 5.44 -25.12
C ARG A 639 -35.67 6.21 -24.83
N ILE A 640 -34.53 5.50 -24.81
CA ILE A 640 -33.24 6.20 -24.58
C ILE A 640 -32.92 6.97 -25.87
N VAL A 641 -32.63 8.26 -25.74
CA VAL A 641 -32.37 9.11 -26.94
C VAL A 641 -30.97 9.70 -26.83
N ALA A 642 -30.22 9.72 -27.93
CA ALA A 642 -28.86 10.33 -27.93
C ALA A 642 -28.88 11.62 -28.75
N TYR A 643 -28.16 12.65 -28.28
CA TYR A 643 -28.20 13.96 -28.97
C TYR A 643 -26.92 14.74 -28.70
N VAL A 644 -26.65 15.76 -29.52
CA VAL A 644 -25.49 16.65 -29.25
C VAL A 644 -25.94 17.63 -28.14
N MET A 645 -25.14 17.78 -27.09
CA MET A 645 -25.56 18.64 -25.94
C MET A 645 -25.62 20.12 -26.35
N SER A 646 -26.54 20.86 -25.74
CA SER A 646 -26.64 22.32 -26.00
C SER A 646 -25.58 23.05 -25.17
N LEU A 647 -24.93 24.06 -25.75
CA LEU A 647 -23.93 24.86 -24.99
C LEU A 647 -24.64 26.06 -24.33
N GLY A 648 -25.84 26.39 -24.80
CA GLY A 648 -26.61 27.51 -24.23
C GLY A 648 -27.41 28.24 -25.29
N ALA A 649 -28.21 29.23 -24.88
CA ALA A 649 -29.06 29.97 -25.83
C ALA A 649 -28.22 30.96 -26.64
N GLU A 650 -28.57 31.15 -27.92
CA GLU A 650 -27.83 32.11 -28.78
C GLU A 650 -28.28 33.55 -28.49
N ASN A 651 -27.36 34.51 -28.56
CA ASN A 651 -27.72 35.93 -28.32
C ASN A 651 -26.75 36.82 -29.11
N SER A 652 -27.26 37.66 -30.01
CA SER A 652 -26.40 38.59 -30.80
C SER A 652 -26.48 40.00 -30.19
N VAL A 653 -25.38 40.51 -29.65
CA VAL A 653 -25.40 41.91 -29.14
C VAL A 653 -25.32 42.88 -30.34
N ALA A 654 -26.26 43.84 -30.41
CA ALA A 654 -26.28 44.81 -31.54
C ALA A 654 -25.26 45.92 -31.29
N TYR A 655 -23.99 45.65 -31.64
CA TYR A 655 -22.92 46.63 -31.36
C TYR A 655 -23.03 47.89 -32.25
N SER A 656 -22.86 49.07 -31.66
CA SER A 656 -22.81 50.32 -32.47
C SER A 656 -21.83 51.31 -31.82
N ASN A 657 -21.25 52.20 -32.62
CA ASN A 657 -20.23 53.16 -32.10
C ASN A 657 -20.90 54.34 -31.38
N ASN A 658 -22.24 54.45 -31.43
CA ASN A 658 -22.91 55.64 -30.86
C ASN A 658 -24.17 55.25 -30.06
N THR A 659 -24.26 54.00 -29.63
CA THR A 659 -25.44 53.55 -28.86
C THR A 659 -25.03 52.93 -27.55
N ILE A 660 -25.77 53.23 -26.48
CA ILE A 660 -25.50 52.57 -25.18
C ILE A 660 -26.84 52.08 -24.61
N ALA A 661 -26.83 50.92 -23.96
CA ALA A 661 -28.05 50.42 -23.29
C ALA A 661 -27.93 50.72 -21.80
N ILE A 662 -28.90 51.43 -21.24
CA ILE A 662 -28.85 51.80 -19.79
C ILE A 662 -30.03 51.11 -19.08
N PRO A 663 -29.82 50.43 -17.94
CA PRO A 663 -30.93 49.84 -17.20
C PRO A 663 -31.92 50.88 -16.69
N THR A 664 -33.22 50.59 -16.81
CA THR A 664 -34.27 51.52 -16.33
C THR A 664 -34.90 50.95 -15.07
N ASN A 665 -34.58 49.71 -14.73
CA ASN A 665 -35.17 49.06 -13.54
C ASN A 665 -34.19 48.00 -13.03
N PHE A 666 -34.46 47.45 -11.84
CA PHE A 666 -33.57 46.41 -11.26
C PHE A 666 -34.37 45.39 -10.48
N THR A 667 -33.71 44.29 -10.11
CA THR A 667 -34.38 43.24 -9.30
C THR A 667 -33.42 42.82 -8.20
N ILE A 668 -33.88 42.76 -6.94
CA ILE A 668 -33.01 42.28 -5.84
C ILE A 668 -33.13 40.75 -5.82
N SER A 669 -32.02 40.06 -6.06
CA SER A 669 -32.05 38.57 -6.13
C SER A 669 -31.38 37.97 -4.90
N VAL A 670 -31.90 36.84 -4.41
CA VAL A 670 -31.22 36.13 -3.29
C VAL A 670 -30.87 34.73 -3.80
N THR A 671 -29.58 34.38 -3.80
CA THR A 671 -29.15 33.05 -4.31
C THR A 671 -28.53 32.26 -3.17
N THR A 672 -28.56 30.93 -3.29
CA THR A 672 -28.02 30.06 -2.21
C THR A 672 -26.71 29.45 -2.65
N GLU A 673 -25.70 29.45 -1.77
CA GLU A 673 -24.43 28.77 -2.08
C GLU A 673 -24.19 27.73 -0.98
N VAL A 674 -24.12 26.44 -1.33
CA VAL A 674 -23.97 25.35 -0.32
C VAL A 674 -22.50 24.92 -0.29
N MET A 675 -21.87 24.93 0.89
CA MET A 675 -20.42 24.62 0.97
C MET A 675 -20.14 23.63 2.11
N PRO A 676 -19.51 22.47 1.84
CA PRO A 676 -19.08 21.57 2.91
C PRO A 676 -18.03 22.25 3.76
N VAL A 677 -18.10 22.03 5.08
CA VAL A 677 -17.13 22.66 6.01
C VAL A 677 -16.41 21.54 6.78
N SER A 678 -17.11 20.46 7.12
CA SER A 678 -16.49 19.39 7.94
C SER A 678 -16.93 18.00 7.49
N MET A 679 -16.20 16.96 7.92
CA MET A 679 -16.59 15.56 7.62
C MET A 679 -16.72 14.79 8.95
N THR A 680 -17.27 13.58 8.93
CA THR A 680 -17.42 12.76 10.15
C THR A 680 -16.06 12.45 10.75
N LYS A 681 -15.89 12.68 12.04
CA LYS A 681 -14.60 12.41 12.74
C LYS A 681 -14.50 10.91 13.09
N THR A 682 -13.77 10.13 12.29
CA THR A 682 -13.73 8.67 12.54
C THR A 682 -12.50 8.28 13.34
N SER A 683 -12.63 7.29 14.22
CA SER A 683 -11.48 6.77 15.00
C SER A 683 -11.39 5.26 14.77
N VAL A 684 -10.17 4.72 14.67
CA VAL A 684 -10.00 3.26 14.42
C VAL A 684 -9.11 2.62 15.50
N ASP A 685 -9.57 1.53 16.11
CA ASP A 685 -8.66 0.77 17.03
C ASP A 685 -8.01 -0.27 16.12
N CYS A 686 -6.76 -0.06 15.72
CA CYS A 686 -6.08 -0.92 14.72
C CYS A 686 -6.00 -2.39 15.19
N THR A 687 -5.67 -2.64 16.46
CA THR A 687 -5.50 -4.03 16.95
C THR A 687 -6.84 -4.75 16.94
N MET A 688 -7.91 -4.09 17.35
CA MET A 688 -9.26 -4.71 17.40
C MET A 688 -9.74 -5.01 15.97
N TYR A 689 -9.37 -4.17 15.00
CA TYR A 689 -9.78 -4.38 13.59
C TYR A 689 -9.00 -5.56 13.00
N ILE A 690 -7.69 -5.54 13.15
CA ILE A 690 -6.87 -6.59 12.47
C ILE A 690 -6.92 -7.91 13.26
N CYS A 691 -6.81 -7.85 14.60
CA CYS A 691 -6.69 -9.11 15.39
C CYS A 691 -7.87 -9.37 16.34
N GLY A 692 -8.82 -8.44 16.45
CA GLY A 692 -9.91 -8.64 17.44
C GLY A 692 -9.34 -8.86 18.82
N ASP A 693 -9.79 -9.92 19.51
CA ASP A 693 -9.31 -10.21 20.90
C ASP A 693 -8.24 -11.30 20.88
N SER A 694 -7.68 -11.63 19.71
CA SER A 694 -6.69 -12.74 19.61
C SER A 694 -5.32 -12.29 20.14
N VAL A 695 -4.80 -12.98 21.15
CA VAL A 695 -3.44 -12.67 21.69
C VAL A 695 -2.38 -13.14 20.69
N GLU A 696 -2.63 -14.27 20.03
CA GLU A 696 -1.66 -14.81 19.04
C GLU A 696 -1.51 -13.81 17.88
N CYS A 697 -2.62 -13.29 17.35
CA CYS A 697 -2.57 -12.32 16.23
C CYS A 697 -1.92 -11.01 16.72
N SER A 698 -2.27 -10.56 17.93
CA SER A 698 -1.75 -9.26 18.43
C SER A 698 -0.23 -9.34 18.60
N THR A 699 0.28 -10.51 19.02
CA THR A 699 1.74 -10.70 19.16
C THR A 699 2.39 -10.65 17.79
N LEU A 700 1.76 -11.25 16.78
CA LEU A 700 2.29 -11.18 15.39
C LEU A 700 2.20 -9.74 14.87
N LEU A 701 1.13 -9.02 15.19
CA LEU A 701 0.94 -7.65 14.68
C LEU A 701 2.07 -6.74 15.18
N LEU A 702 2.59 -7.03 16.38
CA LEU A 702 3.70 -6.20 16.95
C LEU A 702 4.94 -6.27 16.03
N GLN A 703 5.10 -7.34 15.26
CA GLN A 703 6.26 -7.49 14.36
C GLN A 703 6.20 -6.46 13.21
N TYR A 704 5.05 -5.81 12.99
CA TYR A 704 4.90 -4.82 11.89
C TYR A 704 5.32 -3.43 12.36
N GLY A 705 5.63 -3.28 13.64
CA GLY A 705 6.17 -2.00 14.12
C GLY A 705 5.16 -0.89 14.32
N SER A 706 5.38 0.28 13.71
CA SER A 706 4.53 1.46 14.00
C SER A 706 3.37 1.69 13.02
N PHE A 707 3.06 0.74 12.13
CA PHE A 707 2.00 0.96 11.11
C PHE A 707 0.70 1.40 11.80
N CYS A 708 0.24 0.66 12.81
CA CYS A 708 -1.03 0.99 13.52
C CYS A 708 -0.96 2.38 14.16
N THR A 709 0.17 2.73 14.80
CA THR A 709 0.27 4.03 15.49
C THR A 709 0.26 5.16 14.48
N GLN A 710 0.95 4.98 13.35
CA GLN A 710 0.95 6.02 12.28
C GLN A 710 -0.49 6.23 11.77
N LEU A 711 -1.22 5.13 11.58
CA LEU A 711 -2.61 5.21 11.06
C LEU A 711 -3.48 6.01 12.05
N ASN A 712 -3.31 5.77 13.35
CA ASN A 712 -4.13 6.45 14.39
C ASN A 712 -3.77 7.94 14.43
N ARG A 713 -2.48 8.27 14.30
CA ARG A 713 -2.03 9.69 14.32
C ARG A 713 -2.64 10.44 13.13
N ALA A 714 -2.72 9.77 11.96
CA ALA A 714 -3.27 10.40 10.75
C ALA A 714 -4.76 10.68 10.92
N LEU A 715 -5.50 9.72 11.50
CA LEU A 715 -6.95 9.87 11.70
C LEU A 715 -7.22 10.94 12.78
N THR A 716 -6.35 11.01 13.80
CA THR A 716 -6.51 12.00 14.88
C THR A 716 -6.28 13.38 14.33
N GLY A 717 -5.32 13.52 13.40
CA GLY A 717 -5.07 14.82 12.76
C GLY A 717 -6.27 15.28 11.96
N ILE A 718 -6.90 14.35 11.23
CA ILE A 718 -8.12 14.69 10.44
C ILE A 718 -9.23 15.13 11.42
N ALA A 719 -9.41 14.42 12.53
CA ALA A 719 -10.50 14.74 13.49
C ALA A 719 -10.33 16.15 14.07
N VAL A 720 -9.08 16.52 14.40
CA VAL A 720 -8.82 17.88 14.96
C VAL A 720 -9.06 18.93 13.85
N GLU A 721 -8.66 18.62 12.62
CA GLU A 721 -8.82 19.57 11.49
C GLU A 721 -10.32 19.87 11.27
N GLN A 722 -11.20 18.88 11.47
CA GLN A 722 -12.65 19.09 11.24
C GLN A 722 -13.21 20.12 12.23
N ASP A 723 -12.79 20.05 13.50
CA ASP A 723 -13.23 21.07 14.49
C ASP A 723 -12.62 22.43 14.12
N LYS A 724 -11.37 22.45 13.67
CA LYS A 724 -10.71 23.71 13.26
C LYS A 724 -11.45 24.31 12.05
N ASN A 725 -11.84 23.48 11.09
CA ASN A 725 -12.60 23.97 9.92
C ASN A 725 -13.84 24.74 10.40
N THR A 726 -14.66 24.13 11.26
CA THR A 726 -15.90 24.77 11.73
C THR A 726 -15.57 26.06 12.45
N GLN A 727 -14.56 26.03 13.33
CA GLN A 727 -14.20 27.24 14.12
C GLN A 727 -13.82 28.38 13.17
N GLU A 728 -13.01 28.09 12.15
CA GLU A 728 -12.56 29.15 11.20
C GLU A 728 -13.76 29.75 10.46
N VAL A 729 -14.72 28.90 10.06
CA VAL A 729 -15.88 29.39 9.27
C VAL A 729 -16.87 30.15 10.18
N PHE A 730 -17.24 29.61 11.34
CA PHE A 730 -18.33 30.23 12.14
C PHE A 730 -17.86 31.11 13.31
N ALA A 731 -16.72 30.80 13.94
CA ALA A 731 -16.30 31.54 15.15
C ALA A 731 -15.42 32.76 14.82
N GLN A 732 -15.73 33.49 13.74
CA GLN A 732 -14.86 34.62 13.35
C GLN A 732 -15.10 35.81 14.31
N VAL A 733 -16.35 36.06 14.70
CA VAL A 733 -16.64 37.15 15.69
C VAL A 733 -16.87 36.50 17.05
N LYS A 734 -16.15 36.96 18.09
CA LYS A 734 -16.28 36.36 19.44
C LYS A 734 -17.30 37.17 20.25
N GLN A 735 -17.97 38.13 19.61
CA GLN A 735 -19.05 38.87 20.30
C GLN A 735 -20.38 38.25 19.90
N ILE A 736 -21.13 37.74 20.86
CA ILE A 736 -22.44 37.07 20.55
C ILE A 736 -23.53 38.15 20.62
N TYR A 737 -23.73 38.87 19.52
CA TYR A 737 -24.76 39.95 19.48
C TYR A 737 -26.12 39.30 19.72
N LYS A 738 -26.87 39.83 20.68
CA LYS A 738 -28.19 39.24 21.02
C LYS A 738 -29.18 39.48 19.87
N THR A 739 -30.03 38.50 19.58
CA THR A 739 -31.03 38.65 18.51
C THR A 739 -31.93 39.81 18.85
N PRO A 740 -32.20 40.76 17.92
CA PRO A 740 -33.14 41.84 18.21
C PRO A 740 -34.55 41.29 18.45
N ASP A 741 -35.31 41.95 19.32
CA ASP A 741 -36.69 41.51 19.63
C ASP A 741 -37.53 41.53 18.35
N ILE A 742 -37.50 42.65 17.62
CA ILE A 742 -38.26 42.76 16.34
C ILE A 742 -37.34 42.31 15.19
N LYS A 743 -37.90 41.60 14.20
CA LYS A 743 -37.09 41.12 13.04
C LYS A 743 -37.43 42.00 11.82
N ASP A 744 -37.85 43.24 12.07
CA ASP A 744 -38.23 44.17 10.96
C ASP A 744 -37.28 45.37 10.98
N PHE A 745 -36.70 45.70 9.84
CA PHE A 745 -35.72 46.82 9.77
C PHE A 745 -36.00 47.62 8.49
N GLY A 746 -36.67 48.78 8.62
CA GLY A 746 -37.02 49.59 7.45
C GLY A 746 -37.84 48.79 6.46
N GLY A 747 -38.60 47.80 6.94
CA GLY A 747 -39.46 46.99 6.06
C GLY A 747 -38.82 45.67 5.66
N PHE A 748 -37.51 45.53 5.88
CA PHE A 748 -36.79 44.26 5.55
C PHE A 748 -37.11 43.21 6.63
N ASN A 749 -37.58 42.04 6.20
CA ASN A 749 -38.02 41.00 7.17
C ASN A 749 -36.96 39.91 7.29
N PHE A 750 -36.30 39.83 8.46
CA PHE A 750 -35.24 38.80 8.69
C PHE A 750 -35.81 37.62 9.47
N SER A 751 -37.14 37.53 9.62
CA SER A 751 -37.75 36.46 10.46
C SER A 751 -37.42 35.05 9.97
N GLN A 752 -37.10 34.86 8.69
CA GLN A 752 -36.86 33.49 8.16
C GLN A 752 -35.39 33.07 8.36
N ILE A 753 -34.51 34.04 8.64
CA ILE A 753 -33.05 33.74 8.75
C ILE A 753 -32.56 34.00 10.18
N LEU A 754 -33.38 34.62 11.02
CA LEU A 754 -32.96 34.96 12.42
C LEU A 754 -33.48 33.90 13.39
N PRO A 755 -32.99 33.83 14.65
CA PRO A 755 -33.54 32.90 15.62
C PRO A 755 -35.03 33.10 15.65
N ASP A 756 -35.79 32.05 15.98
CA ASP A 756 -37.27 32.15 16.09
C ASP A 756 -37.62 32.82 17.43
N PRO A 757 -38.56 33.78 17.46
CA PRO A 757 -38.89 34.48 18.69
C PRO A 757 -39.46 33.54 19.75
N SER A 758 -39.14 33.79 21.02
CA SER A 758 -39.67 32.96 22.13
C SER A 758 -39.35 31.47 21.89
N LYS A 759 -38.16 31.17 21.38
CA LYS A 759 -37.75 29.76 21.16
C LYS A 759 -36.39 29.53 21.85
N PRO A 760 -36.29 28.62 22.84
CA PRO A 760 -35.05 28.40 23.56
C PRO A 760 -33.94 27.94 22.62
N SER A 761 -34.29 27.10 21.63
CA SER A 761 -33.29 26.74 20.59
C SER A 761 -33.04 27.96 19.69
N LYS A 762 -31.84 28.09 19.11
CA LYS A 762 -31.51 29.31 18.32
C LYS A 762 -31.41 28.98 16.82
N ARG A 763 -32.28 28.11 16.31
CA ARG A 763 -32.22 27.71 14.89
C ARG A 763 -33.24 28.55 14.09
N SER A 764 -32.87 29.01 12.89
CA SER A 764 -33.76 29.85 12.06
C SER A 764 -34.73 28.97 11.25
N PRO A 765 -35.89 29.49 10.80
CA PRO A 765 -36.85 28.65 10.09
C PRO A 765 -36.19 27.94 8.92
N ILE A 766 -35.38 28.66 8.14
CA ILE A 766 -34.67 28.04 6.98
C ILE A 766 -33.71 26.97 7.51
N GLU A 767 -32.95 27.29 8.56
CA GLU A 767 -31.99 26.30 9.14
C GLU A 767 -32.76 25.03 9.55
N ASP A 768 -33.94 25.18 10.16
CA ASP A 768 -34.76 24.00 10.53
C ASP A 768 -34.91 23.08 9.32
N LEU A 769 -35.26 23.64 8.15
CA LEU A 769 -35.40 22.84 6.91
C LEU A 769 -34.05 22.24 6.49
N LEU A 770 -32.98 23.04 6.47
CA LEU A 770 -31.67 22.57 5.98
C LEU A 770 -31.32 21.28 6.73
N PHE A 771 -31.47 21.29 8.05
CA PHE A 771 -31.13 20.10 8.88
C PHE A 771 -32.03 18.93 8.52
N ASN A 772 -33.26 19.20 8.12
CA ASN A 772 -34.23 18.12 7.76
C ASN A 772 -33.93 17.53 6.38
N LYS A 773 -33.14 18.21 5.54
CA LYS A 773 -32.93 17.74 4.15
C LYS A 773 -31.65 16.88 4.01
N VAL A 774 -30.74 16.92 5.00
CA VAL A 774 -29.54 16.04 4.95
C VAL A 774 -29.80 14.83 5.86
N THR A 775 -29.86 13.62 5.27
CA THR A 775 -30.11 12.40 6.06
C THR A 775 -28.80 11.89 6.60
N LEU A 776 -28.75 11.56 7.89
CA LEU A 776 -27.51 11.00 8.50
C LEU A 776 -27.55 9.47 8.39
N PHE A 781 -21.51 5.25 14.67
CA PHE A 781 -22.50 6.36 14.61
C PHE A 781 -22.72 6.89 16.03
N VAL A 782 -23.97 6.89 16.50
CA VAL A 782 -24.30 7.38 17.87
C VAL A 782 -25.13 6.31 18.58
N LYS A 783 -24.73 5.04 18.46
CA LYS A 783 -25.45 3.95 19.16
C LYS A 783 -24.92 3.83 20.60
N GLN A 784 -25.81 3.64 21.57
CA GLN A 784 -25.39 3.52 23.00
C GLN A 784 -24.88 2.09 23.26
N TYR A 785 -24.30 1.86 24.44
CA TYR A 785 -23.68 0.53 24.76
C TYR A 785 -24.67 -0.63 24.59
N GLY A 786 -25.91 -0.50 25.08
CA GLY A 786 -26.85 -1.63 25.03
C GLY A 786 -27.54 -1.76 23.68
N ASP A 787 -27.40 -0.77 22.80
CA ASP A 787 -28.12 -0.76 21.49
C ASP A 787 -27.59 -1.84 20.55
N CYS A 788 -26.44 -2.44 20.88
CA CYS A 788 -25.83 -3.50 20.03
C CYS A 788 -25.79 -4.83 20.79
N LEU A 789 -26.37 -4.88 21.99
CA LEU A 789 -26.30 -6.11 22.82
C LEU A 789 -27.51 -7.01 22.51
N GLY A 790 -28.71 -6.59 22.91
CA GLY A 790 -29.92 -7.42 22.68
C GLY A 790 -30.45 -7.23 21.27
N ASP A 791 -29.80 -7.83 20.29
CA ASP A 791 -30.22 -7.69 18.87
C ASP A 791 -30.62 -9.06 18.30
N ILE A 792 -31.93 -9.34 18.28
CA ILE A 792 -32.42 -10.63 17.68
C ILE A 792 -32.59 -10.42 16.18
N GLN A 793 -31.69 -10.96 15.35
CA GLN A 793 -31.73 -10.77 13.87
C GLN A 793 -31.83 -9.25 13.58
N ALA A 794 -31.20 -8.43 14.43
CA ALA A 794 -31.20 -6.96 14.23
C ALA A 794 -29.78 -6.50 13.91
N ARG A 795 -28.96 -7.40 13.36
CA ARG A 795 -27.56 -7.05 13.02
C ARG A 795 -27.56 -5.80 12.14
N ASP A 796 -26.81 -4.77 12.52
CA ASP A 796 -26.71 -3.53 11.71
C ASP A 796 -25.25 -3.24 11.41
N LEU A 797 -24.97 -2.56 10.30
CA LEU A 797 -23.57 -2.28 9.90
C LEU A 797 -22.88 -1.42 10.97
N ILE A 798 -23.64 -0.60 11.70
CA ILE A 798 -23.06 0.29 12.75
C ILE A 798 -22.53 -0.56 13.92
N CYS A 799 -23.29 -1.58 14.34
CA CYS A 799 -22.81 -2.47 15.42
C CYS A 799 -21.54 -3.20 14.94
N ALA A 800 -21.53 -3.69 13.69
CA ALA A 800 -20.32 -4.36 13.13
C ALA A 800 -19.14 -3.38 13.13
N GLN A 801 -19.39 -2.12 12.78
CA GLN A 801 -18.31 -1.10 12.82
C GLN A 801 -17.77 -1.02 14.26
N LYS A 802 -18.64 -0.89 15.25
CA LYS A 802 -18.20 -0.70 16.65
C LYS A 802 -17.48 -1.96 17.16
N PHE A 803 -17.97 -3.16 16.80
CA PHE A 803 -17.39 -4.43 17.32
C PHE A 803 -16.04 -4.74 16.65
N ASN A 804 -15.66 -3.93 15.65
CA ASN A 804 -14.40 -4.20 14.92
C ASN A 804 -13.44 -3.02 15.12
N GLY A 805 -13.71 -2.15 16.09
CA GLY A 805 -12.78 -1.04 16.41
C GLY A 805 -13.08 0.27 15.70
N LEU A 806 -14.23 0.39 15.03
CA LEU A 806 -14.55 1.63 14.26
C LEU A 806 -15.47 2.51 15.10
N THR A 807 -15.05 3.76 15.37
CA THR A 807 -15.83 4.67 16.24
C THR A 807 -16.02 6.02 15.57
N VAL A 808 -17.15 6.69 15.85
CA VAL A 808 -17.36 8.06 15.33
C VAL A 808 -17.25 9.05 16.50
N LEU A 809 -16.36 10.03 16.40
CA LEU A 809 -16.20 11.05 17.47
C LEU A 809 -17.20 12.19 17.22
N PRO A 810 -17.87 12.72 18.26
CA PRO A 810 -18.77 13.85 18.08
C PRO A 810 -18.00 15.13 17.78
N PRO A 811 -18.60 16.11 17.07
CA PRO A 811 -17.94 17.39 16.84
C PRO A 811 -17.81 18.15 18.15
N LEU A 812 -16.81 19.04 18.23
CA LEU A 812 -16.64 19.86 19.45
C LEU A 812 -17.79 20.88 19.54
N LEU A 813 -18.11 21.57 18.44
CA LEU A 813 -19.23 22.56 18.44
C LEU A 813 -20.55 21.85 18.16
N THR A 814 -21.54 22.06 19.03
CA THR A 814 -22.88 21.46 18.81
C THR A 814 -23.64 22.28 17.79
N ASP A 815 -24.68 21.69 17.21
CA ASP A 815 -25.50 22.39 16.20
C ASP A 815 -26.08 23.68 16.80
N GLU A 816 -26.44 23.65 18.08
CA GLU A 816 -27.01 24.84 18.76
C GLU A 816 -25.93 25.94 18.87
N MET A 817 -24.67 25.55 19.12
CA MET A 817 -23.57 26.54 19.20
C MET A 817 -23.32 27.17 17.82
N ILE A 818 -23.37 26.35 16.77
CA ILE A 818 -23.17 26.89 15.39
C ILE A 818 -24.35 27.82 15.05
N ALA A 819 -25.58 27.44 15.41
CA ALA A 819 -26.76 28.31 15.19
C ALA A 819 -26.60 29.63 15.96
N ALA A 820 -25.98 29.58 17.13
CA ALA A 820 -25.75 30.81 17.91
C ALA A 820 -24.74 31.72 17.19
N TYR A 821 -23.71 31.13 16.56
CA TYR A 821 -22.73 31.94 15.78
C TYR A 821 -23.42 32.60 14.57
N THR A 822 -24.22 31.83 13.82
CA THR A 822 -24.88 32.39 12.61
C THR A 822 -25.87 33.48 13.04
N ALA A 823 -26.59 33.25 14.14
CA ALA A 823 -27.54 34.26 14.64
C ALA A 823 -26.79 35.53 15.06
N ALA A 824 -25.63 35.38 15.70
CA ALA A 824 -24.81 36.54 16.11
C ALA A 824 -24.33 37.32 14.89
N LEU A 825 -23.86 36.60 13.85
CA LEU A 825 -23.35 37.26 12.62
C LEU A 825 -24.48 38.03 11.94
N ILE A 826 -25.68 37.43 11.86
CA ILE A 826 -26.81 38.10 11.16
C ILE A 826 -27.28 39.30 12.01
N SER A 827 -27.42 39.10 13.33
CA SER A 827 -27.87 40.19 14.22
C SER A 827 -26.89 41.37 14.13
N GLY A 828 -25.59 41.07 14.18
CA GLY A 828 -24.58 42.14 14.02
C GLY A 828 -24.78 42.86 12.71
N THR A 829 -24.91 42.12 11.61
CA THR A 829 -25.07 42.73 10.27
C THR A 829 -26.30 43.61 10.27
N ALA A 830 -27.41 43.14 10.84
CA ALA A 830 -28.67 43.91 10.80
C ALA A 830 -28.51 45.26 11.50
N THR A 831 -27.84 45.29 12.66
CA THR A 831 -27.76 46.56 13.41
C THR A 831 -26.46 47.28 13.12
N ALA A 832 -25.32 46.69 13.46
CA ALA A 832 -24.02 47.38 13.29
C ALA A 832 -23.71 47.63 11.82
N GLY A 833 -23.86 46.62 10.97
CA GLY A 833 -23.50 46.80 9.56
C GLY A 833 -22.25 46.00 9.21
N TRP A 834 -21.25 46.64 8.63
CA TRP A 834 -19.99 45.97 8.21
C TRP A 834 -18.90 46.35 9.19
N THR A 835 -19.27 47.04 10.28
CA THR A 835 -18.26 47.57 11.21
C THR A 835 -17.82 46.54 12.22
N PHE A 836 -18.66 45.53 12.50
CA PHE A 836 -18.32 44.54 13.57
C PHE A 836 -17.24 43.58 13.06
N GLY A 837 -16.80 43.72 11.80
CA GLY A 837 -15.70 42.88 11.30
C GLY A 837 -14.43 43.69 11.07
N ALA A 838 -14.36 44.90 11.63
CA ALA A 838 -13.17 45.77 11.46
C ALA A 838 -12.85 46.44 12.80
N GLY A 839 -13.75 46.27 13.78
CA GLY A 839 -13.51 46.86 15.11
C GLY A 839 -14.80 47.01 15.88
N PRO A 840 -14.99 48.13 16.62
CA PRO A 840 -16.19 48.32 17.42
C PRO A 840 -17.46 48.29 16.60
N ALA A 841 -18.47 47.52 17.03
CA ALA A 841 -19.78 47.49 16.34
C ALA A 841 -20.40 48.89 16.42
N LEU A 842 -20.73 49.48 15.26
CA LEU A 842 -21.29 50.86 15.24
C LEU A 842 -22.73 50.80 14.70
N GLN A 843 -23.70 51.15 15.55
CA GLN A 843 -25.13 51.06 15.15
C GLN A 843 -25.42 51.96 13.93
N ILE A 844 -26.23 51.45 13.00
CA ILE A 844 -26.64 52.26 11.80
C ILE A 844 -28.06 51.84 11.41
N PRO A 845 -28.97 52.76 11.06
CA PRO A 845 -30.29 52.36 10.58
C PRO A 845 -30.15 51.47 9.37
N PHE A 846 -30.91 50.38 9.30
CA PHE A 846 -30.75 49.39 8.20
C PHE A 846 -30.95 50.03 6.81
N PRO A 847 -31.96 50.89 6.56
CA PRO A 847 -32.08 51.55 5.26
C PRO A 847 -30.78 52.24 4.91
N MET A 848 -30.20 53.00 5.86
CA MET A 848 -28.94 53.73 5.60
C MET A 848 -27.83 52.71 5.25
N GLN A 849 -27.76 51.61 5.99
CA GLN A 849 -26.78 50.54 5.67
C GLN A 849 -26.96 50.13 4.21
N MET A 850 -28.22 49.99 3.77
CA MET A 850 -28.51 49.57 2.37
C MET A 850 -28.14 50.70 1.40
N ALA A 851 -28.32 51.96 1.79
CA ALA A 851 -27.92 53.10 0.93
C ALA A 851 -26.41 53.05 0.69
N TYR A 852 -25.63 52.76 1.73
CA TYR A 852 -24.16 52.63 1.59
C TYR A 852 -23.87 51.49 0.61
N ARG A 853 -24.55 50.36 0.79
CA ARG A 853 -24.30 49.17 -0.07
C ARG A 853 -24.66 49.48 -1.53
N PHE A 854 -25.70 50.30 -1.74
CA PHE A 854 -26.10 50.70 -3.13
C PHE A 854 -24.99 51.57 -3.74
N ASN A 855 -24.50 52.56 -2.99
CA ASN A 855 -23.47 53.47 -3.59
C ASN A 855 -22.20 52.65 -3.85
N GLY A 856 -22.01 51.56 -3.11
CA GLY A 856 -20.86 50.66 -3.34
C GLY A 856 -20.93 50.05 -4.73
N ILE A 857 -22.14 49.70 -5.18
CA ILE A 857 -22.31 49.04 -6.51
C ILE A 857 -22.57 50.09 -7.61
N GLY A 858 -22.29 51.37 -7.32
CA GLY A 858 -22.44 52.43 -8.35
C GLY A 858 -23.88 52.85 -8.55
N VAL A 859 -24.72 52.80 -7.52
CA VAL A 859 -26.13 53.28 -7.62
C VAL A 859 -26.32 54.34 -6.53
N THR A 860 -26.84 55.52 -6.89
CA THR A 860 -26.98 56.64 -5.93
C THR A 860 -27.91 56.26 -4.78
N GLN A 861 -27.63 56.78 -3.58
CA GLN A 861 -28.41 56.40 -2.38
C GLN A 861 -29.89 56.82 -2.52
N ASN A 862 -30.17 57.84 -3.33
CA ASN A 862 -31.57 58.30 -3.53
C ASN A 862 -32.40 57.18 -4.16
N VAL A 863 -31.79 56.38 -5.05
CA VAL A 863 -32.52 55.26 -5.72
C VAL A 863 -33.05 54.30 -4.64
N LEU A 864 -32.26 54.03 -3.61
CA LEU A 864 -32.73 53.15 -2.52
C LEU A 864 -33.86 53.84 -1.73
N TYR A 865 -33.66 55.09 -1.30
CA TYR A 865 -34.66 55.78 -0.45
C TYR A 865 -35.98 55.99 -1.20
N GLU A 866 -35.91 56.33 -2.49
CA GLU A 866 -37.14 56.59 -3.29
C GLU A 866 -37.89 55.28 -3.53
N ASN A 867 -37.16 54.14 -3.55
CA ASN A 867 -37.79 52.83 -3.86
C ASN A 867 -37.70 51.91 -2.64
N GLN A 868 -37.53 52.45 -1.43
CA GLN A 868 -37.30 51.61 -0.22
C GLN A 868 -38.38 50.52 -0.07
N LYS A 869 -39.66 50.86 -0.24
CA LYS A 869 -40.74 49.86 -0.03
C LYS A 869 -40.66 48.77 -1.10
N LEU A 870 -40.36 49.15 -2.35
CA LEU A 870 -40.23 48.15 -3.45
C LEU A 870 -39.04 47.21 -3.15
N ILE A 871 -37.90 47.78 -2.75
CA ILE A 871 -36.67 46.97 -2.51
C ILE A 871 -36.93 46.02 -1.32
N ALA A 872 -37.53 46.54 -0.24
CA ALA A 872 -37.83 45.70 0.94
C ALA A 872 -38.76 44.55 0.54
N ASN A 873 -39.77 44.84 -0.28
CA ASN A 873 -40.72 43.79 -0.74
C ASN A 873 -40.01 42.76 -1.62
N GLN A 874 -39.12 43.20 -2.52
CA GLN A 874 -38.36 42.27 -3.40
C GLN A 874 -37.48 41.37 -2.52
N PHE A 875 -36.80 41.96 -1.53
CA PHE A 875 -35.92 41.18 -0.63
C PHE A 875 -36.75 40.15 0.14
N ASN A 876 -37.87 40.60 0.72
CA ASN A 876 -38.74 39.69 1.52
C ASN A 876 -39.24 38.54 0.65
N SER A 877 -39.64 38.86 -0.59
CA SER A 877 -40.17 37.82 -1.51
C SER A 877 -39.05 36.85 -1.90
N ALA A 878 -37.83 37.35 -2.11
CA ALA A 878 -36.70 36.49 -2.50
C ALA A 878 -36.37 35.51 -1.37
N ILE A 879 -36.34 35.98 -0.12
CA ILE A 879 -36.07 35.09 1.05
C ILE A 879 -37.18 34.02 1.13
N GLY A 880 -38.44 34.43 0.93
CA GLY A 880 -39.55 33.47 0.94
C GLY A 880 -39.40 32.41 -0.14
N LYS A 881 -38.94 32.80 -1.33
CA LYS A 881 -38.73 31.82 -2.44
C LYS A 881 -37.62 30.82 -2.04
N ILE A 882 -36.67 31.24 -1.22
CA ILE A 882 -35.58 30.34 -0.76
C ILE A 882 -36.19 29.18 0.05
N GLN A 883 -37.16 29.47 0.91
CA GLN A 883 -37.84 28.41 1.72
C GLN A 883 -38.25 27.25 0.80
N GLU A 884 -39.09 27.51 -0.21
CA GLU A 884 -39.55 26.44 -1.14
C GLU A 884 -38.38 25.96 -2.00
N SER A 885 -37.60 26.87 -2.57
CA SER A 885 -36.51 26.47 -3.50
C SER A 885 -35.76 25.26 -2.94
N LEU A 886 -35.59 25.17 -1.61
CA LEU A 886 -34.97 23.97 -0.99
C LEU A 886 -36.06 22.95 -0.66
N THR A 887 -37.18 23.40 -0.06
CA THR A 887 -38.25 22.46 0.35
C THR A 887 -38.84 21.78 -0.86
N SER A 888 -39.33 22.55 -1.83
CA SER A 888 -40.02 21.98 -3.01
C SER A 888 -39.07 21.09 -3.82
N THR A 889 -37.82 21.50 -4.01
CA THR A 889 -36.93 20.72 -4.88
C THR A 889 -35.81 20.09 -4.08
N PRO A 890 -35.74 18.73 -3.99
CA PRO A 890 -34.65 18.06 -3.29
C PRO A 890 -33.35 18.12 -4.08
N SER A 891 -32.27 17.55 -3.54
CA SER A 891 -30.92 17.57 -4.21
C SER A 891 -30.31 18.98 -4.06
N ALA A 892 -30.96 19.85 -3.29
CA ALA A 892 -30.41 21.21 -3.05
C ALA A 892 -29.16 21.07 -2.17
N LEU A 893 -29.18 20.11 -1.25
CA LEU A 893 -28.03 19.93 -0.32
C LEU A 893 -27.22 18.69 -0.73
N GLY A 894 -27.17 18.40 -2.04
CA GLY A 894 -26.45 17.21 -2.53
C GLY A 894 -24.97 17.23 -2.16
N LYS A 895 -24.34 18.40 -2.19
CA LYS A 895 -22.90 18.52 -1.84
C LYS A 895 -22.67 18.05 -0.39
N LEU A 896 -23.59 18.39 0.52
CA LEU A 896 -23.47 17.96 1.94
C LEU A 896 -23.83 16.47 2.06
N GLN A 897 -24.87 16.02 1.33
CA GLN A 897 -25.30 14.60 1.38
C GLN A 897 -24.17 13.71 0.82
N ASP A 898 -23.46 14.18 -0.21
CA ASP A 898 -22.37 13.38 -0.84
C ASP A 898 -21.26 13.14 0.18
N VAL A 899 -20.91 14.16 0.96
CA VAL A 899 -19.84 14.01 2.00
C VAL A 899 -20.29 12.93 3.00
N VAL A 900 -21.53 12.99 3.46
CA VAL A 900 -22.06 11.98 4.43
C VAL A 900 -22.03 10.58 3.77
N ASN A 901 -22.52 10.48 2.54
CA ASN A 901 -22.60 9.17 1.83
C ASN A 901 -21.19 8.59 1.63
N GLN A 902 -20.24 9.42 1.24
CA GLN A 902 -18.85 8.94 1.01
C GLN A 902 -18.31 8.33 2.31
N ASN A 903 -18.43 9.04 3.43
CA ASN A 903 -17.87 8.54 4.72
C ASN A 903 -18.54 7.21 5.09
N ALA A 904 -19.87 7.16 5.01
CA ALA A 904 -20.60 5.92 5.34
C ALA A 904 -20.09 4.78 4.46
N GLN A 905 -19.99 5.02 3.15
CA GLN A 905 -19.54 3.97 2.21
C GLN A 905 -18.10 3.52 2.55
N ALA A 906 -17.23 4.46 2.95
CA ALA A 906 -15.83 4.11 3.25
C ALA A 906 -15.77 3.18 4.47
N LEU A 907 -16.53 3.52 5.52
CA LEU A 907 -16.55 2.68 6.75
C LEU A 907 -17.18 1.31 6.46
N ASN A 908 -18.29 1.28 5.72
CA ASN A 908 -18.96 -0.01 5.38
C ASN A 908 -18.01 -0.89 4.56
N THR A 909 -17.22 -0.29 3.65
CA THR A 909 -16.26 -1.07 2.83
C THR A 909 -15.20 -1.64 3.73
N LEU A 910 -14.71 -0.84 4.69
CA LEU A 910 -13.62 -1.28 5.60
C LEU A 910 -14.10 -2.48 6.43
N VAL A 911 -15.34 -2.43 6.95
CA VAL A 911 -15.89 -3.57 7.74
C VAL A 911 -16.01 -4.82 6.84
N LYS A 912 -16.51 -4.66 5.62
CA LYS A 912 -16.73 -5.83 4.73
C LYS A 912 -15.38 -6.48 4.34
N GLN A 913 -14.29 -5.72 4.35
CA GLN A 913 -12.96 -6.27 4.00
C GLN A 913 -12.54 -7.35 5.02
N LEU A 914 -13.12 -7.37 6.22
CA LEU A 914 -12.78 -8.41 7.22
C LEU A 914 -13.27 -9.80 6.76
N SER A 915 -14.21 -9.86 5.81
CA SER A 915 -14.72 -11.16 5.31
C SER A 915 -13.79 -11.71 4.20
N SER A 916 -12.81 -10.92 3.76
CA SER A 916 -11.85 -11.39 2.72
C SER A 916 -10.76 -12.27 3.38
N ASN A 917 -10.34 -13.33 2.69
CA ASN A 917 -9.32 -14.26 3.25
C ASN A 917 -7.91 -13.85 2.81
N PHE A 918 -7.78 -13.05 1.75
CA PHE A 918 -6.46 -12.53 1.27
C PHE A 918 -5.45 -13.68 1.05
N GLY A 919 -5.92 -14.85 0.59
CA GLY A 919 -5.01 -15.99 0.33
C GLY A 919 -4.89 -16.93 1.52
N ALA A 920 -5.51 -16.58 2.66
CA ALA A 920 -5.51 -17.48 3.83
C ALA A 920 -6.59 -18.55 3.69
N ILE A 921 -6.51 -19.62 4.49
CA ILE A 921 -7.49 -20.74 4.40
C ILE A 921 -8.86 -20.28 4.91
N SER A 922 -8.91 -19.18 5.68
CA SER A 922 -10.19 -18.67 6.24
C SER A 922 -10.06 -17.17 6.55
N SER A 923 -11.18 -16.43 6.54
CA SER A 923 -11.16 -15.00 6.94
C SER A 923 -11.30 -14.92 8.46
N VAL A 924 -11.65 -16.04 9.10
CA VAL A 924 -11.87 -16.07 10.58
C VAL A 924 -10.57 -16.51 11.28
N LEU A 925 -9.98 -15.62 12.09
CA LEU A 925 -8.73 -15.93 12.83
C LEU A 925 -8.94 -17.16 13.71
N ASN A 926 -10.09 -17.27 14.36
CA ASN A 926 -10.35 -18.39 15.32
C ASN A 926 -10.33 -19.73 14.57
N ASP A 927 -10.81 -19.77 13.32
CA ASP A 927 -10.79 -21.01 12.52
C ASP A 927 -9.35 -21.45 12.25
N ILE A 928 -8.47 -20.49 11.97
CA ILE A 928 -7.04 -20.79 11.69
C ILE A 928 -6.38 -21.30 12.99
N ILE A 929 -6.54 -20.56 14.09
CA ILE A 929 -5.87 -20.90 15.38
C ILE A 929 -6.38 -22.26 15.91
N SER A 930 -7.67 -22.55 15.71
CA SER A 930 -8.24 -23.80 16.27
C SER A 930 -7.82 -25.04 15.47
N ARG A 931 -7.49 -24.87 14.18
CA ARG A 931 -7.20 -26.07 13.35
C ARG A 931 -5.68 -26.22 13.10
N LEU A 932 -4.90 -25.14 13.22
CA LEU A 932 -3.46 -25.25 12.87
C LEU A 932 -2.57 -25.00 14.09
N ASP A 933 -1.38 -25.60 14.08
CA ASP A 933 -0.40 -25.37 15.18
C ASP A 933 0.33 -24.05 14.91
N PRO A 934 0.98 -23.41 15.90
CA PRO A 934 1.60 -22.11 15.70
C PRO A 934 2.43 -21.93 14.42
N PRO A 935 3.38 -22.81 14.05
CA PRO A 935 4.20 -22.55 12.86
C PRO A 935 3.39 -22.39 11.58
N GLU A 936 2.33 -23.19 11.43
CA GLU A 936 1.50 -23.15 10.19
C GLU A 936 0.41 -22.07 10.34
N ALA A 937 -0.09 -21.89 11.56
CA ALA A 937 -1.12 -20.86 11.83
C ALA A 937 -0.54 -19.48 11.56
N GLU A 938 0.73 -19.24 11.95
CA GLU A 938 1.35 -17.90 11.80
C GLU A 938 1.37 -17.49 10.33
N VAL A 939 1.65 -18.43 9.43
CA VAL A 939 1.67 -18.11 7.96
C VAL A 939 0.27 -17.66 7.50
N GLN A 940 -0.78 -18.32 7.99
CA GLN A 940 -2.16 -17.95 7.59
C GLN A 940 -2.56 -16.62 8.26
N ILE A 941 -2.21 -16.45 9.54
CA ILE A 941 -2.55 -15.20 10.27
C ILE A 941 -1.82 -14.03 9.60
N ASP A 942 -0.57 -14.23 9.18
CA ASP A 942 0.22 -13.15 8.54
C ASP A 942 -0.48 -12.67 7.25
N ARG A 943 -1.07 -13.60 6.49
CA ARG A 943 -1.81 -13.22 5.25
C ARG A 943 -3.03 -12.35 5.63
N LEU A 944 -3.72 -12.68 6.71
CA LEU A 944 -4.87 -11.85 7.17
C LEU A 944 -4.35 -10.50 7.68
N ILE A 945 -3.26 -10.49 8.46
CA ILE A 945 -2.74 -9.22 9.03
C ILE A 945 -2.38 -8.29 7.87
N THR A 946 -1.68 -8.82 6.86
CA THR A 946 -1.22 -7.96 5.73
C THR A 946 -2.43 -7.41 4.98
N GLY A 947 -3.42 -8.24 4.66
CA GLY A 947 -4.61 -7.78 3.90
C GLY A 947 -5.44 -6.77 4.68
N ARG A 948 -5.61 -7.00 5.99
CA ARG A 948 -6.42 -6.10 6.85
C ARG A 948 -5.67 -4.78 7.07
N LEU A 949 -4.36 -4.85 7.29
CA LEU A 949 -3.54 -3.63 7.46
C LEU A 949 -3.62 -2.81 6.17
N GLN A 950 -3.57 -3.47 5.01
CA GLN A 950 -3.64 -2.77 3.70
C GLN A 950 -5.04 -2.17 3.52
N SER A 951 -6.10 -2.87 3.92
CA SER A 951 -7.47 -2.33 3.83
C SER A 951 -7.56 -1.05 4.68
N LEU A 952 -7.01 -1.11 5.90
CA LEU A 952 -7.07 0.05 6.82
C LEU A 952 -6.20 1.20 6.27
N GLN A 953 -5.04 0.88 5.70
CA GLN A 953 -4.12 1.91 5.13
C GLN A 953 -4.80 2.58 3.92
N THR A 954 -5.53 1.79 3.11
CA THR A 954 -6.27 2.35 1.96
C THR A 954 -7.31 3.32 2.49
N TYR A 955 -8.06 2.90 3.52
CA TYR A 955 -9.12 3.76 4.10
C TYR A 955 -8.52 5.07 4.62
N VAL A 956 -7.40 5.01 5.34
CA VAL A 956 -6.84 6.25 5.96
C VAL A 956 -6.35 7.22 4.86
N THR A 957 -5.73 6.70 3.80
CA THR A 957 -5.30 7.59 2.69
C THR A 957 -6.51 8.23 2.04
N GLN A 958 -7.56 7.44 1.80
CA GLN A 958 -8.81 8.00 1.21
C GLN A 958 -9.36 9.11 2.11
N GLN A 959 -9.32 8.91 3.43
CA GLN A 959 -9.91 9.90 4.38
C GLN A 959 -9.06 11.18 4.36
N LEU A 960 -7.73 11.02 4.31
CA LEU A 960 -6.85 12.21 4.25
C LEU A 960 -7.16 12.98 2.95
N ILE A 961 -7.18 12.31 1.81
CA ILE A 961 -7.55 13.01 0.55
C ILE A 961 -8.87 13.79 0.73
N ARG A 962 -9.93 13.13 1.19
CA ARG A 962 -11.25 13.81 1.37
C ARG A 962 -11.12 14.97 2.37
N ALA A 963 -10.30 14.80 3.41
CA ALA A 963 -10.17 15.84 4.46
C ALA A 963 -9.65 17.17 3.91
N ALA A 964 -8.70 17.14 2.97
CA ALA A 964 -8.13 18.39 2.39
C ALA A 964 -9.11 19.04 1.41
N GLU A 965 -9.83 18.21 0.67
CA GLU A 965 -10.86 18.78 -0.23
C GLU A 965 -11.86 19.54 0.67
N ILE A 966 -12.19 18.96 1.82
CA ILE A 966 -13.13 19.64 2.77
C ILE A 966 -12.41 20.83 3.42
N ARG A 967 -11.13 20.70 3.73
CA ARG A 967 -10.36 21.85 4.27
C ARG A 967 -10.41 23.00 3.26
N ALA A 968 -10.17 22.70 1.99
CA ALA A 968 -10.21 23.73 0.93
C ALA A 968 -11.60 24.38 0.89
N SER A 969 -12.67 23.56 0.94
CA SER A 969 -14.05 24.10 0.96
C SER A 969 -14.26 24.96 2.21
N ALA A 970 -13.72 24.52 3.35
CA ALA A 970 -13.89 25.26 4.63
C ALA A 970 -13.14 26.59 4.57
N ASN A 971 -11.94 26.59 4.00
CA ASN A 971 -11.13 27.84 3.86
C ASN A 971 -11.86 28.81 2.93
N LEU A 972 -12.44 28.28 1.84
CA LEU A 972 -13.23 29.15 0.93
C LEU A 972 -14.47 29.67 1.67
N ALA A 973 -15.14 28.82 2.45
CA ALA A 973 -16.32 29.25 3.23
C ALA A 973 -15.92 30.32 4.26
N ALA A 974 -14.76 30.15 4.91
CA ALA A 974 -14.29 31.15 5.90
C ALA A 974 -14.02 32.47 5.19
N THR A 975 -13.43 32.41 3.98
CA THR A 975 -13.15 33.64 3.21
C THR A 975 -14.46 34.29 2.80
N LYS A 976 -15.44 33.51 2.37
CA LYS A 976 -16.77 34.06 2.00
C LYS A 976 -17.46 34.65 3.24
N MET A 977 -17.30 34.00 4.41
CA MET A 977 -17.89 34.57 5.65
C MET A 977 -17.27 35.96 5.89
N SER A 978 -15.95 36.08 5.77
CA SER A 978 -15.27 37.37 6.02
C SER A 978 -15.61 38.41 4.94
N GLU A 979 -15.60 38.03 3.66
CA GLU A 979 -15.77 39.03 2.56
C GLU A 979 -17.24 39.26 2.15
N CYS A 980 -18.09 38.23 2.21
CA CYS A 980 -19.49 38.39 1.73
C CYS A 980 -20.41 38.79 2.91
N VAL A 981 -20.16 38.28 4.11
CA VAL A 981 -21.07 38.56 5.27
C VAL A 981 -20.55 39.77 6.06
N LEU A 982 -19.27 39.77 6.43
CA LEU A 982 -18.71 40.85 7.28
C LEU A 982 -18.41 42.09 6.43
N GLY A 983 -18.35 41.93 5.11
CA GLY A 983 -18.08 43.08 4.23
C GLY A 983 -19.00 43.12 3.02
N GLN A 984 -18.64 43.90 1.99
CA GLN A 984 -19.41 43.93 0.73
C GLN A 984 -18.41 43.60 -0.39
N SER A 985 -18.69 42.57 -1.18
CA SER A 985 -17.69 42.11 -2.18
C SER A 985 -17.84 42.83 -3.52
N LYS A 986 -16.71 43.17 -4.14
CA LYS A 986 -16.72 43.76 -5.50
C LYS A 986 -16.13 42.71 -6.45
N ARG A 987 -15.68 41.57 -5.89
CA ARG A 987 -15.14 40.47 -6.73
C ARG A 987 -16.29 39.86 -7.53
N VAL A 988 -16.18 39.84 -8.86
CA VAL A 988 -17.30 39.36 -9.72
C VAL A 988 -17.63 37.89 -9.44
N ASP A 989 -18.91 37.56 -9.24
CA ASP A 989 -19.39 36.15 -9.06
C ASP A 989 -18.80 35.47 -7.80
N PHE A 990 -18.19 36.22 -6.89
CA PHE A 990 -17.68 35.60 -5.65
C PHE A 990 -18.81 35.40 -4.64
N CYS A 991 -19.64 36.43 -4.43
CA CYS A 991 -20.75 36.35 -3.45
C CYS A 991 -22.09 36.29 -4.22
N GLY A 992 -22.23 35.33 -5.14
CA GLY A 992 -23.46 35.23 -5.94
C GLY A 992 -23.37 36.01 -7.24
N LYS A 993 -24.31 35.78 -8.15
CA LYS A 993 -24.23 36.44 -9.48
C LYS A 993 -24.95 37.79 -9.42
N GLY A 994 -24.37 38.81 -10.04
CA GLY A 994 -24.94 40.17 -9.96
C GLY A 994 -24.07 41.05 -9.10
N TYR A 995 -24.50 42.28 -8.84
CA TYR A 995 -23.73 43.19 -7.97
C TYR A 995 -24.00 42.83 -6.51
N HIS A 996 -22.95 42.44 -5.78
CA HIS A 996 -23.13 41.99 -4.37
C HIS A 996 -23.52 43.13 -3.44
N LEU A 997 -24.62 42.97 -2.71
CA LEU A 997 -25.02 43.98 -1.70
C LEU A 997 -24.64 43.45 -0.32
N MET A 998 -25.13 42.25 0.04
CA MET A 998 -24.83 41.66 1.37
C MET A 998 -25.08 40.14 1.34
N SER A 999 -24.57 39.42 2.33
CA SER A 999 -24.82 37.95 2.42
C SER A 999 -25.18 37.57 3.86
N PHE A 1000 -25.95 36.49 4.02
CA PHE A 1000 -26.31 35.99 5.38
C PHE A 1000 -25.93 34.52 5.47
N PRO A 1001 -25.21 34.08 6.52
CA PRO A 1001 -24.89 32.67 6.67
C PRO A 1001 -25.99 31.88 7.34
N GLN A 1002 -26.19 30.63 6.91
CA GLN A 1002 -27.17 29.73 7.57
C GLN A 1002 -26.45 28.42 7.89
N ALA A 1003 -26.61 27.91 9.11
CA ALA A 1003 -25.93 26.66 9.51
C ALA A 1003 -26.59 25.45 8.85
N ALA A 1004 -25.79 24.45 8.48
CA ALA A 1004 -26.33 23.21 7.86
C ALA A 1004 -25.51 22.02 8.37
N PRO A 1005 -26.01 20.76 8.30
CA PRO A 1005 -25.20 19.62 8.71
C PRO A 1005 -23.87 19.52 7.96
N HIS A 1006 -22.74 19.52 8.70
CA HIS A 1006 -21.37 19.42 8.10
C HIS A 1006 -21.06 20.54 7.10
N GLY A 1007 -21.77 21.66 7.18
CA GLY A 1007 -21.53 22.71 6.16
C GLY A 1007 -22.20 24.03 6.45
N VAL A 1008 -22.12 24.94 5.47
CA VAL A 1008 -22.75 26.29 5.63
C VAL A 1008 -23.50 26.61 4.35
N VAL A 1009 -24.62 27.33 4.46
CA VAL A 1009 -25.33 27.80 3.24
C VAL A 1009 -25.32 29.33 3.27
N PHE A 1010 -24.78 29.95 2.23
CA PHE A 1010 -24.77 31.43 2.16
C PHE A 1010 -25.95 31.93 1.36
N LEU A 1011 -26.62 32.96 1.88
CA LEU A 1011 -27.74 33.61 1.12
C LEU A 1011 -27.18 34.92 0.57
N HIS A 1012 -26.83 34.94 -0.72
CA HIS A 1012 -26.20 36.15 -1.32
C HIS A 1012 -27.29 37.08 -1.85
N VAL A 1013 -27.33 38.31 -1.30
CA VAL A 1013 -28.31 39.32 -1.80
C VAL A 1013 -27.60 40.15 -2.88
N THR A 1014 -28.12 40.11 -4.11
CA THR A 1014 -27.44 40.81 -5.23
C THR A 1014 -28.37 41.74 -5.96
N TYR A 1015 -27.82 42.79 -6.57
CA TYR A 1015 -28.61 43.73 -7.40
C TYR A 1015 -28.39 43.32 -8.84
N ILE A 1016 -29.49 43.10 -9.57
CA ILE A 1016 -29.38 42.73 -11.01
C ILE A 1016 -30.21 43.71 -11.85
N PRO A 1017 -29.61 44.41 -12.84
CA PRO A 1017 -30.37 45.27 -13.74
C PRO A 1017 -31.42 44.42 -14.45
N SER A 1018 -32.65 44.93 -14.58
CA SER A 1018 -33.75 44.08 -15.12
C SER A 1018 -34.35 44.60 -16.44
N GLN A 1019 -34.47 45.93 -16.59
CA GLN A 1019 -35.11 46.47 -17.82
C GLN A 1019 -34.12 47.47 -18.42
N GLU A 1020 -34.05 47.56 -19.75
CA GLU A 1020 -33.01 48.43 -20.37
C GLU A 1020 -33.59 49.23 -21.54
N ARG A 1021 -32.98 50.38 -21.83
CA ARG A 1021 -33.42 51.21 -22.98
C ARG A 1021 -32.19 51.68 -23.76
N ASN A 1022 -32.29 51.67 -25.09
CA ASN A 1022 -31.13 52.08 -25.94
C ASN A 1022 -31.12 53.60 -26.06
N PHE A 1023 -29.94 54.23 -25.91
CA PHE A 1023 -29.82 55.70 -26.05
C PHE A 1023 -28.66 56.03 -26.96
N THR A 1024 -28.73 57.21 -27.61
CA THR A 1024 -27.57 57.65 -28.41
C THR A 1024 -26.59 58.21 -27.43
N THR A 1025 -25.29 58.01 -27.66
CA THR A 1025 -24.29 58.45 -26.67
C THR A 1025 -23.14 59.14 -27.36
N ALA A 1026 -22.27 59.79 -26.59
CA ALA A 1026 -21.06 60.44 -27.15
C ALA A 1026 -19.96 60.36 -26.10
N PRO A 1027 -18.66 60.32 -26.47
CA PRO A 1027 -17.60 60.32 -25.48
C PRO A 1027 -17.52 61.64 -24.73
N ALA A 1028 -17.77 62.75 -25.44
CA ALA A 1028 -17.63 64.08 -24.79
C ALA A 1028 -18.65 65.06 -25.36
N ILE A 1029 -18.88 66.15 -24.64
CA ILE A 1029 -19.79 67.21 -25.15
C ILE A 1029 -18.91 68.43 -25.49
N CYS A 1030 -19.16 69.05 -26.64
CA CYS A 1030 -18.30 70.19 -27.05
C CYS A 1030 -19.03 71.52 -26.77
N HIS A 1031 -18.45 72.35 -25.90
CA HIS A 1031 -19.02 73.68 -25.63
C HIS A 1031 -17.96 74.70 -26.04
N GLU A 1032 -18.30 75.66 -26.91
CA GLU A 1032 -17.27 76.58 -27.44
C GLU A 1032 -16.20 75.71 -28.12
N GLY A 1033 -14.96 75.75 -27.63
CA GLY A 1033 -13.90 74.88 -28.18
C GLY A 1033 -13.37 73.97 -27.10
N LYS A 1034 -14.13 73.76 -26.03
CA LYS A 1034 -13.64 72.96 -24.88
C LYS A 1034 -14.35 71.60 -24.85
N ALA A 1035 -13.58 70.53 -24.65
CA ALA A 1035 -14.18 69.17 -24.54
C ALA A 1035 -14.65 68.95 -23.10
N HIS A 1036 -15.94 68.62 -22.92
CA HIS A 1036 -16.49 68.34 -21.57
C HIS A 1036 -16.70 66.83 -21.42
N PHE A 1037 -16.16 66.24 -20.35
CA PHE A 1037 -16.34 64.79 -20.10
C PHE A 1037 -17.22 64.60 -18.87
N PRO A 1038 -18.00 63.50 -18.77
CA PRO A 1038 -18.79 63.28 -17.56
C PRO A 1038 -17.90 62.89 -16.39
N ARG A 1039 -18.10 63.55 -15.24
CA ARG A 1039 -17.33 63.17 -14.04
C ARG A 1039 -17.73 61.72 -13.70
N GLU A 1040 -19.04 61.45 -13.64
CA GLU A 1040 -19.53 60.07 -13.42
C GLU A 1040 -20.68 59.81 -14.39
N GLY A 1041 -20.95 58.54 -14.69
CA GLY A 1041 -22.07 58.21 -15.60
C GLY A 1041 -21.70 58.35 -17.06
N VAL A 1042 -22.67 58.64 -17.92
CA VAL A 1042 -22.40 58.70 -19.39
C VAL A 1042 -23.35 59.72 -20.05
N PHE A 1043 -22.90 60.34 -21.14
CA PHE A 1043 -23.81 61.26 -21.88
C PHE A 1043 -24.81 60.44 -22.67
N VAL A 1044 -26.09 60.77 -22.54
CA VAL A 1044 -27.15 60.03 -23.29
C VAL A 1044 -28.08 61.07 -23.93
N SER A 1045 -28.61 60.76 -25.11
CA SER A 1045 -29.60 61.68 -25.74
C SER A 1045 -30.96 60.96 -25.82
N ASN A 1046 -32.02 61.60 -25.30
CA ASN A 1046 -33.38 61.00 -25.35
C ASN A 1046 -33.89 61.05 -26.80
N GLY A 1047 -33.32 61.95 -27.60
CA GLY A 1047 -33.74 62.10 -29.01
C GLY A 1047 -33.52 63.53 -29.48
N THR A 1048 -33.71 64.50 -28.58
CA THR A 1048 -33.49 65.92 -28.93
C THR A 1048 -32.61 66.57 -27.88
N HIS A 1049 -32.68 66.09 -26.64
CA HIS A 1049 -31.91 66.74 -25.54
C HIS A 1049 -30.85 65.78 -24.99
N TRP A 1050 -29.69 66.32 -24.60
CA TRP A 1050 -28.61 65.49 -24.02
C TRP A 1050 -28.67 65.56 -22.50
N PHE A 1051 -28.38 64.43 -21.83
CA PHE A 1051 -28.36 64.44 -20.34
C PHE A 1051 -27.28 63.50 -19.83
N ILE A 1052 -26.92 63.63 -18.56
CA ILE A 1052 -25.95 62.68 -17.95
C ILE A 1052 -26.76 61.68 -17.10
N THR A 1053 -26.36 60.40 -17.12
CA THR A 1053 -27.02 59.40 -16.27
C THR A 1053 -25.97 58.48 -15.71
N GLN A 1054 -26.25 57.88 -14.54
CA GLN A 1054 -25.31 56.87 -13.98
C GLN A 1054 -25.37 55.63 -14.87
N ARG A 1055 -24.34 54.79 -14.87
CA ARG A 1055 -24.29 53.64 -15.81
C ARG A 1055 -25.31 52.54 -15.48
N ASN A 1056 -25.58 52.27 -14.20
CA ASN A 1056 -26.43 51.09 -13.85
C ASN A 1056 -27.91 51.46 -13.74
N PHE A 1057 -28.25 52.74 -13.67
CA PHE A 1057 -29.68 53.09 -13.46
C PHE A 1057 -29.99 54.35 -14.24
N TYR A 1058 -31.10 54.36 -15.00
CA TYR A 1058 -31.39 55.54 -15.86
C TYR A 1058 -32.00 56.67 -15.04
N GLU A 1059 -31.20 57.70 -14.77
CA GLU A 1059 -31.70 58.90 -14.05
C GLU A 1059 -31.15 60.12 -14.79
N PRO A 1060 -31.85 60.64 -15.84
CA PRO A 1060 -31.30 61.72 -16.64
C PRO A 1060 -31.18 63.01 -15.86
N GLN A 1061 -29.96 63.58 -15.85
CA GLN A 1061 -29.71 64.86 -15.14
C GLN A 1061 -29.18 65.89 -16.15
N ILE A 1062 -29.61 67.14 -16.06
CA ILE A 1062 -29.19 68.17 -17.06
C ILE A 1062 -27.66 68.35 -16.97
N ILE A 1063 -26.98 68.41 -18.12
CA ILE A 1063 -25.50 68.54 -18.16
C ILE A 1063 -25.11 69.93 -17.62
N THR A 1064 -24.38 69.97 -16.51
CA THR A 1064 -23.95 71.27 -15.92
C THR A 1064 -22.45 71.30 -15.79
N THR A 1065 -21.89 72.45 -15.39
CA THR A 1065 -20.45 72.51 -15.13
C THR A 1065 -20.20 71.96 -13.76
N ASP A 1066 -21.14 71.19 -13.19
CA ASP A 1066 -20.93 70.54 -11.87
C ASP A 1066 -20.84 69.03 -12.07
N ASN A 1067 -21.44 68.51 -13.14
CA ASN A 1067 -21.43 67.03 -13.41
C ASN A 1067 -20.49 66.70 -14.59
N THR A 1068 -19.70 67.68 -15.07
CA THR A 1068 -18.73 67.45 -16.18
C THR A 1068 -17.39 68.07 -15.84
N PHE A 1069 -16.31 67.59 -16.47
CA PHE A 1069 -14.99 68.25 -16.28
C PHE A 1069 -14.46 68.61 -17.67
N VAL A 1070 -13.62 69.64 -17.74
CA VAL A 1070 -13.11 70.10 -19.05
C VAL A 1070 -11.66 69.62 -19.23
N SER A 1071 -11.37 68.96 -20.37
CA SER A 1071 -9.98 68.55 -20.66
C SER A 1071 -9.73 68.69 -22.16
N GLY A 1072 -8.74 69.52 -22.55
CA GLY A 1072 -8.38 69.65 -23.97
C GLY A 1072 -9.41 70.41 -24.79
N THR A 1073 -9.40 70.20 -26.11
CA THR A 1073 -10.32 70.92 -27.02
C THR A 1073 -11.17 69.95 -27.81
N CYS A 1074 -12.23 70.44 -28.44
CA CYS A 1074 -13.16 69.56 -29.19
C CYS A 1074 -12.49 68.94 -30.43
N ASP A 1075 -11.29 69.40 -30.80
CA ASP A 1075 -10.64 68.92 -32.06
C ASP A 1075 -9.95 67.57 -31.88
N VAL A 1076 -9.75 67.11 -30.63
CA VAL A 1076 -8.98 65.86 -30.40
C VAL A 1076 -9.91 64.66 -30.18
N VAL A 1077 -11.06 64.86 -29.55
CA VAL A 1077 -11.96 63.70 -29.20
C VAL A 1077 -12.76 63.23 -30.42
N ILE A 1078 -12.62 61.96 -30.79
CA ILE A 1078 -13.40 61.40 -31.94
C ILE A 1078 -14.84 61.12 -31.47
N GLY A 1079 -15.83 61.69 -32.16
CA GLY A 1079 -17.24 61.41 -31.82
C GLY A 1079 -17.82 62.44 -30.85
N ILE A 1080 -17.07 63.51 -30.58
CA ILE A 1080 -17.58 64.58 -29.67
C ILE A 1080 -18.82 65.24 -30.31
N VAL A 1081 -19.78 65.67 -29.49
CA VAL A 1081 -21.01 66.32 -30.03
C VAL A 1081 -21.17 67.69 -29.36
N ASN A 1082 -21.71 68.67 -30.09
CA ASN A 1082 -21.86 70.06 -29.54
C ASN A 1082 -23.18 70.17 -28.78
N ASN A 1083 -23.14 70.75 -27.57
CA ASN A 1083 -24.36 70.91 -26.74
C ASN A 1083 -24.11 72.06 -25.76
N THR A 1084 -25.04 72.32 -24.83
CA THR A 1084 -24.88 73.46 -23.92
C THR A 1084 -24.65 72.95 -22.51
N VAL A 1085 -23.51 73.33 -21.91
CA VAL A 1085 -23.22 72.96 -20.49
C VAL A 1085 -23.46 74.22 -19.64
N TYR A 1086 -24.56 74.28 -18.90
CA TYR A 1086 -24.89 75.54 -18.15
C TYR A 1086 -24.24 75.51 -16.76
N ASP A 1087 -24.53 76.52 -15.94
CA ASP A 1087 -23.88 76.62 -14.60
C ASP A 1087 -24.97 76.62 -13.52
N CYS B 1 54.23 -34.99 -31.13
CA CYS B 1 54.00 -33.59 -30.68
C CYS B 1 54.99 -32.65 -31.38
N VAL B 2 54.79 -31.34 -31.27
CA VAL B 2 55.67 -30.36 -31.96
C VAL B 2 56.47 -29.56 -30.92
N ASN B 3 57.80 -29.54 -31.03
CA ASN B 3 58.64 -28.74 -30.10
C ASN B 3 58.75 -27.32 -30.67
N ILE B 4 58.10 -26.35 -30.02
CA ILE B 4 58.11 -24.95 -30.52
C ILE B 4 59.13 -24.14 -29.70
N THR B 5 60.09 -23.50 -30.38
CA THR B 5 61.14 -22.72 -29.68
C THR B 5 60.88 -21.24 -29.89
N TYR B 6 59.92 -20.89 -30.75
CA TYR B 6 59.62 -19.47 -31.05
C TYR B 6 59.22 -18.77 -29.74
N GLY B 7 59.66 -17.53 -29.57
CA GLY B 7 59.36 -16.77 -28.35
C GLY B 7 57.92 -16.28 -28.32
N SER B 8 57.53 -15.56 -27.27
CA SER B 8 56.13 -15.10 -27.15
C SER B 8 56.09 -13.56 -27.10
N HIS B 9 55.16 -12.96 -27.85
CA HIS B 9 55.00 -11.47 -27.82
C HIS B 9 53.57 -11.13 -27.42
N HIS B 10 53.42 -10.32 -26.37
CA HIS B 10 52.06 -9.90 -25.91
C HIS B 10 52.09 -8.42 -25.50
N LEU B 11 50.93 -7.78 -25.53
CA LEU B 11 50.84 -6.35 -25.12
C LEU B 11 49.49 -6.12 -24.43
N TYR B 12 49.29 -4.95 -23.83
CA TYR B 12 48.02 -4.65 -23.10
C TYR B 12 47.21 -3.64 -23.91
N VAL B 13 45.93 -3.95 -24.15
CA VAL B 13 45.04 -3.04 -24.93
C VAL B 13 43.76 -2.77 -24.11
N SER B 14 42.93 -1.84 -24.59
CA SER B 14 41.66 -1.53 -23.89
C SER B 14 40.54 -2.45 -24.38
N SER B 15 39.62 -2.85 -23.49
CA SER B 15 38.49 -3.73 -23.87
C SER B 15 37.40 -2.92 -24.59
N ARG B 16 37.42 -1.59 -24.44
CA ARG B 16 36.38 -0.73 -25.05
C ARG B 16 35.00 -1.20 -24.56
N THR B 17 33.99 -1.22 -25.45
CA THR B 17 32.63 -1.67 -25.08
C THR B 17 32.40 -3.08 -25.59
N ARG B 18 33.47 -3.89 -25.65
CA ARG B 18 33.35 -5.28 -26.19
C ARG B 18 32.96 -6.26 -25.06
N GLY B 19 32.50 -7.46 -25.44
CA GLY B 19 32.17 -8.49 -24.44
C GLY B 19 30.74 -8.44 -23.95
N VAL B 20 29.89 -7.63 -24.59
CA VAL B 20 28.44 -7.61 -24.22
C VAL B 20 27.78 -8.87 -24.80
N TYR B 21 27.01 -9.59 -23.98
CA TYR B 21 26.31 -10.82 -24.43
C TYR B 21 24.89 -10.77 -23.89
N TYR B 22 23.98 -11.56 -24.46
CA TYR B 22 22.59 -11.62 -23.95
C TYR B 22 22.62 -12.24 -22.56
N PRO B 23 22.21 -11.53 -21.49
CA PRO B 23 22.33 -12.05 -20.13
C PRO B 23 21.31 -13.13 -19.79
N ASP B 24 20.23 -13.24 -20.58
CA ASP B 24 19.16 -14.22 -20.26
C ASP B 24 18.60 -14.84 -21.55
N ASP B 25 17.66 -15.79 -21.40
CA ASP B 25 17.01 -16.43 -22.57
C ASP B 25 15.58 -15.90 -22.67
N ALA B 26 15.25 -14.89 -21.86
CA ALA B 26 13.89 -14.29 -21.87
C ALA B 26 13.79 -13.20 -22.93
N PHE B 27 12.71 -13.21 -23.71
CA PHE B 27 12.56 -12.21 -24.80
C PHE B 27 12.28 -10.84 -24.19
N ARG B 28 13.13 -9.86 -24.51
CA ARG B 28 12.93 -8.47 -24.01
C ARG B 28 12.89 -7.52 -25.22
N SER B 29 11.83 -6.72 -25.35
CA SER B 29 11.70 -5.84 -26.54
C SER B 29 11.46 -4.39 -26.12
N SER B 30 12.11 -3.43 -26.78
CA SER B 30 11.90 -1.98 -26.48
C SER B 30 11.92 -1.74 -24.97
N THR B 31 13.02 -2.09 -24.30
CA THR B 31 13.11 -1.92 -22.83
C THR B 31 14.56 -1.78 -22.41
N ASN B 32 14.82 -0.96 -21.40
CA ASN B 32 16.21 -0.85 -20.84
C ASN B 32 16.30 -1.79 -19.65
N VAL B 33 17.06 -2.87 -19.75
CA VAL B 33 17.07 -3.89 -18.66
C VAL B 33 18.39 -3.80 -17.86
N LEU B 34 18.28 -3.76 -16.53
CA LEU B 34 19.49 -3.75 -15.66
C LEU B 34 19.89 -5.19 -15.36
N HIS B 35 21.19 -5.49 -15.30
CA HIS B 35 21.62 -6.90 -15.06
C HIS B 35 22.85 -6.98 -14.16
N GLU B 36 22.76 -7.71 -13.04
CA GLU B 36 23.94 -7.89 -12.17
C GLU B 36 24.51 -9.29 -12.45
N GLY B 37 25.78 -9.35 -12.89
CA GLY B 37 26.40 -10.65 -13.23
C GLY B 37 27.86 -10.50 -13.58
N PHE B 38 28.39 -11.48 -14.30
CA PHE B 38 29.83 -11.44 -14.69
C PHE B 38 29.95 -10.93 -16.11
N PHE B 39 30.55 -9.74 -16.25
CA PHE B 39 30.70 -9.11 -17.59
C PHE B 39 32.13 -8.61 -17.75
N LEU B 40 32.53 -8.33 -18.99
CA LEU B 40 33.87 -7.71 -19.20
C LEU B 40 33.71 -6.22 -18.89
N PRO B 41 34.39 -5.64 -17.88
CA PRO B 41 34.25 -4.22 -17.60
C PRO B 41 34.66 -3.37 -18.80
N PHE B 42 33.92 -2.28 -19.03
CA PHE B 42 34.22 -1.40 -20.19
C PHE B 42 35.56 -0.69 -19.95
N ASP B 43 36.31 -0.43 -21.03
CA ASP B 43 37.63 0.29 -20.95
C ASP B 43 38.61 -0.46 -20.03
N SER B 44 38.45 -1.77 -19.89
CA SER B 44 39.33 -2.57 -18.99
C SER B 44 40.66 -2.94 -19.67
N ASN B 45 41.64 -3.37 -18.87
CA ASN B 45 43.00 -3.72 -19.39
C ASN B 45 43.00 -5.20 -19.81
N VAL B 46 43.02 -5.48 -21.11
CA VAL B 46 42.94 -6.89 -21.59
C VAL B 46 44.27 -7.30 -22.25
N THR B 47 44.55 -8.60 -22.34
CA THR B 47 45.86 -9.04 -22.88
C THR B 47 45.74 -9.38 -24.36
N TRP B 48 46.56 -8.73 -25.20
CA TRP B 48 46.54 -8.95 -26.66
C TRP B 48 47.75 -9.76 -27.07
N TYR B 49 47.53 -10.93 -27.67
CA TYR B 49 48.67 -11.77 -28.13
C TYR B 49 48.81 -11.72 -29.64
N SER B 50 50.04 -11.59 -30.12
CA SER B 50 50.27 -11.52 -31.59
C SER B 50 51.25 -12.62 -32.03
N PHE B 51 50.98 -13.23 -33.17
CA PHE B 51 51.86 -14.31 -33.68
C PHE B 51 52.35 -13.97 -35.07
N TRP B 52 53.62 -14.28 -35.36
CA TRP B 52 54.14 -14.10 -36.74
C TRP B 52 55.19 -15.17 -36.98
N ASN B 53 55.80 -15.23 -38.17
CA ASN B 53 56.74 -16.34 -38.52
C ASN B 53 57.75 -16.59 -37.39
N GLN B 54 58.05 -15.60 -36.55
CA GLN B 54 59.10 -15.79 -35.52
C GLN B 54 58.53 -15.76 -34.10
N LYS B 55 57.20 -15.59 -33.95
CA LYS B 55 56.63 -15.44 -32.57
C LYS B 55 55.44 -16.38 -32.37
N TYR B 56 55.53 -17.28 -31.40
CA TYR B 56 54.37 -18.15 -31.04
C TYR B 56 53.97 -17.79 -29.62
N SER B 57 52.81 -17.20 -29.42
CA SER B 57 52.39 -16.69 -28.09
C SER B 57 51.18 -17.41 -27.51
N VAL B 58 51.37 -18.61 -26.94
CA VAL B 58 50.24 -19.30 -26.25
C VAL B 58 50.69 -19.66 -24.82
N ALA B 59 49.91 -19.26 -23.81
CA ALA B 59 50.25 -19.61 -22.41
C ALA B 59 48.97 -20.07 -21.70
N THR B 60 49.11 -20.78 -20.58
CA THR B 60 47.93 -21.18 -19.81
C THR B 60 47.40 -19.97 -19.07
N SER B 61 46.11 -19.69 -19.21
CA SER B 61 45.50 -18.50 -18.57
C SER B 61 44.46 -18.94 -17.54
N PRO B 62 44.26 -18.19 -16.44
CA PRO B 62 43.22 -18.54 -15.48
C PRO B 62 41.86 -18.32 -16.09
N PHE B 63 40.89 -19.14 -15.68
CA PHE B 63 39.50 -18.99 -16.20
C PHE B 63 38.77 -18.00 -15.31
N GLY B 64 38.95 -18.12 -13.99
CA GLY B 64 38.28 -17.23 -13.03
C GLY B 64 36.76 -17.35 -13.10
N ASP B 65 36.07 -16.21 -13.10
CA ASP B 65 34.58 -16.20 -13.11
C ASP B 65 34.07 -16.18 -14.55
N GLY B 66 34.93 -16.51 -15.53
CA GLY B 66 34.53 -16.45 -16.95
C GLY B 66 35.55 -15.73 -17.81
N VAL B 67 35.53 -15.98 -19.12
CA VAL B 67 36.58 -15.41 -20.00
C VAL B 67 36.00 -14.76 -21.25
N TYR B 68 36.45 -13.55 -21.58
CA TYR B 68 36.10 -12.93 -22.89
C TYR B 68 37.28 -13.30 -23.79
N PHE B 69 37.00 -13.92 -24.95
CA PHE B 69 38.08 -14.30 -25.89
C PHE B 69 37.76 -13.76 -27.27
N SER B 70 38.73 -13.10 -27.92
CA SER B 70 38.49 -12.67 -29.31
C SER B 70 39.68 -13.03 -30.20
N THR B 71 39.41 -13.33 -31.48
CA THR B 71 40.52 -13.62 -32.43
C THR B 71 40.40 -12.65 -33.59
N ILE B 72 41.50 -11.95 -33.90
CA ILE B 72 41.51 -11.04 -35.07
C ILE B 72 42.49 -11.62 -36.09
N ASP B 73 41.98 -12.38 -37.07
CA ASP B 73 42.89 -13.05 -38.03
C ASP B 73 42.28 -13.04 -39.44
N LYS B 74 42.94 -13.71 -40.37
CA LYS B 74 42.45 -13.79 -41.76
C LYS B 74 42.60 -15.23 -42.26
N SER B 75 43.24 -16.10 -41.47
CA SER B 75 43.54 -17.47 -41.96
C SER B 75 43.08 -18.57 -40.99
N ASN B 76 42.07 -18.32 -40.16
CA ASN B 76 41.53 -19.36 -39.23
C ASN B 76 42.65 -20.02 -38.44
N VAL B 77 43.54 -19.24 -37.82
CA VAL B 77 44.70 -19.80 -37.06
C VAL B 77 44.23 -20.41 -35.73
N VAL B 78 43.33 -19.71 -35.02
CA VAL B 78 42.78 -20.25 -33.74
C VAL B 78 41.80 -21.37 -34.10
N ARG B 79 42.06 -22.59 -33.63
CA ARG B 79 41.20 -23.75 -33.98
C ARG B 79 40.26 -24.06 -32.81
N GLY B 80 40.67 -23.67 -31.59
CA GLY B 80 39.83 -23.93 -30.41
C GLY B 80 40.58 -23.77 -29.11
N TRP B 81 40.14 -24.45 -28.06
CA TRP B 81 40.77 -24.24 -26.73
C TRP B 81 40.73 -25.49 -25.87
N VAL B 82 41.58 -25.53 -24.83
CA VAL B 82 41.53 -26.64 -23.84
C VAL B 82 41.09 -26.00 -22.53
N PHE B 83 40.07 -26.56 -21.86
CA PHE B 83 39.62 -26.04 -20.55
C PHE B 83 39.78 -27.13 -19.50
N GLY B 84 40.16 -26.73 -18.28
CA GLY B 84 40.30 -27.71 -17.19
C GLY B 84 40.90 -27.12 -15.93
N THR B 85 41.56 -27.96 -15.13
CA THR B 85 42.21 -27.50 -13.88
C THR B 85 43.71 -27.62 -14.05
N THR B 86 44.21 -28.86 -14.05
CA THR B 86 45.67 -29.11 -14.17
C THR B 86 46.05 -29.19 -15.64
N LEU B 87 45.08 -29.45 -16.53
CA LEU B 87 45.34 -29.58 -18.00
C LEU B 87 46.35 -30.74 -18.21
N ASP B 88 46.24 -31.79 -17.40
CA ASP B 88 47.18 -32.95 -17.49
C ASP B 88 46.40 -34.26 -17.35
N ASN B 89 47.09 -35.38 -17.04
CA ASN B 89 46.41 -36.71 -17.01
C ASN B 89 46.00 -37.12 -15.60
N ASP B 90 45.91 -36.18 -14.65
CA ASP B 90 45.40 -36.57 -13.30
C ASP B 90 43.95 -36.08 -13.18
N THR B 91 43.44 -35.42 -14.22
CA THR B 91 42.06 -34.89 -14.20
C THR B 91 41.49 -34.91 -15.60
N GLN B 92 40.18 -34.72 -15.74
CA GLN B 92 39.57 -34.64 -17.09
C GLN B 92 39.70 -33.19 -17.61
N SER B 93 39.81 -33.04 -18.93
CA SER B 93 39.87 -31.67 -19.52
C SER B 93 38.88 -31.58 -20.68
N VAL B 94 38.46 -30.35 -21.02
CA VAL B 94 37.52 -30.15 -22.15
C VAL B 94 38.32 -29.73 -23.38
N LEU B 95 38.23 -30.49 -24.47
CA LEU B 95 38.90 -30.09 -25.73
C LEU B 95 37.83 -29.61 -26.71
N LEU B 96 37.79 -28.30 -26.98
CA LEU B 96 36.80 -27.73 -27.94
C LEU B 96 37.58 -27.22 -29.15
N TYR B 97 37.37 -27.81 -30.33
CA TYR B 97 38.21 -27.42 -31.50
C TYR B 97 37.49 -27.64 -32.82
N ASN B 98 38.02 -27.02 -33.89
CA ASN B 98 37.46 -27.25 -35.24
C ASN B 98 38.41 -28.23 -35.95
N ASP B 99 37.90 -29.39 -36.39
CA ASP B 99 38.76 -30.44 -37.03
C ASP B 99 39.01 -30.10 -38.51
N GLY B 100 38.39 -29.04 -39.02
CA GLY B 100 38.51 -28.70 -40.46
C GLY B 100 37.13 -28.63 -41.10
N THR B 101 36.19 -29.47 -40.66
CA THR B 101 34.83 -29.49 -41.25
C THR B 101 33.79 -29.34 -40.15
N HIS B 102 34.13 -29.74 -38.92
CA HIS B 102 33.13 -29.73 -37.83
C HIS B 102 33.74 -29.19 -36.53
N VAL B 103 32.91 -28.53 -35.72
CA VAL B 103 33.39 -28.10 -34.37
C VAL B 103 33.12 -29.29 -33.45
N ARG B 104 34.15 -29.80 -32.78
CA ARG B 104 33.95 -31.01 -31.95
C ARG B 104 34.28 -30.71 -30.49
N VAL B 105 33.63 -31.41 -29.56
CA VAL B 105 33.97 -31.25 -28.13
C VAL B 105 34.31 -32.64 -27.57
N GLU B 106 35.44 -32.76 -26.86
CA GLU B 106 35.82 -34.05 -26.24
C GLU B 106 36.10 -33.79 -24.76
N VAL B 107 35.50 -34.58 -23.88
CA VAL B 107 35.79 -34.45 -22.42
C VAL B 107 36.44 -35.78 -21.98
N CYS B 108 37.77 -35.79 -21.84
CA CYS B 108 38.49 -37.04 -21.48
C CYS B 108 39.69 -36.71 -20.60
N THR B 109 40.39 -37.74 -20.11
CA THR B 109 41.64 -37.51 -19.35
C THR B 109 42.76 -37.49 -20.37
N PHE B 110 43.02 -36.32 -20.97
CA PHE B 110 44.03 -36.25 -22.06
C PHE B 110 45.41 -35.90 -21.54
N HIS B 111 46.44 -36.62 -21.99
CA HIS B 111 47.83 -36.23 -21.64
C HIS B 111 48.30 -35.31 -22.77
N PHE B 112 47.96 -34.02 -22.68
CA PHE B 112 48.27 -33.08 -23.79
C PHE B 112 49.77 -32.90 -24.00
N CYS B 113 50.16 -32.59 -25.24
CA CYS B 113 51.59 -32.33 -25.53
C CYS B 113 52.02 -31.04 -24.81
N PRO B 114 53.32 -30.82 -24.51
CA PRO B 114 53.73 -29.56 -23.89
C PRO B 114 53.11 -28.36 -24.59
N THR B 115 53.12 -28.35 -25.92
CA THR B 115 52.49 -27.25 -26.69
C THR B 115 51.53 -27.84 -27.69
N PRO B 116 50.25 -28.09 -27.32
CA PRO B 116 49.31 -28.73 -28.23
C PRO B 116 49.03 -27.81 -29.41
N VAL B 117 49.24 -28.31 -30.64
CA VAL B 117 49.06 -27.45 -31.85
C VAL B 117 48.68 -28.31 -33.04
N PHE B 118 48.18 -27.69 -34.11
CA PHE B 118 47.86 -28.44 -35.36
C PHE B 118 48.97 -28.15 -36.36
N SER B 119 49.59 -29.18 -36.95
CA SER B 119 50.61 -28.95 -38.00
C SER B 119 49.95 -28.98 -39.38
N ALA B 120 49.50 -27.81 -39.87
CA ALA B 120 48.85 -27.73 -41.20
C ALA B 120 47.75 -28.78 -41.30
N SER B 121 46.68 -28.66 -40.49
CA SER B 121 45.52 -29.59 -40.52
C SER B 121 45.84 -30.90 -39.77
N SER B 122 47.11 -31.17 -39.48
CA SER B 122 47.50 -32.41 -38.78
C SER B 122 47.49 -32.17 -37.27
N PRO B 123 46.70 -32.94 -36.49
CA PRO B 123 46.57 -32.69 -35.06
C PRO B 123 47.69 -33.24 -34.17
N HIS B 124 48.20 -32.41 -33.26
CA HIS B 124 49.23 -32.86 -32.28
C HIS B 124 48.85 -32.26 -30.93
N LEU B 125 47.66 -32.62 -30.43
CA LEU B 125 47.17 -31.99 -29.17
C LEU B 125 47.57 -32.82 -27.95
N TYR B 126 47.17 -34.10 -27.92
CA TYR B 126 47.44 -34.94 -26.72
C TYR B 126 48.09 -36.26 -27.13
N SER B 127 48.97 -36.79 -26.28
CA SER B 127 49.63 -38.09 -26.56
C SER B 127 48.60 -39.22 -26.42
N SER B 128 47.73 -39.15 -25.40
CA SER B 128 46.73 -40.23 -25.17
C SER B 128 45.47 -39.63 -24.53
N ALA B 129 44.32 -40.29 -24.69
CA ALA B 129 43.07 -39.82 -24.04
C ALA B 129 42.30 -41.02 -23.52
N PHE B 130 41.79 -40.92 -22.29
CA PHE B 130 41.01 -42.04 -21.70
C PHE B 130 39.86 -41.46 -20.90
N ASN B 131 39.04 -42.32 -20.28
CA ASN B 131 37.93 -41.86 -19.39
C ASN B 131 37.10 -40.77 -20.09
N CYS B 132 36.76 -40.98 -21.36
CA CYS B 132 35.96 -39.99 -22.10
C CYS B 132 34.49 -40.06 -21.66
N THR B 133 33.94 -38.94 -21.20
CA THR B 133 32.54 -38.90 -20.74
C THR B 133 31.70 -38.15 -21.77
N LEU B 134 32.36 -37.42 -22.66
CA LEU B 134 31.63 -36.63 -23.70
C LEU B 134 32.47 -36.57 -24.98
N ASN B 135 31.87 -36.91 -26.13
CA ASN B 135 32.58 -36.81 -27.42
C ASN B 135 31.51 -36.66 -28.51
N TYR B 136 31.35 -35.45 -29.04
CA TYR B 136 30.30 -35.24 -30.07
C TYR B 136 30.58 -33.99 -30.90
N THR B 137 29.86 -33.86 -32.02
CA THR B 137 30.03 -32.69 -32.90
C THR B 137 29.00 -31.63 -32.51
N LEU B 138 29.46 -30.39 -32.33
CA LEU B 138 28.55 -29.29 -31.94
C LEU B 138 27.93 -28.64 -33.19
N ALA B 139 28.72 -28.47 -34.26
CA ALA B 139 28.20 -27.76 -35.45
C ALA B 139 29.04 -28.07 -36.69
N SER B 140 28.44 -27.95 -37.88
CA SER B 140 29.19 -28.17 -39.15
C SER B 140 29.64 -26.82 -39.70
N VAL B 141 30.92 -26.48 -39.53
CA VAL B 141 31.44 -25.15 -39.99
C VAL B 141 32.76 -25.36 -40.74
N ARG B 142 32.78 -25.08 -42.04
CA ARG B 142 34.00 -25.30 -42.84
C ARG B 142 35.02 -24.19 -42.52
N ALA B 143 36.13 -24.54 -41.86
CA ALA B 143 37.21 -23.55 -41.60
C ALA B 143 38.49 -24.06 -42.25
N ASP B 144 38.97 -23.38 -43.29
CA ASP B 144 40.15 -23.89 -44.03
C ASP B 144 41.44 -23.65 -43.24
N PHE B 145 42.53 -24.31 -43.66
CA PHE B 145 43.84 -24.10 -43.00
C PHE B 145 44.77 -23.43 -44.00
N THR B 146 44.21 -22.67 -44.93
CA THR B 146 45.02 -22.01 -45.98
C THR B 146 45.58 -20.70 -45.46
N GLU B 147 46.65 -20.20 -46.07
CA GLU B 147 47.27 -18.92 -45.64
C GLU B 147 46.80 -17.79 -46.57
N VAL B 148 46.05 -16.82 -46.02
CA VAL B 148 45.53 -15.69 -46.83
C VAL B 148 46.48 -14.49 -46.66
N ASP B 149 46.89 -13.88 -47.78
CA ASP B 149 47.81 -12.71 -47.70
C ASP B 149 46.99 -11.43 -47.51
N GLY B 150 47.59 -10.40 -46.91
CA GLY B 150 46.90 -9.12 -46.76
C GLY B 150 46.54 -8.79 -45.32
N SER B 151 45.61 -7.85 -45.13
CA SER B 151 45.24 -7.40 -43.76
C SER B 151 44.22 -8.34 -43.09
N PHE B 152 44.05 -8.21 -41.77
CA PHE B 152 43.00 -8.98 -41.07
C PHE B 152 41.65 -8.40 -41.49
N LYS B 153 40.60 -9.22 -41.57
CA LYS B 153 39.30 -8.71 -42.10
C LYS B 153 38.13 -8.99 -41.16
N THR B 154 38.30 -9.86 -40.17
CA THR B 154 37.15 -10.23 -39.30
C THR B 154 37.58 -10.41 -37.86
N ILE B 155 36.74 -9.98 -36.91
CA ILE B 155 37.03 -10.29 -35.48
C ILE B 155 35.96 -11.30 -35.04
N ARG B 156 36.39 -12.40 -34.40
CA ARG B 156 35.42 -13.40 -33.87
C ARG B 156 35.48 -13.32 -32.34
N GLU B 157 34.35 -13.04 -31.69
CA GLU B 157 34.37 -12.84 -30.22
C GLU B 157 33.66 -13.99 -29.51
N PHE B 158 34.20 -14.41 -28.37
CA PHE B 158 33.59 -15.52 -27.61
C PHE B 158 33.54 -15.16 -26.14
N VAL B 159 32.48 -15.60 -25.46
CA VAL B 159 32.41 -15.42 -23.97
C VAL B 159 32.22 -16.83 -23.41
N PHE B 160 33.12 -17.25 -22.52
CA PHE B 160 33.03 -18.61 -21.93
C PHE B 160 32.65 -18.50 -20.46
N LYS B 161 31.55 -19.16 -20.08
CA LYS B 161 31.07 -19.09 -18.67
C LYS B 161 30.70 -20.50 -18.19
N LEU B 162 30.89 -20.77 -16.89
CA LEU B 162 30.50 -22.09 -16.32
C LEU B 162 29.24 -21.89 -15.48
N GLN B 163 28.21 -22.72 -15.70
CA GLN B 163 26.94 -22.59 -14.93
C GLN B 163 26.30 -23.99 -14.79
N ASP B 164 26.26 -24.53 -13.57
CA ASP B 164 25.60 -25.84 -13.30
C ASP B 164 26.26 -26.97 -14.12
N GLY B 165 27.60 -27.03 -14.12
CA GLY B 165 28.31 -28.13 -14.81
C GLY B 165 28.32 -27.96 -16.32
N SER B 166 27.76 -26.85 -16.82
CA SER B 166 27.68 -26.66 -18.29
C SER B 166 28.55 -25.48 -18.73
N LEU B 167 29.35 -25.68 -19.79
CA LEU B 167 30.14 -24.56 -20.34
C LEU B 167 29.24 -23.81 -21.32
N ASN B 168 28.91 -22.55 -20.99
CA ASN B 168 28.05 -21.72 -21.88
C ASN B 168 28.97 -20.93 -22.81
N VAL B 169 28.70 -21.00 -24.12
CA VAL B 169 29.55 -20.29 -25.09
C VAL B 169 28.69 -19.23 -25.82
N TYR B 170 29.11 -17.96 -25.73
CA TYR B 170 28.41 -16.89 -26.47
C TYR B 170 29.32 -16.50 -27.63
N TYR B 171 28.72 -16.07 -28.74
CA TYR B 171 29.57 -15.79 -29.93
C TYR B 171 29.06 -14.65 -30.77
N ALA B 172 29.99 -13.92 -31.40
CA ALA B 172 29.60 -12.91 -32.41
C ALA B 172 30.75 -12.81 -33.43
N SER B 173 30.41 -12.60 -34.70
CA SER B 173 31.46 -12.37 -35.74
C SER B 173 31.20 -11.00 -36.38
N THR B 174 32.24 -10.16 -36.45
CA THR B 174 32.09 -8.81 -37.05
C THR B 174 33.27 -8.55 -37.96
N SER B 175 33.03 -7.99 -39.14
CA SER B 175 34.13 -7.66 -40.08
C SER B 175 35.01 -6.56 -39.46
N TYR B 176 36.29 -6.84 -39.25
CA TYR B 176 37.23 -5.84 -38.66
C TYR B 176 38.51 -5.81 -39.48
N VAL B 177 38.65 -4.81 -40.35
CA VAL B 177 39.88 -4.68 -41.18
C VAL B 177 40.99 -4.06 -40.33
N LEU B 178 42.09 -4.80 -40.13
CA LEU B 178 43.23 -4.28 -39.33
C LEU B 178 44.54 -4.61 -40.07
N ALA B 179 45.31 -3.58 -40.45
CA ALA B 179 46.59 -3.80 -41.15
C ALA B 179 47.57 -4.50 -40.22
N ILE B 180 48.55 -5.22 -40.78
CA ILE B 180 49.52 -5.99 -39.95
C ILE B 180 50.34 -5.00 -39.10
N GLY B 181 50.65 -3.83 -39.64
CA GLY B 181 51.47 -2.83 -38.90
C GLY B 181 50.62 -1.90 -38.07
N ALA B 182 49.30 -1.90 -38.28
CA ALA B 182 48.40 -0.99 -37.54
C ALA B 182 48.48 -1.27 -36.04
N THR B 183 48.25 -0.24 -35.22
CA THR B 183 48.33 -0.40 -33.75
C THR B 183 47.37 -1.49 -33.31
N SER B 184 47.78 -2.33 -32.34
CA SER B 184 46.89 -3.40 -31.81
C SER B 184 45.70 -2.77 -31.09
N GLN B 185 44.48 -3.05 -31.57
CA GLN B 185 43.31 -2.34 -30.99
C GLN B 185 42.01 -3.11 -31.30
N LEU B 186 41.07 -3.14 -30.36
CA LEU B 186 39.75 -3.79 -30.60
C LEU B 186 38.84 -2.79 -31.32
N PRO B 187 37.79 -3.23 -32.06
CA PRO B 187 36.86 -2.31 -32.70
C PRO B 187 36.01 -1.53 -31.70
N SER B 188 35.49 -0.38 -32.12
CA SER B 188 34.60 0.42 -31.24
C SER B 188 33.14 0.00 -31.44
N GLY B 189 32.27 0.26 -30.45
CA GLY B 189 30.84 -0.04 -30.59
C GLY B 189 30.43 -1.29 -29.83
N VAL B 190 29.13 -1.47 -29.60
CA VAL B 190 28.60 -2.67 -28.88
C VAL B 190 28.22 -3.74 -29.91
N THR B 191 28.74 -4.97 -29.76
CA THR B 191 28.31 -6.09 -30.64
C THR B 191 27.82 -7.17 -29.69
N PRO B 192 26.50 -7.42 -29.54
CA PRO B 192 26.03 -8.40 -28.56
C PRO B 192 26.35 -9.82 -28.98
N LEU B 193 26.93 -10.59 -28.06
CA LEU B 193 27.25 -12.01 -28.36
C LEU B 193 26.02 -12.86 -28.03
N VAL B 194 25.63 -13.73 -28.95
CA VAL B 194 24.41 -14.55 -28.75
C VAL B 194 24.79 -15.91 -28.14
N PRO B 195 23.92 -16.53 -27.33
CA PRO B 195 24.20 -17.85 -26.80
C PRO B 195 24.31 -18.82 -27.97
N LEU B 196 25.43 -19.56 -28.03
CA LEU B 196 25.67 -20.48 -29.18
C LEU B 196 25.57 -21.93 -28.71
N TRP B 197 26.30 -22.29 -27.65
CA TRP B 197 26.31 -23.69 -27.19
C TRP B 197 26.26 -23.78 -25.67
N LYS B 198 25.53 -24.79 -25.16
CA LYS B 198 25.52 -25.06 -23.70
C LYS B 198 26.05 -26.50 -23.61
N ILE B 199 27.31 -26.69 -23.20
CA ILE B 199 27.92 -28.05 -23.23
C ILE B 199 27.96 -28.66 -21.83
N PRO B 200 27.27 -29.80 -21.58
CA PRO B 200 27.23 -30.41 -20.26
C PRO B 200 28.52 -31.16 -19.94
N ILE B 201 29.54 -30.43 -19.49
CA ILE B 201 30.88 -31.07 -19.26
C ILE B 201 30.98 -31.65 -17.83
N GLY B 202 30.29 -31.05 -16.86
CA GLY B 202 30.33 -31.52 -15.45
C GLY B 202 31.73 -31.41 -14.87
N LEU B 203 32.53 -30.45 -15.33
CA LEU B 203 33.94 -30.38 -14.86
C LEU B 203 34.22 -29.04 -14.18
N ASN B 204 35.20 -29.00 -13.28
CA ASN B 204 35.62 -27.74 -12.62
C ASN B 204 36.69 -27.11 -13.52
N ILE B 205 36.49 -25.87 -13.95
CA ILE B 205 37.46 -25.24 -14.90
C ILE B 205 38.11 -24.04 -14.19
N THR B 206 39.44 -24.05 -14.09
CA THR B 206 40.18 -22.96 -13.43
C THR B 206 41.18 -22.40 -14.42
N ASN B 207 41.52 -23.19 -15.43
CA ASN B 207 42.57 -22.76 -16.40
C ASN B 207 42.16 -23.14 -17.82
N PHE B 208 42.70 -22.42 -18.80
CA PHE B 208 42.42 -22.77 -20.22
C PHE B 208 43.65 -22.44 -21.04
N LYS B 209 43.73 -23.04 -22.24
CA LYS B 209 44.88 -22.78 -23.13
C LYS B 209 44.33 -22.71 -24.57
N THR B 210 44.92 -21.83 -25.40
CA THR B 210 44.43 -21.65 -26.79
C THR B 210 45.12 -22.64 -27.71
N LEU B 211 44.38 -23.17 -28.70
CA LEU B 211 44.97 -24.09 -29.70
C LEU B 211 45.10 -23.34 -31.04
N VAL B 212 46.27 -23.40 -31.67
CA VAL B 212 46.49 -22.71 -32.98
C VAL B 212 47.04 -23.71 -33.98
N TYR B 213 47.03 -23.36 -35.27
CA TYR B 213 47.64 -24.25 -36.29
C TYR B 213 48.89 -23.58 -36.85
N LEU B 214 49.96 -24.36 -37.03
CA LEU B 214 51.22 -23.82 -37.61
C LEU B 214 51.24 -24.16 -39.11
N ARG B 215 52.23 -23.63 -39.84
CA ARG B 215 52.37 -23.99 -41.28
C ARG B 215 53.00 -25.39 -41.41
N SER B 216 53.01 -25.96 -42.61
CA SER B 216 53.56 -27.32 -42.81
C SER B 216 54.99 -27.42 -42.26
N ASP B 217 55.71 -26.29 -42.17
CA ASP B 217 57.11 -26.26 -41.66
C ASP B 217 57.10 -25.97 -40.15
N ASN B 218 55.93 -26.02 -39.51
CA ASN B 218 55.79 -25.77 -38.04
C ASN B 218 56.12 -24.31 -37.69
N THR B 219 56.03 -23.39 -38.66
CA THR B 219 56.25 -21.98 -38.32
C THR B 219 54.93 -21.32 -37.99
N PRO B 220 54.88 -20.39 -37.00
CA PRO B 220 53.65 -19.68 -36.67
C PRO B 220 53.16 -18.74 -37.75
N LEU B 221 51.84 -18.62 -37.89
CA LEU B 221 51.23 -17.76 -38.92
C LEU B 221 51.01 -16.35 -38.36
N GLN B 222 50.48 -15.43 -39.18
CA GLN B 222 50.12 -14.08 -38.69
C GLN B 222 48.70 -14.09 -38.13
N ALA B 223 48.56 -13.84 -36.84
CA ALA B 223 47.22 -13.86 -36.19
C ALA B 223 47.30 -13.13 -34.85
N ALA B 224 46.15 -12.75 -34.30
CA ALA B 224 46.16 -12.14 -32.95
C ALA B 224 44.95 -12.63 -32.17
N TYR B 225 45.10 -12.81 -30.86
CA TYR B 225 43.92 -13.17 -30.03
C TYR B 225 43.97 -12.34 -28.75
N VAL B 226 42.81 -12.09 -28.16
CA VAL B 226 42.74 -11.22 -26.95
C VAL B 226 42.07 -11.99 -25.81
N VAL B 227 42.60 -11.86 -24.60
CA VAL B 227 41.99 -12.54 -23.42
C VAL B 227 41.62 -11.49 -22.36
N GLY B 228 40.34 -11.50 -21.95
CA GLY B 228 39.88 -10.62 -20.86
C GLY B 228 39.13 -11.45 -19.84
N HIS B 229 39.06 -10.99 -18.58
CA HIS B 229 38.39 -11.79 -17.52
C HIS B 229 37.09 -11.08 -17.11
N LEU B 230 36.03 -11.87 -16.97
CA LEU B 230 34.72 -11.30 -16.58
C LEU B 230 34.74 -10.94 -15.09
N LYS B 231 34.14 -9.81 -14.72
CA LYS B 231 34.08 -9.40 -13.30
C LYS B 231 32.64 -9.09 -12.91
N ARG B 232 32.34 -9.14 -11.60
CA ARG B 232 30.95 -8.89 -11.13
C ARG B 232 30.61 -7.41 -11.32
N ARG B 233 29.52 -7.15 -12.05
CA ARG B 233 29.17 -5.74 -12.37
C ARG B 233 27.69 -5.64 -12.70
N THR B 234 27.12 -4.45 -12.57
CA THR B 234 25.74 -4.25 -13.04
C THR B 234 25.84 -3.56 -14.39
N MET B 235 25.15 -4.10 -15.40
CA MET B 235 25.17 -3.46 -16.73
C MET B 235 23.73 -3.14 -17.16
N MET B 236 23.56 -2.09 -17.97
CA MET B 236 22.22 -1.76 -18.51
C MET B 236 22.23 -2.04 -20.01
N PHE B 237 21.28 -2.83 -20.49
CA PHE B 237 21.23 -3.21 -21.93
C PHE B 237 20.00 -2.55 -22.56
N LYS B 238 20.20 -2.03 -23.78
CA LYS B 238 19.06 -1.40 -24.51
C LYS B 238 18.57 -2.37 -25.59
N TYR B 239 17.33 -2.85 -25.44
CA TYR B 239 16.75 -3.76 -26.46
C TYR B 239 15.90 -2.97 -27.44
N ASP B 240 15.97 -3.33 -28.72
CA ASP B 240 15.09 -2.68 -29.73
C ASP B 240 13.74 -3.39 -29.70
N GLU B 241 12.88 -3.14 -30.69
CA GLU B 241 11.56 -3.82 -30.77
C GLU B 241 11.75 -5.28 -31.24
N ASN B 242 12.81 -5.55 -31.98
CA ASN B 242 13.10 -6.94 -32.46
C ASN B 242 13.58 -7.79 -31.28
N GLY B 243 14.16 -7.16 -30.26
CA GLY B 243 14.71 -7.90 -29.10
C GLY B 243 16.22 -7.92 -29.14
N THR B 244 16.81 -7.27 -30.15
CA THR B 244 18.27 -7.19 -30.27
C THR B 244 18.82 -6.21 -29.25
N ILE B 245 20.07 -6.39 -28.83
CA ILE B 245 20.71 -5.39 -27.92
C ILE B 245 21.40 -4.37 -28.84
N VAL B 246 21.11 -3.08 -28.68
CA VAL B 246 21.68 -2.06 -29.62
C VAL B 246 22.71 -1.21 -28.87
N ASP B 247 22.61 -1.16 -27.54
CA ASP B 247 23.55 -0.33 -26.73
C ASP B 247 23.70 -0.93 -25.33
N ALA B 248 24.79 -0.58 -24.63
CA ALA B 248 25.03 -1.10 -23.26
C ALA B 248 25.81 -0.10 -22.42
N ILE B 249 25.59 -0.14 -21.10
CA ILE B 249 26.30 0.79 -20.17
C ILE B 249 26.90 -0.01 -19.00
N ASP B 250 28.19 0.18 -18.71
CA ASP B 250 28.76 -0.42 -17.47
C ASP B 250 28.42 0.59 -16.37
N CYS B 251 27.53 0.23 -15.44
CA CYS B 251 27.05 1.19 -14.41
C CYS B 251 28.19 1.66 -13.49
N ALA B 252 29.31 0.93 -13.45
CA ALA B 252 30.44 1.28 -12.55
C ALA B 252 31.58 1.94 -13.33
N LEU B 253 31.36 2.33 -14.58
CA LEU B 253 32.48 2.88 -15.40
C LEU B 253 32.79 4.32 -14.97
N ASP B 254 31.77 5.19 -14.93
CA ASP B 254 31.99 6.64 -14.66
C ASP B 254 30.72 7.26 -14.07
N PRO B 255 30.75 8.51 -13.55
CA PRO B 255 29.56 9.15 -13.01
C PRO B 255 28.39 9.31 -13.99
N LEU B 256 28.67 9.55 -15.27
CA LEU B 256 27.59 9.65 -16.27
C LEU B 256 26.94 8.26 -16.47
N SER B 257 27.76 7.21 -16.54
CA SER B 257 27.24 5.83 -16.71
C SER B 257 26.36 5.47 -15.50
N GLU B 258 26.80 5.87 -14.32
CA GLU B 258 26.01 5.58 -13.10
C GLU B 258 24.69 6.37 -13.12
N THR B 259 24.71 7.62 -13.58
CA THR B 259 23.48 8.44 -13.68
C THR B 259 22.51 7.75 -14.63
N LYS B 260 23.02 7.29 -15.77
CA LYS B 260 22.16 6.60 -16.77
C LYS B 260 21.54 5.34 -16.14
N CYS B 261 22.33 4.58 -15.40
CA CYS B 261 21.82 3.33 -14.76
C CYS B 261 20.78 3.68 -13.68
N THR B 262 21.03 4.74 -12.91
CA THR B 262 20.08 5.15 -11.84
C THR B 262 18.77 5.56 -12.46
N LEU B 263 18.82 6.29 -13.58
CA LEU B 263 17.58 6.78 -14.24
C LEU B 263 17.06 5.71 -15.22
N ARG B 264 17.82 4.63 -15.42
CA ARG B 264 17.43 3.58 -16.40
C ARG B 264 17.13 4.24 -17.75
N SER B 265 17.97 5.20 -18.17
CA SER B 265 17.76 5.91 -19.45
C SER B 265 19.11 6.23 -20.09
N PHE B 266 19.30 5.85 -21.37
CA PHE B 266 20.57 6.12 -22.08
C PHE B 266 20.71 7.61 -22.37
N ILE B 267 19.60 8.33 -22.30
CA ILE B 267 19.63 9.80 -22.55
C ILE B 267 19.39 10.50 -21.20
N VAL B 268 20.25 11.45 -20.86
CA VAL B 268 20.09 12.21 -19.58
C VAL B 268 19.87 13.68 -19.93
N GLU B 269 18.79 14.28 -19.40
CA GLU B 269 18.51 15.71 -19.69
C GLU B 269 19.40 16.61 -18.81
N LYS B 270 19.43 17.90 -19.11
CA LYS B 270 20.22 18.85 -18.29
C LYS B 270 19.67 18.90 -16.86
N GLY B 271 20.53 18.73 -15.86
CA GLY B 271 20.07 18.85 -14.47
C GLY B 271 21.03 18.24 -13.47
N ILE B 272 20.57 18.08 -12.23
CA ILE B 272 21.41 17.43 -11.18
C ILE B 272 20.66 16.16 -10.75
N TYR B 273 21.40 15.05 -10.64
CA TYR B 273 20.75 13.77 -10.28
C TYR B 273 21.46 13.13 -9.12
N GLN B 274 20.69 12.70 -8.11
CA GLN B 274 21.29 11.94 -6.98
C GLN B 274 21.40 10.50 -7.47
N THR B 275 22.59 9.93 -7.48
CA THR B 275 22.74 8.59 -8.09
C THR B 275 22.73 7.50 -7.06
N SER B 276 22.28 6.31 -7.45
CA SER B 276 22.36 5.15 -6.53
C SER B 276 23.82 4.69 -6.52
N ASN B 277 24.31 4.23 -5.37
CA ASN B 277 25.71 3.72 -5.33
C ASN B 277 25.83 2.50 -6.25
N PHE B 278 26.80 2.53 -7.17
CA PHE B 278 27.03 1.41 -8.11
C PHE B 278 28.50 1.34 -8.46
N ARG B 279 29.36 2.05 -7.71
CA ARG B 279 30.80 2.12 -8.07
C ARG B 279 31.65 1.24 -7.15
N VAL B 280 31.22 1.01 -5.91
CA VAL B 280 32.07 0.25 -4.94
C VAL B 280 31.53 -1.18 -4.78
N GLN B 281 32.36 -2.19 -5.07
CA GLN B 281 31.94 -3.61 -4.88
C GLN B 281 33.07 -4.34 -4.14
N PRO B 282 32.78 -5.11 -3.07
CA PRO B 282 33.85 -5.75 -2.30
C PRO B 282 34.74 -6.62 -3.20
N GLN B 283 36.05 -6.52 -3.00
CA GLN B 283 37.01 -7.30 -3.82
C GLN B 283 37.62 -8.41 -2.95
N ASP B 284 37.41 -8.35 -1.63
CA ASP B 284 38.05 -9.35 -0.74
C ASP B 284 37.07 -9.84 0.33
N THR B 285 37.32 -11.04 0.87
CA THR B 285 36.47 -11.58 1.95
C THR B 285 37.29 -11.72 3.22
N VAL B 286 36.78 -11.18 4.32
CA VAL B 286 37.50 -11.29 5.63
C VAL B 286 36.76 -12.31 6.49
N VAL B 287 37.44 -13.39 6.88
CA VAL B 287 36.80 -14.45 7.71
C VAL B 287 37.57 -14.50 9.05
N ARG B 288 36.86 -14.32 10.16
CA ARG B 288 37.53 -14.28 11.50
C ARG B 288 36.79 -15.19 12.48
N PHE B 289 37.36 -16.35 12.80
CA PHE B 289 36.76 -17.30 13.78
C PHE B 289 37.70 -17.43 14.97
N PRO B 290 37.25 -17.93 16.15
CA PRO B 290 38.11 -17.98 17.33
C PRO B 290 39.22 -19.01 17.22
N ASN B 291 40.13 -19.02 18.20
CA ASN B 291 41.27 -19.97 18.18
C ASN B 291 40.82 -21.33 18.73
N ILE B 292 39.91 -22.01 18.03
CA ILE B 292 39.46 -23.37 18.45
C ILE B 292 39.84 -24.36 17.34
N THR B 293 40.63 -25.39 17.67
CA THR B 293 41.08 -26.36 16.64
C THR B 293 40.63 -27.77 17.01
N ASN B 294 40.40 -28.04 18.30
CA ASN B 294 39.99 -29.40 18.75
C ASN B 294 38.66 -29.80 18.10
N LEU B 295 38.56 -31.03 17.61
CA LEU B 295 37.30 -31.52 16.98
C LEU B 295 36.26 -31.80 18.07
N CYS B 296 34.99 -31.45 17.82
CA CYS B 296 33.91 -31.76 18.79
C CYS B 296 33.91 -33.29 19.01
N PRO B 297 33.68 -33.79 20.24
CA PRO B 297 33.78 -35.23 20.48
C PRO B 297 32.59 -36.03 19.97
N PHE B 298 32.23 -35.88 18.69
CA PHE B 298 31.03 -36.57 18.14
C PHE B 298 31.29 -38.07 17.97
N SER B 299 32.49 -38.44 17.51
CA SER B 299 32.79 -39.87 17.23
C SER B 299 32.63 -40.73 18.49
N GLU B 300 33.12 -40.26 19.64
CA GLU B 300 33.01 -41.02 20.91
C GLU B 300 31.53 -41.10 21.34
N VAL B 301 30.73 -40.06 21.07
CA VAL B 301 29.27 -40.10 21.38
C VAL B 301 28.61 -41.07 20.39
N PHE B 302 28.66 -40.78 19.10
CA PHE B 302 27.95 -41.66 18.14
C PHE B 302 28.33 -43.12 18.42
N ASN B 303 29.52 -43.37 18.99
CA ASN B 303 29.97 -44.78 19.19
C ASN B 303 29.87 -45.23 20.65
N ALA B 304 29.12 -44.52 21.49
CA ALA B 304 28.96 -45.05 22.87
C ALA B 304 28.40 -46.47 22.80
N THR B 305 28.86 -47.37 23.69
CA THR B 305 28.44 -48.78 23.66
C THR B 305 26.93 -48.87 23.85
N THR B 306 26.36 -48.01 24.71
CA THR B 306 24.89 -48.00 24.85
C THR B 306 24.38 -46.58 24.84
N PHE B 307 23.26 -46.34 24.15
CA PHE B 307 22.61 -45.01 24.19
C PHE B 307 21.51 -45.06 25.25
N ALA B 308 20.91 -43.92 25.55
CA ALA B 308 19.83 -43.87 26.56
C ALA B 308 18.50 -44.35 25.97
N SER B 309 17.58 -44.79 26.83
CA SER B 309 16.23 -45.13 26.34
C SER B 309 15.52 -43.81 26.02
N VAL B 310 14.60 -43.79 25.06
CA VAL B 310 13.97 -42.50 24.62
C VAL B 310 13.24 -41.82 25.79
N TYR B 311 12.60 -42.58 26.68
CA TYR B 311 11.86 -41.99 27.84
C TYR B 311 12.85 -41.30 28.79
N ALA B 312 14.08 -41.81 28.88
CA ALA B 312 15.10 -41.26 29.79
C ALA B 312 16.25 -40.70 28.93
N TRP B 313 15.90 -39.89 27.92
CA TRP B 313 16.90 -39.37 26.96
C TRP B 313 18.01 -38.55 27.63
N ASN B 314 19.23 -38.63 27.07
CA ASN B 314 20.39 -37.93 27.69
C ASN B 314 20.61 -36.56 27.02
N ARG B 315 21.05 -35.56 27.79
CA ARG B 315 21.42 -34.26 27.18
C ARG B 315 22.90 -34.00 27.50
N LYS B 316 23.72 -33.72 26.48
CA LYS B 316 25.16 -33.42 26.68
C LYS B 316 25.45 -32.01 26.14
N ARG B 317 26.15 -31.19 26.91
CA ARG B 317 26.54 -29.84 26.39
C ARG B 317 27.80 -29.99 25.53
N ILE B 318 27.79 -29.42 24.33
CA ILE B 318 29.02 -29.44 23.45
C ILE B 318 29.58 -28.00 23.42
N SER B 319 30.86 -27.83 23.73
CA SER B 319 31.45 -26.48 23.79
C SER B 319 32.97 -26.50 23.55
N ASN B 320 33.55 -25.35 23.18
CA ASN B 320 35.03 -25.23 22.99
C ASN B 320 35.53 -26.29 21.99
N CYS B 321 34.91 -26.40 20.83
CA CYS B 321 35.32 -27.45 19.85
C CYS B 321 34.88 -27.10 18.43
N VAL B 322 35.38 -27.84 17.45
CA VAL B 322 35.01 -27.60 16.02
C VAL B 322 34.04 -28.71 15.57
N ALA B 323 32.85 -28.32 15.12
CA ALA B 323 31.87 -29.32 14.63
C ALA B 323 32.12 -29.61 13.14
N ASP B 324 32.69 -30.78 12.84
CA ASP B 324 32.91 -31.19 11.43
C ASP B 324 32.23 -32.55 11.25
N TYR B 325 31.09 -32.60 10.54
CA TYR B 325 30.32 -33.87 10.44
C TYR B 325 30.85 -34.77 9.31
N SER B 326 31.55 -34.19 8.33
CA SER B 326 32.12 -34.98 7.21
C SER B 326 33.14 -35.99 7.75
N VAL B 327 33.81 -35.67 8.85
CA VAL B 327 34.80 -36.60 9.47
C VAL B 327 34.06 -37.90 9.86
N LEU B 328 32.76 -37.82 10.15
CA LEU B 328 32.00 -39.01 10.63
C LEU B 328 31.49 -39.88 9.47
N TYR B 329 31.61 -39.43 8.23
CA TYR B 329 31.01 -40.19 7.08
C TYR B 329 31.60 -41.60 7.00
N ASN B 330 32.88 -41.77 7.36
CA ASN B 330 33.54 -43.10 7.21
C ASN B 330 32.92 -44.13 8.17
N SER B 331 32.43 -43.69 9.33
CA SER B 331 31.92 -44.65 10.34
C SER B 331 30.41 -44.52 10.53
N THR B 332 29.79 -43.47 10.01
CA THR B 332 28.34 -43.27 10.27
C THR B 332 27.60 -42.96 8.99
N SER B 333 26.64 -43.81 8.61
CA SER B 333 25.79 -43.50 7.43
C SER B 333 24.51 -42.84 7.95
N PHE B 334 24.37 -41.53 7.79
CA PHE B 334 23.18 -40.85 8.38
C PHE B 334 21.95 -41.13 7.54
N SER B 335 21.05 -41.99 8.02
CA SER B 335 19.79 -42.21 7.29
C SER B 335 18.97 -40.92 7.35
N THR B 336 19.13 -40.15 8.44
CA THR B 336 18.39 -38.88 8.60
C THR B 336 19.33 -37.79 9.01
N PHE B 337 19.32 -36.66 8.29
CA PHE B 337 20.12 -35.47 8.69
C PHE B 337 19.26 -34.26 8.31
N GLN B 338 18.42 -33.82 9.24
CA GLN B 338 17.47 -32.72 8.91
C GLN B 338 17.66 -31.55 9.88
N CYS B 339 17.75 -30.34 9.33
CA CYS B 339 17.95 -29.15 10.19
C CYS B 339 16.71 -28.24 10.14
N TYR B 340 16.45 -27.55 11.25
CA TYR B 340 15.28 -26.62 11.34
C TYR B 340 15.83 -25.27 11.80
N GLY B 341 15.41 -24.17 11.15
CA GLY B 341 15.87 -22.83 11.56
C GLY B 341 17.25 -22.50 11.02
N VAL B 342 17.99 -23.51 10.56
CA VAL B 342 19.36 -23.31 9.97
C VAL B 342 19.50 -24.30 8.82
N SER B 343 20.10 -23.87 7.70
CA SER B 343 20.33 -24.82 6.58
C SER B 343 21.55 -25.70 6.87
N SER B 344 21.47 -27.00 6.59
CA SER B 344 22.58 -27.94 6.86
C SER B 344 23.85 -27.51 6.10
N THR B 345 23.69 -26.97 4.88
CA THR B 345 24.84 -26.57 4.03
C THR B 345 25.56 -25.38 4.65
N LYS B 346 24.90 -24.64 5.53
CA LYS B 346 25.52 -23.41 6.11
C LYS B 346 26.19 -23.72 7.45
N LEU B 347 25.97 -24.91 8.03
CA LEU B 347 26.50 -25.23 9.39
C LEU B 347 28.03 -25.04 9.46
N ASN B 348 28.75 -25.33 8.37
CA ASN B 348 30.24 -25.24 8.34
C ASN B 348 30.71 -23.79 8.35
N ASP B 349 29.80 -22.84 8.07
CA ASP B 349 30.14 -21.39 8.03
C ASP B 349 29.63 -20.69 9.29
N LEU B 350 28.99 -21.43 10.19
CA LEU B 350 28.36 -20.74 11.35
C LEU B 350 29.09 -21.03 12.67
N CYS B 351 28.83 -20.22 13.69
CA CYS B 351 29.38 -20.46 15.04
C CYS B 351 28.22 -20.40 16.04
N PHE B 352 28.26 -21.19 17.11
CA PHE B 352 27.09 -21.25 18.03
C PHE B 352 27.52 -20.90 19.46
N THR B 353 26.71 -20.12 20.16
CA THR B 353 27.02 -19.76 21.56
C THR B 353 26.90 -20.99 22.42
N ASN B 354 25.83 -21.78 22.23
CA ASN B 354 25.62 -23.02 23.03
C ASN B 354 25.14 -24.14 22.11
N VAL B 355 25.64 -25.36 22.31
CA VAL B 355 25.16 -26.54 21.53
C VAL B 355 24.80 -27.67 22.50
N TYR B 356 23.58 -28.19 22.42
CA TYR B 356 23.16 -29.33 23.29
C TYR B 356 22.96 -30.56 22.42
N ALA B 357 23.37 -31.72 22.92
CA ALA B 357 23.24 -32.98 22.15
C ALA B 357 22.31 -33.93 22.89
N ASP B 358 21.11 -34.17 22.35
CA ASP B 358 20.15 -35.13 22.97
C ASP B 358 20.35 -36.49 22.29
N SER B 359 20.52 -37.55 23.08
CA SER B 359 20.82 -38.87 22.46
C SER B 359 19.90 -39.96 23.02
N PHE B 360 19.33 -40.79 22.13
CA PHE B 360 18.43 -41.90 22.57
C PHE B 360 18.28 -42.89 21.43
N VAL B 361 17.60 -44.01 21.72
CA VAL B 361 17.37 -45.05 20.68
C VAL B 361 15.86 -45.20 20.45
N VAL B 362 15.45 -45.25 19.18
CA VAL B 362 14.02 -45.48 18.84
C VAL B 362 13.97 -46.56 17.75
N ARG B 363 12.77 -47.03 17.42
CA ARG B 363 12.62 -47.98 16.29
C ARG B 363 12.66 -47.19 14.97
N GLY B 364 13.05 -47.84 13.88
CA GLY B 364 13.20 -47.16 12.57
C GLY B 364 11.97 -46.37 12.17
N ASP B 365 10.78 -46.91 12.38
CA ASP B 365 9.53 -46.28 11.89
C ASP B 365 9.05 -45.16 12.81
N GLU B 366 9.86 -44.84 13.84
CA GLU B 366 9.47 -43.79 14.81
C GLU B 366 10.47 -42.62 14.73
N VAL B 367 11.29 -42.59 13.69
CA VAL B 367 12.35 -41.54 13.55
C VAL B 367 11.63 -40.31 13.00
N ARG B 368 10.58 -40.51 12.25
CA ARG B 368 9.77 -39.39 11.70
C ARG B 368 9.16 -38.55 12.81
N GLN B 369 9.05 -39.07 14.02
CA GLN B 369 8.35 -38.38 15.12
C GLN B 369 9.31 -37.44 15.82
N ILE B 370 10.59 -37.55 15.46
CA ILE B 370 11.59 -36.64 16.07
C ILE B 370 11.67 -35.45 15.14
N ALA B 371 10.65 -34.61 15.19
CA ALA B 371 10.58 -33.41 14.33
C ALA B 371 9.44 -32.52 14.86
N PRO B 372 9.46 -31.19 14.66
CA PRO B 372 8.40 -30.36 15.22
C PRO B 372 7.01 -30.69 14.66
N GLY B 373 5.97 -30.57 15.48
CA GLY B 373 4.59 -30.78 15.00
C GLY B 373 4.30 -32.22 14.62
N GLN B 374 5.02 -33.18 15.22
CA GLN B 374 4.73 -34.62 14.95
C GLN B 374 3.83 -35.17 16.06
N THR B 375 2.93 -36.10 15.73
CA THR B 375 2.05 -36.72 16.73
C THR B 375 2.31 -38.21 16.73
N GLY B 376 2.55 -38.79 17.92
CA GLY B 376 2.81 -40.23 18.02
C GLY B 376 3.28 -40.62 19.40
N VAL B 377 3.37 -41.92 19.67
CA VAL B 377 3.78 -42.41 21.03
C VAL B 377 5.08 -41.74 21.49
N ILE B 378 6.06 -41.62 20.60
CA ILE B 378 7.38 -41.01 20.99
C ILE B 378 7.19 -39.50 21.14
N ALA B 379 6.55 -38.85 20.16
CA ALA B 379 6.40 -37.37 20.20
C ALA B 379 5.50 -36.95 21.36
N ASP B 380 4.57 -37.82 21.79
CA ASP B 380 3.59 -37.44 22.86
C ASP B 380 4.09 -37.80 24.26
N TYR B 381 4.71 -38.96 24.46
CA TYR B 381 5.04 -39.40 25.85
C TYR B 381 6.53 -39.65 26.09
N ASN B 382 7.42 -39.36 25.13
CA ASN B 382 8.86 -39.71 25.34
C ASN B 382 9.76 -38.51 25.05
N TYR B 383 9.64 -37.91 23.86
CA TYR B 383 10.55 -36.78 23.48
C TYR B 383 9.82 -35.82 22.54
N LYS B 384 9.61 -34.58 22.99
CA LYS B 384 8.91 -33.59 22.14
C LYS B 384 9.86 -32.45 21.78
N LEU B 385 9.88 -32.06 20.52
CA LEU B 385 10.70 -30.89 20.12
C LEU B 385 9.79 -29.64 20.12
N PRO B 386 10.33 -28.43 20.36
CA PRO B 386 9.52 -27.22 20.26
C PRO B 386 9.20 -26.94 18.80
N ASP B 387 8.11 -26.20 18.56
CA ASP B 387 7.69 -25.92 17.17
C ASP B 387 8.66 -24.90 16.54
N ASP B 388 9.33 -24.10 17.37
CA ASP B 388 10.33 -23.10 16.90
C ASP B 388 11.76 -23.65 17.07
N PHE B 389 11.92 -24.97 17.01
CA PHE B 389 13.25 -25.61 17.26
C PHE B 389 14.32 -25.12 16.29
N THR B 390 15.49 -24.76 16.84
CA THR B 390 16.65 -24.40 15.97
C THR B 390 17.72 -25.46 16.18
N GLY B 391 17.92 -26.33 15.19
CA GLY B 391 18.93 -27.39 15.34
C GLY B 391 18.84 -28.44 14.26
N CYS B 392 19.54 -29.57 14.48
CA CYS B 392 19.55 -30.64 13.45
C CYS B 392 19.22 -32.00 14.10
N VAL B 393 18.44 -32.81 13.40
CA VAL B 393 18.14 -34.19 13.91
C VAL B 393 18.99 -35.16 13.07
N LEU B 394 19.84 -35.95 13.72
CA LEU B 394 20.66 -36.96 13.00
C LEU B 394 20.24 -38.36 13.48
N ALA B 395 20.01 -39.28 12.55
CA ALA B 395 19.63 -40.65 12.93
C ALA B 395 20.29 -41.67 12.00
N TRP B 396 20.59 -42.86 12.56
CA TRP B 396 21.21 -43.93 11.74
C TRP B 396 20.80 -45.31 12.28
N ASN B 397 20.77 -46.32 11.39
CA ASN B 397 20.44 -47.71 11.81
C ASN B 397 21.57 -48.23 12.70
N SER B 398 21.23 -48.68 13.92
CA SER B 398 22.26 -49.16 14.88
C SER B 398 22.16 -50.68 15.07
N ARG B 399 21.61 -51.38 14.07
CA ARG B 399 21.43 -52.86 14.17
C ARG B 399 22.71 -53.53 14.68
N ASN B 400 23.88 -53.11 14.21
CA ASN B 400 25.15 -53.79 14.58
C ASN B 400 25.54 -53.57 16.04
N GLN B 401 24.98 -52.54 16.69
CA GLN B 401 25.37 -52.24 18.09
C GLN B 401 24.20 -52.45 19.05
N ASP B 402 22.95 -52.42 18.57
CA ASP B 402 21.80 -52.47 19.51
C ASP B 402 20.83 -53.63 19.20
N ALA B 403 21.03 -54.36 18.11
CA ALA B 403 20.16 -55.54 17.85
C ALA B 403 20.98 -56.82 18.00
N SER B 404 20.34 -57.90 18.46
CA SER B 404 21.05 -59.19 18.62
C SER B 404 20.18 -60.31 18.01
N THR B 405 20.77 -61.49 17.80
CA THR B 405 20.01 -62.64 17.25
C THR B 405 18.94 -63.06 18.25
N SER B 406 19.31 -63.15 19.53
CA SER B 406 18.34 -63.54 20.59
C SER B 406 17.40 -62.36 20.90
N GLY B 407 17.84 -61.13 20.64
CA GLY B 407 16.99 -59.94 20.89
C GLY B 407 17.58 -59.05 21.97
N ASN B 408 17.54 -57.74 21.77
CA ASN B 408 18.02 -56.79 22.80
C ASN B 408 16.80 -56.14 23.45
N PHE B 409 16.66 -56.30 24.78
CA PHE B 409 15.47 -55.76 25.50
C PHE B 409 15.92 -54.76 26.57
N ASN B 410 16.96 -54.00 26.27
CA ASN B 410 17.50 -53.02 27.26
C ASN B 410 16.94 -51.61 26.97
N TYR B 411 16.17 -51.46 25.89
CA TYR B 411 15.64 -50.12 25.52
C TYR B 411 14.16 -50.04 25.85
N TYR B 412 13.74 -48.92 26.46
CA TYR B 412 12.33 -48.77 26.91
C TYR B 412 11.72 -47.50 26.37
N TYR B 413 10.39 -47.50 26.19
CA TYR B 413 9.66 -46.28 25.76
C TYR B 413 8.36 -46.22 26.55
N ARG B 414 7.84 -45.01 26.78
CA ARG B 414 6.56 -44.85 27.53
C ARG B 414 5.38 -45.04 26.57
N ILE B 415 4.29 -45.67 27.05
CA ILE B 415 3.11 -45.95 26.20
C ILE B 415 1.94 -45.04 26.62
N TRP B 416 2.00 -44.53 27.86
CA TRP B 416 0.86 -43.72 28.34
C TRP B 416 1.34 -42.70 29.35
N ARG B 417 0.88 -41.46 29.21
CA ARG B 417 1.19 -40.41 30.21
C ARG B 417 -0.11 -39.62 30.35
N SER B 418 -0.58 -39.37 31.57
CA SER B 418 -1.86 -38.66 31.79
C SER B 418 -1.96 -37.42 30.90
N GLU B 419 -0.83 -36.75 30.67
CA GLU B 419 -0.82 -35.57 29.75
C GLU B 419 0.35 -35.73 28.78
N LYS B 420 0.32 -35.01 27.66
CA LYS B 420 1.44 -35.06 26.68
C LYS B 420 2.66 -34.29 27.25
N LEU B 421 3.86 -34.67 26.83
CA LEU B 421 5.09 -33.97 27.30
C LEU B 421 5.20 -32.58 26.65
N ARG B 422 5.78 -31.63 27.36
CA ARG B 422 6.06 -30.30 26.76
C ARG B 422 7.44 -30.37 26.07
N PRO B 423 7.83 -29.42 25.19
CA PRO B 423 9.13 -29.45 24.55
C PRO B 423 10.32 -29.64 25.49
N PHE B 424 11.20 -30.59 25.19
CA PHE B 424 12.43 -30.87 26.00
C PHE B 424 12.07 -31.35 27.42
N GLU B 425 10.85 -31.84 27.64
CA GLU B 425 10.49 -32.37 28.97
C GLU B 425 10.87 -33.86 29.07
N ARG B 426 11.41 -34.27 30.20
CA ARG B 426 11.74 -35.72 30.38
C ARG B 426 10.97 -36.26 31.58
N ASP B 427 10.36 -37.43 31.43
CA ASP B 427 9.65 -38.07 32.56
C ASP B 427 10.31 -39.44 32.80
N ILE B 428 11.07 -39.60 33.88
CA ILE B 428 11.82 -40.86 34.13
C ILE B 428 11.12 -41.69 35.22
N ALA B 429 9.95 -41.23 35.70
CA ALA B 429 9.24 -41.92 36.81
C ALA B 429 8.65 -43.25 36.35
N HIS B 430 8.65 -44.24 37.25
CA HIS B 430 8.03 -45.56 36.93
C HIS B 430 6.64 -45.60 37.57
N TYR B 431 5.60 -45.71 36.75
CA TYR B 431 4.21 -45.75 37.28
C TYR B 431 3.33 -46.63 36.39
N ASP B 432 2.27 -47.18 36.98
CA ASP B 432 1.32 -48.04 36.21
C ASP B 432 0.10 -47.22 35.79
N TYR B 433 -0.54 -47.61 34.69
CA TYR B 433 -1.80 -46.93 34.26
C TYR B 433 -2.90 -47.98 34.20
N GLN B 434 -4.16 -47.54 34.35
CA GLN B 434 -5.27 -48.52 34.38
C GLN B 434 -5.85 -48.74 32.98
N VAL B 435 -5.97 -49.99 32.55
CA VAL B 435 -6.64 -50.31 31.25
C VAL B 435 -7.83 -51.19 31.61
N GLY B 436 -9.04 -50.63 31.58
CA GLY B 436 -10.21 -51.40 32.05
C GLY B 436 -10.08 -51.66 33.54
N THR B 437 -9.95 -52.93 33.93
CA THR B 437 -9.83 -53.30 35.36
C THR B 437 -8.38 -53.67 35.68
N GLN B 438 -7.48 -53.65 34.69
CA GLN B 438 -6.10 -54.12 34.95
C GLN B 438 -5.09 -52.96 34.98
N PHE B 439 -4.08 -53.04 35.86
CA PHE B 439 -3.01 -52.01 35.88
C PHE B 439 -1.84 -52.52 35.06
N LYS B 440 -1.31 -51.67 34.18
CA LYS B 440 -0.16 -52.06 33.31
C LYS B 440 0.96 -51.03 33.45
N SER B 441 2.21 -51.46 33.31
CA SER B 441 3.35 -50.51 33.36
C SER B 441 3.24 -49.49 32.22
N SER B 442 3.49 -48.21 32.51
CA SER B 442 3.48 -47.15 31.46
C SER B 442 4.73 -47.27 30.58
N LEU B 443 5.68 -48.11 30.97
CA LEU B 443 6.90 -48.33 30.16
C LEU B 443 6.83 -49.69 29.45
N LYS B 444 7.19 -49.71 28.17
CA LYS B 444 7.23 -51.00 27.42
C LYS B 444 8.65 -51.24 26.91
N ASN B 445 9.02 -52.50 26.72
CA ASN B 445 10.39 -52.85 26.26
C ASN B 445 10.40 -53.04 24.75
N TYR B 446 11.43 -52.53 24.07
CA TYR B 446 11.57 -52.81 22.62
C TYR B 446 12.24 -54.17 22.51
N GLY B 447 11.96 -54.92 21.44
CA GLY B 447 12.65 -56.19 21.20
C GLY B 447 13.44 -56.08 19.90
N PHE B 448 14.71 -55.69 19.99
CA PHE B 448 15.49 -55.45 18.74
C PHE B 448 16.17 -56.74 18.29
N TYR B 449 15.69 -57.30 17.17
CA TYR B 449 16.30 -58.53 16.60
C TYR B 449 17.05 -58.18 15.32
N SER B 450 18.26 -58.74 15.16
CA SER B 450 19.09 -58.43 13.97
C SER B 450 18.44 -58.95 12.67
N SER B 451 17.43 -59.82 12.79
CA SER B 451 16.77 -60.40 11.60
C SER B 451 15.53 -59.60 11.20
N ALA B 452 15.19 -58.55 11.96
CA ALA B 452 13.96 -57.77 11.68
C ALA B 452 14.14 -56.83 10.49
N GLY B 453 13.03 -56.32 9.95
CA GLY B 453 13.11 -55.35 8.84
C GLY B 453 13.56 -54.00 9.34
N ASP B 454 13.94 -53.09 8.44
CA ASP B 454 14.48 -51.76 8.85
C ASP B 454 13.49 -51.02 9.75
N SER B 455 12.19 -51.18 9.51
CA SER B 455 11.14 -50.48 10.32
C SER B 455 11.21 -50.90 11.79
N HIS B 456 11.74 -52.10 12.07
CA HIS B 456 11.81 -52.61 13.47
C HIS B 456 13.27 -52.69 13.94
N GLN B 457 14.20 -52.12 13.17
CA GLN B 457 15.61 -52.10 13.63
C GLN B 457 15.81 -50.94 14.61
N PRO B 458 16.78 -51.03 15.55
CA PRO B 458 17.06 -49.90 16.43
C PRO B 458 17.74 -48.78 15.68
N TYR B 459 17.28 -47.55 15.89
CA TYR B 459 17.97 -46.38 15.27
C TYR B 459 18.49 -45.49 16.39
N ARG B 460 19.77 -45.11 16.29
CA ARG B 460 20.33 -44.16 17.28
C ARG B 460 20.01 -42.76 16.77
N VAL B 461 19.44 -41.91 17.64
CA VAL B 461 19.07 -40.54 17.22
C VAL B 461 19.88 -39.54 18.05
N VAL B 462 20.45 -38.53 17.39
CA VAL B 462 21.18 -37.46 18.12
C VAL B 462 20.56 -36.12 17.67
N VAL B 463 20.00 -35.38 18.62
CA VAL B 463 19.34 -34.07 18.27
C VAL B 463 20.28 -32.94 18.72
N LEU B 464 20.76 -32.15 17.77
CA LEU B 464 21.67 -31.03 18.11
C LEU B 464 20.85 -29.74 18.21
N SER B 465 20.69 -29.21 19.43
CA SER B 465 19.96 -27.94 19.65
C SER B 465 20.97 -26.78 19.63
N PHE B 466 20.77 -25.79 18.74
CA PHE B 466 21.79 -24.71 18.58
C PHE B 466 21.34 -23.39 19.21
N GLU B 467 22.25 -22.74 19.92
CA GLU B 467 21.92 -21.40 20.48
C GLU B 467 22.79 -20.36 19.77
N LEU B 468 22.17 -19.33 19.17
CA LEU B 468 22.93 -18.30 18.41
C LEU B 468 22.68 -16.90 19.02
N LEU B 469 23.42 -16.53 20.07
CA LEU B 469 23.15 -15.23 20.75
C LEU B 469 24.34 -14.27 20.64
N ASN B 470 24.16 -13.02 21.11
CA ASN B 470 25.27 -12.03 21.14
C ASN B 470 26.16 -12.43 22.33
N ALA B 471 26.98 -13.46 22.15
CA ALA B 471 27.79 -13.98 23.27
C ALA B 471 29.03 -14.67 22.68
N PRO B 472 30.04 -15.03 23.50
CA PRO B 472 31.22 -15.72 22.99
C PRO B 472 30.88 -17.00 22.23
N ALA B 473 31.52 -17.19 21.06
CA ALA B 473 31.31 -18.44 20.29
C ALA B 473 32.11 -19.57 20.95
N THR B 474 31.51 -20.76 21.07
CA THR B 474 32.27 -21.91 21.63
C THR B 474 32.28 -23.06 20.65
N VAL B 475 31.30 -23.12 19.75
CA VAL B 475 31.26 -24.20 18.72
C VAL B 475 31.21 -23.56 17.33
N CYS B 476 32.23 -23.78 16.51
CA CYS B 476 32.29 -23.17 15.15
C CYS B 476 32.58 -24.23 14.08
N GLY B 477 32.26 -23.94 12.82
CA GLY B 477 32.58 -24.87 11.72
C GLY B 477 34.06 -24.80 11.38
N PRO B 478 34.59 -25.73 10.55
CA PRO B 478 36.01 -25.75 10.21
C PRO B 478 36.42 -24.73 9.15
N LYS B 479 36.03 -23.48 9.33
CA LYS B 479 36.41 -22.42 8.37
C LYS B 479 37.79 -21.82 8.71
N GLN B 480 38.64 -21.64 7.71
CA GLN B 480 39.96 -21.01 7.94
C GLN B 480 39.78 -19.49 8.06
N SER B 481 40.43 -18.88 9.04
CA SER B 481 40.35 -17.41 9.20
C SER B 481 41.33 -16.74 8.23
N THR B 482 40.96 -15.57 7.69
CA THR B 482 41.86 -14.84 6.78
C THR B 482 42.54 -13.74 7.56
N GLU B 483 43.21 -12.81 6.87
CA GLU B 483 43.81 -11.65 7.55
C GLU B 483 42.78 -10.51 7.61
N LEU B 484 42.79 -9.72 8.68
CA LEU B 484 41.84 -8.59 8.83
C LEU B 484 42.20 -7.49 7.81
N ILE B 485 41.26 -7.11 6.94
CA ILE B 485 41.50 -6.00 5.97
C ILE B 485 40.72 -4.76 6.44
N LYS B 486 41.44 -3.68 6.75
CA LYS B 486 40.77 -2.46 7.29
C LYS B 486 40.69 -1.37 6.21
N ASN B 487 39.75 -0.42 6.35
CA ASN B 487 39.67 0.77 5.44
C ASN B 487 39.38 0.39 3.99
N LYS B 488 38.60 -0.67 3.75
CA LYS B 488 38.20 -1.04 2.37
C LYS B 488 36.82 -1.70 2.40
N CYS B 489 36.07 -1.64 1.30
CA CYS B 489 34.76 -2.35 1.24
C CYS B 489 35.03 -3.86 1.09
N VAL B 490 34.66 -4.64 2.10
CA VAL B 490 34.97 -6.11 2.07
C VAL B 490 33.75 -6.93 2.49
N ASN B 491 33.69 -8.18 2.04
CA ASN B 491 32.63 -9.09 2.55
C ASN B 491 33.22 -9.66 3.84
N PHE B 492 32.50 -9.59 4.97
CA PHE B 492 33.14 -10.04 6.23
C PHE B 492 32.36 -11.21 6.84
N ASN B 493 33.06 -12.06 7.59
CA ASN B 493 32.39 -13.18 8.31
C ASN B 493 33.04 -13.24 9.70
N PHE B 494 32.33 -12.76 10.73
CA PHE B 494 32.87 -12.78 12.12
C PHE B 494 32.06 -13.77 12.96
N ASN B 495 32.65 -14.92 13.31
CA ASN B 495 31.96 -15.92 14.18
C ASN B 495 30.59 -16.30 13.60
N GLY B 496 30.48 -16.40 12.28
CA GLY B 496 29.21 -16.79 11.63
C GLY B 496 28.43 -15.58 11.14
N LEU B 497 28.69 -14.40 11.69
CA LEU B 497 27.93 -13.18 11.30
C LEU B 497 28.55 -12.58 10.03
N THR B 498 27.77 -12.54 8.94
CA THR B 498 28.33 -12.07 7.65
C THR B 498 27.78 -10.71 7.29
N GLY B 499 28.40 -10.03 6.33
CA GLY B 499 27.92 -8.72 5.87
C GLY B 499 28.90 -8.05 4.93
N THR B 500 28.57 -6.85 4.44
CA THR B 500 29.47 -6.09 3.56
C THR B 500 29.68 -4.73 4.17
N GLY B 501 30.93 -4.27 4.25
CA GLY B 501 31.17 -2.90 4.75
C GLY B 501 32.64 -2.60 4.91
N VAL B 502 32.94 -1.40 5.45
CA VAL B 502 34.35 -1.00 5.70
C VAL B 502 34.66 -1.24 7.18
N LEU B 503 35.75 -1.96 7.47
CA LEU B 503 36.14 -2.23 8.87
C LEU B 503 37.16 -1.16 9.32
N THR B 504 36.89 -0.47 10.43
CA THR B 504 37.80 0.57 10.95
C THR B 504 38.05 0.37 12.43
N ASP B 505 39.12 0.97 12.97
CA ASP B 505 39.38 0.88 14.44
C ASP B 505 38.27 1.60 15.19
N SER B 506 37.78 1.00 16.28
CA SER B 506 36.62 1.59 17.01
C SER B 506 37.03 2.16 18.37
N ASN B 507 36.46 3.30 18.75
CA ASN B 507 36.71 3.85 20.12
C ASN B 507 35.58 3.36 21.02
N LYS B 508 34.62 2.64 20.43
CA LYS B 508 33.46 2.11 21.20
C LYS B 508 33.98 1.08 22.21
N LYS B 509 33.34 1.02 23.39
CA LYS B 509 33.75 0.05 24.44
C LYS B 509 32.68 -1.04 24.52
N PHE B 510 33.09 -2.31 24.60
CA PHE B 510 32.10 -3.43 24.60
C PHE B 510 32.02 -4.06 25.97
N GLN B 511 30.86 -4.62 26.30
CA GLN B 511 30.71 -5.35 27.60
C GLN B 511 31.56 -6.63 27.53
N SER B 512 31.80 -7.30 28.66
CA SER B 512 32.70 -8.48 28.73
C SER B 512 32.36 -9.57 27.69
N PHE B 513 31.07 -9.88 27.48
CA PHE B 513 30.72 -11.02 26.60
C PHE B 513 30.12 -10.52 25.27
N GLN B 514 29.98 -9.21 25.10
CA GLN B 514 29.39 -8.64 23.86
C GLN B 514 30.31 -8.98 22.67
N GLN B 515 29.72 -9.39 21.54
CA GLN B 515 30.52 -9.75 20.35
C GLN B 515 30.24 -8.75 19.23
N PHE B 516 29.07 -8.12 19.25
CA PHE B 516 28.71 -7.18 18.15
C PHE B 516 27.81 -6.06 18.70
N GLY B 517 27.78 -4.93 18.01
CA GLY B 517 26.90 -3.81 18.44
C GLY B 517 25.91 -3.48 17.34
N ARG B 518 24.69 -3.09 17.73
CA ARG B 518 23.67 -2.70 16.73
C ARG B 518 23.05 -1.35 17.10
N ASP B 519 22.45 -0.66 16.11
CA ASP B 519 21.81 0.66 16.36
C ASP B 519 20.29 0.48 16.34
N VAL B 520 19.54 1.59 16.42
CA VAL B 520 18.06 1.53 16.40
C VAL B 520 17.58 0.85 15.11
N SER B 521 18.28 1.05 14.00
CA SER B 521 17.87 0.47 12.70
C SER B 521 18.13 -1.05 12.70
N ASP B 522 18.84 -1.57 13.71
CA ASP B 522 19.23 -3.01 13.75
C ASP B 522 20.37 -3.21 12.75
N PHE B 523 21.14 -2.15 12.47
CA PHE B 523 22.33 -2.29 11.59
C PHE B 523 23.52 -2.63 12.48
N THR B 524 24.26 -3.68 12.12
CA THR B 524 25.46 -4.05 12.91
C THR B 524 26.52 -3.01 12.64
N ASP B 525 26.76 -2.12 13.60
CA ASP B 525 27.70 -0.99 13.38
C ASP B 525 29.08 -1.34 13.95
N SER B 526 29.19 -2.43 14.70
CA SER B 526 30.50 -2.73 15.33
C SER B 526 30.64 -4.22 15.65
N VAL B 527 31.88 -4.71 15.71
CA VAL B 527 32.11 -6.16 15.98
C VAL B 527 33.42 -6.33 16.77
N LYS B 528 33.45 -7.32 17.67
CA LYS B 528 34.73 -7.62 18.37
C LYS B 528 35.43 -8.73 17.58
N ASP B 529 36.68 -8.49 17.18
CA ASP B 529 37.43 -9.53 16.43
C ASP B 529 37.69 -10.72 17.35
N PRO B 530 37.29 -11.96 16.99
CA PRO B 530 37.44 -13.09 17.90
C PRO B 530 38.90 -13.50 18.15
N LYS B 531 39.84 -12.97 17.37
CA LYS B 531 41.27 -13.37 17.52
C LYS B 531 42.05 -12.30 18.28
N THR B 532 41.82 -11.01 18.00
CA THR B 532 42.60 -9.92 18.64
C THR B 532 41.79 -9.29 19.76
N LEU B 533 40.49 -9.54 19.83
CA LEU B 533 39.61 -9.00 20.90
C LEU B 533 39.47 -7.48 20.71
N GLU B 534 39.84 -6.97 19.53
CA GLU B 534 39.75 -5.52 19.24
C GLU B 534 38.36 -5.19 18.68
N VAL B 535 37.75 -4.10 19.14
CA VAL B 535 36.41 -3.69 18.64
C VAL B 535 36.61 -2.93 17.31
N LEU B 536 35.88 -3.33 16.26
CA LEU B 536 36.01 -2.66 14.95
C LEU B 536 34.67 -2.02 14.56
N ASP B 537 34.69 -0.79 14.04
CA ASP B 537 33.43 -0.19 13.54
C ASP B 537 33.13 -0.71 12.13
N ILE B 538 31.86 -0.95 11.83
CA ILE B 538 31.46 -1.42 10.48
C ILE B 538 30.67 -0.28 9.81
N THR B 539 31.22 0.31 8.76
CA THR B 539 30.53 1.42 8.06
C THR B 539 29.98 0.90 6.76
N PRO B 540 28.81 1.39 6.28
CA PRO B 540 28.30 0.98 4.97
C PRO B 540 29.30 1.36 3.87
N CYS B 541 29.38 0.54 2.82
CA CYS B 541 30.38 0.77 1.74
C CYS B 541 30.13 2.12 1.03
N SER B 542 28.87 2.56 0.95
CA SER B 542 28.58 3.89 0.36
C SER B 542 27.39 4.54 1.07
N TYR B 543 27.65 5.36 2.09
CA TYR B 543 26.54 5.98 2.88
C TYR B 543 26.39 7.46 2.50
N GLY B 544 27.47 8.10 2.07
CA GLY B 544 27.38 9.51 1.65
C GLY B 544 26.58 9.63 0.36
N GLY B 545 25.87 10.75 0.18
CA GLY B 545 25.11 10.97 -1.06
C GLY B 545 25.99 11.57 -2.15
N VAL B 546 25.88 11.06 -3.38
CA VAL B 546 26.66 11.64 -4.51
C VAL B 546 25.67 12.17 -5.56
N SER B 547 25.82 13.44 -5.95
CA SER B 547 24.95 14.00 -7.02
C SER B 547 25.78 14.24 -8.28
N VAL B 548 25.23 13.90 -9.45
CA VAL B 548 25.96 14.16 -10.73
C VAL B 548 25.29 15.32 -11.47
N ILE B 549 26.08 16.32 -11.85
CA ILE B 549 25.56 17.51 -12.59
C ILE B 549 25.91 17.34 -14.07
N THR B 550 24.92 17.40 -14.95
CA THR B 550 25.16 17.22 -16.41
C THR B 550 24.44 18.29 -17.21
N PRO B 551 25.05 18.84 -18.28
CA PRO B 551 24.33 19.77 -19.15
C PRO B 551 23.43 19.06 -20.14
N GLY B 552 23.29 17.73 -20.00
CA GLY B 552 22.49 16.93 -20.95
C GLY B 552 23.39 16.15 -21.87
N THR B 553 23.08 14.87 -22.11
CA THR B 553 23.95 14.00 -22.95
C THR B 553 24.00 14.50 -24.39
N ASN B 554 22.96 15.22 -24.83
CA ASN B 554 22.93 15.78 -26.20
C ASN B 554 23.89 16.97 -26.32
N ALA B 555 24.21 17.62 -25.20
CA ALA B 555 25.07 18.83 -25.24
C ALA B 555 26.53 18.46 -24.94
N SER B 556 26.76 17.53 -24.01
CA SER B 556 28.15 17.19 -23.61
C SER B 556 28.18 15.91 -22.77
N THR B 557 29.33 15.20 -22.77
CA THR B 557 29.48 14.03 -21.89
C THR B 557 30.25 14.47 -20.66
N GLN B 558 30.66 15.75 -20.60
CA GLN B 558 31.34 16.29 -19.40
C GLN B 558 30.33 16.34 -18.23
N VAL B 559 30.77 15.96 -17.03
CA VAL B 559 29.86 15.99 -15.84
C VAL B 559 30.62 16.58 -14.65
N ALA B 560 29.88 17.13 -13.68
CA ALA B 560 30.51 17.58 -12.43
C ALA B 560 29.91 16.73 -11.31
N VAL B 561 30.67 16.47 -10.25
CA VAL B 561 30.14 15.54 -9.20
C VAL B 561 30.11 16.29 -7.86
N LEU B 562 28.96 16.24 -7.17
CA LEU B 562 28.82 16.89 -5.84
C LEU B 562 28.82 15.80 -4.76
N TYR B 563 29.79 15.84 -3.84
CA TYR B 563 29.83 14.88 -2.70
C TYR B 563 29.19 15.60 -1.53
N GLN B 564 27.98 15.19 -1.12
CA GLN B 564 27.22 15.91 -0.08
C GLN B 564 27.82 15.79 1.33
N ASP B 565 27.96 16.92 2.04
CA ASP B 565 28.43 16.93 3.45
C ASP B 565 29.82 16.29 3.58
N VAL B 566 30.61 16.32 2.50
CA VAL B 566 32.00 15.77 2.56
C VAL B 566 32.98 16.91 2.24
N ASN B 567 34.07 17.01 3.01
CA ASN B 567 35.11 18.02 2.69
C ASN B 567 35.93 17.54 1.50
N CYS B 568 36.42 18.48 0.68
CA CYS B 568 37.18 18.12 -0.54
C CYS B 568 38.42 17.24 -0.21
N THR B 569 38.97 17.37 1.00
CA THR B 569 40.14 16.56 1.41
C THR B 569 39.75 15.14 1.70
N ASP B 570 38.50 14.88 2.08
CA ASP B 570 38.07 13.53 2.54
C ASP B 570 37.37 12.73 1.42
N VAL B 571 37.18 13.37 0.26
CA VAL B 571 36.44 12.70 -0.84
C VAL B 571 37.11 11.37 -1.24
N PRO B 572 38.44 11.26 -1.45
CA PRO B 572 39.05 9.99 -1.82
C PRO B 572 38.78 8.85 -0.84
N THR B 573 38.76 9.14 0.46
CA THR B 573 38.50 8.09 1.48
C THR B 573 37.02 7.80 1.56
N ALA B 574 36.19 8.85 1.49
CA ALA B 574 34.71 8.71 1.61
C ALA B 574 34.17 7.81 0.50
N ILE B 575 34.69 7.93 -0.73
CA ILE B 575 34.14 7.17 -1.89
C ILE B 575 35.03 5.96 -2.23
N HIS B 576 36.10 5.72 -1.46
CA HIS B 576 37.00 4.55 -1.69
C HIS B 576 37.53 4.57 -3.12
N ALA B 577 38.23 5.65 -3.50
CA ALA B 577 38.71 5.83 -4.90
C ALA B 577 39.69 4.74 -5.35
N GLU B 578 40.49 4.20 -4.43
CA GLU B 578 41.51 3.18 -4.81
C GLU B 578 40.81 1.91 -5.35
N GLN B 579 39.59 1.63 -4.87
CA GLN B 579 38.83 0.43 -5.33
C GLN B 579 37.96 0.79 -6.54
N LEU B 580 38.06 2.03 -7.02
CA LEU B 580 37.17 2.48 -8.13
C LEU B 580 37.92 2.41 -9.47
N THR B 581 37.19 2.66 -10.56
CA THR B 581 37.80 2.67 -11.91
C THR B 581 38.63 3.92 -12.10
N PRO B 582 39.65 3.92 -12.98
CA PRO B 582 40.40 5.13 -13.27
C PRO B 582 39.46 6.28 -13.67
N SER B 583 38.36 5.98 -14.36
CA SER B 583 37.37 7.01 -14.79
C SER B 583 36.76 7.71 -13.57
N TRP B 584 36.45 6.99 -12.49
CA TRP B 584 35.91 7.61 -11.25
C TRP B 584 37.00 8.38 -10.50
N ARG B 585 38.23 7.88 -10.52
CA ARG B 585 39.32 8.53 -9.73
C ARG B 585 39.54 9.97 -10.21
N VAL B 586 39.23 10.26 -11.47
CA VAL B 586 39.38 11.65 -12.02
C VAL B 586 38.45 12.60 -11.23
N TYR B 587 37.35 12.08 -10.69
CA TYR B 587 36.36 12.94 -9.96
C TYR B 587 36.58 12.85 -8.45
N SER B 588 37.69 12.25 -8.02
CA SER B 588 38.00 12.19 -6.57
C SER B 588 38.94 13.35 -6.20
N THR B 589 39.62 13.94 -7.19
CA THR B 589 40.57 15.04 -6.94
C THR B 589 40.57 15.93 -8.15
N GLY B 590 41.45 16.95 -8.17
CA GLY B 590 41.58 17.80 -9.36
C GLY B 590 41.82 19.25 -9.01
N THR B 591 42.19 20.08 -9.99
CA THR B 591 42.40 21.52 -9.76
C THR B 591 41.04 22.17 -9.54
N ASN B 592 40.02 21.71 -10.25
CA ASN B 592 38.64 22.26 -10.09
C ASN B 592 37.94 21.57 -8.90
N MET B 593 38.34 21.89 -7.67
CA MET B 593 37.62 21.35 -6.49
C MET B 593 37.15 22.54 -5.65
N PHE B 594 35.83 22.68 -5.46
CA PHE B 594 35.29 23.87 -4.75
C PHE B 594 34.47 23.36 -3.58
N GLN B 595 34.73 23.89 -2.38
CA GLN B 595 33.92 23.50 -1.20
C GLN B 595 32.67 24.38 -1.13
N THR B 596 31.48 23.75 -1.04
CA THR B 596 30.24 24.53 -0.87
C THR B 596 29.60 24.07 0.42
N GLN B 597 28.56 24.75 0.88
CA GLN B 597 27.84 24.30 2.09
C GLN B 597 27.09 22.99 1.76
N ALA B 598 26.89 22.72 0.48
CA ALA B 598 26.19 21.48 0.05
C ALA B 598 27.18 20.30 -0.04
N GLY B 599 28.49 20.57 0.02
CA GLY B 599 29.51 19.50 -0.08
C GLY B 599 30.65 19.87 -1.01
N CYS B 600 31.44 18.89 -1.44
CA CYS B 600 32.58 19.17 -2.33
C CYS B 600 32.15 19.01 -3.80
N LEU B 601 32.29 20.05 -4.60
CA LEU B 601 31.95 19.97 -6.05
C LEU B 601 33.23 19.74 -6.85
N ILE B 602 33.29 18.66 -7.64
CA ILE B 602 34.50 18.37 -8.47
C ILE B 602 34.08 18.33 -9.95
N GLY B 603 34.87 18.99 -10.82
CA GLY B 603 34.58 18.96 -12.27
C GLY B 603 33.95 20.25 -12.77
N ALA B 604 33.60 21.17 -11.86
CA ALA B 604 33.05 22.49 -12.27
C ALA B 604 34.05 23.59 -11.96
N GLU B 605 34.22 24.54 -12.90
CA GLU B 605 35.12 25.68 -12.66
C GLU B 605 34.34 26.76 -11.87
N HIS B 606 34.88 27.21 -10.74
CA HIS B 606 34.19 28.24 -9.93
C HIS B 606 34.46 29.63 -10.54
N VAL B 607 33.41 30.43 -10.72
CA VAL B 607 33.61 31.82 -11.24
C VAL B 607 33.09 32.84 -10.21
N ASN B 608 33.62 34.06 -10.27
CA ASN B 608 33.21 35.14 -9.32
C ASN B 608 32.03 35.91 -9.92
N ASN B 609 31.65 35.58 -11.16
CA ASN B 609 30.56 36.32 -11.83
C ASN B 609 29.21 35.76 -11.37
N SER B 610 28.17 36.61 -11.32
CA SER B 610 26.84 36.17 -10.84
C SER B 610 25.87 36.07 -12.02
N TYR B 611 25.18 34.94 -12.15
CA TYR B 611 24.22 34.75 -13.27
C TYR B 611 22.91 34.22 -12.73
N ASP B 612 21.90 34.16 -13.61
CA ASP B 612 20.61 33.54 -13.20
C ASP B 612 20.85 32.04 -13.02
N CYS B 613 20.11 31.41 -12.12
CA CYS B 613 20.33 29.97 -11.83
C CYS B 613 19.92 29.12 -13.04
N ASP B 614 20.81 28.20 -13.48
CA ASP B 614 20.49 27.29 -14.60
C ASP B 614 20.28 25.88 -14.02
N ILE B 615 21.33 25.32 -13.42
CA ILE B 615 21.21 23.99 -12.75
C ILE B 615 21.40 24.23 -11.23
N PRO B 616 20.35 24.13 -10.40
CA PRO B 616 20.49 24.41 -8.98
C PRO B 616 21.27 23.33 -8.25
N ILE B 617 22.29 23.73 -7.48
CA ILE B 617 23.09 22.74 -6.69
C ILE B 617 22.65 22.83 -5.22
N GLY B 618 22.52 24.06 -4.70
CA GLY B 618 22.10 24.25 -3.29
C GLY B 618 22.96 25.28 -2.60
N ALA B 619 22.51 25.79 -1.45
CA ALA B 619 23.26 26.79 -0.66
C ALA B 619 23.63 28.01 -1.53
N GLY B 620 22.74 28.41 -2.45
CA GLY B 620 22.97 29.61 -3.27
C GLY B 620 23.84 29.34 -4.49
N ILE B 621 24.36 28.11 -4.62
CA ILE B 621 25.29 27.80 -5.75
C ILE B 621 24.52 27.16 -6.91
N CYS B 622 24.77 27.62 -8.13
CA CYS B 622 24.13 27.00 -9.32
C CYS B 622 25.24 26.66 -10.34
N ALA B 623 24.93 25.80 -11.30
CA ALA B 623 25.93 25.45 -12.34
C ALA B 623 25.36 25.70 -13.74
N THR B 624 26.24 25.95 -14.71
CA THR B 624 25.83 26.18 -16.11
C THR B 624 26.88 25.62 -17.05
N TYR B 625 26.51 25.35 -18.32
CA TYR B 625 27.51 24.89 -19.31
C TYR B 625 27.95 26.09 -20.15
N HIS B 626 28.60 27.06 -19.51
CA HIS B 626 29.01 28.30 -20.24
C HIS B 626 30.33 28.06 -20.98
N THR B 627 30.73 29.01 -21.82
CA THR B 627 32.01 28.91 -22.54
C THR B 627 33.04 29.78 -21.86
N PRO B 628 33.97 29.22 -21.06
CA PRO B 628 35.02 30.01 -20.43
C PRO B 628 36.26 30.12 -21.30
N ASN B 637 36.48 26.03 -25.50
CA ASN B 637 35.62 24.84 -25.24
C ASN B 637 34.64 25.16 -24.11
N LYS B 638 33.39 24.73 -24.27
CA LYS B 638 32.41 24.94 -23.17
C LYS B 638 32.80 24.04 -21.98
N ARG B 639 32.58 24.52 -20.77
CA ARG B 639 32.91 23.74 -19.55
C ARG B 639 31.80 23.96 -18.50
N ILE B 640 31.63 23.02 -17.57
CA ILE B 640 30.60 23.20 -16.51
C ILE B 640 31.17 24.26 -15.55
N VAL B 641 30.39 25.29 -15.25
CA VAL B 641 30.87 26.40 -14.39
C VAL B 641 29.95 26.51 -13.17
N ALA B 642 30.51 26.71 -11.98
CA ALA B 642 29.69 26.88 -10.75
C ALA B 642 29.79 28.33 -10.28
N TYR B 643 28.68 28.90 -9.80
CA TYR B 643 28.66 30.32 -9.40
C TYR B 643 27.58 30.58 -8.36
N VAL B 644 27.69 31.71 -7.64
CA VAL B 644 26.60 32.09 -6.70
C VAL B 644 25.48 32.71 -7.56
N MET B 645 24.24 32.26 -7.37
CA MET B 645 23.13 32.74 -8.23
C MET B 645 22.82 34.22 -7.97
N SER B 646 22.39 34.93 -9.02
CA SER B 646 21.99 36.36 -8.86
C SER B 646 20.58 36.43 -8.29
N LEU B 647 20.33 37.36 -7.36
CA LEU B 647 18.96 37.54 -6.80
C LEU B 647 18.21 38.58 -7.65
N GLY B 648 18.94 39.37 -8.44
CA GLY B 648 18.30 40.38 -9.31
C GLY B 648 19.15 41.62 -9.43
N ALA B 649 18.73 42.58 -10.26
CA ALA B 649 19.52 43.81 -10.48
C ALA B 649 19.39 44.76 -9.28
N GLU B 650 20.46 45.47 -8.95
CA GLU B 650 20.44 46.43 -7.81
C GLU B 650 19.76 47.74 -8.24
N ASN B 651 19.01 48.37 -7.33
CA ASN B 651 18.35 49.66 -7.64
C ASN B 651 18.19 50.47 -6.35
N SER B 652 18.77 51.68 -6.30
CA SER B 652 18.63 52.55 -5.10
C SER B 652 17.57 53.62 -5.35
N VAL B 653 16.46 53.59 -4.62
CA VAL B 653 15.45 54.68 -4.78
C VAL B 653 15.95 55.94 -4.06
N ALA B 654 15.99 57.08 -4.76
CA ALA B 654 16.47 58.35 -4.17
C ALA B 654 15.37 58.99 -3.31
N TYR B 655 15.24 58.52 -2.06
CA TYR B 655 14.14 59.01 -1.18
C TYR B 655 14.35 60.47 -0.75
N SER B 656 13.30 61.29 -0.81
CA SER B 656 13.38 62.67 -0.28
C SER B 656 12.02 63.07 0.33
N ASN B 657 12.04 63.98 1.31
CA ASN B 657 10.78 64.39 2.00
C ASN B 657 9.97 65.37 1.16
N ASN B 658 10.51 65.85 0.03
CA ASN B 658 9.81 66.90 -0.76
C ASN B 658 9.86 66.62 -2.27
N THR B 659 10.09 65.37 -2.65
CA THR B 659 10.16 65.03 -4.09
C THR B 659 9.21 63.90 -4.41
N ILE B 660 8.53 63.99 -5.55
CA ILE B 660 7.66 62.87 -5.99
C ILE B 660 7.97 62.61 -7.47
N ALA B 661 7.95 61.33 -7.87
CA ALA B 661 8.14 60.99 -9.30
C ALA B 661 6.76 60.69 -9.89
N ILE B 662 6.40 61.41 -10.96
CA ILE B 662 5.06 61.21 -11.60
C ILE B 662 5.28 60.67 -13.02
N PRO B 663 4.58 59.60 -13.44
CA PRO B 663 4.70 59.12 -14.81
C PRO B 663 4.24 60.14 -15.84
N THR B 664 4.99 60.28 -16.94
CA THR B 664 4.63 61.23 -18.01
C THR B 664 4.13 60.46 -19.22
N ASN B 665 4.27 59.14 -19.20
CA ASN B 665 3.83 58.29 -20.34
C ASN B 665 3.49 56.90 -19.82
N PHE B 666 2.89 56.07 -20.67
CA PHE B 666 2.52 54.69 -20.25
C PHE B 666 2.66 53.72 -21.41
N THR B 667 2.57 52.43 -21.11
CA THR B 667 2.65 51.38 -22.15
C THR B 667 1.57 50.36 -21.88
N ILE B 668 0.78 50.00 -22.91
CA ILE B 668 -0.25 48.94 -22.71
C ILE B 668 0.45 47.60 -22.95
N SER B 669 0.49 46.76 -21.92
CA SER B 669 1.21 45.46 -22.02
C SER B 669 0.21 44.31 -22.08
N VAL B 670 0.52 43.27 -22.85
CA VAL B 670 -0.34 42.05 -22.85
C VAL B 670 0.54 40.88 -22.42
N THR B 671 0.16 40.22 -21.31
CA THR B 671 0.97 39.08 -20.79
C THR B 671 0.15 37.81 -20.87
N THR B 672 0.83 36.66 -20.93
CA THR B 672 0.14 35.36 -21.05
C THR B 672 0.21 34.61 -19.74
N GLU B 673 -0.90 34.03 -19.30
CA GLU B 673 -0.89 33.18 -18.08
C GLU B 673 -1.41 31.79 -18.50
N VAL B 674 -0.58 30.75 -18.36
CA VAL B 674 -0.99 29.37 -18.79
C VAL B 674 -1.42 28.57 -17.57
N MET B 675 -2.63 28.00 -17.59
CA MET B 675 -3.15 27.30 -16.39
C MET B 675 -3.74 25.94 -16.77
N PRO B 676 -3.28 24.82 -16.19
CA PRO B 676 -3.92 23.52 -16.41
C PRO B 676 -5.33 23.55 -15.86
N VAL B 677 -6.26 22.91 -16.58
CA VAL B 677 -7.69 22.88 -16.14
C VAL B 677 -8.11 21.42 -15.96
N SER B 678 -7.62 20.52 -16.82
CA SER B 678 -8.07 19.10 -16.76
C SER B 678 -6.91 18.13 -17.02
N MET B 679 -7.10 16.85 -16.68
CA MET B 679 -6.09 15.81 -16.97
C MET B 679 -6.77 14.69 -17.79
N THR B 680 -5.99 13.77 -18.36
CA THR B 680 -6.56 12.64 -19.14
C THR B 680 -7.45 11.79 -18.27
N LYS B 681 -8.67 11.49 -18.73
CA LYS B 681 -9.63 10.65 -17.96
C LYS B 681 -9.30 9.16 -18.16
N THR B 682 -8.62 8.54 -17.20
CA THR B 682 -8.19 7.14 -17.40
C THR B 682 -9.17 6.18 -16.75
N SER B 683 -9.40 5.01 -17.37
CA SER B 683 -10.26 3.96 -16.78
C SER B 683 -9.45 2.66 -16.70
N VAL B 684 -9.63 1.88 -15.63
CA VAL B 684 -8.87 0.61 -15.48
C VAL B 684 -9.82 -0.58 -15.27
N ASP B 685 -9.65 -1.65 -16.04
CA ASP B 685 -10.41 -2.90 -15.77
C ASP B 685 -9.50 -3.69 -14.84
N CYS B 686 -9.79 -3.70 -13.53
CA CYS B 686 -8.89 -4.31 -12.52
C CYS B 686 -8.65 -5.81 -12.79
N THR B 687 -9.70 -6.57 -13.14
CA THR B 687 -9.56 -8.04 -13.33
C THR B 687 -8.68 -8.32 -14.54
N MET B 688 -8.86 -7.57 -15.63
CA MET B 688 -8.07 -7.78 -16.87
C MET B 688 -6.60 -7.41 -16.62
N TYR B 689 -6.35 -6.42 -15.76
CA TYR B 689 -4.96 -6.01 -15.45
C TYR B 689 -4.29 -7.07 -14.58
N ILE B 690 -4.96 -7.46 -13.51
CA ILE B 690 -4.29 -8.39 -12.54
C ILE B 690 -4.33 -9.83 -13.08
N CYS B 691 -5.47 -10.28 -13.62
CA CYS B 691 -5.61 -11.72 -13.99
C CYS B 691 -5.76 -11.96 -15.50
N GLY B 692 -5.87 -10.91 -16.32
CA GLY B 692 -6.12 -11.13 -17.75
C GLY B 692 -7.36 -11.97 -17.95
N ASP B 693 -7.28 -13.04 -18.75
CA ASP B 693 -8.46 -13.91 -19.03
C ASP B 693 -8.41 -15.18 -18.18
N SER B 694 -7.55 -15.22 -17.15
CA SER B 694 -7.40 -16.44 -16.32
C SER B 694 -8.58 -16.61 -15.34
N VAL B 695 -9.30 -17.72 -15.44
CA VAL B 695 -10.43 -18.00 -14.49
C VAL B 695 -9.85 -18.36 -13.12
N GLU B 696 -8.73 -19.08 -13.10
CA GLU B 696 -8.09 -19.47 -11.82
C GLU B 696 -7.67 -18.21 -11.05
N CYS B 697 -7.01 -17.26 -11.71
CA CYS B 697 -6.56 -16.02 -11.05
C CYS B 697 -7.79 -15.19 -10.64
N SER B 698 -8.81 -15.11 -11.49
CA SER B 698 -9.99 -14.26 -11.18
C SER B 698 -10.72 -14.81 -9.95
N THR B 699 -10.76 -16.14 -9.80
CA THR B 699 -11.38 -16.76 -8.61
C THR B 699 -10.57 -16.41 -7.37
N LEU B 700 -9.24 -16.43 -7.48
CA LEU B 700 -8.38 -16.02 -6.33
C LEU B 700 -8.55 -14.52 -6.04
N LEU B 701 -8.69 -13.70 -7.09
CA LEU B 701 -8.79 -12.24 -6.90
C LEU B 701 -10.06 -11.91 -6.09
N LEU B 702 -11.11 -12.73 -6.23
CA LEU B 702 -12.38 -12.49 -5.49
C LEU B 702 -12.13 -12.57 -3.97
N GLN B 703 -11.10 -13.30 -3.54
CA GLN B 703 -10.78 -13.43 -2.09
C GLN B 703 -10.30 -12.10 -1.51
N TYR B 704 -9.93 -11.13 -2.36
CA TYR B 704 -9.42 -9.81 -1.88
C TYR B 704 -10.57 -8.84 -1.64
N GLY B 705 -11.79 -9.24 -1.98
CA GLY B 705 -12.96 -8.40 -1.65
C GLY B 705 -13.20 -7.20 -2.54
N SER B 706 -13.30 -6.00 -1.97
CA SER B 706 -13.71 -4.82 -2.76
C SER B 706 -12.54 -3.95 -3.27
N PHE B 707 -11.29 -4.41 -3.18
CA PHE B 707 -10.14 -3.57 -3.59
C PHE B 707 -10.34 -3.05 -5.02
N CYS B 708 -10.65 -3.95 -5.96
CA CYS B 708 -10.83 -3.56 -7.39
C CYS B 708 -11.98 -2.55 -7.54
N THR B 709 -13.10 -2.76 -6.85
CA THR B 709 -14.27 -1.87 -6.99
C THR B 709 -13.96 -0.50 -6.43
N GLN B 710 -13.25 -0.45 -5.29
CA GLN B 710 -12.85 0.85 -4.69
C GLN B 710 -11.95 1.60 -5.68
N LEU B 711 -11.02 0.89 -6.31
CA LEU B 711 -10.06 1.52 -7.26
C LEU B 711 -10.84 2.13 -8.44
N ASN B 712 -11.86 1.41 -8.94
CA ASN B 712 -12.64 1.88 -10.11
C ASN B 712 -13.47 3.11 -9.70
N ARG B 713 -14.05 3.10 -8.49
CA ARG B 713 -14.87 4.24 -8.01
C ARG B 713 -13.99 5.49 -7.90
N ALA B 714 -12.73 5.32 -7.45
CA ALA B 714 -11.81 6.47 -7.29
C ALA B 714 -11.45 7.05 -8.66
N LEU B 715 -11.19 6.19 -9.65
CA LEU B 715 -10.82 6.66 -11.01
C LEU B 715 -12.05 7.31 -11.67
N THR B 716 -13.24 6.78 -11.41
CA THR B 716 -14.49 7.33 -12.01
C THR B 716 -14.74 8.70 -11.43
N GLY B 717 -14.45 8.89 -10.14
CA GLY B 717 -14.61 10.21 -9.50
C GLY B 717 -13.68 11.23 -10.13
N ILE B 718 -12.43 10.82 -10.39
CA ILE B 718 -11.44 11.73 -11.05
C ILE B 718 -11.97 12.10 -12.44
N ALA B 719 -12.47 11.12 -13.20
CA ALA B 719 -12.93 11.36 -14.60
C ALA B 719 -14.08 12.38 -14.62
N VAL B 720 -15.01 12.26 -13.68
CA VAL B 720 -16.17 13.21 -13.61
C VAL B 720 -15.65 14.60 -13.20
N GLU B 721 -14.68 14.65 -12.28
CA GLU B 721 -14.12 15.93 -11.79
C GLU B 721 -13.47 16.69 -12.97
N GLN B 722 -12.84 15.97 -13.91
CA GLN B 722 -12.14 16.64 -15.04
C GLN B 722 -13.16 17.37 -15.93
N ASP B 723 -14.31 16.75 -16.18
CA ASP B 723 -15.37 17.44 -16.98
C ASP B 723 -15.92 18.62 -16.18
N LYS B 724 -16.08 18.45 -14.87
CA LYS B 724 -16.58 19.54 -13.99
C LYS B 724 -15.57 20.71 -14.00
N ASN B 725 -14.27 20.40 -13.94
CA ASN B 725 -13.23 21.46 -14.00
C ASN B 725 -13.45 22.32 -15.25
N THR B 726 -13.54 21.69 -16.42
CA THR B 726 -13.70 22.44 -17.69
C THR B 726 -14.97 23.26 -17.65
N GLN B 727 -16.07 22.65 -17.20
CA GLN B 727 -17.38 23.36 -17.18
C GLN B 727 -17.27 24.61 -16.30
N GLU B 728 -16.65 24.49 -15.12
CA GLU B 728 -16.55 25.64 -14.19
C GLU B 728 -15.72 26.77 -14.83
N VAL B 729 -14.64 26.41 -15.54
CA VAL B 729 -13.75 27.44 -16.13
C VAL B 729 -14.40 28.08 -17.37
N PHE B 730 -14.94 27.29 -18.30
CA PHE B 730 -15.41 27.86 -19.59
C PHE B 730 -16.92 28.11 -19.67
N ALA B 731 -17.75 27.30 -19.02
CA ALA B 731 -19.22 27.43 -19.19
C ALA B 731 -19.85 28.40 -18.18
N GLN B 732 -19.18 29.51 -17.86
CA GLN B 732 -19.72 30.42 -16.83
C GLN B 732 -20.91 31.22 -17.41
N VAL B 733 -20.81 31.65 -18.67
CA VAL B 733 -21.95 32.36 -19.32
C VAL B 733 -22.68 31.36 -20.25
N LYS B 734 -23.99 31.22 -20.07
CA LYS B 734 -24.77 30.25 -20.89
C LYS B 734 -25.35 30.96 -22.12
N GLN B 735 -24.99 32.23 -22.31
CA GLN B 735 -25.43 32.95 -23.54
C GLN B 735 -24.28 32.89 -24.55
N ILE B 736 -24.53 32.30 -25.71
CA ILE B 736 -23.45 32.17 -26.74
C ILE B 736 -23.53 33.41 -27.65
N TYR B 737 -22.88 34.50 -27.23
CA TYR B 737 -22.89 35.75 -28.02
C TYR B 737 -22.23 35.47 -29.37
N LYS B 738 -22.93 35.80 -30.46
CA LYS B 738 -22.41 35.51 -31.82
C LYS B 738 -21.19 36.41 -32.10
N THR B 739 -20.19 35.86 -32.77
CA THR B 739 -18.98 36.64 -33.10
C THR B 739 -19.39 37.81 -33.97
N PRO B 740 -18.95 39.06 -33.68
CA PRO B 740 -19.26 40.18 -34.57
C PRO B 740 -18.64 39.98 -35.94
N ASP B 741 -19.32 40.49 -36.98
CA ASP B 741 -18.80 40.36 -38.37
C ASP B 741 -17.44 41.06 -38.48
N ILE B 742 -17.35 42.30 -38.01
CA ILE B 742 -16.07 43.05 -38.04
C ILE B 742 -15.32 42.80 -36.71
N LYS B 743 -14.00 42.67 -36.77
CA LYS B 743 -13.19 42.42 -35.54
C LYS B 743 -12.47 43.72 -35.18
N ASP B 744 -13.04 44.86 -35.57
CA ASP B 744 -12.40 46.18 -35.29
C ASP B 744 -13.32 47.00 -34.39
N PHE B 745 -12.79 47.53 -33.29
CA PHE B 745 -13.62 48.30 -32.33
C PHE B 745 -12.84 49.54 -31.90
N GLY B 746 -13.17 50.71 -32.45
CA GLY B 746 -12.44 51.95 -32.12
C GLY B 746 -10.96 51.80 -32.41
N GLY B 747 -10.61 50.95 -33.38
CA GLY B 747 -9.19 50.76 -33.77
C GLY B 747 -8.56 49.55 -33.10
N PHE B 748 -9.21 48.99 -32.09
CA PHE B 748 -8.69 47.77 -31.41
C PHE B 748 -8.96 46.54 -32.28
N ASN B 749 -7.91 45.76 -32.57
CA ASN B 749 -8.05 44.61 -33.50
C ASN B 749 -8.12 43.30 -32.72
N PHE B 750 -9.29 42.64 -32.72
CA PHE B 750 -9.45 41.36 -31.99
C PHE B 750 -9.32 40.18 -32.95
N SER B 751 -8.86 40.41 -34.19
CA SER B 751 -8.82 39.33 -35.21
C SER B 751 -7.95 38.14 -34.80
N GLN B 752 -6.97 38.33 -33.90
CA GLN B 752 -6.05 37.22 -33.54
C GLN B 752 -6.63 36.38 -32.39
N ILE B 753 -7.63 36.91 -31.69
CA ILE B 753 -8.19 36.20 -30.49
C ILE B 753 -9.65 35.80 -30.74
N LEU B 754 -10.26 36.29 -31.82
CA LEU B 754 -11.69 35.99 -32.11
C LEU B 754 -11.79 34.84 -33.11
N PRO B 755 -12.97 34.21 -33.30
CA PRO B 755 -13.13 33.18 -34.32
C PRO B 755 -12.62 33.76 -35.63
N ASP B 756 -12.12 32.91 -36.52
CA ASP B 756 -11.65 33.36 -37.85
C ASP B 756 -12.86 33.59 -38.77
N PRO B 757 -12.93 34.70 -39.52
CA PRO B 757 -14.08 34.99 -40.36
C PRO B 757 -14.28 33.93 -41.44
N SER B 758 -15.54 33.62 -41.76
CA SER B 758 -15.85 32.63 -42.82
C SER B 758 -15.14 31.29 -42.54
N LYS B 759 -15.09 30.88 -41.27
CA LYS B 759 -14.48 29.58 -40.92
C LYS B 759 -15.48 28.76 -40.08
N PRO B 760 -15.91 27.57 -40.55
CA PRO B 760 -16.90 26.79 -39.84
C PRO B 760 -16.39 26.40 -38.45
N SER B 761 -15.09 26.09 -38.34
CA SER B 761 -14.51 25.85 -36.99
C SER B 761 -14.43 27.19 -36.23
N LYS B 762 -14.52 27.18 -34.90
CA LYS B 762 -14.55 28.46 -34.14
C LYS B 762 -13.25 28.66 -33.35
N ARG B 763 -12.10 28.30 -33.93
CA ARG B 763 -10.81 28.43 -33.21
C ARG B 763 -10.12 29.73 -33.65
N SER B 764 -9.51 30.46 -32.70
CA SER B 764 -8.85 31.75 -33.01
C SER B 764 -7.42 31.50 -33.52
N PRO B 765 -6.81 32.45 -34.28
CA PRO B 765 -5.48 32.21 -34.83
C PRO B 765 -4.50 31.80 -33.74
N ILE B 766 -4.53 32.50 -32.60
CA ILE B 766 -3.62 32.15 -31.47
C ILE B 766 -3.97 30.75 -30.96
N GLU B 767 -5.26 30.45 -30.80
CA GLU B 767 -5.69 29.11 -30.32
C GLU B 767 -5.14 28.03 -31.27
N ASP B 768 -5.21 28.28 -32.58
CA ASP B 768 -4.67 27.31 -33.57
C ASP B 768 -3.23 26.95 -33.18
N LEU B 769 -2.39 27.96 -32.88
CA LEU B 769 -0.99 27.71 -32.46
C LEU B 769 -0.95 26.95 -31.12
N LEU B 770 -1.72 27.39 -30.13
CA LEU B 770 -1.65 26.78 -28.78
C LEU B 770 -1.84 25.27 -28.93
N PHE B 771 -2.84 24.86 -29.71
CA PHE B 771 -3.13 23.40 -29.90
C PHE B 771 -1.96 22.72 -30.60
N ASN B 772 -1.24 23.44 -31.46
CA ASN B 772 -0.10 22.86 -32.20
C ASN B 772 1.15 22.74 -31.32
N LYS B 773 1.20 23.42 -30.17
CA LYS B 773 2.43 23.43 -29.34
C LYS B 773 2.39 22.36 -28.23
N VAL B 774 1.21 21.80 -27.92
CA VAL B 774 1.15 20.70 -26.92
C VAL B 774 1.06 19.37 -27.67
N THR B 775 2.07 18.51 -27.53
CA THR B 775 2.08 17.21 -28.23
C THR B 775 1.33 16.20 -27.39
N LEU B 776 0.42 15.45 -28.00
CA LEU B 776 -0.33 14.40 -27.25
C LEU B 776 0.45 13.07 -27.36
N PHE B 781 -5.21 5.44 -25.45
CA PHE B 781 -5.25 6.73 -26.21
C PHE B 781 -6.53 6.77 -27.05
N VAL B 782 -6.39 6.95 -28.37
CA VAL B 782 -7.57 7.00 -29.29
C VAL B 782 -7.34 6.01 -30.44
N LYS B 783 -6.85 4.81 -30.13
CA LYS B 783 -6.63 3.79 -31.18
C LYS B 783 -7.95 3.03 -31.42
N GLN B 784 -8.29 2.76 -32.69
CA GLN B 784 -9.54 2.05 -33.03
C GLN B 784 -9.34 0.53 -32.82
N TYR B 785 -10.42 -0.25 -32.92
CA TYR B 785 -10.35 -1.71 -32.62
C TYR B 785 -9.30 -2.42 -33.49
N GLY B 786 -9.24 -2.14 -34.79
CA GLY B 786 -8.32 -2.89 -35.67
C GLY B 786 -6.90 -2.35 -35.61
N ASP B 787 -6.69 -1.18 -35.00
CA ASP B 787 -5.36 -0.52 -34.99
C ASP B 787 -4.35 -1.31 -34.15
N CYS B 788 -4.82 -2.28 -33.35
CA CYS B 788 -3.92 -3.09 -32.48
C CYS B 788 -3.97 -4.56 -32.92
N LEU B 789 -4.66 -4.86 -34.02
CA LEU B 789 -4.82 -6.27 -34.46
C LEU B 789 -3.68 -6.65 -35.42
N GLY B 790 -3.69 -6.09 -36.64
CA GLY B 790 -2.65 -6.42 -37.63
C GLY B 790 -1.39 -5.61 -37.40
N ASP B 791 -0.61 -5.98 -36.39
CA ASP B 791 0.64 -5.24 -36.07
C ASP B 791 1.85 -6.16 -36.24
N ILE B 792 2.54 -6.05 -37.38
CA ILE B 792 3.77 -6.87 -37.61
C ILE B 792 4.97 -6.10 -37.03
N GLN B 793 5.49 -6.55 -35.88
CA GLN B 793 6.61 -5.85 -35.18
C GLN B 793 6.21 -4.36 -35.00
N ALA B 794 4.92 -4.09 -34.81
CA ALA B 794 4.44 -2.70 -34.61
C ALA B 794 3.92 -2.56 -33.17
N ARG B 795 4.40 -3.40 -32.26
CA ARG B 795 3.95 -3.36 -30.85
C ARG B 795 4.12 -1.93 -30.32
N ASP B 796 3.04 -1.34 -29.79
CA ASP B 796 3.11 0.03 -29.21
C ASP B 796 2.63 0.00 -27.77
N LEU B 797 3.11 0.91 -26.93
CA LEU B 797 2.74 0.92 -25.50
C LEU B 797 1.22 1.13 -25.36
N ILE B 798 0.59 1.82 -26.31
CA ILE B 798 -0.88 2.09 -26.25
C ILE B 798 -1.66 0.78 -26.43
N CYS B 799 -1.23 -0.07 -27.36
CA CYS B 799 -1.92 -1.39 -27.54
C CYS B 799 -1.73 -2.22 -26.26
N ALA B 800 -0.52 -2.22 -25.67
CA ALA B 800 -0.28 -2.95 -24.41
C ALA B 800 -1.18 -2.40 -23.30
N GLN B 801 -1.36 -1.08 -23.25
CA GLN B 801 -2.27 -0.47 -22.25
C GLN B 801 -3.69 -1.05 -22.47
N LYS B 802 -4.17 -1.04 -23.71
CA LYS B 802 -5.56 -1.49 -23.99
C LYS B 802 -5.72 -2.99 -23.72
N PHE B 803 -4.70 -3.80 -24.04
CA PHE B 803 -4.80 -5.28 -23.89
C PHE B 803 -4.68 -5.69 -22.42
N ASN B 804 -4.39 -4.72 -21.54
CA ASN B 804 -4.20 -5.05 -20.10
C ASN B 804 -5.28 -4.33 -19.27
N GLY B 805 -6.33 -3.81 -19.91
CA GLY B 805 -7.45 -3.18 -19.18
C GLY B 805 -7.33 -1.67 -19.00
N LEU B 806 -6.37 -1.02 -19.66
CA LEU B 806 -6.16 0.44 -19.48
C LEU B 806 -6.85 1.19 -20.62
N THR B 807 -7.77 2.11 -20.29
CA THR B 807 -8.55 2.83 -21.32
C THR B 807 -8.53 4.33 -21.06
N VAL B 808 -8.57 5.14 -22.13
CA VAL B 808 -8.67 6.61 -21.96
C VAL B 808 -10.09 7.05 -22.36
N LEU B 809 -10.80 7.73 -21.46
CA LEU B 809 -12.17 8.22 -21.77
C LEU B 809 -12.06 9.60 -22.43
N PRO B 810 -12.86 9.90 -23.48
CA PRO B 810 -12.83 11.22 -24.09
C PRO B 810 -13.46 12.26 -23.18
N PRO B 811 -13.08 13.55 -23.29
CA PRO B 811 -13.73 14.60 -22.50
C PRO B 811 -15.16 14.78 -22.97
N LEU B 812 -16.02 15.28 -22.07
CA LEU B 812 -17.43 15.55 -22.46
C LEU B 812 -17.47 16.74 -23.43
N LEU B 813 -16.76 17.83 -23.11
CA LEU B 813 -16.73 19.03 -24.00
C LEU B 813 -15.66 18.85 -25.09
N THR B 814 -16.04 19.00 -26.35
CA THR B 814 -15.06 18.91 -27.46
C THR B 814 -14.28 20.20 -27.56
N ASP B 815 -13.13 20.16 -28.22
CA ASP B 815 -12.29 21.37 -28.40
C ASP B 815 -13.09 22.47 -29.10
N GLU B 816 -13.96 22.09 -30.04
CA GLU B 816 -14.79 23.08 -30.77
C GLU B 816 -15.81 23.73 -29.80
N MET B 817 -16.34 22.95 -28.87
CA MET B 817 -17.30 23.51 -27.87
C MET B 817 -16.57 24.49 -26.93
N ILE B 818 -15.35 24.14 -26.52
CA ILE B 818 -14.56 25.05 -25.63
C ILE B 818 -14.22 26.32 -26.42
N ALA B 819 -13.84 26.19 -27.70
CA ALA B 819 -13.55 27.37 -28.55
C ALA B 819 -14.81 28.24 -28.69
N ALA B 820 -15.98 27.61 -28.73
CA ALA B 820 -17.24 28.38 -28.81
C ALA B 820 -17.47 29.18 -27.52
N TYR B 821 -17.13 28.59 -26.36
CA TYR B 821 -17.25 29.32 -25.06
C TYR B 821 -16.30 30.52 -25.02
N THR B 822 -15.03 30.32 -25.42
CA THR B 822 -14.03 31.41 -25.36
C THR B 822 -14.46 32.51 -26.33
N ALA B 823 -14.94 32.12 -27.52
CA ALA B 823 -15.40 33.11 -28.53
C ALA B 823 -16.59 33.90 -27.98
N ALA B 824 -17.51 33.22 -27.29
CA ALA B 824 -18.69 33.90 -26.69
C ALA B 824 -18.23 34.89 -25.61
N LEU B 825 -17.30 34.48 -24.76
CA LEU B 825 -16.80 35.36 -23.66
C LEU B 825 -16.13 36.60 -24.26
N ILE B 826 -15.32 36.41 -25.30
CA ILE B 826 -14.58 37.56 -25.91
C ILE B 826 -15.59 38.47 -26.64
N SER B 827 -16.50 37.87 -27.41
CA SER B 827 -17.52 38.66 -28.17
C SER B 827 -18.35 39.48 -27.17
N GLY B 828 -18.80 38.84 -26.08
CA GLY B 828 -19.55 39.58 -25.05
C GLY B 828 -18.74 40.74 -24.54
N THR B 829 -17.47 40.49 -24.17
CA THR B 829 -16.61 41.56 -23.61
C THR B 829 -16.48 42.68 -24.61
N ALA B 830 -16.28 42.36 -25.89
CA ALA B 830 -16.07 43.41 -26.92
C ALA B 830 -17.29 44.33 -27.01
N THR B 831 -18.50 43.77 -26.98
CA THR B 831 -19.69 44.62 -27.20
C THR B 831 -20.31 45.02 -25.87
N ALA B 832 -20.79 44.06 -25.08
CA ALA B 832 -21.49 44.38 -23.81
C ALA B 832 -20.54 45.04 -22.81
N GLY B 833 -19.36 44.47 -22.61
CA GLY B 833 -18.46 45.02 -21.58
C GLY B 833 -18.34 44.08 -20.40
N TRP B 834 -18.57 44.59 -19.19
CA TRP B 834 -18.45 43.79 -17.94
C TRP B 834 -19.85 43.50 -17.43
N THR B 835 -20.87 43.83 -18.23
CA THR B 835 -22.27 43.71 -17.78
C THR B 835 -22.80 42.31 -17.96
N PHE B 836 -22.24 41.54 -18.90
CA PHE B 836 -22.79 40.19 -19.20
C PHE B 836 -22.41 39.20 -18.09
N GLY B 837 -21.65 39.65 -17.08
CA GLY B 837 -21.34 38.78 -15.94
C GLY B 837 -22.03 39.23 -14.67
N ALA B 838 -23.03 40.11 -14.78
CA ALA B 838 -23.77 40.62 -13.60
C ALA B 838 -25.26 40.66 -13.93
N GLY B 839 -25.61 40.42 -15.19
CA GLY B 839 -27.02 40.41 -15.59
C GLY B 839 -27.18 40.63 -17.08
N PRO B 840 -28.18 41.42 -17.51
CA PRO B 840 -28.41 41.65 -18.94
C PRO B 840 -27.22 42.26 -19.64
N ALA B 841 -26.82 41.69 -20.80
CA ALA B 841 -25.71 42.26 -21.60
C ALA B 841 -26.12 43.65 -22.08
N LEU B 842 -25.33 44.68 -21.74
CA LEU B 842 -25.68 46.07 -22.13
C LEU B 842 -24.64 46.60 -23.12
N GLN B 843 -25.06 46.88 -24.36
CA GLN B 843 -24.12 47.34 -25.41
C GLN B 843 -23.42 48.64 -25.01
N ILE B 844 -22.12 48.74 -25.29
CA ILE B 844 -21.35 49.99 -25.00
C ILE B 844 -20.27 50.14 -26.08
N PRO B 845 -20.02 51.34 -26.64
CA PRO B 845 -18.92 51.50 -27.58
C PRO B 845 -17.61 51.09 -26.93
N PHE B 846 -16.78 50.34 -27.65
CA PHE B 846 -15.52 49.79 -27.06
C PHE B 846 -14.61 50.91 -26.50
N PRO B 847 -14.37 52.04 -27.19
CA PRO B 847 -13.57 53.12 -26.61
C PRO B 847 -14.13 53.51 -25.24
N MET B 848 -15.44 53.70 -25.16
CA MET B 848 -16.08 54.10 -23.88
C MET B 848 -15.81 53.01 -22.83
N GLN B 849 -15.95 51.74 -23.21
CA GLN B 849 -15.64 50.63 -22.27
C GLN B 849 -14.21 50.82 -21.75
N MET B 850 -13.28 51.19 -22.64
CA MET B 850 -11.86 51.38 -22.25
C MET B 850 -11.72 52.64 -21.36
N ALA B 851 -12.51 53.67 -21.61
CA ALA B 851 -12.49 54.88 -20.76
C ALA B 851 -12.89 54.52 -19.34
N TYR B 852 -13.92 53.68 -19.19
CA TYR B 852 -14.34 53.22 -17.85
C TYR B 852 -13.20 52.45 -17.20
N ARG B 853 -12.56 51.56 -17.97
CA ARG B 853 -11.45 50.73 -17.43
C ARG B 853 -10.27 51.62 -17.01
N PHE B 854 -10.02 52.71 -17.75
CA PHE B 854 -8.94 53.66 -17.39
C PHE B 854 -9.28 54.35 -16.06
N ASN B 855 -10.50 54.85 -15.91
CA ASN B 855 -10.86 55.59 -14.67
C ASN B 855 -10.81 54.59 -13.50
N GLY B 856 -11.00 53.30 -13.78
CA GLY B 856 -10.89 52.27 -12.73
C GLY B 856 -9.49 52.23 -12.16
N ILE B 857 -8.48 52.40 -13.02
CA ILE B 857 -7.05 52.32 -12.56
C ILE B 857 -6.53 53.72 -12.18
N GLY B 858 -7.43 54.69 -11.98
CA GLY B 858 -7.01 56.04 -11.54
C GLY B 858 -6.43 56.88 -12.65
N VAL B 859 -6.90 56.70 -13.90
CA VAL B 859 -6.45 57.55 -15.03
C VAL B 859 -7.71 58.17 -15.65
N THR B 860 -7.72 59.50 -15.84
CA THR B 860 -8.93 60.20 -16.35
C THR B 860 -9.30 59.71 -17.74
N GLN B 861 -10.60 59.68 -18.04
CA GLN B 861 -11.08 59.13 -19.35
C GLN B 861 -10.54 59.96 -20.52
N ASN B 862 -10.22 61.24 -20.30
CA ASN B 862 -9.70 62.10 -21.38
C ASN B 862 -8.36 61.54 -21.89
N VAL B 863 -7.54 60.98 -20.99
CA VAL B 863 -6.22 60.40 -21.38
C VAL B 863 -6.44 59.31 -22.44
N LEU B 864 -7.48 58.50 -22.27
CA LEU B 864 -7.77 57.45 -23.28
C LEU B 864 -8.23 58.11 -24.59
N TYR B 865 -9.21 59.01 -24.53
CA TYR B 865 -9.79 59.61 -25.76
C TYR B 865 -8.74 60.42 -26.53
N GLU B 866 -7.88 61.15 -25.81
CA GLU B 866 -6.85 62.00 -26.47
C GLU B 866 -5.78 61.12 -27.11
N ASN B 867 -5.55 59.91 -26.55
CA ASN B 867 -4.48 59.01 -27.06
C ASN B 867 -5.09 57.73 -27.64
N GLN B 868 -6.37 57.76 -28.02
CA GLN B 868 -7.06 56.52 -28.49
C GLN B 868 -6.27 55.77 -29.58
N LYS B 869 -5.76 56.49 -30.57
CA LYS B 869 -5.05 55.81 -31.70
C LYS B 869 -3.73 55.19 -31.19
N LEU B 870 -3.03 55.88 -30.30
CA LEU B 870 -1.77 55.33 -29.73
C LEU B 870 -2.08 54.07 -28.90
N ILE B 871 -3.12 54.13 -28.06
CA ILE B 871 -3.46 52.98 -27.17
C ILE B 871 -3.90 51.79 -28.05
N ALA B 872 -4.74 52.04 -29.05
CA ALA B 872 -5.20 50.95 -29.95
C ALA B 872 -3.99 50.32 -30.65
N ASN B 873 -3.04 51.14 -31.11
CA ASN B 873 -1.83 50.62 -31.80
C ASN B 873 -0.96 49.81 -30.82
N GLN B 874 -0.81 50.28 -29.58
CA GLN B 874 -0.01 49.55 -28.56
C GLN B 874 -0.68 48.19 -28.28
N PHE B 875 -2.01 48.19 -28.13
CA PHE B 875 -2.76 46.93 -27.86
C PHE B 875 -2.57 45.97 -29.03
N ASN B 876 -2.78 46.47 -30.26
CA ASN B 876 -2.67 45.61 -31.48
C ASN B 876 -1.26 45.02 -31.58
N SER B 877 -0.25 45.85 -31.30
CA SER B 877 1.16 45.39 -31.39
C SER B 877 1.44 44.34 -30.29
N ALA B 878 0.89 44.54 -29.10
CA ALA B 878 1.11 43.60 -27.98
C ALA B 878 0.51 42.23 -28.32
N ILE B 879 -0.71 42.21 -28.86
CA ILE B 879 -1.37 40.92 -29.27
C ILE B 879 -0.52 40.24 -30.35
N GLY B 880 -0.02 41.02 -31.33
CA GLY B 880 0.85 40.45 -32.37
C GLY B 880 2.12 39.85 -31.79
N LYS B 881 2.71 40.48 -30.78
CA LYS B 881 3.93 39.93 -30.13
C LYS B 881 3.61 38.60 -29.44
N ILE B 882 2.37 38.43 -28.98
CA ILE B 882 1.95 37.16 -28.31
C ILE B 882 2.05 36.00 -29.33
N GLN B 883 1.64 36.23 -30.57
CA GLN B 883 1.73 35.19 -31.63
C GLN B 883 3.14 34.58 -31.64
N GLU B 884 4.18 35.39 -31.86
CA GLU B 884 5.58 34.88 -31.89
C GLU B 884 6.01 34.44 -30.49
N SER B 885 5.74 35.24 -29.46
CA SER B 885 6.21 34.91 -28.08
C SER B 885 5.99 33.42 -27.80
N LEU B 886 4.90 32.83 -28.31
CA LEU B 886 4.66 31.37 -28.15
C LEU B 886 5.29 30.63 -29.35
N THR B 887 5.09 31.14 -30.57
CA THR B 887 5.59 30.44 -31.77
C THR B 887 7.11 30.41 -31.76
N SER B 888 7.75 31.58 -31.65
CA SER B 888 9.22 31.67 -31.72
C SER B 888 9.87 30.89 -30.57
N THR B 889 9.33 30.99 -29.35
CA THR B 889 10.01 30.35 -28.21
C THR B 889 9.18 29.20 -27.67
N PRO B 890 9.66 27.93 -27.76
CA PRO B 890 8.96 26.79 -27.21
C PRO B 890 9.03 26.76 -25.68
N SER B 891 8.40 25.76 -25.04
CA SER B 891 8.37 25.65 -23.55
C SER B 891 7.39 26.69 -22.98
N ALA B 892 6.67 27.39 -23.86
CA ALA B 892 5.65 28.37 -23.39
C ALA B 892 4.50 27.60 -22.75
N LEU B 893 4.18 26.42 -23.28
CA LEU B 893 3.05 25.62 -22.75
C LEU B 893 3.59 24.43 -21.94
N GLY B 894 4.73 24.61 -21.28
CA GLY B 894 5.35 23.52 -20.49
C GLY B 894 4.45 23.00 -19.39
N LYS B 895 3.70 23.89 -18.73
CA LYS B 895 2.78 23.49 -17.64
C LYS B 895 1.73 22.50 -18.19
N LEU B 896 1.24 22.74 -19.41
CA LEU B 896 0.23 21.82 -20.02
C LEU B 896 0.94 20.54 -20.52
N GLN B 897 2.13 20.67 -21.09
CA GLN B 897 2.90 19.50 -21.59
C GLN B 897 3.27 18.59 -20.41
N ASP B 898 3.60 19.18 -19.25
CA ASP B 898 4.01 18.39 -18.06
C ASP B 898 2.84 17.52 -17.60
N VAL B 899 1.62 18.06 -17.60
CA VAL B 899 0.42 17.27 -17.19
C VAL B 899 0.26 16.07 -18.15
N VAL B 900 0.39 16.31 -19.45
CA VAL B 900 0.27 15.20 -20.46
C VAL B 900 1.40 14.18 -20.22
N ASN B 901 2.63 14.65 -20.05
CA ASN B 901 3.80 13.74 -19.87
C ASN B 901 3.63 12.90 -18.60
N GLN B 902 3.19 13.53 -17.51
CA GLN B 902 3.01 12.80 -16.22
C GLN B 902 2.02 11.65 -16.43
N ASN B 903 0.86 11.93 -17.02
CA ASN B 903 -0.18 10.88 -17.21
C ASN B 903 0.38 9.75 -18.07
N ALA B 904 1.01 10.09 -19.19
CA ALA B 904 1.59 9.06 -20.08
C ALA B 904 2.58 8.20 -19.29
N GLN B 905 3.48 8.85 -18.55
CA GLN B 905 4.51 8.12 -17.78
C GLN B 905 3.84 7.20 -16.73
N ALA B 906 2.76 7.66 -16.11
CA ALA B 906 2.10 6.86 -15.04
C ALA B 906 1.50 5.59 -15.66
N LEU B 907 0.83 5.73 -16.80
CA LEU B 907 0.21 4.56 -17.49
C LEU B 907 1.30 3.60 -18.00
N ASN B 908 2.37 4.14 -18.60
CA ASN B 908 3.47 3.28 -19.11
C ASN B 908 4.12 2.52 -17.95
N THR B 909 4.27 3.16 -16.79
CA THR B 909 4.87 2.48 -15.61
C THR B 909 3.95 1.37 -15.16
N LEU B 910 2.64 1.62 -15.14
CA LEU B 910 1.66 0.61 -14.68
C LEU B 910 1.72 -0.63 -15.59
N VAL B 911 1.78 -0.43 -16.91
CA VAL B 911 1.89 -1.57 -17.87
C VAL B 911 3.19 -2.35 -17.62
N LYS B 912 4.32 -1.64 -17.45
CA LYS B 912 5.62 -2.32 -17.30
C LYS B 912 5.67 -3.13 -15.98
N GLN B 913 4.88 -2.75 -14.98
CA GLN B 913 4.85 -3.49 -13.69
C GLN B 913 4.34 -4.92 -13.90
N LEU B 914 3.62 -5.20 -14.99
CA LEU B 914 3.13 -6.58 -15.27
C LEU B 914 4.31 -7.53 -15.58
N SER B 915 5.48 -6.99 -15.94
CA SER B 915 6.66 -7.85 -16.23
C SER B 915 7.40 -8.21 -14.93
N SER B 916 7.01 -7.61 -13.80
CA SER B 916 7.65 -7.94 -12.50
C SER B 916 7.07 -9.24 -11.93
N ASN B 917 7.91 -10.07 -11.31
CA ASN B 917 7.45 -11.38 -10.77
C ASN B 917 7.04 -11.24 -9.29
N PHE B 918 7.50 -10.18 -8.60
CA PHE B 918 7.11 -9.91 -7.18
C PHE B 918 7.38 -11.15 -6.28
N GLY B 919 8.44 -11.91 -6.55
CA GLY B 919 8.77 -13.08 -5.72
C GLY B 919 8.18 -14.37 -6.27
N ALA B 920 7.37 -14.29 -7.33
CA ALA B 920 6.82 -15.51 -7.97
C ALA B 920 7.85 -16.12 -8.91
N ILE B 921 7.64 -17.38 -9.32
CA ILE B 921 8.61 -18.09 -10.21
C ILE B 921 8.56 -17.48 -11.62
N SER B 922 7.49 -16.74 -11.95
CA SER B 922 7.33 -16.14 -13.31
C SER B 922 6.38 -14.94 -13.23
N SER B 923 6.52 -13.97 -14.14
CA SER B 923 5.57 -12.83 -14.21
C SER B 923 4.37 -13.25 -15.07
N VAL B 924 4.50 -14.38 -15.77
CA VAL B 924 3.42 -14.86 -16.67
C VAL B 924 2.51 -15.86 -15.92
N LEU B 925 1.23 -15.50 -15.73
CA LEU B 925 0.27 -16.38 -15.03
C LEU B 925 0.19 -17.73 -15.73
N ASN B 926 0.17 -17.75 -17.07
CA ASN B 926 0.01 -19.01 -17.84
C ASN B 926 1.19 -19.96 -17.56
N ASP B 927 2.40 -19.43 -17.37
CA ASP B 927 3.59 -20.27 -17.06
C ASP B 927 3.40 -20.96 -15.70
N ILE B 928 2.84 -20.24 -14.72
CA ILE B 928 2.60 -20.81 -13.37
C ILE B 928 1.52 -21.89 -13.46
N ILE B 929 0.38 -21.57 -14.09
CA ILE B 929 -0.78 -22.51 -14.16
C ILE B 929 -0.40 -23.77 -14.96
N SER B 930 0.41 -23.61 -16.01
CA SER B 930 0.75 -24.77 -16.89
C SER B 930 1.75 -25.72 -16.20
N ARG B 931 2.59 -25.21 -15.29
CA ARG B 931 3.65 -26.07 -14.72
C ARG B 931 3.29 -26.53 -13.29
N LEU B 932 2.41 -25.82 -12.59
CA LEU B 932 2.15 -26.19 -11.17
C LEU B 932 0.69 -26.63 -10.97
N ASP B 933 0.46 -27.50 -9.97
CA ASP B 933 -0.91 -27.94 -9.63
C ASP B 933 -1.56 -26.85 -8.77
N PRO B 934 -2.91 -26.81 -8.64
CA PRO B 934 -3.57 -25.73 -7.90
C PRO B 934 -2.98 -25.36 -6.55
N PRO B 935 -2.67 -26.27 -5.60
CA PRO B 935 -2.18 -25.86 -4.29
C PRO B 935 -0.89 -25.04 -4.36
N GLU B 936 0.03 -25.41 -5.26
CA GLU B 936 1.34 -24.72 -5.38
C GLU B 936 1.19 -23.51 -6.33
N ALA B 937 0.35 -23.64 -7.35
CA ALA B 937 0.10 -22.53 -8.29
C ALA B 937 -0.53 -21.35 -7.54
N GLU B 938 -1.46 -21.62 -6.63
CA GLU B 938 -2.19 -20.54 -5.91
C GLU B 938 -1.19 -19.66 -5.14
N VAL B 939 -0.17 -20.26 -4.52
CA VAL B 939 0.85 -19.47 -3.77
C VAL B 939 1.59 -18.53 -4.73
N GLN B 940 1.93 -19.00 -5.93
CA GLN B 940 2.65 -18.15 -6.91
C GLN B 940 1.69 -17.09 -7.49
N ILE B 941 0.46 -17.48 -7.79
CA ILE B 941 -0.55 -16.52 -8.36
C ILE B 941 -0.81 -15.43 -7.31
N ASP B 942 -0.90 -15.80 -6.02
CA ASP B 942 -1.18 -14.82 -4.94
C ASP B 942 -0.07 -13.76 -4.89
N ARG B 943 1.19 -14.17 -5.10
CA ARG B 943 2.31 -13.19 -5.13
C ARG B 943 2.13 -12.21 -6.30
N LEU B 944 1.68 -12.70 -7.45
CA LEU B 944 1.43 -11.80 -8.61
C LEU B 944 0.22 -10.90 -8.31
N ILE B 945 -0.85 -11.47 -7.74
CA ILE B 945 -2.08 -10.67 -7.47
C ILE B 945 -1.70 -9.53 -6.52
N THR B 946 -0.95 -9.84 -5.45
CA THR B 946 -0.61 -8.81 -4.45
C THR B 946 0.25 -7.72 -5.09
N GLY B 947 1.28 -8.08 -5.86
CA GLY B 947 2.17 -7.08 -6.49
C GLY B 947 1.44 -6.23 -7.52
N ARG B 948 0.57 -6.84 -8.33
CA ARG B 948 -0.18 -6.11 -9.38
C ARG B 948 -1.24 -5.20 -8.73
N LEU B 949 -1.93 -5.71 -7.70
CA LEU B 949 -2.94 -4.89 -6.99
C LEU B 949 -2.22 -3.68 -6.36
N GLN B 950 -1.03 -3.89 -5.80
CA GLN B 950 -0.26 -2.78 -5.17
C GLN B 950 0.21 -1.79 -6.25
N SER B 951 0.61 -2.28 -7.42
CA SER B 951 1.02 -1.39 -8.54
C SER B 951 -0.19 -0.52 -8.94
N LEU B 952 -1.36 -1.14 -9.05
CA LEU B 952 -2.58 -0.41 -9.46
C LEU B 952 -3.00 0.58 -8.36
N GLN B 953 -2.88 0.17 -7.09
CA GLN B 953 -3.24 1.04 -5.94
C GLN B 953 -2.30 2.25 -5.90
N THR B 954 -1.00 2.03 -6.20
CA THR B 954 -0.02 3.14 -6.24
C THR B 954 -0.44 4.11 -7.32
N TYR B 955 -0.77 3.57 -8.51
CA TYR B 955 -1.19 4.42 -9.65
C TYR B 955 -2.41 5.26 -9.28
N VAL B 956 -3.43 4.64 -8.67
CA VAL B 956 -4.70 5.39 -8.38
C VAL B 956 -4.44 6.51 -7.35
N THR B 957 -3.62 6.24 -6.33
CA THR B 957 -3.29 7.31 -5.35
C THR B 957 -2.56 8.44 -6.03
N GLN B 958 -1.59 8.11 -6.90
CA GLN B 958 -0.85 9.15 -7.66
C GLN B 958 -1.83 9.98 -8.48
N GLN B 959 -2.81 9.33 -9.11
CA GLN B 959 -3.76 10.05 -10.00
C GLN B 959 -4.65 10.97 -9.17
N LEU B 960 -5.09 10.49 -8.00
CA LEU B 960 -5.92 11.34 -7.11
C LEU B 960 -5.10 12.56 -6.69
N ILE B 961 -3.88 12.36 -6.21
CA ILE B 961 -3.03 13.53 -5.86
C ILE B 961 -2.97 14.53 -7.03
N ARG B 962 -2.61 14.07 -8.24
CA ARG B 962 -2.50 14.97 -9.43
C ARG B 962 -3.87 15.62 -9.71
N ALA B 963 -4.97 14.89 -9.51
CA ALA B 963 -6.32 15.41 -9.84
C ALA B 963 -6.67 16.66 -9.01
N ALA B 964 -6.30 16.70 -7.72
CA ALA B 964 -6.60 17.87 -6.86
C ALA B 964 -5.71 19.06 -7.19
N GLU B 965 -4.45 18.77 -7.51
CA GLU B 965 -3.56 19.88 -7.94
C GLU B 965 -4.19 20.52 -9.18
N ILE B 966 -4.74 19.69 -10.07
CA ILE B 966 -5.41 20.22 -11.30
C ILE B 966 -6.74 20.86 -10.90
N ARG B 967 -7.46 20.29 -9.94
CA ARG B 967 -8.72 20.91 -9.45
C ARG B 967 -8.38 22.32 -8.92
N ALA B 968 -7.33 22.43 -8.11
CA ALA B 968 -6.91 23.74 -7.56
C ALA B 968 -6.60 24.71 -8.70
N SER B 969 -5.85 24.25 -9.71
CA SER B 969 -5.52 25.10 -10.89
C SER B 969 -6.83 25.50 -11.61
N ALA B 970 -7.77 24.55 -11.73
CA ALA B 970 -9.04 24.82 -12.44
C ALA B 970 -9.87 25.83 -11.66
N ASN B 971 -9.92 25.70 -10.33
CA ASN B 971 -10.69 26.64 -9.47
C ASN B 971 -10.06 28.04 -9.58
N LEU B 972 -8.72 28.10 -9.60
CA LEU B 972 -8.05 29.42 -9.78
C LEU B 972 -8.36 29.96 -11.18
N ALA B 973 -8.33 29.11 -12.21
CA ALA B 973 -8.67 29.54 -13.58
C ALA B 973 -10.11 30.04 -13.65
N ALA B 974 -11.04 29.34 -12.98
CA ALA B 974 -12.46 29.75 -12.97
C ALA B 974 -12.59 31.12 -12.29
N THR B 975 -11.84 31.32 -11.20
CA THR B 975 -11.86 32.62 -10.48
C THR B 975 -11.29 33.70 -11.37
N LYS B 976 -10.19 33.43 -12.07
CA LYS B 976 -9.59 34.41 -13.01
C LYS B 976 -10.56 34.69 -14.17
N MET B 977 -11.28 33.66 -14.65
CA MET B 977 -12.28 33.90 -15.72
C MET B 977 -13.33 34.89 -15.20
N SER B 978 -13.84 34.67 -13.98
CA SER B 978 -14.88 35.57 -13.40
C SER B 978 -14.32 36.97 -13.10
N GLU B 979 -13.14 37.07 -12.51
CA GLU B 979 -12.63 38.40 -12.04
C GLU B 979 -11.81 39.14 -13.10
N CYS B 980 -11.04 38.44 -13.95
CA CYS B 980 -10.16 39.12 -14.92
C CYS B 980 -10.89 39.32 -16.27
N VAL B 981 -11.74 38.37 -16.67
CA VAL B 981 -12.42 38.48 -18.00
C VAL B 981 -13.80 39.13 -17.85
N LEU B 982 -14.62 38.66 -16.91
CA LEU B 982 -15.99 39.18 -16.77
C LEU B 982 -15.99 40.50 -15.98
N GLY B 983 -14.87 40.81 -15.31
CA GLY B 983 -14.78 42.07 -14.55
C GLY B 983 -13.46 42.78 -14.77
N GLN B 984 -13.13 43.74 -13.89
CA GLN B 984 -11.81 44.42 -13.94
C GLN B 984 -11.18 44.24 -12.56
N SER B 985 -9.98 43.67 -12.49
CA SER B 985 -9.38 43.34 -11.18
C SER B 985 -8.56 44.49 -10.60
N LYS B 986 -8.69 44.71 -9.28
CA LYS B 986 -7.85 45.71 -8.58
C LYS B 986 -6.87 44.94 -7.70
N ARG B 987 -7.01 43.60 -7.66
CA ARG B 987 -6.08 42.75 -6.87
C ARG B 987 -4.69 42.80 -7.53
N VAL B 988 -3.66 43.22 -6.78
CA VAL B 988 -2.31 43.40 -7.37
C VAL B 988 -1.75 42.07 -7.91
N ASP B 989 -1.25 42.06 -9.15
CA ASP B 989 -0.58 40.86 -9.76
C ASP B 989 -1.53 39.65 -9.91
N PHE B 990 -2.84 39.84 -9.76
CA PHE B 990 -3.78 38.70 -9.96
C PHE B 990 -4.03 38.48 -11.45
N CYS B 991 -4.30 39.56 -12.20
CA CYS B 991 -4.60 39.45 -13.65
C CYS B 991 -3.41 40.03 -14.44
N GLY B 992 -2.20 39.53 -14.19
CA GLY B 992 -1.01 40.05 -14.88
C GLY B 992 -0.34 41.18 -14.11
N LYS B 993 0.87 41.55 -14.51
CA LYS B 993 1.62 42.58 -13.75
C LYS B 993 1.27 43.97 -14.30
N GLY B 994 1.09 44.95 -13.40
CA GLY B 994 0.67 46.29 -13.84
C GLY B 994 -0.77 46.54 -13.43
N TYR B 995 -1.33 47.67 -13.85
CA TYR B 995 -2.75 47.97 -13.53
C TYR B 995 -3.64 47.21 -14.50
N HIS B 996 -4.50 46.32 -13.98
CA HIS B 996 -5.34 45.47 -14.85
C HIS B 996 -6.43 46.28 -15.56
N LEU B 997 -6.49 46.18 -16.89
CA LEU B 997 -7.59 46.85 -17.65
C LEU B 997 -8.62 45.78 -18.03
N MET B 998 -8.18 44.72 -18.71
CA MET B 998 -9.11 43.64 -19.15
C MET B 998 -8.32 42.36 -19.46
N SER B 999 -9.01 41.22 -19.55
CA SER B 999 -8.33 39.95 -19.93
C SER B 999 -9.16 39.20 -20.97
N PHE B 1000 -8.51 38.38 -21.80
CA PHE B 1000 -9.23 37.56 -22.82
C PHE B 1000 -8.81 36.11 -22.65
N PRO B 1001 -9.77 35.15 -22.55
CA PRO B 1001 -9.40 33.75 -22.45
C PRO B 1001 -9.13 33.10 -23.80
N GLN B 1002 -8.17 32.18 -23.85
CA GLN B 1002 -7.90 31.41 -25.11
C GLN B 1002 -7.88 29.93 -24.72
N ALA B 1003 -8.57 29.09 -25.49
CA ALA B 1003 -8.63 27.64 -25.21
C ALA B 1003 -7.30 26.97 -25.55
N ALA B 1004 -6.89 25.99 -24.75
CA ALA B 1004 -5.63 25.24 -24.99
C ALA B 1004 -5.85 23.77 -24.62
N PRO B 1005 -5.05 22.81 -25.12
CA PRO B 1005 -5.21 21.42 -24.70
C PRO B 1005 -5.12 21.23 -23.19
N HIS B 1006 -6.16 20.66 -22.56
CA HIS B 1006 -6.21 20.40 -21.08
C HIS B 1006 -6.03 21.67 -20.24
N GLY B 1007 -6.28 22.84 -20.81
CA GLY B 1007 -6.03 24.07 -20.03
C GLY B 1007 -6.55 25.34 -20.66
N VAL B 1008 -6.20 26.47 -20.04
CA VAL B 1008 -6.66 27.80 -20.57
C VAL B 1008 -5.46 28.75 -20.56
N VAL B 1009 -5.41 29.66 -21.54
CA VAL B 1009 -4.35 30.69 -21.53
C VAL B 1009 -5.05 32.05 -21.43
N PHE B 1010 -4.71 32.83 -20.40
CA PHE B 1010 -5.31 34.17 -20.25
C PHE B 1010 -4.39 35.23 -20.86
N LEU B 1011 -4.98 36.15 -21.62
CA LEU B 1011 -4.21 37.30 -22.16
C LEU B 1011 -4.56 38.52 -21.31
N HIS B 1012 -3.68 38.89 -20.38
CA HIS B 1012 -3.98 40.01 -19.45
C HIS B 1012 -3.53 41.33 -20.06
N VAL B 1013 -4.48 42.25 -20.28
CA VAL B 1013 -4.12 43.59 -20.81
C VAL B 1013 -3.90 44.52 -19.61
N THR B 1014 -2.69 45.06 -19.47
CA THR B 1014 -2.39 45.89 -18.27
C THR B 1014 -1.82 47.24 -18.67
N TYR B 1015 -2.02 48.24 -17.80
CA TYR B 1015 -1.44 49.58 -18.02
C TYR B 1015 -0.19 49.66 -17.16
N ILE B 1016 0.94 50.03 -17.77
CA ILE B 1016 2.21 50.17 -17.01
C ILE B 1016 2.79 51.56 -17.23
N PRO B 1017 3.04 52.37 -16.18
CA PRO B 1017 3.69 53.66 -16.35
C PRO B 1017 5.06 53.44 -16.99
N SER B 1018 5.45 54.27 -17.96
CA SER B 1018 6.70 54.00 -18.70
C SER B 1018 7.77 55.09 -18.55
N GLN B 1019 7.36 56.37 -18.47
CA GLN B 1019 8.36 57.46 -18.40
C GLN B 1019 8.02 58.30 -17.17
N GLU B 1020 9.00 58.82 -16.45
CA GLU B 1020 8.70 59.53 -15.18
C GLU B 1020 9.52 60.82 -15.06
N ARG B 1021 8.99 61.78 -14.30
CA ARG B 1021 9.74 63.05 -14.07
C ARG B 1021 9.65 63.40 -12.58
N ASN B 1022 10.76 63.88 -12.01
CA ASN B 1022 10.79 64.23 -10.56
C ASN B 1022 10.23 65.64 -10.37
N PHE B 1023 9.35 65.83 -9.38
CA PHE B 1023 8.76 67.17 -9.10
C PHE B 1023 8.87 67.46 -7.62
N THR B 1024 8.91 68.76 -7.28
CA THR B 1024 8.89 69.12 -5.85
C THR B 1024 7.44 69.01 -5.43
N THR B 1025 7.19 68.56 -4.21
CA THR B 1025 5.79 68.33 -3.78
C THR B 1025 5.57 68.88 -2.38
N ALA B 1026 4.31 68.96 -1.96
CA ALA B 1026 3.98 69.41 -0.58
C ALA B 1026 2.72 68.67 -0.14
N PRO B 1027 2.51 68.41 1.16
CA PRO B 1027 1.28 67.78 1.61
C PRO B 1027 0.07 68.68 1.41
N ALA B 1028 0.25 69.99 1.62
CA ALA B 1028 -0.89 70.91 1.53
C ALA B 1028 -0.45 72.26 0.99
N ILE B 1029 -1.42 73.06 0.52
CA ILE B 1029 -1.10 74.43 0.05
C ILE B 1029 -1.72 75.40 1.08
N CYS B 1030 -0.97 76.43 1.48
CA CYS B 1030 -1.48 77.36 2.50
C CYS B 1030 -2.00 78.65 1.84
N HIS B 1031 -3.29 78.94 1.97
CA HIS B 1031 -3.86 80.19 1.44
C HIS B 1031 -4.40 80.96 2.65
N GLU B 1032 -3.99 82.21 2.84
CA GLU B 1032 -4.39 82.95 4.07
C GLU B 1032 -3.90 82.11 5.27
N GLY B 1033 -4.82 81.64 6.11
CA GLY B 1033 -4.42 80.76 7.23
C GLY B 1033 -5.11 79.42 7.11
N LYS B 1034 -5.57 79.07 5.90
CA LYS B 1034 -6.33 77.81 5.71
C LYS B 1034 -5.48 76.78 4.98
N ALA B 1035 -5.49 75.54 5.47
CA ALA B 1035 -4.74 74.45 4.79
C ALA B 1035 -5.60 73.87 3.67
N HIS B 1036 -5.07 73.87 2.44
CA HIS B 1036 -5.81 73.30 1.28
C HIS B 1036 -5.18 71.95 0.91
N PHE B 1037 -6.00 70.90 0.81
CA PHE B 1037 -5.49 69.56 0.42
C PHE B 1037 -6.03 69.19 -0.96
N PRO B 1038 -5.31 68.39 -1.78
CA PRO B 1038 -5.85 67.99 -3.06
C PRO B 1038 -7.00 66.99 -2.88
N ARG B 1039 -8.12 67.23 -3.55
CA ARG B 1039 -9.24 66.25 -3.51
C ARG B 1039 -8.72 64.95 -4.13
N GLU B 1040 -8.10 65.05 -5.31
CA GLU B 1040 -7.48 63.86 -5.96
C GLU B 1040 -6.11 64.29 -6.51
N GLY B 1041 -5.21 63.33 -6.69
CA GLY B 1041 -3.88 63.65 -7.25
C GLY B 1041 -2.92 64.18 -6.20
N VAL B 1042 -1.96 65.01 -6.61
CA VAL B 1042 -0.92 65.50 -5.66
C VAL B 1042 -0.45 66.91 -6.08
N PHE B 1043 -0.02 67.72 -5.12
CA PHE B 1043 0.53 69.05 -5.48
C PHE B 1043 1.94 68.87 -6.02
N VAL B 1044 2.21 69.46 -7.18
CA VAL B 1044 3.57 69.35 -7.79
C VAL B 1044 4.01 70.76 -8.21
N SER B 1045 5.31 71.04 -8.12
CA SER B 1045 5.83 72.36 -8.61
C SER B 1045 6.75 72.11 -9.81
N ASN B 1046 6.48 72.79 -10.93
CA ASN B 1046 7.34 72.64 -12.14
C ASN B 1046 8.68 73.33 -11.87
N GLY B 1047 8.71 74.26 -10.91
CA GLY B 1047 9.95 75.00 -10.59
C GLY B 1047 9.61 76.39 -10.06
N THR B 1048 8.55 77.00 -10.60
CA THR B 1048 8.11 78.33 -10.13
C THR B 1048 6.63 78.31 -9.83
N HIS B 1049 5.87 77.47 -10.52
CA HIS B 1049 4.39 77.45 -10.34
C HIS B 1049 3.94 76.11 -9.76
N TRP B 1050 2.91 76.14 -8.90
CA TRP B 1050 2.37 74.90 -8.30
C TRP B 1050 1.13 74.44 -9.08
N PHE B 1051 0.97 73.12 -9.24
CA PHE B 1051 -0.23 72.60 -9.95
C PHE B 1051 -0.66 71.29 -9.33
N ILE B 1052 -1.89 70.87 -9.62
CA ILE B 1052 -2.35 69.53 -9.15
C ILE B 1052 -2.27 68.56 -10.34
N THR B 1053 -1.86 67.32 -10.08
CA THR B 1053 -1.82 66.30 -11.15
C THR B 1053 -2.32 64.99 -10.58
N GLN B 1054 -2.87 64.12 -11.43
CA GLN B 1054 -3.27 62.77 -10.96
C GLN B 1054 -1.97 61.99 -10.67
N ARG B 1055 -2.04 60.95 -9.84
CA ARG B 1055 -0.80 60.23 -9.42
C ARG B 1055 -0.17 59.41 -10.56
N ASN B 1056 -0.96 58.79 -11.43
CA ASN B 1056 -0.38 57.85 -12.42
C ASN B 1056 -0.02 58.54 -13.75
N PHE B 1057 -0.50 59.75 -13.98
CA PHE B 1057 -0.23 60.39 -15.29
C PHE B 1057 -0.04 61.88 -15.09
N TYR B 1058 1.02 62.45 -15.68
CA TYR B 1058 1.32 63.89 -15.44
C TYR B 1058 0.41 64.78 -16.28
N GLU B 1059 -0.58 65.40 -15.64
CA GLU B 1059 -1.47 66.36 -16.34
C GLU B 1059 -1.63 67.56 -15.41
N PRO B 1060 -0.74 68.58 -15.46
CA PRO B 1060 -0.79 69.68 -14.51
C PRO B 1060 -2.03 70.53 -14.68
N GLN B 1061 -2.79 70.71 -13.59
CA GLN B 1061 -4.01 71.54 -13.63
C GLN B 1061 -3.87 72.66 -12.59
N ILE B 1062 -4.31 73.88 -12.91
CA ILE B 1062 -4.14 75.03 -11.98
C ILE B 1062 -4.92 74.74 -10.69
N ILE B 1063 -4.29 75.01 -9.54
CA ILE B 1063 -4.94 74.74 -8.21
C ILE B 1063 -6.13 75.69 -8.04
N THR B 1064 -7.34 75.14 -7.93
CA THR B 1064 -8.55 75.98 -7.76
C THR B 1064 -9.28 75.56 -6.50
N THR B 1065 -10.33 76.29 -6.12
CA THR B 1065 -11.16 75.86 -4.99
C THR B 1065 -12.12 74.82 -5.48
N ASP B 1066 -11.86 74.20 -6.63
CA ASP B 1066 -12.71 73.09 -7.14
C ASP B 1066 -11.93 71.78 -7.08
N ASN B 1067 -10.59 71.86 -7.12
CA ASN B 1067 -9.74 70.62 -7.10
C ASN B 1067 -9.05 70.48 -5.72
N THR B 1068 -9.40 71.31 -4.73
CA THR B 1068 -8.82 71.22 -3.37
C THR B 1068 -9.91 71.30 -2.31
N PHE B 1069 -9.63 70.79 -1.11
CA PHE B 1069 -10.61 70.96 0.00
C PHE B 1069 -9.89 71.62 1.17
N VAL B 1070 -10.63 72.34 2.00
CA VAL B 1070 -9.98 73.07 3.13
C VAL B 1070 -10.21 72.31 4.44
N SER B 1071 -9.14 72.03 5.19
CA SER B 1071 -9.30 71.39 6.52
C SER B 1071 -8.26 71.98 7.48
N GLY B 1072 -8.71 72.58 8.58
CA GLY B 1072 -7.78 73.10 9.60
C GLY B 1072 -7.03 74.35 9.16
N THR B 1073 -5.89 74.62 9.80
CA THR B 1073 -5.10 75.84 9.48
C THR B 1073 -3.69 75.47 9.07
N CYS B 1074 -2.97 76.42 8.48
CA CYS B 1074 -1.60 76.15 7.97
C CYS B 1074 -0.62 75.84 9.11
N ASP B 1075 -1.01 76.05 10.37
CA ASP B 1075 -0.06 75.88 11.51
C ASP B 1075 0.10 74.42 11.92
N VAL B 1076 -0.78 73.52 11.45
CA VAL B 1076 -0.73 72.11 11.92
C VAL B 1076 0.01 71.21 10.91
N VAL B 1077 -0.12 71.48 9.62
CA VAL B 1077 0.47 70.57 8.59
C VAL B 1077 1.98 70.80 8.44
N ILE B 1078 2.78 69.74 8.65
CA ILE B 1078 4.26 69.85 8.49
C ILE B 1078 4.60 69.83 6.99
N GLY B 1079 5.30 70.86 6.49
CA GLY B 1079 5.73 70.87 5.08
C GLY B 1079 4.75 71.61 4.20
N ILE B 1080 3.76 72.27 4.78
CA ILE B 1080 2.77 73.06 3.98
C ILE B 1080 3.50 74.21 3.27
N VAL B 1081 3.05 74.57 2.07
CA VAL B 1081 3.70 75.67 1.30
C VAL B 1081 2.63 76.71 0.94
N ASN B 1082 3.01 77.99 0.91
CA ASN B 1082 2.03 79.09 0.60
C ASN B 1082 1.91 79.28 -0.90
N ASN B 1083 0.67 79.36 -1.41
CA ASN B 1083 0.43 79.55 -2.87
C ASN B 1083 -0.97 80.16 -3.04
N THR B 1084 -1.43 80.33 -4.27
CA THR B 1084 -2.73 80.99 -4.50
C THR B 1084 -3.74 79.98 -5.02
N VAL B 1085 -4.84 79.80 -4.30
CA VAL B 1085 -5.94 78.90 -4.77
C VAL B 1085 -7.06 79.79 -5.29
N TYR B 1086 -7.24 79.89 -6.61
CA TYR B 1086 -8.25 80.84 -7.16
C TYR B 1086 -9.61 80.15 -7.27
N ASP B 1087 -10.59 80.85 -7.84
CA ASP B 1087 -11.98 80.30 -7.94
C ASP B 1087 -12.40 80.22 -9.40
N CYS C 1 17.98 -35.27 59.72
CA CYS C 1 17.10 -34.12 59.39
C CYS C 1 16.85 -33.30 60.68
N VAL C 2 16.26 -32.11 60.54
CA VAL C 2 16.04 -31.23 61.72
C VAL C 2 14.52 -31.09 61.97
N ASN C 3 14.06 -31.40 63.18
CA ASN C 3 12.62 -31.23 63.53
C ASN C 3 12.40 -29.79 64.00
N ILE C 4 11.73 -28.97 63.20
CA ILE C 4 11.51 -27.54 63.55
C ILE C 4 10.09 -27.38 64.11
N THR C 5 9.96 -26.83 65.32
CA THR C 5 8.63 -26.66 65.95
C THR C 5 8.25 -25.19 65.93
N TYR C 6 9.19 -24.32 65.55
CA TYR C 6 8.93 -22.85 65.53
C TYR C 6 7.74 -22.58 64.61
N GLY C 7 6.88 -21.64 65.00
CA GLY C 7 5.68 -21.31 64.19
C GLY C 7 6.04 -20.49 62.97
N SER C 8 5.05 -20.11 62.18
CA SER C 8 5.32 -19.35 60.93
C SER C 8 4.64 -17.98 60.98
N HIS C 9 5.35 -16.92 60.58
CA HIS C 9 4.74 -15.56 60.55
C HIS C 9 4.86 -15.00 59.13
N HIS C 10 3.73 -14.60 58.55
CA HIS C 10 3.73 -14.02 57.17
C HIS C 10 2.75 -12.84 57.11
N LEU C 11 2.96 -11.94 56.16
CA LEU C 11 2.05 -10.78 55.99
C LEU C 11 1.95 -10.44 54.50
N TYR C 12 1.04 -9.55 54.13
CA TYR C 12 0.85 -9.19 52.69
C TYR C 12 1.38 -7.79 52.44
N VAL C 13 2.23 -7.63 51.43
CA VAL C 13 2.82 -6.30 51.10
C VAL C 13 2.58 -5.98 49.61
N SER C 14 2.90 -4.77 49.18
CA SER C 14 2.72 -4.38 47.76
C SER C 14 3.98 -4.73 46.95
N SER C 15 3.81 -5.15 45.70
CA SER C 15 4.96 -5.50 44.83
C SER C 15 5.63 -4.23 44.29
N ARG C 16 4.92 -3.09 44.34
CA ARG C 16 5.47 -1.82 43.79
C ARG C 16 5.84 -2.04 42.31
N THR C 17 6.98 -1.47 41.88
CA THR C 17 7.44 -1.63 40.47
C THR C 17 8.56 -2.65 40.42
N ARG C 18 8.53 -3.65 41.32
CA ARG C 18 9.60 -4.68 41.37
C ARG C 18 9.29 -5.84 40.41
N GLY C 19 10.30 -6.66 40.10
CA GLY C 19 10.08 -7.84 39.25
C GLY C 19 10.27 -7.58 37.77
N VAL C 20 10.78 -6.40 37.41
CA VAL C 20 11.05 -6.12 35.97
C VAL C 20 12.35 -6.86 35.58
N TYR C 21 12.31 -7.58 34.45
CA TYR C 21 13.51 -8.33 33.97
C TYR C 21 13.63 -8.10 32.47
N TYR C 22 14.80 -8.36 31.90
CA TYR C 22 14.99 -8.21 30.43
C TYR C 22 14.14 -9.26 29.74
N PRO C 23 13.13 -8.88 28.93
CA PRO C 23 12.23 -9.85 28.32
C PRO C 23 12.85 -10.67 27.19
N ASP C 24 13.96 -10.19 26.62
CA ASP C 24 14.58 -10.89 25.47
C ASP C 24 16.11 -10.85 25.55
N ASP C 25 16.79 -11.50 24.59
CA ASP C 25 18.28 -11.49 24.55
C ASP C 25 18.71 -10.58 23.39
N ALA C 26 17.75 -9.86 22.79
CA ALA C 26 18.05 -8.96 21.65
C ALA C 26 18.48 -7.59 22.17
N PHE C 27 19.54 -7.03 21.60
CA PHE C 27 20.05 -5.70 22.08
C PHE C 27 19.08 -4.61 21.64
N ARG C 28 18.55 -3.86 22.61
CA ARG C 28 17.63 -2.73 22.29
C ARG C 28 18.20 -1.45 22.92
N SER C 29 18.39 -0.39 22.13
CA SER C 29 19.01 0.85 22.66
C SER C 29 18.13 2.07 22.34
N SER C 30 17.98 2.98 23.31
CA SER C 30 17.19 4.23 23.08
C SER C 30 15.87 3.91 22.38
N THR C 31 15.04 3.06 22.99
CA THR C 31 13.75 2.69 22.38
C THR C 31 12.76 2.27 23.44
N ASN C 32 11.47 2.58 23.24
CA ASN C 32 10.43 2.10 24.19
C ASN C 32 9.83 0.82 23.60
N VAL C 33 10.08 -0.32 24.24
CA VAL C 33 9.64 -1.62 23.64
C VAL C 33 8.43 -2.18 24.41
N LEU C 34 7.38 -2.58 23.67
CA LEU C 34 6.19 -3.20 24.30
C LEU C 34 6.42 -4.71 24.39
N HIS C 35 5.95 -5.35 25.47
CA HIS C 35 6.22 -6.82 25.62
C HIS C 35 5.02 -7.54 26.25
N GLU C 36 4.48 -8.56 25.56
CA GLU C 36 3.38 -9.35 26.17
C GLU C 36 3.98 -10.66 26.70
N GLY C 37 3.84 -10.91 28.00
CA GLY C 37 4.42 -12.12 28.61
C GLY C 37 4.04 -12.26 30.06
N PHE C 38 4.82 -13.04 30.80
CA PHE C 38 4.53 -13.26 32.24
C PHE C 38 5.40 -12.33 33.08
N PHE C 39 4.74 -11.39 33.75
CA PHE C 39 5.47 -10.39 34.59
C PHE C 39 4.80 -10.28 35.95
N LEU C 40 5.51 -9.70 36.93
CA LEU C 40 4.86 -9.44 38.23
C LEU C 40 4.03 -8.16 38.05
N PRO C 41 2.69 -8.19 38.20
CA PRO C 41 1.90 -6.97 38.06
C PRO C 41 2.33 -5.90 39.06
N PHE C 42 2.33 -4.64 38.61
CA PHE C 42 2.75 -3.53 39.49
C PHE C 42 1.70 -3.34 40.61
N ASP C 43 2.14 -2.94 41.80
CA ASP C 43 1.23 -2.68 42.96
C ASP C 43 0.42 -3.94 43.32
N SER C 44 0.95 -5.12 43.01
CA SER C 44 0.21 -6.39 43.27
C SER C 44 0.36 -6.85 44.73
N ASN C 45 -0.49 -7.78 45.18
CA ASN C 45 -0.47 -8.28 46.58
C ASN C 45 0.51 -9.46 46.67
N VAL C 46 1.67 -9.26 47.30
CA VAL C 46 2.70 -10.34 47.36
C VAL C 46 2.86 -10.83 48.81
N THR C 47 3.38 -12.05 49.00
CA THR C 47 3.47 -12.61 50.37
C THR C 47 4.84 -12.37 50.95
N TRP C 48 4.90 -11.72 52.12
CA TRP C 48 6.18 -11.39 52.79
C TRP C 48 6.36 -12.32 54.00
N TYR C 49 7.45 -13.08 54.02
CA TYR C 49 7.71 -13.99 55.17
C TYR C 49 8.84 -13.46 56.01
N SER C 50 8.67 -13.50 57.34
CA SER C 50 9.72 -12.99 58.26
C SER C 50 10.15 -14.09 59.25
N PHE C 51 11.45 -14.17 59.52
CA PHE C 51 11.96 -15.20 60.45
C PHE C 51 12.73 -14.55 61.58
N TRP C 52 12.58 -15.07 62.79
CA TRP C 52 13.38 -14.56 63.94
C TRP C 52 13.62 -15.73 64.89
N ASN C 53 14.34 -15.53 66.00
CA ASN C 53 14.71 -16.66 66.89
C ASN C 53 13.51 -17.56 67.21
N GLN C 54 12.28 -17.04 67.13
CA GLN C 54 11.11 -17.85 67.54
C GLN C 54 10.19 -18.17 66.34
N LYS C 55 10.54 -17.71 65.14
CA LYS C 55 9.61 -17.90 63.98
C LYS C 55 10.34 -18.49 62.77
N TYR C 56 9.93 -19.66 62.31
CA TYR C 56 10.49 -20.25 61.05
C TYR C 56 9.36 -20.32 60.05
N SER C 57 9.42 -19.54 58.99
CA SER C 57 8.31 -19.43 58.02
C SER C 57 8.65 -19.96 56.62
N VAL C 58 8.64 -21.27 56.43
CA VAL C 58 8.86 -21.83 55.06
C VAL C 58 7.68 -22.77 54.72
N ALA C 59 7.01 -22.55 53.58
CA ALA C 59 5.92 -23.45 53.15
C ALA C 59 6.07 -23.76 51.67
N THR C 60 5.42 -24.83 51.20
CA THR C 60 5.47 -25.14 49.76
C THR C 60 4.56 -24.16 49.04
N SER C 61 5.08 -23.51 47.99
CA SER C 61 4.30 -22.50 47.25
C SER C 61 4.09 -22.97 45.80
N PRO C 62 2.96 -22.63 45.15
CA PRO C 62 2.77 -23.00 43.76
C PRO C 62 3.73 -22.21 42.88
N PHE C 63 4.15 -22.82 41.78
CA PHE C 63 5.07 -22.13 40.84
C PHE C 63 4.23 -21.36 39.83
N GLY C 64 3.15 -21.97 39.34
CA GLY C 64 2.27 -21.33 38.36
C GLY C 64 3.00 -21.00 37.07
N ASP C 65 2.79 -19.79 36.55
CA ASP C 65 3.40 -19.36 35.26
C ASP C 65 4.75 -18.70 35.52
N GLY C 66 5.33 -18.90 36.72
CA GLY C 66 6.60 -18.24 37.06
C GLY C 66 6.55 -17.57 38.42
N VAL C 67 7.73 -17.34 39.02
CA VAL C 67 7.75 -16.80 40.42
C VAL C 67 8.71 -15.62 40.56
N TYR C 68 8.26 -14.54 41.21
CA TYR C 68 9.18 -13.44 41.58
C TYR C 68 9.59 -13.78 43.02
N PHE C 69 10.89 -13.86 43.29
CA PHE C 69 11.35 -14.16 44.66
C PHE C 69 12.37 -13.11 45.09
N SER C 70 12.21 -12.55 46.30
CA SER C 70 13.23 -11.61 46.81
C SER C 70 13.61 -11.95 48.25
N THR C 71 14.87 -11.70 48.62
CA THR C 71 15.31 -11.93 50.02
C THR C 71 15.86 -10.62 50.56
N ILE C 72 15.35 -10.18 51.72
CA ILE C 72 15.89 -8.96 52.36
C ILE C 72 16.56 -9.40 53.67
N ASP C 73 17.88 -9.59 53.64
CA ASP C 73 18.57 -10.11 54.85
C ASP C 73 19.94 -9.44 55.00
N LYS C 74 20.71 -9.90 55.99
CA LYS C 74 22.06 -9.34 56.23
C LYS C 74 23.03 -10.50 56.50
N SER C 75 22.51 -11.73 56.60
CA SER C 75 23.39 -12.87 56.99
C SER C 75 23.28 -14.07 56.05
N ASN C 76 22.91 -13.86 54.78
CA ASN C 76 22.85 -14.97 53.77
C ASN C 76 22.04 -16.15 54.32
N VAL C 77 20.83 -15.91 54.84
CA VAL C 77 20.00 -16.99 55.44
C VAL C 77 19.39 -17.87 54.34
N VAL C 78 18.89 -17.25 53.28
CA VAL C 78 18.33 -18.03 52.12
C VAL C 78 19.51 -18.63 51.37
N ARG C 79 19.55 -19.97 51.28
CA ARG C 79 20.69 -20.65 50.61
C ARG C 79 20.27 -21.08 49.21
N GLY C 80 18.97 -21.27 48.99
CA GLY C 80 18.48 -21.68 47.66
C GLY C 80 17.06 -22.20 47.70
N TRP C 81 16.69 -23.06 46.75
CA TRP C 81 15.28 -23.51 46.66
C TRP C 81 15.15 -24.92 46.12
N VAL C 82 13.99 -25.55 46.35
CA VAL C 82 13.70 -26.87 45.75
C VAL C 82 12.54 -26.64 44.77
N PHE C 83 12.68 -27.10 43.52
CA PHE C 83 11.59 -26.97 42.53
C PHE C 83 11.15 -28.35 42.09
N GLY C 84 9.85 -28.52 41.84
CA GLY C 84 9.35 -29.82 41.35
C GLY C 84 7.83 -29.89 41.31
N THR C 85 7.29 -31.11 41.43
CA THR C 85 5.82 -31.31 41.42
C THR C 85 5.40 -31.77 42.79
N THR C 86 5.73 -33.02 43.14
CA THR C 86 5.35 -33.59 44.46
C THR C 86 6.40 -33.26 45.50
N LEU C 87 7.63 -32.91 45.07
CA LEU C 87 8.75 -32.59 45.99
C LEU C 87 9.00 -33.83 46.90
N ASP C 88 8.86 -35.03 46.33
CA ASP C 88 9.06 -36.29 47.09
C ASP C 88 9.84 -37.30 46.25
N ASN C 89 9.79 -38.60 46.62
CA ASN C 89 10.63 -39.61 45.91
C ASN C 89 9.84 -40.37 44.83
N ASP C 90 8.71 -39.83 44.37
CA ASP C 90 8.00 -40.51 43.23
C ASP C 90 8.30 -39.73 41.95
N THR C 91 9.05 -38.62 42.07
CA THR C 91 9.36 -37.79 40.89
C THR C 91 10.73 -37.16 41.09
N GLN C 92 11.29 -36.58 40.02
CA GLN C 92 12.59 -35.87 40.15
C GLN C 92 12.31 -34.43 40.63
N SER C 93 13.26 -33.86 41.37
CA SER C 93 13.12 -32.44 41.81
C SER C 93 14.41 -31.68 41.53
N VAL C 94 14.32 -30.35 41.42
CA VAL C 94 15.53 -29.52 41.16
C VAL C 94 15.99 -28.93 42.50
N LEU C 95 17.24 -29.21 42.89
CA LEU C 95 17.80 -28.59 44.12
C LEU C 95 18.82 -27.52 43.70
N LEU C 96 18.47 -26.24 43.90
CA LEU C 96 19.39 -25.13 43.54
C LEU C 96 19.83 -24.46 44.85
N TYR C 97 21.11 -24.52 45.19
CA TYR C 97 21.54 -23.99 46.52
C TYR C 97 22.99 -23.53 46.52
N ASN C 98 23.35 -22.75 47.54
CA ASN C 98 24.77 -22.33 47.71
C ASN C 98 25.38 -23.22 48.81
N ASP C 99 26.44 -23.97 48.49
CA ASP C 99 27.05 -24.92 49.47
C ASP C 99 27.99 -24.17 50.43
N GLY C 100 28.19 -22.86 50.22
CA GLY C 100 29.16 -22.09 51.04
C GLY C 100 30.20 -21.43 50.17
N THR C 101 30.59 -22.08 49.06
CA THR C 101 31.63 -21.52 48.17
C THR C 101 31.11 -21.49 46.74
N HIS C 102 30.17 -22.36 46.41
CA HIS C 102 29.69 -22.47 45.01
C HIS C 102 28.17 -22.60 44.94
N VAL C 103 27.57 -22.07 43.87
CA VAL C 103 26.11 -22.29 43.67
C VAL C 103 26.00 -23.60 42.89
N ARG C 104 25.27 -24.58 43.43
CA ARG C 104 25.21 -25.90 42.77
C ARG C 104 23.78 -26.23 42.36
N VAL C 105 23.61 -27.00 41.29
CA VAL C 105 22.24 -27.45 40.90
C VAL C 105 22.27 -28.98 40.82
N GLU C 106 21.29 -29.64 41.46
CA GLU C 106 21.21 -31.12 41.40
C GLU C 106 19.79 -31.49 40.93
N VAL C 107 19.68 -32.33 39.91
CA VAL C 107 18.33 -32.81 39.47
C VAL C 107 18.30 -34.33 39.72
N CYS C 108 17.63 -34.75 40.80
CA CYS C 108 17.60 -36.20 41.17
C CYS C 108 16.26 -36.54 41.81
N THR C 109 16.03 -37.82 42.11
CA THR C 109 14.81 -38.21 42.84
C THR C 109 15.15 -38.15 44.31
N PHE C 110 15.01 -36.96 44.92
CA PHE C 110 15.45 -36.79 46.33
C PHE C 110 14.31 -37.04 47.31
N HIS C 111 14.57 -37.80 48.37
CA HIS C 111 13.54 -37.96 49.44
C HIS C 111 13.85 -36.87 50.46
N PHE C 112 13.36 -35.65 50.22
CA PHE C 112 13.71 -34.50 51.10
C PHE C 112 13.18 -34.68 52.53
N CYS C 113 13.88 -34.07 53.50
CA CYS C 113 13.42 -34.13 54.91
C CYS C 113 12.10 -33.34 55.02
N PRO C 114 11.22 -33.60 56.01
CA PRO C 114 10.02 -32.80 56.16
C PRO C 114 10.30 -31.31 56.07
N THR C 115 11.37 -30.84 56.72
CA THR C 115 11.76 -29.42 56.62
C THR C 115 13.21 -29.33 56.23
N PRO C 116 13.55 -29.33 54.92
CA PRO C 116 14.94 -29.33 54.50
C PRO C 116 15.60 -28.02 54.90
N VAL C 117 16.71 -28.10 55.64
CA VAL C 117 17.37 -26.86 56.13
C VAL C 117 18.87 -27.11 56.31
N PHE C 118 19.66 -26.04 56.45
CA PHE C 118 21.12 -26.19 56.73
C PHE C 118 21.33 -25.88 58.21
N SER C 119 22.01 -26.77 58.95
CA SER C 119 22.32 -26.48 60.37
C SER C 119 23.72 -25.84 60.45
N ALA C 120 23.78 -24.50 60.39
CA ALA C 120 25.08 -23.79 60.48
C ALA C 120 26.07 -24.39 59.49
N SER C 121 25.80 -24.28 58.18
CA SER C 121 26.71 -24.78 57.11
C SER C 121 26.55 -26.30 56.92
N SER C 122 25.92 -26.99 57.87
CA SER C 122 25.73 -28.46 57.79
C SER C 122 24.42 -28.77 57.04
N PRO C 123 24.46 -29.51 55.92
CA PRO C 123 23.25 -29.75 55.14
C PRO C 123 22.33 -30.86 55.64
N HIS C 124 21.02 -30.57 55.70
CA HIS C 124 20.02 -31.60 56.09
C HIS C 124 18.83 -31.43 55.14
N LEU C 125 19.07 -31.60 53.84
CA LEU C 125 17.99 -31.34 52.84
C LEU C 125 17.22 -32.63 52.53
N TYR C 126 17.91 -33.68 52.08
CA TYR C 126 17.21 -34.92 51.66
C TYR C 126 17.84 -36.14 52.33
N SER C 127 17.03 -37.15 52.64
CA SER C 127 17.56 -38.40 53.25
C SER C 127 18.37 -39.18 52.21
N SER C 128 17.88 -39.24 50.97
CA SER C 128 18.57 -40.01 49.90
C SER C 128 18.31 -39.35 48.54
N ALA C 129 19.21 -39.58 47.56
CA ALA C 129 18.98 -39.04 46.19
C ALA C 129 19.41 -40.09 45.18
N PHE C 130 18.60 -40.28 44.14
CA PHE C 130 18.92 -41.29 43.09
C PHE C 130 18.50 -40.73 41.75
N ASN C 131 18.71 -41.50 40.67
CA ASN C 131 18.26 -41.09 39.30
C ASN C 131 18.69 -39.65 39.01
N CYS C 132 19.93 -39.30 39.31
CA CYS C 132 20.43 -37.93 39.05
C CYS C 132 20.70 -37.74 37.54
N THR C 133 20.07 -36.75 36.93
CA THR C 133 20.26 -36.49 35.48
C THR C 133 21.11 -35.24 35.31
N LEU C 134 21.22 -34.45 36.38
CA LEU C 134 22.00 -33.18 36.31
C LEU C 134 22.67 -32.91 37.66
N ASN C 135 23.98 -32.65 37.67
CA ASN C 135 24.68 -32.30 38.93
C ASN C 135 25.92 -31.50 38.54
N TYR C 136 25.89 -30.18 38.75
CA TYR C 136 27.05 -29.35 38.35
C TYR C 136 27.05 -28.01 39.09
N THR C 137 28.19 -27.31 39.03
CA THR C 137 28.31 -25.99 39.68
C THR C 137 27.96 -24.91 38.69
N LEU C 138 27.09 -23.98 39.08
CA LEU C 138 26.67 -22.88 38.19
C LEU C 138 27.64 -21.70 38.31
N ALA C 139 28.08 -21.38 39.53
CA ALA C 139 28.95 -20.19 39.70
C ALA C 139 29.73 -20.27 41.02
N SER C 140 30.88 -19.58 41.08
CA SER C 140 31.68 -19.54 42.33
C SER C 140 31.36 -18.25 43.10
N VAL C 141 30.54 -18.35 44.16
CA VAL C 141 30.11 -17.15 44.92
C VAL C 141 30.26 -17.44 46.42
N ARG C 142 31.18 -16.73 47.10
CA ARG C 142 31.41 -16.99 48.54
C ARG C 142 30.25 -16.38 49.35
N ALA C 143 29.42 -17.23 49.97
CA ALA C 143 28.34 -16.72 50.85
C ALA C 143 28.55 -17.31 52.24
N ASP C 144 28.90 -16.46 53.22
CA ASP C 144 29.24 -16.98 54.58
C ASP C 144 27.97 -17.39 55.32
N PHE C 145 28.13 -18.13 56.43
CA PHE C 145 26.99 -18.54 57.27
C PHE C 145 27.11 -17.84 58.62
N THR C 146 27.76 -16.68 58.63
CA THR C 146 27.97 -15.94 59.90
C THR C 146 26.76 -15.11 60.22
N GLU C 147 26.59 -14.73 61.49
CA GLU C 147 25.44 -13.91 61.92
C GLU C 147 25.87 -12.43 62.06
N VAL C 148 25.32 -11.56 61.21
CA VAL C 148 25.68 -10.12 61.23
C VAL C 148 24.64 -9.36 62.07
N ASP C 149 25.10 -8.54 63.01
CA ASP C 149 24.14 -7.76 63.85
C ASP C 149 23.77 -6.46 63.15
N GLY C 150 22.59 -5.92 63.47
CA GLY C 150 22.20 -4.62 62.88
C GLY C 150 21.05 -4.73 61.89
N SER C 151 20.87 -3.71 61.06
CA SER C 151 19.72 -3.68 60.10
C SER C 151 20.01 -4.48 58.83
N PHE C 152 18.98 -4.78 58.04
CA PHE C 152 19.18 -5.42 56.72
C PHE C 152 19.82 -4.39 55.81
N LYS C 153 20.68 -4.81 54.87
CA LYS C 153 21.41 -3.82 54.04
C LYS C 153 21.26 -4.07 52.53
N THR C 154 20.77 -5.25 52.13
CA THR C 154 20.71 -5.57 50.69
C THR C 154 19.46 -6.35 50.35
N ILE C 155 18.86 -6.07 49.19
CA ILE C 155 17.73 -6.92 48.72
C ILE C 155 18.25 -7.70 47.49
N ARG C 156 18.05 -9.01 47.48
CA ARG C 156 18.46 -9.83 46.31
C ARG C 156 17.17 -10.31 45.62
N GLU C 157 16.99 -9.98 44.34
CA GLU C 157 15.71 -10.32 43.65
C GLU C 157 15.94 -11.40 42.60
N PHE C 158 14.99 -12.33 42.48
CA PHE C 158 15.11 -13.42 41.50
C PHE C 158 13.80 -13.60 40.76
N VAL C 159 13.88 -13.95 39.48
CA VAL C 159 12.65 -14.28 38.72
C VAL C 159 12.89 -15.69 38.17
N PHE C 160 11.99 -16.63 38.49
CA PHE C 160 12.15 -18.03 38.02
C PHE C 160 11.08 -18.33 36.99
N LYS C 161 11.51 -18.77 35.79
CA LYS C 161 10.55 -19.07 34.69
C LYS C 161 10.94 -20.39 34.02
N LEU C 162 9.94 -21.14 33.54
CA LEU C 162 10.21 -22.41 32.83
C LEU C 162 9.97 -22.19 31.32
N GLN C 163 10.93 -22.58 30.49
CA GLN C 163 10.78 -22.38 29.02
C GLN C 163 11.53 -23.51 28.28
N ASP C 164 10.81 -24.41 27.62
CA ASP C 164 11.44 -25.50 26.81
C ASP C 164 12.32 -26.40 27.70
N GLY C 165 11.80 -26.82 28.86
CA GLY C 165 12.54 -27.76 29.73
C GLY C 165 13.67 -27.08 30.49
N SER C 166 13.81 -25.77 30.33
CA SER C 166 14.94 -25.05 30.98
C SER C 166 14.42 -24.08 32.05
N LEU C 167 15.03 -24.11 33.23
CA LEU C 167 14.67 -23.13 34.29
C LEU C 167 15.48 -21.87 34.04
N ASN C 168 14.81 -20.77 33.67
CA ASN C 168 15.51 -19.47 33.43
C ASN C 168 15.53 -18.69 34.74
N VAL C 169 16.72 -18.22 35.13
CA VAL C 169 16.85 -17.47 36.40
C VAL C 169 17.31 -16.04 36.09
N TYR C 170 16.52 -15.05 36.50
CA TYR C 170 16.93 -13.64 36.34
C TYR C 170 17.32 -13.13 37.72
N TYR C 171 18.26 -12.19 37.77
CA TYR C 171 18.75 -11.76 39.11
C TYR C 171 19.13 -10.30 39.16
N ALA C 172 18.93 -9.69 40.32
CA ALA C 172 19.45 -8.32 40.57
C ALA C 172 19.76 -8.19 42.06
N SER C 173 20.83 -7.46 42.41
CA SER C 173 21.13 -7.18 43.83
C SER C 173 21.15 -5.66 44.03
N THR C 174 20.42 -5.16 45.03
CA THR C 174 20.36 -3.71 45.30
C THR C 174 20.48 -3.48 46.78
N SER C 175 21.29 -2.50 47.19
CA SER C 175 21.44 -2.17 48.63
C SER C 175 20.11 -1.64 49.17
N TYR C 176 19.54 -2.32 50.18
CA TYR C 176 18.25 -1.88 50.77
C TYR C 176 18.37 -1.92 52.28
N VAL C 177 18.56 -0.75 52.91
CA VAL C 177 18.68 -0.68 54.39
C VAL C 177 17.27 -0.72 54.99
N LEU C 178 16.98 -1.75 55.80
CA LEU C 178 15.64 -1.88 56.44
C LEU C 178 15.85 -2.28 57.91
N ALA C 179 15.39 -1.43 58.84
CA ALA C 179 15.52 -1.74 60.28
C ALA C 179 14.66 -2.95 60.64
N ILE C 180 15.04 -3.66 61.70
CA ILE C 180 14.31 -4.91 62.09
C ILE C 180 12.85 -4.55 62.46
N GLY C 181 12.65 -3.39 63.08
CA GLY C 181 11.29 -2.98 63.51
C GLY C 181 10.56 -2.20 62.43
N ALA C 182 11.27 -1.77 61.39
CA ALA C 182 10.66 -0.97 60.31
C ALA C 182 9.54 -1.76 59.63
N THR C 183 8.52 -1.07 59.11
CA THR C 183 7.38 -1.74 58.45
C THR C 183 7.90 -2.61 57.32
N SER C 184 7.33 -3.81 57.14
CA SER C 184 7.74 -4.72 56.04
C SER C 184 7.38 -4.08 54.69
N GLN C 185 8.38 -3.83 53.84
CA GLN C 185 8.09 -3.08 52.59
C GLN C 185 9.20 -3.31 51.55
N LEU C 186 8.84 -3.41 50.27
CA LEU C 186 9.87 -3.54 49.19
C LEU C 186 10.38 -2.14 48.83
N PRO C 187 11.60 -1.99 48.25
CA PRO C 187 12.08 -0.69 47.81
C PRO C 187 11.28 -0.12 46.65
N SER C 188 11.34 1.21 46.48
CA SER C 188 10.65 1.86 45.34
C SER C 188 11.60 1.95 44.13
N GLY C 189 11.04 2.08 42.93
CA GLY C 189 11.87 2.24 41.72
C GLY C 189 11.98 0.97 40.90
N VAL C 190 12.41 1.09 39.64
CA VAL C 190 12.57 -0.10 38.75
C VAL C 190 14.02 -0.60 38.83
N THR C 191 14.22 -1.89 39.12
CA THR C 191 15.58 -2.47 39.08
C THR C 191 15.51 -3.63 38.12
N PRO C 192 16.05 -3.56 36.88
CA PRO C 192 15.87 -4.65 35.91
C PRO C 192 16.70 -5.86 36.29
N LEU C 193 16.05 -7.03 36.29
CA LEU C 193 16.78 -8.29 36.61
C LEU C 193 17.38 -8.83 35.31
N VAL C 194 18.67 -9.18 35.36
CA VAL C 194 19.38 -9.65 34.14
C VAL C 194 19.32 -11.19 34.07
N PRO C 195 19.30 -11.79 32.86
CA PRO C 195 19.34 -13.24 32.76
C PRO C 195 20.65 -13.73 33.36
N LEU C 196 20.57 -14.67 34.30
CA LEU C 196 21.78 -15.17 35.00
C LEU C 196 22.09 -16.60 34.58
N TRP C 197 21.09 -17.49 34.67
CA TRP C 197 21.33 -18.91 34.34
C TRP C 197 20.18 -19.51 33.55
N LYS C 198 20.50 -20.39 32.60
CA LYS C 198 19.46 -21.14 31.86
C LYS C 198 19.79 -22.61 32.17
N ILE C 199 19.04 -23.27 33.06
CA ILE C 199 19.41 -24.64 33.50
C ILE C 199 18.53 -25.69 32.79
N PRO C 200 19.11 -26.61 31.99
CA PRO C 200 18.34 -27.61 31.27
C PRO C 200 17.88 -28.75 32.18
N ILE C 201 16.78 -28.53 32.90
CA ILE C 201 16.33 -29.54 33.91
C ILE C 201 15.41 -30.59 33.26
N GLY C 202 14.64 -30.21 32.23
CA GLY C 202 13.71 -31.12 31.55
C GLY C 202 12.61 -31.61 32.49
N LEU C 203 12.24 -30.81 33.48
CA LEU C 203 11.26 -31.29 34.48
C LEU C 203 10.01 -30.40 34.51
N ASN C 204 8.87 -30.95 34.92
CA ASN C 204 7.62 -30.17 35.06
C ASN C 204 7.63 -29.58 36.47
N ILE C 205 7.51 -28.26 36.60
CA ILE C 205 7.59 -27.63 37.95
C ILE C 205 6.24 -26.98 38.27
N THR C 206 5.62 -27.39 39.38
CA THR C 206 4.31 -26.85 39.78
C THR C 206 4.45 -26.27 41.18
N ASN C 207 5.46 -26.72 41.90
CA ASN C 207 5.63 -26.28 43.32
C ASN C 207 7.10 -26.01 43.63
N PHE C 208 7.35 -25.17 44.63
CA PHE C 208 8.75 -24.91 45.05
C PHE C 208 8.76 -24.67 46.54
N LYS C 209 9.94 -24.81 47.14
CA LYS C 209 10.08 -24.58 48.61
C LYS C 209 11.42 -23.86 48.84
N THR C 210 11.46 -22.95 49.81
CA THR C 210 12.69 -22.16 50.08
C THR C 210 13.59 -22.92 51.05
N LEU C 211 14.91 -22.84 50.85
CA LEU C 211 15.87 -23.48 51.78
C LEU C 211 16.57 -22.37 52.60
N VAL C 212 16.61 -22.53 53.92
CA VAL C 212 17.26 -21.51 54.80
C VAL C 212 18.29 -22.21 55.70
N TYR C 213 19.17 -21.44 56.34
CA TYR C 213 20.13 -22.05 57.29
C TYR C 213 19.77 -21.59 58.71
N LEU C 214 19.81 -22.52 59.67
CA LEU C 214 19.52 -22.18 61.09
C LEU C 214 20.86 -21.96 61.81
N ARG C 215 20.81 -21.51 63.07
CA ARG C 215 22.07 -21.36 63.85
C ARG C 215 22.52 -22.74 64.36
N SER C 216 23.73 -22.84 64.91
CA SER C 216 24.26 -24.14 65.39
C SER C 216 23.28 -24.81 66.36
N ASP C 217 22.42 -24.02 67.02
CA ASP C 217 21.42 -24.56 68.00
C ASP C 217 20.09 -24.82 67.28
N ASN C 218 20.07 -24.77 65.94
CA ASN C 218 18.84 -25.02 65.12
C ASN C 218 17.80 -23.92 65.36
N THR C 219 18.21 -22.74 65.81
CA THR C 219 17.22 -21.65 65.95
C THR C 219 17.21 -20.81 64.69
N PRO C 220 16.04 -20.32 64.23
CA PRO C 220 15.96 -19.45 63.06
C PRO C 220 16.63 -18.10 63.23
N LEU C 221 17.21 -17.59 62.15
CA LEU C 221 17.93 -16.29 62.18
C LEU C 221 16.95 -15.16 61.83
N GLN C 222 17.42 -13.91 61.83
CA GLN C 222 16.58 -12.77 61.39
C GLN C 222 16.73 -12.59 59.89
N ALA C 223 15.64 -12.78 59.15
CA ALA C 223 15.68 -12.66 57.67
C ALA C 223 14.25 -12.49 57.14
N ALA C 224 14.12 -12.02 55.90
CA ALA C 224 12.77 -11.95 55.30
C ALA C 224 12.85 -12.33 53.82
N TYR C 225 11.82 -13.00 53.30
CA TYR C 225 11.80 -13.29 51.85
C TYR C 225 10.39 -13.00 51.33
N VAL C 226 10.29 -12.67 50.05
CA VAL C 226 8.96 -12.30 49.47
C VAL C 226 8.66 -13.20 48.26
N VAL C 227 7.41 -13.65 48.15
CA VAL C 227 7.01 -14.50 47.00
C VAL C 227 5.87 -13.83 46.23
N GLY C 228 6.06 -13.64 44.93
CA GLY C 228 4.99 -13.10 44.06
C GLY C 228 4.84 -14.00 42.85
N HIS C 229 3.67 -14.01 42.22
CA HIS C 229 3.44 -14.91 41.05
C HIS C 229 3.34 -14.07 39.77
N LEU C 230 4.01 -14.54 38.72
CA LEU C 230 3.98 -13.80 37.43
C LEU C 230 2.61 -14.01 36.76
N LYS C 231 2.08 -12.96 36.14
CA LYS C 231 0.78 -13.07 35.43
C LYS C 231 0.93 -12.54 34.00
N ARG C 232 0.03 -12.96 33.10
CA ARG C 232 0.10 -12.52 31.68
C ARG C 232 -0.24 -11.03 31.59
N ARG C 233 0.67 -10.24 31.03
CA ARG C 233 0.46 -8.78 30.97
C ARG C 233 1.28 -8.17 29.85
N THR C 234 0.89 -6.99 29.39
CA THR C 234 1.75 -6.27 28.43
C THR C 234 2.48 -5.21 29.22
N MET C 235 3.81 -5.15 29.07
CA MET C 235 4.59 -4.11 29.78
C MET C 235 5.39 -3.29 28.77
N MET C 236 5.64 -2.02 29.10
CA MET C 236 6.48 -1.17 28.21
C MET C 236 7.80 -0.90 28.94
N PHE C 237 8.92 -1.19 28.27
CA PHE C 237 10.26 -1.00 28.90
C PHE C 237 10.99 0.14 28.20
N LYS C 238 11.65 0.98 28.99
CA LYS C 238 12.42 2.11 28.42
C LYS C 238 13.91 1.75 28.43
N TYR C 239 14.51 1.60 27.24
CA TYR C 239 15.97 1.30 27.17
C TYR C 239 16.75 2.58 26.96
N ASP C 240 17.90 2.69 27.63
CA ASP C 240 18.79 3.87 27.40
C ASP C 240 19.63 3.59 26.15
N GLU C 241 20.67 4.40 25.90
CA GLU C 241 21.56 4.17 24.74
C GLU C 241 22.50 2.97 25.02
N ASN C 242 22.78 2.70 26.30
CA ASN C 242 23.65 1.55 26.66
C ASN C 242 22.89 0.24 26.45
N GLY C 243 21.55 0.30 26.51
CA GLY C 243 20.73 -0.92 26.36
C GLY C 243 20.15 -1.34 27.71
N THR C 244 20.42 -0.57 28.75
CA THR C 244 19.89 -0.85 30.09
C THR C 244 18.43 -0.48 30.14
N ILE C 245 17.64 -1.13 31.02
CA ILE C 245 16.22 -0.72 31.20
C ILE C 245 16.23 0.32 32.33
N VAL C 246 15.66 1.50 32.09
CA VAL C 246 15.73 2.59 33.12
C VAL C 246 14.33 2.81 33.72
N ASP C 247 13.29 2.42 32.99
CA ASP C 247 11.89 2.62 33.47
C ASP C 247 10.98 1.55 32.87
N ALA C 248 9.82 1.33 33.51
CA ALA C 248 8.85 0.32 33.02
C ALA C 248 7.41 0.71 33.37
N ILE C 249 6.47 0.27 32.53
CA ILE C 249 5.02 0.59 32.77
C ILE C 249 4.20 -0.70 32.65
N ASP C 250 3.34 -0.99 33.64
CA ASP C 250 2.38 -2.11 33.50
C ASP C 250 1.20 -1.50 32.74
N CYS C 251 0.98 -1.90 31.48
CA CYS C 251 -0.07 -1.28 30.64
C CYS C 251 -1.49 -1.49 31.22
N ALA C 252 -1.65 -2.46 32.11
CA ALA C 252 -2.98 -2.77 32.69
C ALA C 252 -3.12 -2.22 34.12
N LEU C 253 -2.19 -1.37 34.57
CA LEU C 253 -2.24 -0.89 35.98
C LEU C 253 -3.33 0.17 36.15
N ASP C 254 -3.34 1.21 35.31
CA ASP C 254 -4.28 2.35 35.47
C ASP C 254 -4.50 3.05 34.12
N PRO C 255 -5.48 3.98 33.99
CA PRO C 255 -5.70 4.69 32.74
C PRO C 255 -4.51 5.49 32.21
N LEU C 256 -3.70 6.07 33.10
CA LEU C 256 -2.50 6.81 32.65
C LEU C 256 -1.46 5.82 32.09
N SER C 257 -1.28 4.68 32.75
CA SER C 257 -0.33 3.64 32.27
C SER C 257 -0.78 3.14 30.90
N GLU C 258 -2.09 2.96 30.73
CA GLU C 258 -2.61 2.49 29.43
C GLU C 258 -2.39 3.57 28.35
N THR C 259 -2.58 4.84 28.68
CA THR C 259 -2.35 5.94 27.71
C THR C 259 -0.89 5.93 27.29
N LYS C 260 0.01 5.76 28.24
CA LYS C 260 1.46 5.73 27.94
C LYS C 260 1.77 4.55 27.00
N CYS C 261 1.18 3.39 27.26
CA CYS C 261 1.42 2.19 26.42
C CYS C 261 0.83 2.41 25.01
N THR C 262 -0.35 3.02 24.93
CA THR C 262 -1.00 3.28 23.62
C THR C 262 -0.14 4.22 22.81
N LEU C 263 0.41 5.25 23.46
CA LEU C 263 1.24 6.26 22.74
C LEU C 263 2.70 5.78 22.68
N ARG C 264 3.02 4.68 23.36
CA ARG C 264 4.42 4.19 23.41
C ARG C 264 5.34 5.33 23.86
N SER C 265 4.91 6.11 24.87
CA SER C 265 5.71 7.25 25.36
C SER C 265 5.53 7.39 26.88
N PHE C 266 6.65 7.45 27.62
CA PHE C 266 6.57 7.59 29.10
C PHE C 266 6.11 8.99 29.47
N ILE C 267 6.18 9.92 28.52
CA ILE C 267 5.73 11.31 28.79
C ILE C 267 4.45 11.54 27.97
N VAL C 268 3.40 12.03 28.63
CA VAL C 268 2.11 12.31 27.92
C VAL C 268 1.85 13.81 28.01
N GLU C 269 1.60 14.46 26.87
CA GLU C 269 1.32 15.91 26.87
C GLU C 269 -0.14 16.17 27.28
N LYS C 270 -0.47 17.43 27.55
CA LYS C 270 -1.87 17.77 27.92
C LYS C 270 -2.81 17.47 26.74
N GLY C 271 -3.89 16.74 27.00
CA GLY C 271 -4.87 16.48 25.93
C GLY C 271 -5.80 15.33 26.23
N ILE C 272 -6.53 14.87 25.21
CA ILE C 272 -7.44 13.69 25.38
C ILE C 272 -6.92 12.60 24.42
N TYR C 273 -6.82 11.37 24.93
CA TYR C 273 -6.28 10.28 24.09
C TYR C 273 -7.24 9.10 24.09
N GLN C 274 -7.54 8.58 22.91
CA GLN C 274 -8.36 7.33 22.81
C GLN C 274 -7.37 6.19 23.04
N THR C 275 -7.61 5.35 24.04
CA THR C 275 -6.60 4.33 24.37
C THR C 275 -6.95 2.99 23.78
N SER C 276 -5.92 2.18 23.49
CA SER C 276 -6.19 0.81 23.02
C SER C 276 -6.59 -0.02 24.25
N ASN C 277 -7.51 -0.96 24.09
CA ASN C 277 -7.89 -1.81 25.24
C ASN C 277 -6.68 -2.62 25.72
N PHE C 278 -6.36 -2.54 27.01
CA PHE C 278 -5.20 -3.27 27.58
C PHE C 278 -5.50 -3.61 29.02
N ARG C 279 -6.75 -3.47 29.45
CA ARG C 279 -7.08 -3.67 30.89
C ARG C 279 -7.80 -5.02 31.12
N VAL C 280 -8.50 -5.54 30.12
CA VAL C 280 -9.30 -6.79 30.34
C VAL C 280 -8.58 -7.98 29.68
N GLN C 281 -8.25 -9.01 30.46
CA GLN C 281 -7.61 -10.24 29.91
C GLN C 281 -8.35 -11.46 30.47
N PRO C 282 -8.75 -12.44 29.64
CA PRO C 282 -9.51 -13.58 30.14
C PRO C 282 -8.79 -14.29 31.30
N GLN C 283 -9.53 -14.62 32.36
CA GLN C 283 -8.92 -15.30 33.52
C GLN C 283 -9.38 -16.77 33.55
N ASP C 284 -10.38 -17.11 32.74
CA ASP C 284 -10.92 -18.50 32.77
C ASP C 284 -11.17 -19.04 31.36
N THR C 285 -11.18 -20.37 31.23
CA THR C 285 -11.44 -21.01 29.91
C THR C 285 -12.74 -21.79 30.01
N VAL C 286 -13.66 -21.56 29.07
CA VAL C 286 -14.94 -22.31 29.06
C VAL C 286 -14.89 -23.32 27.90
N VAL C 287 -15.01 -24.61 28.23
CA VAL C 287 -14.96 -25.68 27.19
C VAL C 287 -16.31 -26.40 27.21
N ARG C 288 -17.00 -26.43 26.06
CA ARG C 288 -18.35 -27.05 26.01
C ARG C 288 -18.43 -28.01 24.80
N PHE C 289 -18.43 -29.32 25.06
CA PHE C 289 -18.54 -30.34 23.99
C PHE C 289 -19.83 -31.14 24.21
N PRO C 290 -20.38 -31.87 23.21
CA PRO C 290 -21.65 -32.56 23.39
C PRO C 290 -21.57 -33.75 24.32
N ASN C 291 -22.72 -34.35 24.64
CA ASN C 291 -22.75 -35.51 25.57
C ASN C 291 -22.42 -36.79 24.81
N ILE C 292 -21.18 -36.91 24.30
CA ILE C 292 -20.74 -38.15 23.61
C ILE C 292 -19.58 -38.76 24.41
N THR C 293 -19.71 -40.01 24.86
CA THR C 293 -18.66 -40.64 25.67
C THR C 293 -18.14 -41.91 25.00
N ASN C 294 -18.97 -42.54 24.16
CA ASN C 294 -18.58 -43.81 23.47
C ASN C 294 -17.33 -43.57 22.60
N LEU C 295 -16.35 -44.48 22.67
CA LEU C 295 -15.12 -44.35 21.84
C LEU C 295 -15.45 -44.70 20.38
N CYS C 296 -14.87 -43.96 19.43
CA CYS C 296 -15.08 -44.28 17.99
C CYS C 296 -14.59 -45.73 17.76
N PRO C 297 -15.26 -46.55 16.93
CA PRO C 297 -14.87 -47.94 16.79
C PRO C 297 -13.62 -48.15 15.94
N PHE C 298 -12.51 -47.48 16.26
CA PHE C 298 -11.28 -47.58 15.43
C PHE C 298 -10.60 -48.93 15.63
N SER C 299 -10.56 -49.43 16.87
CA SER C 299 -9.82 -50.70 17.16
C SER C 299 -10.40 -51.87 16.34
N GLU C 300 -11.72 -51.98 16.24
CA GLU C 300 -12.36 -53.08 15.48
C GLU C 300 -12.06 -52.90 13.97
N VAL C 301 -11.97 -51.65 13.49
CA VAL C 301 -11.61 -51.40 12.06
C VAL C 301 -10.12 -51.74 11.90
N PHE C 302 -9.24 -51.04 12.60
CA PHE C 302 -7.79 -51.31 12.37
C PHE C 302 -7.54 -52.82 12.46
N ASN C 303 -8.38 -53.56 13.19
CA ASN C 303 -8.10 -55.02 13.39
C ASN C 303 -9.03 -55.91 12.55
N ALA C 304 -9.70 -55.36 11.54
CA ALA C 304 -10.52 -56.27 10.69
C ALA C 304 -9.61 -57.37 10.13
N THR C 305 -10.12 -58.60 10.04
CA THR C 305 -9.30 -59.75 9.57
C THR C 305 -8.80 -59.48 8.17
N THR C 306 -9.63 -58.86 7.32
CA THR C 306 -9.14 -58.50 5.97
C THR C 306 -9.55 -57.08 5.64
N PHE C 307 -8.65 -56.32 5.02
CA PHE C 307 -8.99 -54.96 4.53
C PHE C 307 -9.36 -55.08 3.06
N ALA C 308 -9.86 -54.00 2.47
CA ALA C 308 -10.24 -54.01 1.04
C ALA C 308 -9.01 -53.88 0.14
N SER C 309 -9.13 -54.32 -1.12
CA SER C 309 -8.03 -54.08 -2.08
C SER C 309 -8.07 -52.60 -2.45
N VAL C 310 -6.92 -51.99 -2.77
CA VAL C 310 -6.88 -50.51 -3.01
C VAL C 310 -7.82 -50.11 -4.17
N TYR C 311 -7.95 -50.93 -5.22
CA TYR C 311 -8.82 -50.60 -6.38
C TYR C 311 -10.29 -50.59 -5.93
N ALA C 312 -10.63 -51.41 -4.94
CA ALA C 312 -12.03 -51.52 -4.45
C ALA C 312 -12.06 -51.02 -3.00
N TRP C 313 -11.46 -49.85 -2.75
CA TRP C 313 -11.32 -49.32 -1.36
C TRP C 313 -12.67 -49.12 -0.67
N ASN C 314 -12.70 -49.33 0.66
CA ASN C 314 -13.96 -49.23 1.42
C ASN C 314 -14.12 -47.83 2.04
N ARG C 315 -15.35 -47.33 2.14
CA ARG C 315 -15.59 -46.05 2.84
C ARG C 315 -16.56 -46.33 4.00
N LYS C 316 -16.20 -45.95 5.23
CA LYS C 316 -17.08 -46.14 6.40
C LYS C 316 -17.39 -44.77 7.03
N ARG C 317 -18.66 -44.49 7.33
CA ARG C 317 -18.98 -43.21 8.02
C ARG C 317 -18.74 -43.38 9.53
N ILE C 318 -18.03 -42.44 10.16
CA ILE C 318 -17.83 -42.50 11.63
C ILE C 318 -18.64 -41.35 12.25
N SER C 319 -19.50 -41.65 13.23
CA SER C 319 -20.38 -40.62 13.82
C SER C 319 -20.80 -40.97 15.25
N ASN C 320 -21.25 -39.97 16.01
CA ASN C 320 -21.74 -40.20 17.41
C ASN C 320 -20.70 -40.94 18.26
N CYS C 321 -19.45 -40.45 18.27
CA CYS C 321 -18.40 -41.17 19.02
C CYS C 321 -17.22 -40.24 19.36
N VAL C 322 -16.32 -40.70 20.22
CA VAL C 322 -15.12 -39.88 20.61
C VAL C 322 -13.88 -40.46 19.90
N ALA C 323 -13.20 -39.62 19.11
CA ALA C 323 -11.96 -40.08 18.42
C ALA C 323 -10.76 -39.89 19.34
N ASP C 324 -10.24 -40.99 19.89
CA ASP C 324 -9.02 -40.92 20.74
C ASP C 324 -8.00 -41.89 20.13
N TYR C 325 -6.95 -41.39 19.49
CA TYR C 325 -6.00 -42.28 18.76
C TYR C 325 -4.92 -42.83 19.71
N SER C 326 -4.68 -42.16 20.83
CA SER C 326 -3.66 -42.63 21.82
C SER C 326 -4.08 -44.00 22.37
N VAL C 327 -5.37 -44.28 22.44
CA VAL C 327 -5.87 -45.60 22.93
C VAL C 327 -5.31 -46.71 22.00
N LEU C 328 -5.03 -46.38 20.73
CA LEU C 328 -4.59 -47.41 19.74
C LEU C 328 -3.08 -47.64 19.80
N TYR C 329 -2.32 -46.84 20.54
CA TYR C 329 -0.83 -46.96 20.52
C TYR C 329 -0.40 -48.36 20.98
N ASN C 330 -1.13 -48.98 21.89
CA ASN C 330 -0.70 -50.30 22.45
C ASN C 330 -0.77 -51.39 21.36
N SER C 331 -1.69 -51.27 20.40
CA SER C 331 -1.87 -52.35 19.39
C SER C 331 -1.46 -51.88 17.99
N THR C 332 -1.24 -50.58 17.80
CA THR C 332 -0.95 -50.10 16.43
C THR C 332 0.25 -49.18 16.42
N SER C 333 1.31 -49.55 15.70
CA SER C 333 2.47 -48.63 15.56
C SER C 333 2.30 -47.87 14.23
N PHE C 334 1.91 -46.59 14.29
CA PHE C 334 1.62 -45.87 13.03
C PHE C 334 2.93 -45.49 12.34
N SER C 335 3.28 -46.19 11.27
CA SER C 335 4.49 -45.78 10.50
C SER C 335 4.20 -44.43 9.86
N THR C 336 2.94 -44.16 9.52
CA THR C 336 2.56 -42.87 8.89
C THR C 336 1.36 -42.29 9.60
N PHE C 337 1.45 -41.02 10.03
CA PHE C 337 0.28 -40.32 10.61
C PHE C 337 0.41 -38.87 10.14
N GLN C 338 -0.18 -38.56 9.00
CA GLN C 338 -0.01 -37.21 8.41
C GLN C 338 -1.37 -36.55 8.20
N CYS C 339 -1.50 -35.30 8.63
CA CYS C 339 -2.79 -34.58 8.48
C CYS C 339 -2.65 -33.42 7.49
N TYR C 340 -3.73 -33.11 6.77
CA TYR C 340 -3.72 -32.00 5.78
C TYR C 340 -4.90 -31.09 6.14
N GLY C 341 -4.70 -29.77 6.17
CA GLY C 341 -5.80 -28.83 6.48
C GLY C 341 -6.08 -28.72 7.96
N VAL C 342 -5.55 -29.67 8.75
CA VAL C 342 -5.75 -29.66 10.24
C VAL C 342 -4.44 -30.18 10.85
N SER C 343 -3.98 -29.57 11.95
CA SER C 343 -2.76 -30.08 12.63
C SER C 343 -3.12 -31.31 13.49
N SER C 344 -2.28 -32.36 13.46
CA SER C 344 -2.56 -33.60 14.22
C SER C 344 -2.64 -33.29 15.72
N THR C 345 -1.85 -32.34 16.21
CA THR C 345 -1.81 -32.00 17.66
C THR C 345 -3.11 -31.35 18.08
N LYS C 346 -3.87 -30.81 17.13
CA LYS C 346 -5.12 -30.07 17.47
C LYS C 346 -6.35 -31.00 17.39
N LEU C 347 -6.21 -32.22 16.82
CA LEU C 347 -7.36 -33.12 16.60
C LEU C 347 -8.13 -33.40 17.91
N ASN C 348 -7.43 -33.47 19.05
CA ASN C 348 -8.05 -33.79 20.36
C ASN C 348 -8.89 -32.61 20.88
N ASP C 349 -8.71 -31.42 20.29
CA ASP C 349 -9.44 -30.20 20.72
C ASP C 349 -10.55 -29.87 19.72
N LEU C 350 -10.69 -30.68 18.66
CA LEU C 350 -11.66 -30.29 17.59
C LEU C 350 -12.89 -31.21 17.58
N CYS C 351 -13.96 -30.77 16.91
CA CYS C 351 -15.16 -31.61 16.72
C CYS C 351 -15.50 -31.58 15.22
N PHE C 352 -16.04 -32.67 14.68
CA PHE C 352 -16.27 -32.73 13.21
C PHE C 352 -17.74 -33.04 12.92
N THR C 353 -18.31 -32.36 11.94
CA THR C 353 -19.71 -32.61 11.54
C THR C 353 -19.82 -33.98 10.92
N ASN C 354 -18.88 -34.33 10.02
CA ASN C 354 -18.89 -35.66 9.37
C ASN C 354 -17.46 -36.22 9.31
N VAL C 355 -17.31 -37.52 9.55
CA VAL C 355 -15.96 -38.17 9.44
C VAL C 355 -16.10 -39.43 8.57
N TYR C 356 -15.31 -39.54 7.50
CA TYR C 356 -15.34 -40.74 6.63
C TYR C 356 -14.03 -41.49 6.78
N ALA C 357 -14.08 -42.82 6.81
CA ALA C 357 -12.86 -43.64 6.97
C ALA C 357 -12.66 -44.50 5.73
N ASP C 358 -11.63 -44.19 4.93
CA ASP C 358 -11.31 -45.01 3.73
C ASP C 358 -10.26 -46.05 4.13
N SER C 359 -10.49 -47.32 3.80
CA SER C 359 -9.54 -48.37 4.27
C SER C 359 -9.14 -49.29 3.11
N PHE C 360 -7.84 -49.57 2.99
CA PHE C 360 -7.33 -50.47 1.92
C PHE C 360 -5.92 -50.92 2.25
N VAL C 361 -5.39 -51.84 1.44
CA VAL C 361 -4.01 -52.35 1.67
C VAL C 361 -3.13 -51.99 0.46
N VAL C 362 -1.94 -51.48 0.72
CA VAL C 362 -0.97 -51.18 -0.38
C VAL C 362 0.39 -51.75 0.02
N ARG C 363 1.35 -51.73 -0.90
CA ARG C 363 2.73 -52.14 -0.56
C ARG C 363 3.42 -50.99 0.19
N GLY C 364 4.43 -51.30 1.01
CA GLY C 364 5.11 -50.27 1.83
C GLY C 364 5.59 -49.08 1.02
N ASP C 365 6.16 -49.32 -0.16
CA ASP C 365 6.79 -48.24 -0.97
C ASP C 365 5.75 -47.43 -1.75
N GLU C 366 4.46 -47.72 -1.53
CA GLU C 366 3.38 -47.02 -2.26
C GLU C 366 2.52 -46.21 -1.26
N VAL C 367 3.01 -46.04 -0.03
CA VAL C 367 2.23 -45.34 1.02
C VAL C 367 2.42 -43.85 0.76
N ARG C 368 3.55 -43.48 0.20
CA ARG C 368 3.83 -42.06 -0.15
C ARG C 368 2.82 -41.54 -1.17
N GLN C 369 2.13 -42.40 -1.89
CA GLN C 369 1.23 -41.96 -2.97
C GLN C 369 -0.13 -41.63 -2.40
N ILE C 370 -0.33 -41.95 -1.13
CA ILE C 370 -1.62 -41.62 -0.48
C ILE C 370 -1.42 -40.25 0.13
N ALA C 371 -1.41 -39.24 -0.72
CA ALA C 371 -1.22 -37.84 -0.28
C ALA C 371 -1.57 -36.92 -1.45
N PRO C 372 -2.00 -35.66 -1.24
CA PRO C 372 -2.37 -34.83 -2.38
C PRO C 372 -1.21 -34.54 -3.33
N GLY C 373 -1.50 -34.44 -4.63
CA GLY C 373 -0.45 -34.09 -5.62
C GLY C 373 0.59 -35.17 -5.80
N GLN C 374 0.25 -36.43 -5.53
CA GLN C 374 1.20 -37.55 -5.76
C GLN C 374 0.92 -38.19 -7.13
N THR C 375 1.97 -38.65 -7.81
CA THR C 375 1.79 -39.32 -9.12
C THR C 375 2.33 -40.73 -9.00
N GLY C 376 1.54 -41.73 -9.41
CA GLY C 376 1.99 -43.13 -9.34
C GLY C 376 0.85 -44.09 -9.63
N VAL C 377 1.17 -45.37 -9.79
CA VAL C 377 0.13 -46.39 -10.13
C VAL C 377 -1.06 -46.31 -9.17
N ILE C 378 -0.81 -46.16 -7.88
CA ILE C 378 -1.92 -46.11 -6.88
C ILE C 378 -2.63 -44.76 -7.00
N ALA C 379 -1.87 -43.65 -7.02
CA ALA C 379 -2.48 -42.30 -7.07
C ALA C 379 -3.23 -42.09 -8.38
N ASP C 380 -2.81 -42.77 -9.47
CA ASP C 380 -3.42 -42.52 -10.81
C ASP C 380 -4.59 -43.48 -11.09
N TYR C 381 -4.50 -44.76 -10.73
CA TYR C 381 -5.55 -45.72 -11.15
C TYR C 381 -6.25 -46.44 -9.99
N ASN C 382 -5.98 -46.09 -8.73
CA ASN C 382 -6.58 -46.87 -7.61
C ASN C 382 -7.25 -45.93 -6.58
N TYR C 383 -6.51 -44.95 -6.07
CA TYR C 383 -7.06 -44.05 -5.01
C TYR C 383 -6.43 -42.67 -5.12
N LYS C 384 -7.24 -41.65 -5.41
CA LYS C 384 -6.71 -40.27 -5.54
C LYS C 384 -7.32 -39.39 -4.45
N LEU C 385 -6.47 -38.60 -3.80
CA LEU C 385 -7.01 -37.63 -2.80
C LEU C 385 -7.18 -36.27 -3.50
N PRO C 386 -8.12 -35.41 -3.06
CA PRO C 386 -8.24 -34.08 -3.62
C PRO C 386 -7.06 -33.22 -3.16
N ASP C 387 -6.75 -32.19 -3.94
CA ASP C 387 -5.58 -31.33 -3.61
C ASP C 387 -5.93 -30.47 -2.39
N ASP C 388 -7.22 -30.22 -2.14
CA ASP C 388 -7.68 -29.42 -0.97
C ASP C 388 -8.16 -30.37 0.15
N PHE C 389 -7.60 -31.58 0.22
CA PHE C 389 -8.07 -32.60 1.21
C PHE C 389 -7.96 -32.11 2.65
N THR C 390 -9.03 -32.30 3.43
CA THR C 390 -8.95 -31.99 4.89
C THR C 390 -9.10 -33.30 5.64
N GLY C 391 -8.01 -33.80 6.22
CA GLY C 391 -8.08 -35.07 6.95
C GLY C 391 -6.73 -35.61 7.32
N CYS C 392 -6.68 -36.89 7.74
CA CYS C 392 -5.40 -37.49 8.16
C CYS C 392 -5.20 -38.85 7.47
N VAL C 393 -3.96 -39.12 7.06
CA VAL C 393 -3.65 -40.45 6.45
C VAL C 393 -2.90 -41.26 7.53
N LEU C 394 -3.43 -42.43 7.89
CA LEU C 394 -2.74 -43.31 8.88
C LEU C 394 -2.34 -44.61 8.18
N ALA C 395 -1.10 -45.05 8.36
CA ALA C 395 -0.65 -46.31 7.74
C ALA C 395 0.26 -47.08 8.69
N TRP C 396 0.23 -48.42 8.58
CA TRP C 396 1.09 -49.27 9.44
C TRP C 396 1.43 -50.58 8.73
N ASN C 397 2.60 -51.16 9.05
CA ASN C 397 3.00 -52.47 8.45
C ASN C 397 2.04 -53.56 8.97
N SER C 398 1.40 -54.29 8.06
CA SER C 398 0.43 -55.34 8.44
C SER C 398 0.98 -56.74 8.14
N ARG C 399 2.31 -56.87 8.09
CA ARG C 399 2.95 -58.18 7.78
C ARG C 399 2.31 -59.31 8.59
N ASN C 400 2.02 -59.08 9.88
CA ASN C 400 1.51 -60.17 10.76
C ASN C 400 0.08 -60.59 10.39
N GLN C 401 -0.66 -59.74 9.68
CA GLN C 401 -2.08 -60.07 9.36
C GLN C 401 -2.28 -60.27 7.84
N ASP C 402 -1.39 -59.73 7.00
CA ASP C 402 -1.65 -59.80 5.53
C ASP C 402 -0.50 -60.46 4.76
N ALA C 403 0.62 -60.79 5.41
CA ALA C 403 1.69 -61.52 4.69
C ALA C 403 1.79 -62.94 5.23
N SER C 404 2.16 -63.90 4.37
CA SER C 404 2.32 -65.31 4.81
C SER C 404 3.65 -65.86 4.28
N THR C 405 4.09 -67.00 4.80
CA THR C 405 5.34 -67.64 4.32
C THR C 405 5.16 -68.07 2.88
N SER C 406 4.03 -68.70 2.56
CA SER C 406 3.74 -69.15 1.16
C SER C 406 3.36 -67.95 0.28
N GLY C 407 2.85 -66.87 0.89
CA GLY C 407 2.48 -65.67 0.12
C GLY C 407 0.99 -65.41 0.17
N ASN C 408 0.59 -64.14 0.33
CA ASN C 408 -0.85 -63.79 0.32
C ASN C 408 -1.15 -63.10 -1.01
N PHE C 409 -2.09 -63.66 -1.79
CA PHE C 409 -2.41 -63.11 -3.14
C PHE C 409 -3.89 -62.71 -3.19
N ASN C 410 -4.41 -62.21 -2.07
CA ASN C 410 -5.85 -61.82 -2.01
C ASN C 410 -6.00 -60.31 -2.26
N TYR C 411 -4.89 -59.59 -2.40
CA TYR C 411 -4.96 -58.11 -2.56
C TYR C 411 -4.66 -57.75 -4.02
N TYR C 412 -5.46 -56.85 -4.60
CA TYR C 412 -5.30 -56.48 -6.03
C TYR C 412 -5.17 -54.98 -6.20
N TYR C 413 -4.50 -54.57 -7.27
CA TYR C 413 -4.39 -53.12 -7.60
C TYR C 413 -4.51 -52.99 -9.11
N ARG C 414 -5.00 -51.84 -9.59
CA ARG C 414 -5.16 -51.61 -11.05
C ARG C 414 -3.81 -51.13 -11.63
N ILE C 415 -3.48 -51.56 -12.86
CA ILE C 415 -2.18 -51.19 -13.49
C ILE C 415 -2.45 -50.21 -14.65
N TRP C 416 -3.67 -50.20 -15.17
CA TRP C 416 -3.96 -49.33 -16.33
C TRP C 416 -5.42 -48.90 -16.32
N ARG C 417 -5.65 -47.61 -16.56
CA ARG C 417 -7.03 -47.11 -16.71
C ARG C 417 -6.95 -46.09 -17.84
N SER C 418 -7.84 -46.17 -18.83
CA SER C 418 -7.81 -45.26 -20.00
C SER C 418 -7.60 -43.80 -19.55
N GLU C 419 -8.18 -43.43 -18.40
CA GLU C 419 -7.96 -42.06 -17.87
C GLU C 419 -7.59 -42.18 -16.38
N LYS C 420 -6.99 -41.13 -15.80
CA LYS C 420 -6.65 -41.14 -14.37
C LYS C 420 -7.94 -40.98 -13.52
N LEU C 421 -7.93 -41.50 -12.29
CA LEU C 421 -9.11 -41.38 -11.41
C LEU C 421 -9.23 -39.94 -10.90
N ARG C 422 -10.47 -39.49 -10.65
CA ARG C 422 -10.68 -38.16 -10.02
C ARG C 422 -10.67 -38.36 -8.49
N PRO C 423 -10.54 -37.31 -7.66
CA PRO C 423 -10.55 -37.47 -6.22
C PRO C 423 -11.70 -38.29 -5.65
N PHE C 424 -11.40 -39.28 -4.80
CA PHE C 424 -12.44 -40.15 -4.15
C PHE C 424 -13.22 -40.98 -5.20
N GLU C 425 -12.67 -41.15 -6.40
CA GLU C 425 -13.37 -42.00 -7.40
C GLU C 425 -12.94 -43.47 -7.22
N ARG C 426 -13.90 -44.39 -7.34
CA ARG C 426 -13.55 -45.83 -7.24
C ARG C 426 -13.95 -46.53 -8.54
N ASP C 427 -13.07 -47.35 -9.10
CA ASP C 427 -13.41 -48.14 -10.30
C ASP C 427 -13.27 -49.62 -9.95
N ILE C 428 -14.39 -50.35 -9.83
CA ILE C 428 -14.33 -51.78 -9.39
C ILE C 428 -14.56 -52.71 -10.60
N ALA C 429 -14.67 -52.14 -11.80
CA ALA C 429 -14.96 -52.96 -13.01
C ALA C 429 -13.77 -53.83 -13.41
N HIS C 430 -14.05 -55.03 -13.92
CA HIS C 430 -12.98 -55.94 -14.40
C HIS C 430 -12.89 -55.82 -15.93
N TYR C 431 -11.76 -55.34 -16.44
CA TYR C 431 -11.60 -55.19 -17.91
C TYR C 431 -10.15 -55.43 -18.32
N ASP C 432 -9.94 -55.84 -19.56
CA ASP C 432 -8.56 -56.08 -20.07
C ASP C 432 -8.08 -54.86 -20.87
N TYR C 433 -6.77 -54.65 -20.93
CA TYR C 433 -6.21 -53.55 -21.76
C TYR C 433 -5.25 -54.17 -22.77
N GLN C 434 -5.03 -53.48 -23.90
CA GLN C 434 -4.19 -54.07 -24.96
C GLN C 434 -2.72 -53.62 -24.80
N VAL C 435 -1.79 -54.56 -24.79
CA VAL C 435 -0.34 -54.21 -24.76
C VAL C 435 0.25 -54.80 -26.05
N GLY C 436 0.52 -53.96 -27.04
CA GLY C 436 0.97 -54.49 -28.35
C GLY C 436 -0.16 -55.28 -28.97
N THR C 437 0.02 -56.59 -29.14
CA THR C 437 -1.01 -57.45 -29.76
C THR C 437 -1.70 -58.29 -28.69
N GLN C 438 -1.29 -58.18 -27.43
CA GLN C 438 -1.85 -59.06 -26.38
C GLN C 438 -2.79 -58.31 -25.43
N PHE C 439 -3.87 -58.96 -24.99
CA PHE C 439 -4.79 -58.34 -23.99
C PHE C 439 -4.39 -58.83 -22.60
N LYS C 440 -4.27 -57.90 -21.65
CA LYS C 440 -3.87 -58.26 -20.26
C LYS C 440 -4.90 -57.69 -19.28
N SER C 441 -5.10 -58.37 -18.16
CA SER C 441 -6.03 -57.85 -17.11
C SER C 441 -5.52 -56.50 -16.57
N SER C 442 -6.42 -55.52 -16.40
CA SER C 442 -6.03 -54.21 -15.82
C SER C 442 -5.78 -54.35 -14.31
N LEU C 443 -6.12 -55.50 -13.74
CA LEU C 443 -5.88 -55.74 -12.30
C LEU C 443 -4.69 -56.69 -12.11
N LYS C 444 -3.79 -56.37 -11.18
CA LYS C 444 -2.65 -57.27 -10.88
C LYS C 444 -2.72 -57.69 -9.41
N ASN C 445 -2.16 -58.86 -9.09
CA ASN C 445 -2.21 -59.38 -7.71
C ASN C 445 -0.92 -59.03 -6.98
N TYR C 446 -1.02 -58.62 -5.71
CA TYR C 446 0.21 -58.40 -4.90
C TYR C 446 0.62 -59.76 -4.36
N GLY C 447 1.91 -59.98 -4.15
CA GLY C 447 2.38 -61.23 -3.52
C GLY C 447 3.03 -60.89 -2.21
N PHE C 448 2.28 -60.92 -1.11
CA PHE C 448 2.85 -60.48 0.20
C PHE C 448 3.51 -61.67 0.92
N TYR C 449 4.84 -61.64 1.00
CA TYR C 449 5.58 -62.71 1.71
C TYR C 449 6.14 -62.16 3.01
N SER C 450 6.03 -62.93 4.10
CA SER C 450 6.50 -62.46 5.43
C SER C 450 8.03 -62.30 5.45
N SER C 451 8.73 -62.84 4.46
CA SER C 451 10.22 -62.77 4.41
C SER C 451 10.69 -61.57 3.58
N ALA C 452 9.76 -60.81 2.99
CA ALA C 452 10.15 -59.68 2.12
C ALA C 452 10.62 -58.47 2.93
N GLY C 453 11.29 -57.52 2.27
CA GLY C 453 11.72 -56.28 2.95
C GLY C 453 10.54 -55.37 3.20
N ASP C 454 10.71 -54.34 4.04
CA ASP C 454 9.58 -53.44 4.41
C ASP C 454 8.94 -52.82 3.16
N SER C 455 9.73 -52.53 2.13
CA SER C 455 9.22 -51.90 0.88
C SER C 455 8.19 -52.81 0.19
N HIS C 456 8.27 -54.12 0.43
CA HIS C 456 7.35 -55.08 -0.22
C HIS C 456 6.40 -55.72 0.81
N GLN C 457 6.39 -55.20 2.04
CA GLN C 457 5.44 -55.73 3.04
C GLN C 457 4.06 -55.08 2.82
N PRO C 458 2.95 -55.75 3.20
CA PRO C 458 1.64 -55.13 3.11
C PRO C 458 1.48 -54.04 4.15
N TYR C 459 0.96 -52.89 3.74
CA TYR C 459 0.66 -51.81 4.72
C TYR C 459 -0.84 -51.55 4.70
N ARG C 460 -1.45 -51.53 5.89
CA ARG C 460 -2.89 -51.17 5.97
C ARG C 460 -2.96 -49.64 6.04
N VAL C 461 -3.80 -49.04 5.20
CA VAL C 461 -3.90 -47.55 5.17
C VAL C 461 -5.33 -47.17 5.55
N VAL C 462 -5.48 -46.19 6.44
CA VAL C 462 -6.84 -45.68 6.80
C VAL C 462 -6.81 -44.16 6.58
N VAL C 463 -7.66 -43.67 5.69
CA VAL C 463 -7.68 -42.20 5.38
C VAL C 463 -8.92 -41.60 6.07
N LEU C 464 -8.70 -40.68 7.00
CA LEU C 464 -9.83 -40.05 7.72
C LEU C 464 -10.15 -38.71 7.04
N SER C 465 -11.28 -38.62 6.36
CA SER C 465 -11.72 -37.35 5.71
C SER C 465 -12.62 -36.58 6.68
N PHE C 466 -12.27 -35.33 7.02
CA PHE C 466 -13.02 -34.58 8.06
C PHE C 466 -13.92 -33.50 7.47
N GLU C 467 -15.14 -33.41 7.97
CA GLU C 467 -16.04 -32.31 7.50
C GLU C 467 -16.28 -31.36 8.69
N LEU C 468 -16.00 -30.07 8.50
CA LEU C 468 -16.15 -29.09 9.62
C LEU C 468 -17.15 -27.98 9.22
N LEU C 469 -18.45 -28.21 9.37
CA LEU C 469 -19.46 -27.22 8.90
C LEU C 469 -20.28 -26.64 10.07
N ASN C 470 -21.12 -25.64 9.77
CA ASN C 470 -22.03 -25.06 10.80
C ASN C 470 -23.17 -26.07 10.96
N ALA C 471 -22.92 -27.16 11.70
CA ALA C 471 -23.92 -28.24 11.82
C ALA C 471 -23.66 -28.99 13.12
N PRO C 472 -24.58 -29.87 13.58
CA PRO C 472 -24.34 -30.63 14.80
C PRO C 472 -23.03 -31.42 14.79
N ALA C 473 -22.29 -31.36 15.89
CA ALA C 473 -21.03 -32.16 16.00
C ALA C 473 -21.39 -33.62 16.28
N THR C 474 -20.73 -34.56 15.62
CA THR C 474 -20.99 -36.00 15.92
C THR C 474 -19.70 -36.69 16.31
N VAL C 475 -18.55 -36.16 15.89
CA VAL C 475 -17.24 -36.76 16.28
C VAL C 475 -16.38 -35.68 16.96
N CYS C 476 -16.05 -35.87 18.24
CA CYS C 476 -15.25 -34.87 18.99
C CYS C 476 -14.05 -35.52 19.68
N GLY C 477 -13.04 -34.73 20.05
CA GLY C 477 -11.89 -35.27 20.79
C GLY C 477 -12.24 -35.50 22.25
N PRO C 478 -11.39 -36.18 23.04
CA PRO C 478 -11.69 -36.47 24.43
C PRO C 478 -11.45 -35.30 25.39
N LYS C 479 -11.99 -34.13 25.05
CA LYS C 479 -11.82 -32.94 25.94
C LYS C 479 -12.93 -32.90 27.00
N GLN C 480 -12.56 -32.62 28.25
CA GLN C 480 -13.57 -32.50 29.33
C GLN C 480 -14.25 -31.13 29.24
N SER C 481 -15.58 -31.10 29.37
CA SER C 481 -16.30 -29.82 29.33
C SER C 481 -16.22 -29.15 30.71
N THR C 482 -16.15 -27.81 30.73
CA THR C 482 -16.11 -27.08 32.02
C THR C 482 -17.49 -26.55 32.32
N GLU C 483 -17.62 -25.66 33.30
CA GLU C 483 -18.93 -25.02 33.58
C GLU C 483 -19.04 -23.75 32.74
N LEU C 484 -20.25 -23.41 32.30
CA LEU C 484 -20.47 -22.19 31.47
C LEU C 484 -20.28 -20.95 32.37
N ILE C 485 -19.36 -20.04 32.00
CA ILE C 485 -19.18 -18.78 32.77
C ILE C 485 -19.77 -17.61 31.96
N LYS C 486 -20.78 -16.96 32.50
CA LYS C 486 -21.47 -15.87 31.75
C LYS C 486 -21.07 -14.49 32.29
N ASN C 487 -21.21 -13.43 31.48
CA ASN C 487 -20.96 -12.03 31.94
C ASN C 487 -19.51 -11.78 32.36
N LYS C 488 -18.54 -12.43 31.71
CA LYS C 488 -17.10 -12.17 32.01
C LYS C 488 -16.28 -12.40 30.74
N CYS C 489 -15.10 -11.76 30.63
CA CYS C 489 -14.22 -12.02 29.47
C CYS C 489 -13.55 -13.39 29.67
N VAL C 490 -13.86 -14.34 28.80
CA VAL C 490 -13.33 -15.73 28.97
C VAL C 490 -12.81 -16.28 27.64
N ASN C 491 -11.87 -17.23 27.72
CA ASN C 491 -11.46 -17.94 26.48
C ASN C 491 -12.48 -19.06 26.31
N PHE C 492 -13.11 -19.19 25.15
CA PHE C 492 -14.19 -20.21 25.05
C PHE C 492 -13.85 -21.26 24.00
N ASN C 493 -14.36 -22.48 24.17
CA ASN C 493 -14.18 -23.55 23.16
C ASN C 493 -15.53 -24.26 23.04
N PHE C 494 -16.27 -24.00 21.96
CA PHE C 494 -17.60 -24.65 21.76
C PHE C 494 -17.51 -25.61 20.56
N ASN C 495 -17.52 -26.93 20.81
CA ASN C 495 -17.51 -27.94 19.72
C ASN C 495 -16.32 -27.70 18.79
N GLY C 496 -15.17 -27.30 19.33
CA GLY C 496 -13.96 -27.08 18.51
C GLY C 496 -13.77 -25.61 18.15
N LEU C 497 -14.84 -24.81 18.19
CA LEU C 497 -14.75 -23.38 17.81
C LEU C 497 -14.24 -22.57 19.01
N THR C 498 -13.07 -21.93 18.88
CA THR C 498 -12.47 -21.21 20.02
C THR C 498 -12.55 -19.72 19.81
N GLY C 499 -12.33 -18.94 20.88
CA GLY C 499 -12.35 -17.48 20.79
C GLY C 499 -12.28 -16.82 22.16
N THR C 500 -12.28 -15.48 22.19
CA THR C 500 -12.27 -14.74 23.47
C THR C 500 -13.45 -13.78 23.45
N GLY C 501 -14.22 -13.74 24.53
CA GLY C 501 -15.32 -12.76 24.59
C GLY C 501 -16.19 -12.94 25.82
N VAL C 502 -17.25 -12.14 25.91
CA VAL C 502 -18.21 -12.25 27.05
C VAL C 502 -19.42 -13.07 26.59
N LEU C 503 -19.78 -14.11 27.33
CA LEU C 503 -20.95 -14.95 26.97
C LEU C 503 -22.19 -14.42 27.72
N THR C 504 -23.27 -14.12 26.99
CA THR C 504 -24.52 -13.62 27.63
C THR C 504 -25.71 -14.38 27.10
N ASP C 505 -26.85 -14.32 27.81
CA ASP C 505 -28.08 -14.99 27.32
C ASP C 505 -28.55 -14.30 26.03
N SER C 506 -28.96 -15.09 25.03
CA SER C 506 -29.33 -14.50 23.71
C SER C 506 -30.83 -14.57 23.45
N ASN C 507 -31.40 -13.53 22.86
CA ASN C 507 -32.84 -13.58 22.46
C ASN C 507 -32.88 -14.03 21.00
N LYS C 508 -31.71 -14.20 20.38
CA LYS C 508 -31.63 -14.63 18.96
C LYS C 508 -32.19 -16.05 18.84
N LYS C 509 -32.85 -16.34 17.72
CA LYS C 509 -33.42 -17.69 17.50
C LYS C 509 -32.57 -18.41 16.44
N PHE C 510 -32.25 -19.68 16.66
CA PHE C 510 -31.35 -20.42 15.72
C PHE C 510 -32.14 -21.44 14.93
N GLN C 511 -31.70 -21.74 13.70
CA GLN C 511 -32.35 -22.80 12.91
C GLN C 511 -32.08 -24.16 13.57
N SER C 512 -32.80 -25.22 13.18
CA SER C 512 -32.71 -26.55 13.85
C SER C 512 -31.26 -27.07 13.97
N PHE C 513 -30.44 -26.93 12.93
CA PHE C 513 -29.07 -27.54 12.97
C PHE C 513 -27.99 -26.47 13.12
N GLN C 514 -28.37 -25.20 13.19
CA GLN C 514 -27.38 -24.09 13.32
C GLN C 514 -26.65 -24.23 14.68
N GLN C 515 -25.34 -24.04 14.68
CA GLN C 515 -24.54 -24.17 15.93
C GLN C 515 -23.97 -22.81 16.31
N PHE C 516 -23.79 -21.93 15.33
CA PHE C 516 -23.17 -20.60 15.61
C PHE C 516 -23.73 -19.55 14.65
N GLY C 517 -23.66 -18.28 15.04
CA GLY C 517 -24.13 -17.19 14.16
C GLY C 517 -23.00 -16.24 13.85
N ARG C 518 -22.98 -15.69 12.63
CA ARG C 518 -21.92 -14.71 12.26
C ARG C 518 -22.55 -13.46 11.64
N ASP C 519 -21.82 -12.34 11.64
CA ASP C 519 -22.32 -11.07 11.07
C ASP C 519 -21.61 -10.81 9.73
N VAL C 520 -21.86 -9.64 9.13
CA VAL C 520 -21.21 -9.28 7.85
C VAL C 520 -19.68 -9.31 8.00
N SER C 521 -19.17 -8.93 9.17
CA SER C 521 -17.70 -8.89 9.40
C SER C 521 -17.14 -10.32 9.52
N ASP C 522 -18.01 -11.33 9.61
CA ASP C 522 -17.58 -12.74 9.82
C ASP C 522 -17.16 -12.88 11.29
N PHE C 523 -17.71 -12.05 12.16
CA PHE C 523 -17.44 -12.19 13.62
C PHE C 523 -18.49 -13.13 14.19
N THR C 524 -18.05 -14.15 14.94
CA THR C 524 -19.01 -15.08 15.57
C THR C 524 -19.68 -14.34 16.71
N ASP C 525 -20.94 -13.94 16.51
CA ASP C 525 -21.64 -13.11 17.53
C ASP C 525 -22.51 -14.00 18.42
N SER C 526 -22.67 -15.27 18.07
CA SER C 526 -23.59 -16.11 18.88
C SER C 526 -23.25 -17.60 18.73
N VAL C 527 -23.59 -18.40 19.75
CA VAL C 527 -23.26 -19.86 19.71
C VAL C 527 -24.36 -20.64 20.45
N LYS C 528 -24.66 -21.86 19.97
CA LYS C 528 -25.62 -22.71 20.71
C LYS C 528 -24.78 -23.62 21.62
N ASP C 529 -25.08 -23.61 22.93
CA ASP C 529 -24.34 -24.49 23.87
C ASP C 529 -24.67 -25.95 23.57
N PRO C 530 -23.67 -26.82 23.29
CA PRO C 530 -23.96 -28.19 22.90
C PRO C 530 -24.58 -29.05 24.01
N LYS C 531 -24.59 -28.55 25.25
CA LYS C 531 -25.10 -29.35 26.39
C LYS C 531 -26.51 -28.88 26.78
N THR C 532 -26.74 -27.56 26.81
CA THR C 532 -28.06 -27.02 27.26
C THR C 532 -28.90 -26.63 26.06
N LEU C 533 -28.30 -26.52 24.87
CA LEU C 533 -29.04 -26.16 23.63
C LEU C 533 -29.50 -24.70 23.72
N GLU C 534 -28.92 -23.93 24.64
CA GLU C 534 -29.29 -22.50 24.82
C GLU C 534 -28.42 -21.64 23.91
N VAL C 535 -29.01 -20.65 23.23
CA VAL C 535 -28.24 -19.74 22.35
C VAL C 535 -27.59 -18.65 23.22
N LEU C 536 -26.28 -18.45 23.07
CA LEU C 536 -25.56 -17.42 23.87
C LEU C 536 -24.99 -16.35 22.94
N ASP C 537 -25.11 -15.07 23.30
CA ASP C 537 -24.46 -14.01 22.49
C ASP C 537 -22.98 -13.91 22.88
N ILE C 538 -22.13 -13.68 21.89
CA ILE C 538 -20.67 -13.50 22.18
C ILE C 538 -20.30 -12.04 21.90
N THR C 539 -19.95 -11.29 22.94
CA THR C 539 -19.59 -9.87 22.76
C THR C 539 -18.10 -9.73 22.87
N PRO C 540 -17.45 -8.81 22.12
CA PRO C 540 -16.02 -8.57 22.29
C PRO C 540 -15.70 -8.12 23.72
N CYS C 541 -14.53 -8.51 24.24
CA CYS C 541 -14.19 -8.20 25.66
C CYS C 541 -14.10 -6.67 25.88
N SER C 542 -13.71 -5.91 24.86
CA SER C 542 -13.70 -4.43 24.99
C SER C 542 -14.08 -3.78 23.66
N TYR C 543 -15.35 -3.46 23.46
CA TYR C 543 -15.80 -2.88 22.16
C TYR C 543 -16.07 -1.38 22.30
N GLY C 544 -16.46 -0.95 23.51
CA GLY C 544 -16.69 0.49 23.74
C GLY C 544 -15.39 1.26 23.67
N GLY C 545 -15.44 2.52 23.23
CA GLY C 545 -14.23 3.36 23.19
C GLY C 545 -13.99 4.04 24.52
N VAL C 546 -12.74 4.04 25.00
CA VAL C 546 -12.40 4.74 26.27
C VAL C 546 -11.39 5.86 25.95
N SER C 547 -11.69 7.09 26.37
CA SER C 547 -10.72 8.20 26.18
C SER C 547 -10.15 8.64 27.53
N VAL C 548 -8.85 8.88 27.60
CA VAL C 548 -8.23 9.36 28.88
C VAL C 548 -7.88 10.85 28.75
N ILE C 549 -8.33 11.66 29.69
CA ILE C 549 -8.04 13.13 29.68
C ILE C 549 -6.92 13.40 30.70
N THR C 550 -5.83 14.03 30.26
CA THR C 550 -4.69 14.31 31.17
C THR C 550 -4.23 15.75 31.01
N PRO C 551 -3.86 16.45 32.11
CA PRO C 551 -3.28 17.77 31.98
C PRO C 551 -1.80 17.73 31.62
N GLY C 552 -1.27 16.53 31.32
CA GLY C 552 0.17 16.37 31.03
C GLY C 552 0.87 15.74 32.21
N THR C 553 1.76 14.76 31.96
CA THR C 553 2.45 14.04 33.07
C THR C 553 3.36 14.98 33.83
N ASN C 554 3.82 16.06 33.21
CA ASN C 554 4.70 17.05 33.88
C ASN C 554 3.88 17.89 34.87
N ALA C 555 2.56 18.00 34.65
CA ALA C 555 1.71 18.86 35.51
C ALA C 555 1.04 18.03 36.61
N SER C 556 0.60 16.81 36.28
CA SER C 556 -0.14 15.98 37.28
C SER C 556 -0.26 14.53 36.80
N THR C 557 -0.43 13.59 37.74
CA THR C 557 -0.68 12.18 37.37
C THR C 557 -2.18 11.94 37.46
N GLN C 558 -2.94 12.96 37.89
CA GLN C 558 -4.43 12.83 37.93
C GLN C 558 -4.97 12.75 36.50
N VAL C 559 -5.94 11.87 36.26
CA VAL C 559 -6.54 11.73 34.90
C VAL C 559 -8.06 11.63 35.01
N ALA C 560 -8.77 11.99 33.95
CA ALA C 560 -10.24 11.78 33.93
C ALA C 560 -10.51 10.79 32.79
N VAL C 561 -11.55 9.98 32.92
CA VAL C 561 -11.78 8.93 31.88
C VAL C 561 -13.16 9.14 31.24
N LEU C 562 -13.22 9.17 29.92
CA LEU C 562 -14.51 9.32 29.19
C LEU C 562 -14.90 7.97 28.58
N TYR C 563 -16.05 7.42 28.99
CA TYR C 563 -16.56 6.15 28.39
C TYR C 563 -17.56 6.56 27.31
N GLN C 564 -17.20 6.38 26.04
CA GLN C 564 -18.04 6.87 24.92
C GLN C 564 -19.37 6.11 24.75
N ASP C 565 -20.48 6.83 24.61
CA ASP C 565 -21.81 6.22 24.34
C ASP C 565 -22.20 5.23 25.44
N VAL C 566 -21.68 5.42 26.65
CA VAL C 566 -22.06 4.52 27.78
C VAL C 566 -22.70 5.39 28.88
N ASN C 567 -23.81 4.91 29.46
CA ASN C 567 -24.42 5.65 30.60
C ASN C 567 -23.58 5.41 31.87
N CYS C 568 -23.55 6.40 32.76
CA CYS C 568 -22.72 6.30 33.99
C CYS C 568 -23.11 5.06 34.82
N THR C 569 -24.35 4.60 34.73
CA THR C 569 -24.82 3.41 35.49
C THR C 569 -24.26 2.14 34.91
N ASP C 570 -23.94 2.13 33.61
CA ASP C 570 -23.55 0.86 32.91
C ASP C 570 -22.03 0.73 32.79
N VAL C 571 -21.29 1.76 33.23
CA VAL C 571 -19.81 1.74 33.08
C VAL C 571 -19.18 0.51 33.75
N PRO C 572 -19.52 0.12 35.01
CA PRO C 572 -18.91 -1.05 35.62
C PRO C 572 -19.08 -2.35 34.82
N THR C 573 -20.25 -2.54 34.19
CA THR C 573 -20.50 -3.76 33.39
C THR C 573 -19.83 -3.64 32.04
N ALA C 574 -19.89 -2.45 31.44
CA ALA C 574 -19.33 -2.22 30.08
C ALA C 574 -17.82 -2.49 30.08
N ILE C 575 -17.10 -2.09 31.14
CA ILE C 575 -15.61 -2.22 31.16
C ILE C 575 -15.18 -3.42 32.02
N HIS C 576 -16.13 -4.20 32.56
CA HIS C 576 -15.81 -5.42 33.37
C HIS C 576 -14.88 -5.04 34.52
N ALA C 577 -15.33 -4.14 35.41
CA ALA C 577 -14.49 -3.62 36.50
C ALA C 577 -14.05 -4.70 37.50
N GLU C 578 -14.88 -5.72 37.70
CA GLU C 578 -14.55 -6.79 38.70
C GLU C 578 -13.29 -7.54 38.25
N GLN C 579 -13.04 -7.63 36.95
CA GLN C 579 -11.84 -8.34 36.42
C GLN C 579 -10.67 -7.35 36.29
N LEU C 580 -10.87 -6.10 36.69
CA LEU C 580 -9.82 -5.07 36.50
C LEU C 580 -9.01 -4.87 37.79
N THR C 581 -7.95 -4.07 37.71
CA THR C 581 -7.12 -3.75 38.89
C THR C 581 -7.86 -2.79 39.80
N PRO C 582 -7.56 -2.75 41.12
CA PRO C 582 -8.17 -1.77 42.00
C PRO C 582 -7.98 -0.36 41.47
N SER C 583 -6.83 -0.08 40.83
CA SER C 583 -6.55 1.27 40.24
C SER C 583 -7.57 1.64 39.17
N TRP C 584 -8.00 0.69 38.32
CA TRP C 584 -9.03 0.97 37.29
C TRP C 584 -10.42 1.09 37.94
N ARG C 585 -10.69 0.32 38.98
CA ARG C 585 -12.05 0.32 39.59
C ARG C 585 -12.39 1.73 40.12
N VAL C 586 -11.37 2.51 40.51
CA VAL C 586 -11.60 3.91 40.99
C VAL C 586 -12.27 4.74 39.88
N TYR C 587 -12.02 4.39 38.61
CA TYR C 587 -12.58 5.17 37.48
C TYR C 587 -13.83 4.50 36.92
N SER C 588 -14.37 3.51 37.63
CA SER C 588 -15.64 2.86 37.19
C SER C 588 -16.82 3.52 37.90
N THR C 589 -16.57 4.21 39.02
CA THR C 589 -17.64 4.85 39.82
C THR C 589 -17.06 6.07 40.48
N GLY C 590 -17.85 6.75 41.33
CA GLY C 590 -17.31 7.89 42.08
C GLY C 590 -18.34 9.01 42.23
N THR C 591 -18.05 9.99 43.09
CA THR C 591 -18.96 11.15 43.26
C THR C 591 -18.87 12.02 42.03
N ASN C 592 -17.68 12.13 41.44
CA ASN C 592 -17.49 12.94 40.21
C ASN C 592 -17.84 12.11 38.98
N MET C 593 -19.13 11.85 38.74
CA MET C 593 -19.56 11.14 37.50
C MET C 593 -20.55 12.05 36.77
N PHE C 594 -20.22 12.47 35.55
CA PHE C 594 -21.10 13.43 34.81
C PHE C 594 -21.46 12.80 33.50
N GLN C 595 -22.76 12.78 33.18
CA GLN C 595 -23.21 12.24 31.87
C GLN C 595 -23.13 13.34 30.80
N THR C 596 -22.45 13.07 29.69
CA THR C 596 -22.41 14.05 28.58
C THR C 596 -22.98 13.36 27.37
N GLN C 597 -23.22 14.10 26.28
CA GLN C 597 -23.71 13.46 25.03
C GLN C 597 -22.56 12.61 24.44
N ALA C 598 -21.32 12.87 24.87
CA ALA C 598 -20.16 12.10 24.38
C ALA C 598 -19.98 10.80 25.19
N GLY C 599 -20.67 10.67 26.33
CA GLY C 599 -20.54 9.47 27.18
C GLY C 599 -20.43 9.82 28.66
N CYS C 600 -19.99 8.87 29.47
CA CYS C 600 -19.86 9.12 30.94
C CYS C 600 -18.44 9.60 31.25
N LEU C 601 -18.30 10.78 31.85
CA LEU C 601 -16.98 11.31 32.25
C LEU C 601 -16.77 11.03 33.74
N ILE C 602 -15.68 10.32 34.09
CA ILE C 602 -15.37 10.02 35.53
C ILE C 602 -14.01 10.62 35.88
N GLY C 603 -13.92 11.30 37.03
CA GLY C 603 -12.63 11.86 37.48
C GLY C 603 -12.54 13.36 37.28
N ALA C 604 -13.52 13.96 36.60
CA ALA C 604 -13.54 15.44 36.42
C ALA C 604 -14.68 16.05 37.22
N GLU C 605 -14.42 17.17 37.90
CA GLU C 605 -15.48 17.87 38.65
C GLU C 605 -16.25 18.78 37.68
N HIS C 606 -17.58 18.63 37.63
CA HIS C 606 -18.40 19.47 36.71
C HIS C 606 -18.63 20.85 37.34
N VAL C 607 -18.40 21.92 36.57
CA VAL C 607 -18.68 23.29 37.10
C VAL C 607 -19.73 23.98 36.24
N ASN C 608 -20.43 24.96 36.82
CA ASN C 608 -21.49 25.71 36.08
C ASN C 608 -20.87 26.93 35.40
N ASN C 609 -19.58 27.17 35.64
CA ASN C 609 -18.90 28.37 35.08
C ASN C 609 -18.48 28.07 33.63
N SER C 610 -18.47 29.09 32.77
CA SER C 610 -18.12 28.90 31.35
C SER C 610 -16.73 29.48 31.07
N TYR C 611 -15.85 28.70 30.45
CA TYR C 611 -14.48 29.19 30.15
C TYR C 611 -14.13 28.88 28.70
N ASP C 612 -13.00 29.41 28.24
CA ASP C 612 -12.53 29.06 26.88
C ASP C 612 -12.12 27.59 26.89
N CYS C 613 -12.26 26.91 25.74
CA CYS C 613 -11.94 25.46 25.70
C CYS C 613 -10.44 25.23 25.87
N ASP C 614 -10.06 24.32 26.78
CA ASP C 614 -8.62 23.98 26.98
C ASP C 614 -8.40 22.57 26.41
N ILE C 615 -9.05 21.57 26.99
CA ILE C 615 -8.96 20.18 26.46
C ILE C 615 -10.35 19.82 25.91
N PRO C 616 -10.55 19.72 24.57
CA PRO C 616 -11.87 19.43 24.03
C PRO C 616 -12.30 18.00 24.28
N ILE C 617 -13.51 17.81 24.82
CA ILE C 617 -14.04 16.44 25.06
C ILE C 617 -15.07 16.12 23.97
N GLY C 618 -15.97 17.07 23.69
CA GLY C 618 -17.01 16.86 22.66
C GLY C 618 -18.37 17.31 23.14
N ALA C 619 -19.33 17.49 22.22
CA ALA C 619 -20.71 17.91 22.58
C ALA C 619 -20.70 19.20 23.41
N GLY C 620 -19.77 20.13 23.11
CA GLY C 620 -19.72 21.43 23.80
C GLY C 620 -18.99 21.37 25.14
N ILE C 621 -18.55 20.18 25.55
CA ILE C 621 -17.90 20.04 26.89
C ILE C 621 -16.38 20.08 26.73
N CYS C 622 -15.70 20.85 27.59
CA CYS C 622 -14.21 20.89 27.57
C CYS C 622 -13.71 20.64 29.00
N ALA C 623 -12.43 20.28 29.14
CA ALA C 623 -11.85 20.06 30.48
C ALA C 623 -10.61 20.93 30.68
N THR C 624 -10.31 21.25 31.94
CA THR C 624 -9.12 22.06 32.29
C THR C 624 -8.55 21.60 33.61
N TYR C 625 -7.28 21.90 33.89
CA TYR C 625 -6.68 21.56 35.20
C TYR C 625 -6.72 22.81 36.09
N HIS C 626 -7.91 23.28 36.42
CA HIS C 626 -8.04 24.53 37.22
C HIS C 626 -7.89 24.22 38.70
N THR C 627 -7.80 25.26 39.54
CA THR C 627 -7.69 25.06 41.00
C THR C 627 -9.05 25.33 41.62
N PRO C 628 -9.82 24.29 42.01
CA PRO C 628 -11.11 24.49 42.66
C PRO C 628 -10.95 24.56 44.18
N ASN C 637 -5.91 22.30 46.11
CA ASN C 637 -5.24 21.38 45.15
C ASN C 637 -5.88 21.54 43.77
N LYS C 638 -5.05 21.55 42.72
CA LYS C 638 -5.62 21.61 41.36
C LYS C 638 -6.34 20.29 41.05
N ARG C 639 -7.43 20.35 40.29
CA ARG C 639 -8.20 19.14 39.93
C ARG C 639 -8.68 19.28 38.47
N ILE C 640 -8.94 18.15 37.80
CA ILE C 640 -9.46 18.22 36.41
C ILE C 640 -10.92 18.68 36.52
N VAL C 641 -11.28 19.72 35.77
CA VAL C 641 -12.67 20.28 35.85
C VAL C 641 -13.31 20.21 34.45
N ALA C 642 -14.58 19.81 34.39
CA ALA C 642 -15.30 19.76 33.10
C ALA C 642 -16.35 20.87 33.05
N TYR C 643 -16.52 21.51 31.90
CA TYR C 643 -17.46 22.65 31.79
C TYR C 643 -17.97 22.82 30.37
N VAL C 644 -19.07 23.55 30.20
CA VAL C 644 -19.55 23.86 28.83
C VAL C 644 -18.68 25.02 28.31
N MET C 645 -18.12 24.88 27.10
CA MET C 645 -17.19 25.92 26.59
C MET C 645 -17.91 27.24 26.30
N SER C 646 -17.22 28.36 26.49
CA SER C 646 -17.80 29.69 26.18
C SER C 646 -17.71 29.94 24.67
N LEU C 647 -18.75 30.52 24.08
CA LEU C 647 -18.72 30.86 22.63
C LEU C 647 -18.19 32.30 22.46
N GLY C 648 -18.19 33.08 23.54
CA GLY C 648 -17.68 34.47 23.49
C GLY C 648 -18.47 35.39 24.38
N ALA C 649 -18.06 36.65 24.48
CA ALA C 649 -18.74 37.62 25.38
C ALA C 649 -20.06 38.08 24.74
N GLU C 650 -21.09 38.30 25.58
CA GLU C 650 -22.40 38.78 25.07
C GLU C 650 -22.35 40.29 24.79
N ASN C 651 -23.06 40.73 23.74
CA ASN C 651 -23.09 42.19 23.42
C ASN C 651 -24.42 42.50 22.71
N SER C 652 -25.22 43.41 23.28
CA SER C 652 -26.50 43.81 22.64
C SER C 652 -26.34 45.15 21.92
N VAL C 653 -26.45 45.17 20.60
CA VAL C 653 -26.39 46.47 19.88
C VAL C 653 -27.72 47.22 20.06
N ALA C 654 -27.66 48.48 20.51
CA ALA C 654 -28.89 49.28 20.74
C ALA C 654 -29.40 49.85 19.41
N TYR C 655 -30.15 49.03 18.66
CA TYR C 655 -30.62 49.46 17.32
C TYR C 655 -31.69 50.56 17.39
N SER C 656 -31.56 51.60 16.57
CA SER C 656 -32.63 52.63 16.48
C SER C 656 -32.73 53.14 15.04
N ASN C 657 -33.92 53.62 14.65
CA ASN C 657 -34.15 54.08 13.24
C ASN C 657 -33.56 55.48 13.02
N ASN C 658 -33.09 56.16 14.07
CA ASN C 658 -32.63 57.57 13.92
C ASN C 658 -31.32 57.83 14.67
N THR C 659 -30.57 56.78 14.99
CA THR C 659 -29.28 56.96 15.70
C THR C 659 -28.15 56.31 14.95
N ILE C 660 -27.01 56.98 14.92
CA ILE C 660 -25.80 56.37 14.29
C ILE C 660 -24.62 56.56 15.26
N ALA C 661 -23.74 55.56 15.35
CA ALA C 661 -22.52 55.70 16.18
C ALA C 661 -21.35 56.02 15.24
N ILE C 662 -20.66 57.14 15.51
CA ILE C 662 -19.52 57.55 14.64
C ILE C 662 -18.24 57.50 15.48
N PRO C 663 -17.15 56.88 15.00
CA PRO C 663 -15.88 56.89 15.73
C PRO C 663 -15.32 58.29 15.91
N THR C 664 -14.80 58.59 17.11
CA THR C 664 -14.22 59.92 17.39
C THR C 664 -12.71 59.78 17.48
N ASN C 665 -12.20 58.56 17.49
CA ASN C 665 -10.74 58.32 17.61
C ASN C 665 -10.41 56.98 16.95
N PHE C 666 -9.11 56.70 16.77
CA PHE C 666 -8.70 55.42 16.14
C PHE C 666 -7.41 54.91 16.75
N THR C 667 -7.05 53.67 16.44
CA THR C 667 -5.79 53.07 16.94
C THR C 667 -5.11 52.37 15.79
N ILE C 668 -3.81 52.61 15.58
CA ILE C 668 -3.07 51.88 14.51
C ILE C 668 -2.59 50.57 15.12
N SER C 669 -3.07 49.44 14.60
CA SER C 669 -2.72 48.11 15.17
C SER C 669 -1.76 47.38 14.25
N VAL C 670 -0.81 46.63 14.81
CA VAL C 670 0.08 45.77 13.97
C VAL C 670 -0.12 44.33 14.43
N THR C 671 -0.57 43.45 13.53
CA THR C 671 -0.81 42.03 13.88
C THR C 671 0.14 41.14 13.11
N THR C 672 0.41 39.95 13.66
CA THR C 672 1.36 39.02 13.01
C THR C 672 0.60 37.86 12.39
N GLU C 673 0.96 37.49 11.15
CA GLU C 673 0.36 36.30 10.51
C GLU C 673 1.50 35.34 10.15
N VAL C 674 1.51 34.14 10.73
CA VAL C 674 2.63 33.16 10.48
C VAL C 674 2.17 32.14 9.45
N MET C 675 2.93 31.97 8.37
CA MET C 675 2.50 31.05 7.28
C MET C 675 3.64 30.13 6.85
N PRO C 676 3.47 28.79 6.87
CA PRO C 676 4.47 27.89 6.34
C PRO C 676 4.60 28.10 4.83
N VAL C 677 5.83 28.04 4.33
CA VAL C 677 6.08 28.25 2.87
C VAL C 677 6.76 26.99 2.31
N SER C 678 7.64 26.35 3.08
CA SER C 678 8.38 25.17 2.56
C SER C 678 8.55 24.09 3.62
N MET C 679 8.90 22.87 3.20
CA MET C 679 9.19 21.76 4.14
C MET C 679 10.60 21.23 3.86
N THR C 680 11.14 20.39 4.74
CA THR C 680 12.50 19.81 4.55
C THR C 680 12.54 18.98 3.28
N LYS C 681 13.54 19.20 2.43
CA LYS C 681 13.68 18.45 1.15
C LYS C 681 14.35 17.10 1.43
N THR C 682 13.58 16.01 1.50
CA THR C 682 14.18 14.71 1.87
C THR C 682 14.47 13.88 0.62
N SER C 683 15.57 13.12 0.65
CA SER C 683 15.90 12.20 -0.47
C SER C 683 16.09 10.79 0.09
N VAL C 684 15.65 9.77 -0.64
CA VAL C 684 15.76 8.37 -0.15
C VAL C 684 16.51 7.49 -1.16
N ASP C 685 17.53 6.76 -0.72
CA ASP C 685 18.16 5.75 -1.62
C ASP C 685 17.38 4.46 -1.33
N CYS C 686 16.46 4.08 -2.22
CA CYS C 686 15.55 2.93 -1.98
C CYS C 686 16.33 1.61 -1.75
N THR C 687 17.36 1.34 -2.55
CA THR C 687 18.10 0.06 -2.44
C THR C 687 18.84 -0.01 -1.12
N MET C 688 19.45 1.09 -0.69
CA MET C 688 20.22 1.12 0.59
C MET C 688 19.26 0.96 1.78
N TYR C 689 18.03 1.48 1.65
CA TYR C 689 17.03 1.36 2.75
C TYR C 689 16.52 -0.07 2.83
N ILE C 690 16.10 -0.62 1.69
CA ILE C 690 15.47 -1.97 1.74
C ILE C 690 16.54 -3.07 1.85
N CYS C 691 17.64 -2.97 1.10
CA CYS C 691 18.61 -4.09 1.04
C CYS C 691 20.00 -3.74 1.62
N GLY C 692 20.24 -2.48 2.01
CA GLY C 692 21.59 -2.11 2.47
C GLY C 692 22.62 -2.46 1.42
N ASP C 693 23.69 -3.15 1.80
CA ASP C 693 24.78 -3.52 0.85
C ASP C 693 24.63 -4.97 0.38
N SER C 694 23.47 -5.59 0.62
CA SER C 694 23.28 -7.03 0.26
C SER C 694 23.06 -7.19 -1.26
N VAL C 695 23.92 -7.96 -1.92
CA VAL C 695 23.74 -8.23 -3.38
C VAL C 695 22.56 -9.19 -3.58
N GLU C 696 22.39 -10.15 -2.66
CA GLU C 696 21.28 -11.12 -2.75
C GLU C 696 19.94 -10.38 -2.68
N CYS C 697 19.80 -9.47 -1.70
CA CYS C 697 18.53 -8.71 -1.53
C CYS C 697 18.34 -7.78 -2.74
N SER C 698 19.41 -7.13 -3.22
CA SER C 698 19.27 -6.15 -4.33
C SER C 698 18.83 -6.88 -5.61
N THR C 699 19.30 -8.11 -5.82
CA THR C 699 18.87 -8.92 -6.98
C THR C 699 17.40 -9.26 -6.85
N LEU C 700 16.95 -9.60 -5.64
CA LEU C 700 15.50 -9.87 -5.42
C LEU C 700 14.68 -8.58 -5.60
N LEU C 701 15.22 -7.44 -5.15
CA LEU C 701 14.47 -6.16 -5.22
C LEU C 701 14.21 -5.80 -6.70
N LEU C 702 15.10 -6.20 -7.60
CA LEU C 702 14.93 -5.90 -9.04
C LEU C 702 13.64 -6.57 -9.57
N GLN C 703 13.19 -7.66 -8.94
CA GLN C 703 11.97 -8.37 -9.38
C GLN C 703 10.71 -7.51 -9.14
N TYR C 704 10.82 -6.44 -8.34
CA TYR C 704 9.65 -5.57 -8.03
C TYR C 704 9.51 -4.47 -9.07
N GLY C 705 10.46 -4.38 -10.01
CA GLY C 705 10.29 -3.43 -11.12
C GLY C 705 10.59 -1.98 -10.79
N SER C 706 9.65 -1.07 -11.07
CA SER C 706 9.93 0.38 -10.95
C SER C 706 9.49 1.02 -9.63
N PHE C 707 9.09 0.23 -8.62
CA PHE C 707 8.58 0.82 -7.35
C PHE C 707 9.59 1.83 -6.80
N CYS C 708 10.87 1.44 -6.67
CA CYS C 708 11.92 2.35 -6.10
C CYS C 708 12.06 3.62 -6.96
N THR C 709 12.06 3.49 -8.28
CA THR C 709 12.27 4.65 -9.16
C THR C 709 11.09 5.60 -9.06
N GLN C 710 9.86 5.05 -9.00
CA GLN C 710 8.66 5.90 -8.84
C GLN C 710 8.74 6.68 -7.52
N LEU C 711 9.18 6.00 -6.45
CA LEU C 711 9.27 6.64 -5.12
C LEU C 711 10.28 7.81 -5.17
N ASN C 712 11.40 7.62 -5.86
CA ASN C 712 12.46 8.67 -5.95
C ASN C 712 11.93 9.85 -6.78
N ARG C 713 11.20 9.57 -7.86
CA ARG C 713 10.66 10.65 -8.73
C ARG C 713 9.66 11.49 -7.92
N ALA C 714 8.86 10.84 -7.06
CA ALA C 714 7.85 11.56 -6.25
C ALA C 714 8.55 12.47 -5.23
N LEU C 715 9.60 11.97 -4.59
CA LEU C 715 10.34 12.77 -3.57
C LEU C 715 11.09 13.92 -4.25
N THR C 716 11.60 13.68 -5.48
CA THR C 716 12.36 14.72 -6.22
C THR C 716 11.40 15.81 -6.63
N GLY C 717 10.16 15.45 -6.99
CA GLY C 717 9.13 16.45 -7.33
C GLY C 717 8.81 17.33 -6.13
N ILE C 718 8.69 16.72 -4.95
CA ILE C 718 8.41 17.50 -3.71
C ILE C 718 9.59 18.45 -3.46
N ALA C 719 10.83 17.98 -3.59
CA ALA C 719 12.02 18.81 -3.31
C ALA C 719 12.07 20.04 -4.22
N VAL C 720 11.75 19.86 -5.50
CA VAL C 720 11.76 21.00 -6.47
C VAL C 720 10.61 21.97 -6.11
N GLU C 721 9.45 21.42 -5.71
CA GLU C 721 8.28 22.25 -5.36
C GLU C 721 8.62 23.17 -4.16
N GLN C 722 9.43 22.68 -3.22
CA GLN C 722 9.76 23.48 -2.01
C GLN C 722 10.57 24.72 -2.41
N ASP C 723 11.52 24.57 -3.34
CA ASP C 723 12.28 25.76 -3.81
C ASP C 723 11.36 26.69 -4.60
N LYS C 724 10.44 26.12 -5.39
CA LYS C 724 9.46 26.92 -6.16
C LYS C 724 8.55 27.70 -5.20
N ASN C 725 8.11 27.05 -4.11
CA ASN C 725 7.26 27.73 -3.10
C ASN C 725 7.97 29.00 -2.62
N THR C 726 9.23 28.87 -2.17
CA THR C 726 9.98 30.03 -1.64
C THR C 726 10.11 31.09 -2.71
N GLN C 727 10.47 30.69 -3.93
CA GLN C 727 10.69 31.68 -5.02
C GLN C 727 9.39 32.47 -5.26
N GLU C 728 8.25 31.78 -5.30
CA GLU C 728 6.95 32.46 -5.58
C GLU C 728 6.64 33.46 -4.46
N VAL C 729 6.91 33.09 -3.21
CA VAL C 729 6.57 33.98 -2.06
C VAL C 729 7.54 35.16 -1.98
N PHE C 730 8.86 34.92 -2.06
CA PHE C 730 9.84 36.02 -1.80
C PHE C 730 10.42 36.69 -3.04
N ALA C 731 10.58 35.95 -4.16
CA ALA C 731 11.26 36.53 -5.34
C ALA C 731 10.29 37.21 -6.31
N GLN C 732 9.27 37.92 -5.79
CA GLN C 732 8.28 38.53 -6.70
C GLN C 732 8.88 39.77 -7.38
N VAL C 733 9.66 40.56 -6.66
CA VAL C 733 10.34 41.74 -7.28
C VAL C 733 11.81 41.37 -7.54
N LYS C 734 12.28 41.54 -8.78
CA LYS C 734 13.67 41.16 -9.13
C LYS C 734 14.58 42.39 -8.99
N GLN C 735 14.04 43.50 -8.48
CA GLN C 735 14.88 44.69 -8.21
C GLN C 735 15.24 44.68 -6.73
N ILE C 736 16.54 44.62 -6.41
CA ILE C 736 16.98 44.58 -4.99
C ILE C 736 17.19 46.02 -4.52
N TYR C 737 16.11 46.67 -4.08
CA TYR C 737 16.21 48.08 -3.61
C TYR C 737 17.15 48.12 -2.41
N LYS C 738 18.16 48.99 -2.46
CA LYS C 738 19.16 49.06 -1.36
C LYS C 738 18.49 49.63 -0.10
N THR C 739 18.85 49.10 1.07
CA THR C 739 18.30 49.59 2.34
C THR C 739 18.64 51.05 2.49
N PRO C 740 17.68 51.95 2.83
CA PRO C 740 18.02 53.34 3.06
C PRO C 740 18.97 53.48 4.26
N ASP C 741 19.85 54.48 4.21
CA ASP C 741 20.81 54.71 5.33
C ASP C 741 20.03 55.00 6.62
N ILE C 742 19.08 55.93 6.55
CA ILE C 742 18.25 56.26 7.74
C ILE C 742 17.00 55.37 7.73
N LYS C 743 16.55 54.91 8.90
CA LYS C 743 15.34 54.04 8.99
C LYS C 743 14.18 54.88 9.55
N ASP C 744 14.24 56.20 9.32
CA ASP C 744 13.17 57.11 9.85
C ASP C 744 12.47 57.78 8.65
N PHE C 745 11.14 57.73 8.63
CA PHE C 745 10.38 58.30 7.49
C PHE C 745 9.17 59.05 8.06
N GLY C 746 9.25 60.39 8.13
CA GLY C 746 8.14 61.18 8.70
C GLY C 746 7.83 60.74 10.11
N GLY C 747 8.83 60.23 10.83
CA GLY C 747 8.64 59.81 12.24
C GLY C 747 8.38 58.32 12.37
N PHE C 748 8.08 57.63 11.26
CA PHE C 748 7.85 56.16 11.30
C PHE C 748 9.20 55.45 11.40
N ASN C 749 9.34 54.56 12.39
CA ASN C 749 10.64 53.89 12.64
C ASN C 749 10.61 52.46 12.10
N PHE C 750 11.39 52.19 11.03
CA PHE C 750 11.43 50.83 10.44
C PHE C 750 12.66 50.07 10.93
N SER C 751 13.36 50.59 11.95
CA SER C 751 14.65 49.96 12.40
C SER C 751 14.47 48.51 12.87
N GLN C 752 13.27 48.10 13.29
CA GLN C 752 13.08 46.73 13.85
C GLN C 752 12.77 45.73 12.71
N ILE C 753 12.38 46.23 11.53
CA ILE C 753 11.97 45.34 10.42
C ILE C 753 12.94 45.46 9.23
N LEU C 754 13.84 46.44 9.27
CA LEU C 754 14.79 46.67 8.15
C LEU C 754 16.13 46.01 8.46
N PRO C 755 17.04 45.84 7.47
CA PRO C 755 18.37 45.31 7.76
C PRO C 755 18.96 46.15 8.87
N ASP C 756 19.84 45.56 9.68
CA ASP C 756 20.52 46.31 10.78
C ASP C 756 21.65 47.16 10.19
N PRO C 757 21.80 48.44 10.57
CA PRO C 757 22.81 49.30 10.00
C PRO C 757 24.22 48.78 10.27
N SER C 758 25.13 48.96 9.30
CA SER C 758 26.54 48.53 9.48
C SER C 758 26.61 47.04 9.86
N LYS C 759 25.75 46.21 9.26
CA LYS C 759 25.78 44.75 9.53
C LYS C 759 25.89 44.01 8.18
N PRO C 760 26.96 43.22 7.95
CA PRO C 760 27.13 42.54 6.67
C PRO C 760 25.98 41.57 6.42
N SER C 761 25.49 40.89 7.46
CA SER C 761 24.28 40.05 7.30
C SER C 761 23.05 40.96 7.11
N LYS C 762 22.03 40.52 6.38
CA LYS C 762 20.88 41.41 6.07
C LYS C 762 19.61 40.96 6.84
N ARG C 763 19.77 40.52 8.09
CA ARG C 763 18.61 40.03 8.88
C ARG C 763 18.11 41.16 9.79
N SER C 764 16.78 41.33 9.91
CA SER C 764 16.20 42.41 10.74
C SER C 764 16.13 41.98 12.21
N PRO C 765 16.08 42.92 13.18
CA PRO C 765 16.07 42.54 14.59
C PRO C 765 14.98 41.52 14.88
N ILE C 766 13.78 41.76 14.36
CA ILE C 766 12.64 40.80 14.57
C ILE C 766 13.00 39.46 13.91
N GLU C 767 13.52 39.49 12.68
CA GLU C 767 13.89 38.24 11.98
C GLU C 767 14.91 37.46 12.84
N ASP C 768 15.88 38.16 13.44
CA ASP C 768 16.87 37.48 14.32
C ASP C 768 16.12 36.63 15.35
N LEU C 769 15.10 37.21 16.01
CA LEU C 769 14.30 36.45 17.00
C LEU C 769 13.55 35.29 16.34
N LEU C 770 12.87 35.55 15.21
CA LEU C 770 12.03 34.51 14.56
C LEU C 770 12.88 33.26 14.37
N PHE C 771 14.10 33.43 13.85
CA PHE C 771 15.01 32.28 13.58
C PHE C 771 15.38 31.59 14.89
N ASN C 772 15.46 32.34 15.98
CA ASN C 772 15.85 31.77 17.29
C ASN C 772 14.68 31.01 17.94
N LYS C 773 13.44 31.21 17.47
CA LYS C 773 12.27 30.59 18.14
C LYS C 773 11.86 29.25 17.48
N VAL C 774 12.34 28.97 16.27
CA VAL C 774 12.04 27.65 15.64
C VAL C 774 13.27 26.74 15.83
N THR C 775 13.12 25.65 16.58
CA THR C 775 14.24 24.72 16.83
C THR C 775 14.31 23.73 15.70
N LEU C 776 15.50 23.51 15.14
CA LEU C 776 15.68 22.52 14.05
C LEU C 776 16.02 21.15 14.68
N PHE C 781 20.15 15.19 8.25
CA PHE C 781 20.21 16.62 8.68
C PHE C 781 21.39 17.30 7.98
N VAL C 782 22.31 17.89 8.76
CA VAL C 782 23.50 18.57 8.18
C VAL C 782 24.75 18.02 8.87
N LYS C 783 24.83 16.70 9.06
CA LYS C 783 26.03 16.09 9.67
C LYS C 783 27.10 15.86 8.58
N GLN C 784 28.36 16.15 8.90
CA GLN C 784 29.45 15.97 7.91
C GLN C 784 29.87 14.49 7.87
N TYR C 785 30.74 14.12 6.92
CA TYR C 785 31.11 12.68 6.73
C TYR C 785 31.68 12.06 8.01
N GLY C 786 32.58 12.75 8.72
CA GLY C 786 33.23 12.14 9.89
C GLY C 786 32.37 12.22 11.14
N ASP C 787 31.28 12.99 11.11
CA ASP C 787 30.44 13.21 12.32
C ASP C 787 29.69 11.93 12.73
N CYS C 788 29.67 10.92 11.86
CA CYS C 788 28.97 9.64 12.16
C CYS C 788 29.98 8.49 12.21
N LEU C 789 31.27 8.79 12.12
CA LEU C 789 32.31 7.73 12.09
C LEU C 789 32.77 7.41 13.52
N GLY C 790 33.51 8.35 14.15
CA GLY C 790 34.03 8.12 15.51
C GLY C 790 32.97 8.41 16.56
N ASP C 791 32.00 7.51 16.72
CA ASP C 791 30.90 7.72 17.70
C ASP C 791 30.96 6.63 18.77
N ILE C 792 31.54 6.94 19.94
CA ILE C 792 31.58 5.95 21.06
C ILE C 792 30.28 6.11 21.87
N GLN C 793 29.34 5.16 21.74
CA GLN C 793 28.01 5.25 22.42
C GLN C 793 27.39 6.62 22.11
N ALA C 794 27.64 7.15 20.90
CA ALA C 794 27.07 8.45 20.49
C ALA C 794 26.08 8.23 19.35
N ARG C 795 25.52 7.02 19.28
CA ARG C 795 24.56 6.69 18.19
C ARG C 795 23.43 7.74 18.19
N ASP C 796 23.19 8.37 17.03
CA ASP C 796 22.11 9.38 16.92
C ASP C 796 21.16 8.98 15.79
N LEU C 797 19.90 9.38 15.87
CA LEU C 797 18.90 8.99 14.85
C LEU C 797 19.32 9.54 13.47
N ILE C 798 20.03 10.66 13.44
CA ILE C 798 20.47 11.29 12.16
C ILE C 798 21.51 10.38 11.46
N CYS C 799 22.45 9.83 12.22
CA CYS C 799 23.44 8.90 11.62
C CYS C 799 22.70 7.66 11.10
N ALA C 800 21.75 7.13 11.86
CA ALA C 800 20.95 5.96 11.41
C ALA C 800 20.19 6.31 10.12
N GLN C 801 19.65 7.52 10.05
CA GLN C 801 18.96 7.97 8.80
C GLN C 801 19.96 7.91 7.64
N LYS C 802 21.15 8.48 7.82
CA LYS C 802 22.14 8.57 6.72
C LYS C 802 22.64 7.16 6.33
N PHE C 803 22.84 6.27 7.32
CA PHE C 803 23.41 4.92 7.04
C PHE C 803 22.35 4.01 6.40
N ASN C 804 21.11 4.49 6.30
CA ASN C 804 20.03 3.64 5.73
C ASN C 804 19.49 4.29 4.45
N GLY C 805 20.20 5.27 3.90
CA GLY C 805 19.81 5.88 2.60
C GLY C 805 18.95 7.14 2.73
N LEU C 806 18.81 7.70 3.94
CA LEU C 806 17.94 8.88 4.15
C LEU C 806 18.80 10.14 4.16
N THR C 807 18.52 11.10 3.26
CA THR C 807 19.34 12.31 3.14
C THR C 807 18.47 13.56 3.14
N VAL C 808 19.00 14.67 3.69
CA VAL C 808 18.25 15.96 3.63
C VAL C 808 18.97 16.88 2.62
N LEU C 809 18.24 17.36 1.62
CA LEU C 809 18.83 18.29 0.62
C LEU C 809 18.72 19.73 1.13
N PRO C 810 19.75 20.58 0.97
CA PRO C 810 19.65 21.97 1.39
C PRO C 810 18.72 22.76 0.48
N PRO C 811 18.09 23.84 0.96
CA PRO C 811 17.27 24.69 0.09
C PRO C 811 18.15 25.41 -0.91
N LEU C 812 17.57 25.78 -2.05
CA LEU C 812 18.34 26.54 -3.08
C LEU C 812 18.61 27.95 -2.56
N LEU C 813 17.60 28.63 -2.01
CA LEU C 813 17.77 30.00 -1.46
C LEU C 813 18.27 29.93 -0.01
N THR C 814 19.38 30.61 0.28
CA THR C 814 19.90 30.64 1.66
C THR C 814 19.09 31.63 2.49
N ASP C 815 19.18 31.51 3.81
CA ASP C 815 18.45 32.43 4.72
C ASP C 815 18.86 33.87 4.44
N GLU C 816 20.13 34.10 4.11
CA GLU C 816 20.63 35.47 3.82
C GLU C 816 19.99 35.99 2.51
N MET C 817 19.79 35.11 1.53
CA MET C 817 19.15 35.53 0.25
C MET C 817 17.67 35.88 0.51
N ILE C 818 16.99 35.09 1.35
CA ILE C 818 15.56 35.38 1.68
C ILE C 818 15.50 36.70 2.45
N ALA C 819 16.41 36.92 3.40
CA ALA C 819 16.46 38.20 4.14
C ALA C 819 16.71 39.37 3.19
N ALA C 820 17.49 39.15 2.13
CA ALA C 820 17.74 40.21 1.14
C ALA C 820 16.46 40.53 0.37
N TYR C 821 15.64 39.51 0.05
CA TYR C 821 14.34 39.74 -0.63
C TYR C 821 13.39 40.54 0.28
N THR C 822 13.28 40.15 1.55
CA THR C 822 12.34 40.85 2.48
C THR C 822 12.82 42.28 2.67
N ALA C 823 14.13 42.48 2.79
CA ALA C 823 14.70 43.84 2.96
C ALA C 823 14.41 44.69 1.72
N ALA C 824 14.53 44.09 0.52
CA ALA C 824 14.23 44.80 -0.74
C ALA C 824 12.76 45.20 -0.80
N LEU C 825 11.86 44.27 -0.42
CA LEU C 825 10.40 44.54 -0.46
C LEU C 825 10.06 45.68 0.51
N ILE C 826 10.65 45.66 1.71
CA ILE C 826 10.31 46.70 2.72
C ILE C 826 10.92 48.04 2.27
N SER C 827 12.18 48.02 1.80
CA SER C 827 12.85 49.27 1.36
C SER C 827 12.04 49.89 0.21
N GLY C 828 11.63 49.05 -0.76
CA GLY C 828 10.80 49.56 -1.86
C GLY C 828 9.54 50.20 -1.31
N THR C 829 8.83 49.51 -0.41
CA THR C 829 7.56 50.03 0.15
C THR C 829 7.82 51.35 0.83
N ALA C 830 8.91 51.46 1.61
CA ALA C 830 9.19 52.70 2.37
C ALA C 830 9.36 53.88 1.41
N THR C 831 10.08 53.71 0.31
CA THR C 831 10.36 54.87 -0.56
C THR C 831 9.38 54.93 -1.71
N ALA C 832 9.36 53.93 -2.59
CA ALA C 832 8.50 53.96 -3.79
C ALA C 832 7.02 53.94 -3.40
N GLY C 833 6.62 53.04 -2.52
CA GLY C 833 5.19 52.93 -2.19
C GLY C 833 4.60 51.65 -2.73
N TRP C 834 3.50 51.74 -3.47
CA TRP C 834 2.81 50.55 -4.05
C TRP C 834 3.10 50.49 -5.53
N THR C 835 4.02 51.35 -6.01
CA THR C 835 4.28 51.46 -7.45
C THR C 835 5.25 50.42 -7.94
N PHE C 836 6.12 49.91 -7.04
CA PHE C 836 7.17 48.95 -7.49
C PHE C 836 6.55 47.57 -7.78
N GLY C 837 5.24 47.41 -7.57
CA GLY C 837 4.58 46.15 -7.91
C GLY C 837 3.63 46.30 -9.10
N ALA C 838 3.77 47.40 -9.85
CA ALA C 838 2.90 47.64 -11.03
C ALA C 838 3.75 48.20 -12.16
N GLY C 839 5.01 48.52 -11.86
CA GLY C 839 5.91 49.04 -12.91
C GLY C 839 7.07 49.80 -12.30
N PRO C 840 7.49 50.93 -12.90
CA PRO C 840 8.63 51.70 -12.41
C PRO C 840 8.44 52.16 -10.96
N ALA C 841 9.44 51.94 -10.10
CA ALA C 841 9.38 52.44 -8.70
C ALA C 841 9.32 53.97 -8.72
N LEU C 842 8.29 54.55 -8.12
CA LEU C 842 8.12 56.03 -8.14
C LEU C 842 8.26 56.57 -6.70
N GLN C 843 9.30 57.37 -6.45
CA GLN C 843 9.56 57.89 -5.08
C GLN C 843 8.38 58.73 -4.57
N ILE C 844 8.03 58.56 -3.30
CA ILE C 844 6.94 59.37 -2.67
C ILE C 844 7.31 59.58 -1.20
N PRO C 845 7.12 60.78 -0.61
CA PRO C 845 7.36 60.96 0.82
C PRO C 845 6.47 60.01 1.60
N PHE C 846 7.04 59.36 2.63
CA PHE C 846 6.29 58.32 3.38
C PHE C 846 4.98 58.88 4.00
N PRO C 847 4.94 60.07 4.63
CA PRO C 847 3.68 60.62 5.12
C PRO C 847 2.64 60.64 4.00
N MET C 848 3.04 61.14 2.82
CA MET C 848 2.08 61.22 1.68
C MET C 848 1.61 59.80 1.32
N GLN C 849 2.52 58.84 1.30
CA GLN C 849 2.13 57.43 1.03
C GLN C 849 1.05 57.02 2.03
N MET C 850 1.21 57.42 3.29
CA MET C 850 0.24 57.07 4.35
C MET C 850 -1.07 57.85 4.15
N ALA C 851 -1.00 59.08 3.65
CA ALA C 851 -2.22 59.86 3.36
C ALA C 851 -3.04 59.14 2.28
N TYR C 852 -2.37 58.62 1.25
CA TYR C 852 -3.07 57.85 0.19
C TYR C 852 -3.72 56.63 0.82
N ARG C 853 -2.98 55.92 1.68
CA ARG C 853 -3.50 54.68 2.32
C ARG C 853 -4.71 55.01 3.20
N PHE C 854 -4.69 56.18 3.86
CA PHE C 854 -5.84 56.62 4.71
C PHE C 854 -7.07 56.86 3.82
N ASN C 855 -6.90 57.59 2.71
CA ASN C 855 -8.07 57.91 1.85
C ASN C 855 -8.60 56.60 1.25
N GLY C 856 -7.73 55.60 1.13
CA GLY C 856 -8.17 54.28 0.63
C GLY C 856 -9.17 53.66 1.57
N ILE C 857 -8.99 53.83 2.89
CA ILE C 857 -9.89 53.22 3.90
C ILE C 857 -11.03 54.19 4.26
N GLY C 858 -11.25 55.24 3.46
CA GLY C 858 -12.36 56.18 3.71
C GLY C 858 -12.06 57.16 4.82
N VAL C 859 -10.80 57.56 5.00
CA VAL C 859 -10.44 58.60 6.01
C VAL C 859 -9.70 59.72 5.27
N THR C 860 -10.13 60.98 5.45
CA THR C 860 -9.53 62.11 4.70
C THR C 860 -8.06 62.26 5.02
N GLN C 861 -7.27 62.70 4.03
CA GLN C 861 -5.79 62.79 4.21
C GLN C 861 -5.43 63.80 5.31
N ASN C 862 -6.30 64.77 5.57
CA ASN C 862 -6.02 65.79 6.63
C ASN C 862 -5.93 65.09 7.99
N VAL C 863 -6.73 64.05 8.22
CA VAL C 863 -6.71 63.32 9.52
C VAL C 863 -5.29 62.77 9.76
N LEU C 864 -4.65 62.26 8.71
CA LEU C 864 -3.26 61.75 8.87
C LEU C 864 -2.31 62.92 9.15
N TYR C 865 -2.36 63.98 8.34
CA TYR C 865 -1.39 65.10 8.49
C TYR C 865 -1.56 65.81 9.83
N GLU C 866 -2.80 65.99 10.28
CA GLU C 866 -3.06 66.70 11.57
C GLU C 866 -2.61 65.83 12.74
N ASN C 867 -2.62 64.50 12.58
CA ASN C 867 -2.27 63.58 13.68
C ASN C 867 -1.00 62.80 13.34
N GLN C 868 -0.17 63.30 12.42
CA GLN C 868 1.03 62.54 11.95
C GLN C 868 1.90 62.04 13.11
N LYS C 869 2.18 62.89 14.11
CA LYS C 869 3.08 62.48 15.21
C LYS C 869 2.41 61.39 16.06
N LEU C 870 1.10 61.51 16.30
CA LEU C 870 0.37 60.47 17.07
C LEU C 870 0.38 59.14 16.31
N ILE C 871 0.11 59.18 15.00
CA ILE C 871 0.05 57.93 14.18
C ILE C 871 1.44 57.29 14.13
N ALA C 872 2.49 58.09 13.91
CA ALA C 872 3.87 57.56 13.86
C ALA C 872 4.22 56.91 15.21
N ASN C 873 3.83 57.54 16.31
CA ASN C 873 4.11 56.99 17.68
C ASN C 873 3.33 55.68 17.89
N GLN C 874 2.06 55.63 17.47
CA GLN C 874 1.24 54.39 17.60
C GLN C 874 1.89 53.27 16.78
N PHE C 875 2.31 53.57 15.55
CA PHE C 875 2.95 52.55 14.67
C PHE C 875 4.23 52.05 15.34
N ASN C 876 5.08 52.98 15.80
CA ASN C 876 6.38 52.61 16.41
C ASN C 876 6.14 51.74 17.64
N SER C 877 5.15 52.10 18.45
CA SER C 877 4.83 51.34 19.69
C SER C 877 4.31 49.94 19.33
N ALA C 878 3.49 49.85 18.27
CA ALA C 878 2.92 48.55 17.85
C ALA C 878 4.03 47.61 17.38
N ILE C 879 4.98 48.12 16.59
CA ILE C 879 6.13 47.28 16.11
C ILE C 879 6.94 46.82 17.34
N GLY C 880 7.18 47.72 18.30
CA GLY C 880 7.90 47.34 19.53
C GLY C 880 7.19 46.25 20.29
N LYS C 881 5.86 46.30 20.37
CA LYS C 881 5.08 45.25 21.08
C LYS C 881 5.25 43.91 20.36
N ILE C 882 5.46 43.93 19.04
CA ILE C 882 5.65 42.68 18.26
C ILE C 882 6.92 41.96 18.76
N GLN C 883 7.99 42.71 19.02
CA GLN C 883 9.26 42.12 19.53
C GLN C 883 8.95 41.20 20.72
N GLU C 884 8.34 41.72 21.78
CA GLU C 884 8.02 40.89 22.98
C GLU C 884 6.92 39.88 22.65
N SER C 885 5.85 40.31 21.97
CA SER C 885 4.70 39.41 21.68
C SER C 885 5.21 38.04 21.24
N LEU C 886 6.32 37.99 20.50
CA LEU C 886 6.94 36.69 20.10
C LEU C 886 7.96 36.27 21.17
N THR C 887 8.80 37.20 21.63
CA THR C 887 9.86 36.87 22.61
C THR C 887 9.24 36.42 23.91
N SER C 888 8.39 37.26 24.50
CA SER C 888 7.79 36.96 25.84
C SER C 888 6.94 35.68 25.78
N THR C 889 6.15 35.49 24.72
CA THR C 889 5.24 34.33 24.71
C THR C 889 5.65 33.34 23.65
N PRO C 890 6.06 32.10 24.01
CA PRO C 890 6.41 31.08 23.04
C PRO C 890 5.18 30.50 22.35
N SER C 891 5.35 29.55 21.44
CA SER C 891 4.23 28.94 20.66
C SER C 891 3.71 29.94 19.62
N ALA C 892 4.41 31.07 19.45
CA ALA C 892 4.03 32.06 18.43
C ALA C 892 4.32 31.46 17.05
N LEU C 893 5.38 30.67 16.94
CA LEU C 893 5.77 30.09 15.64
C LEU C 893 5.43 28.59 15.62
N GLY C 894 4.35 28.20 16.31
CA GLY C 894 3.95 26.78 16.39
C GLY C 894 3.65 26.18 15.03
N LYS C 895 3.05 26.95 14.13
CA LYS C 895 2.74 26.46 12.76
C LYS C 895 4.03 26.06 12.04
N LEU C 896 5.11 26.82 12.22
CA LEU C 896 6.41 26.49 11.58
C LEU C 896 7.07 25.32 12.33
N GLN C 897 6.99 25.32 13.67
CA GLN C 897 7.59 24.24 14.48
C GLN C 897 6.88 22.91 14.16
N ASP C 898 5.57 22.94 13.93
CA ASP C 898 4.79 21.70 13.64
C ASP C 898 5.27 21.07 12.34
N VAL C 899 5.55 21.89 11.33
CA VAL C 899 6.05 21.37 10.02
C VAL C 899 7.40 20.67 10.26
N VAL C 900 8.30 21.31 11.02
CA VAL C 900 9.63 20.70 11.33
C VAL C 900 9.43 19.39 12.11
N ASN C 901 8.58 19.42 13.14
CA ASN C 901 8.35 18.23 14.00
C ASN C 901 7.77 17.07 13.18
N GLN C 902 6.81 17.38 12.30
CA GLN C 902 6.16 16.32 11.48
C GLN C 902 7.24 15.63 10.63
N ASN C 903 8.08 16.41 9.93
CA ASN C 903 9.10 15.81 9.03
C ASN C 903 10.07 14.95 9.84
N ALA C 904 10.55 15.47 10.97
CA ALA C 904 11.47 14.70 11.83
C ALA C 904 10.81 13.39 12.24
N GLN C 905 9.57 13.46 12.71
CA GLN C 905 8.85 12.26 13.18
C GLN C 905 8.68 11.25 12.03
N ALA C 906 8.41 11.74 10.81
CA ALA C 906 8.20 10.84 9.66
C ALA C 906 9.49 10.08 9.34
N LEU C 907 10.62 10.79 9.32
CA LEU C 907 11.93 10.14 9.03
C LEU C 907 12.30 9.16 10.15
N ASN C 908 12.12 9.56 11.42
CA ASN C 908 12.45 8.67 12.57
C ASN C 908 11.58 7.41 12.51
N THR C 909 10.32 7.53 12.11
CA THR C 909 9.42 6.35 12.02
C THR C 909 9.92 5.45 10.92
N LEU C 910 10.34 6.02 9.79
CA LEU C 910 10.80 5.22 8.63
C LEU C 910 12.06 4.42 9.03
N VAL C 911 13.00 5.04 9.74
CA VAL C 911 14.22 4.32 10.21
C VAL C 911 13.83 3.18 11.17
N LYS C 912 12.92 3.45 12.11
CA LYS C 912 12.57 2.43 13.13
C LYS C 912 11.85 1.23 12.47
N GLN C 913 11.20 1.44 11.32
CA GLN C 913 10.50 0.33 10.62
C GLN C 913 11.51 -0.74 10.17
N LEU C 914 12.79 -0.42 10.05
CA LEU C 914 13.82 -1.42 9.66
C LEU C 914 14.00 -2.49 10.76
N SER C 915 13.58 -2.19 11.99
CA SER C 915 13.69 -3.18 13.10
C SER C 915 12.50 -4.16 13.09
N SER C 916 11.50 -3.92 12.24
CA SER C 916 10.33 -4.84 12.14
C SER C 916 10.70 -6.04 11.26
N ASN C 917 10.21 -7.24 11.63
CA ASN C 917 10.54 -8.47 10.86
C ASN C 917 9.46 -8.75 9.80
N PHE C 918 8.26 -8.17 9.94
CA PHE C 918 7.17 -8.32 8.94
C PHE C 918 6.87 -9.81 8.64
N GLY C 919 6.98 -10.69 9.64
CA GLY C 919 6.70 -12.12 9.43
C GLY C 919 7.95 -12.92 9.09
N ALA C 920 9.09 -12.26 8.90
CA ALA C 920 10.36 -12.98 8.64
C ALA C 920 10.96 -13.48 9.96
N ILE C 921 11.92 -14.41 9.88
CA ILE C 921 12.55 -15.00 11.10
C ILE C 921 13.43 -13.94 11.79
N SER C 922 13.82 -12.88 11.07
CA SER C 922 14.70 -11.82 11.64
C SER C 922 14.51 -10.51 10.87
N SER C 923 14.75 -9.36 11.50
CA SER C 923 14.70 -8.06 10.80
C SER C 923 16.06 -7.81 10.13
N VAL C 924 17.07 -8.61 10.50
CA VAL C 924 18.44 -8.43 9.96
C VAL C 924 18.65 -9.34 8.74
N LEU C 925 18.86 -8.74 7.57
CA LEU C 925 19.08 -9.51 6.32
C LEU C 925 20.26 -10.45 6.48
N ASN C 926 21.34 -9.99 7.13
CA ASN C 926 22.58 -10.82 7.27
C ASN C 926 22.30 -12.08 8.07
N ASP C 927 21.41 -12.00 9.08
CA ASP C 927 21.04 -13.19 9.90
C ASP C 927 20.33 -14.23 9.02
N ILE C 928 19.47 -13.77 8.11
CA ILE C 928 18.72 -14.69 7.21
C ILE C 928 19.73 -15.33 6.23
N ILE C 929 20.55 -14.51 5.57
CA ILE C 929 21.49 -15.02 4.51
C ILE C 929 22.53 -15.97 5.14
N SER C 930 22.96 -15.69 6.37
CA SER C 930 24.03 -16.52 7.00
C SER C 930 23.49 -17.87 7.47
N ARG C 931 22.19 -17.96 7.79
CA ARG C 931 21.67 -19.23 8.37
C ARG C 931 20.88 -20.04 7.34
N LEU C 932 20.37 -19.40 6.28
CA LEU C 932 19.50 -20.16 5.33
C LEU C 932 20.13 -20.23 3.93
N ASP C 933 19.81 -21.29 3.19
CA ASP C 933 20.29 -21.43 1.78
C ASP C 933 19.39 -20.59 0.89
N PRO C 934 19.82 -20.22 -0.34
CA PRO C 934 19.03 -19.34 -1.20
C PRO C 934 17.53 -19.63 -1.30
N PRO C 935 17.05 -20.87 -1.58
CA PRO C 935 15.62 -21.09 -1.75
C PRO C 935 14.79 -20.68 -0.53
N GLU C 936 15.30 -20.95 0.67
CA GLU C 936 14.56 -20.64 1.92
C GLU C 936 14.85 -19.19 2.34
N ALA C 937 16.06 -18.72 2.10
CA ALA C 937 16.44 -17.33 2.43
C ALA C 937 15.59 -16.36 1.60
N GLU C 938 15.35 -16.67 0.32
CA GLU C 938 14.60 -15.75 -0.57
C GLU C 938 13.19 -15.50 -0.02
N VAL C 939 12.55 -16.53 0.52
CA VAL C 939 11.18 -16.37 1.11
C VAL C 939 11.23 -15.39 2.29
N GLN C 940 12.27 -15.49 3.13
CA GLN C 940 12.37 -14.58 4.30
C GLN C 940 12.77 -13.17 3.84
N ILE C 941 13.69 -13.07 2.87
CA ILE C 941 14.14 -11.74 2.35
C ILE C 941 12.92 -11.06 1.68
N ASP C 942 12.10 -11.82 0.96
CA ASP C 942 10.92 -11.24 0.26
C ASP C 942 9.95 -10.61 1.28
N ARG C 943 9.79 -11.24 2.44
CA ARG C 943 8.92 -10.67 3.51
C ARG C 943 9.50 -9.33 3.99
N LEU C 944 10.83 -9.24 4.13
CA LEU C 944 11.46 -7.96 4.54
C LEU C 944 11.33 -6.93 3.41
N ILE C 945 11.56 -7.35 2.16
CA ILE C 945 11.49 -6.39 1.01
C ILE C 945 10.08 -5.80 0.97
N THR C 946 9.06 -6.66 1.08
CA THR C 946 7.66 -6.17 0.98
C THR C 946 7.34 -5.21 2.11
N GLY C 947 7.71 -5.55 3.35
CA GLY C 947 7.40 -4.67 4.50
C GLY C 947 8.15 -3.35 4.44
N ARG C 948 9.42 -3.38 4.02
CA ARG C 948 10.25 -2.15 3.95
C ARG C 948 9.78 -1.27 2.77
N LEU C 949 9.45 -1.90 1.63
CA LEU C 949 8.94 -1.14 0.47
C LEU C 949 7.61 -0.48 0.87
N GLN C 950 6.77 -1.18 1.62
CA GLN C 950 5.46 -0.61 2.08
C GLN C 950 5.71 0.52 3.08
N SER C 951 6.69 0.38 3.98
CA SER C 951 7.03 1.46 4.93
C SER C 951 7.46 2.71 4.14
N LEU C 952 8.31 2.51 3.13
CA LEU C 952 8.82 3.64 2.32
C LEU C 952 7.67 4.25 1.49
N GLN C 953 6.78 3.41 0.95
CA GLN C 953 5.63 3.89 0.14
C GLN C 953 4.67 4.70 1.03
N THR C 954 4.49 4.26 2.29
CA THR C 954 3.63 5.00 3.24
C THR C 954 4.25 6.36 3.49
N TYR C 955 5.57 6.38 3.73
CA TYR C 955 6.29 7.66 3.99
C TYR C 955 6.12 8.61 2.81
N VAL C 956 6.31 8.12 1.58
CA VAL C 956 6.29 9.04 0.39
C VAL C 956 4.87 9.61 0.20
N THR C 957 3.82 8.79 0.39
CA THR C 957 2.44 9.31 0.28
C THR C 957 2.20 10.37 1.35
N GLN C 958 2.64 10.11 2.58
CA GLN C 958 2.48 11.11 3.67
C GLN C 958 3.19 12.41 3.28
N GLN C 959 4.38 12.31 2.68
CA GLN C 959 5.17 13.53 2.35
C GLN C 959 4.46 14.30 1.23
N LEU C 960 3.91 13.58 0.25
CA LEU C 960 3.18 14.26 -0.85
C LEU C 960 1.96 14.99 -0.24
N ILE C 961 1.17 14.30 0.56
CA ILE C 961 0.02 15.00 1.23
C ILE C 961 0.51 16.29 1.93
N ARG C 962 1.52 16.20 2.78
CA ARG C 962 2.03 17.40 3.53
C ARG C 962 2.54 18.45 2.52
N ALA C 963 3.15 18.02 1.41
CA ALA C 963 3.74 18.98 0.44
C ALA C 963 2.67 19.90 -0.18
N ALA C 964 1.47 19.39 -0.47
CA ALA C 964 0.39 20.22 -1.07
C ALA C 964 -0.23 21.16 -0.05
N GLU C 965 -0.36 20.66 1.19
CA GLU C 965 -0.87 21.56 2.25
C GLU C 965 0.11 22.74 2.35
N ILE C 966 1.40 22.46 2.25
CA ILE C 966 2.43 23.54 2.31
C ILE C 966 2.38 24.35 1.00
N ARG C 967 2.16 23.69 -0.14
CA ARG C 967 2.01 24.43 -1.42
C ARG C 967 0.83 25.41 -1.28
N ALA C 968 -0.30 24.93 -0.75
CA ALA C 968 -1.48 25.80 -0.56
C ALA C 968 -1.12 26.99 0.33
N SER C 969 -0.42 26.72 1.45
CA SER C 969 0.02 27.81 2.37
C SER C 969 0.96 28.77 1.61
N ALA C 970 1.86 28.22 0.79
CA ALA C 970 2.84 29.06 0.05
C ALA C 970 2.11 29.92 -0.99
N ASN C 971 1.11 29.35 -1.68
CA ASN C 971 0.33 30.10 -2.70
C ASN C 971 -0.45 31.22 -1.99
N LEU C 972 -1.01 30.92 -0.82
CA LEU C 972 -1.72 31.98 -0.05
C LEU C 972 -0.70 33.04 0.41
N ALA C 973 0.48 32.63 0.87
CA ALA C 973 1.53 33.59 1.28
C ALA C 973 1.96 34.45 0.09
N ALA C 974 2.11 33.84 -1.10
CA ALA C 974 2.50 34.60 -2.31
C ALA C 974 1.41 35.62 -2.65
N THR C 975 0.14 35.22 -2.51
CA THR C 975 -0.99 36.14 -2.78
C THR C 975 -0.99 37.26 -1.77
N LYS C 976 -0.75 36.96 -0.49
CA LYS C 976 -0.67 38.01 0.56
C LYS C 976 0.52 38.93 0.30
N MET C 977 1.65 38.37 -0.17
CA MET C 977 2.82 39.22 -0.50
C MET C 977 2.40 40.22 -1.60
N SER C 978 1.73 39.74 -2.64
CA SER C 978 1.30 40.62 -3.76
C SER C 978 0.22 41.62 -3.32
N GLU C 979 -0.79 41.18 -2.57
CA GLU C 979 -1.95 42.07 -2.26
C GLU C 979 -1.76 42.89 -0.97
N CYS C 980 -1.09 42.34 0.06
CA CYS C 980 -0.97 43.05 1.35
C CYS C 980 0.31 43.90 1.38
N VAL C 981 1.41 43.43 0.77
CA VAL C 981 2.71 44.17 0.83
C VAL C 981 2.86 45.08 -0.38
N LEU C 982 2.65 44.55 -1.60
CA LEU C 982 2.87 45.34 -2.83
C LEU C 982 1.66 46.25 -3.10
N GLY C 983 0.53 45.99 -2.44
CA GLY C 983 -0.66 46.83 -2.63
C GLY C 983 -1.34 47.18 -1.32
N GLN C 984 -2.60 47.64 -1.39
CA GLN C 984 -3.39 47.91 -0.17
C GLN C 984 -4.68 47.09 -0.31
N SER C 985 -4.97 46.23 0.67
CA SER C 985 -6.13 45.31 0.52
C SER C 985 -7.43 45.92 1.03
N LYS C 986 -8.54 45.68 0.30
CA LYS C 986 -9.87 46.12 0.77
C LYS C 986 -10.65 44.85 1.14
N ARG C 987 -10.04 43.67 0.90
CA ARG C 987 -10.68 42.38 1.26
C ARG C 987 -10.75 42.28 2.79
N VAL C 988 -11.94 42.11 3.34
CA VAL C 988 -12.10 42.11 4.83
C VAL C 988 -11.33 40.95 5.47
N ASP C 989 -10.53 41.24 6.52
CA ASP C 989 -9.80 40.20 7.30
C ASP C 989 -8.75 39.42 6.46
N PHE C 990 -8.42 39.90 5.26
CA PHE C 990 -7.38 39.20 4.46
C PHE C 990 -5.98 39.60 4.95
N CYS C 991 -5.75 40.90 5.16
CA CYS C 991 -4.41 41.39 5.60
C CYS C 991 -4.52 41.86 7.06
N GLY C 992 -5.00 40.99 7.96
CA GLY C 992 -5.16 41.38 9.37
C GLY C 992 -6.54 41.94 9.65
N LYS C 993 -6.89 42.08 10.93
CA LYS C 993 -8.25 42.53 11.29
C LYS C 993 -8.27 44.07 11.35
N GLY C 994 -9.34 44.68 10.84
CA GLY C 994 -9.40 46.15 10.79
C GLY C 994 -9.24 46.62 9.36
N TYR C 995 -9.18 47.93 9.16
CA TYR C 995 -8.98 48.48 7.78
C TYR C 995 -7.51 48.38 7.42
N HIS C 996 -7.19 47.64 6.36
CA HIS C 996 -5.77 47.41 5.98
C HIS C 996 -5.11 48.67 5.44
N LEU C 997 -3.98 49.07 6.03
CA LEU C 997 -3.21 50.23 5.50
C LEU C 997 -2.02 49.69 4.71
N MET C 998 -1.19 48.85 5.34
CA MET C 998 0.02 48.29 4.67
C MET C 998 0.49 47.04 5.41
N SER C 999 1.35 46.24 4.76
CA SER C 999 1.92 45.04 5.44
C SER C 999 3.43 44.96 5.16
N PHE C 1000 4.19 44.34 6.08
CA PHE C 1000 5.65 44.15 5.88
C PHE C 1000 5.97 42.68 6.05
N PRO C 1001 6.71 42.05 5.11
CA PRO C 1001 7.09 40.66 5.27
C PRO C 1001 8.35 40.48 6.11
N GLN C 1002 8.40 39.41 6.91
CA GLN C 1002 9.62 39.08 7.69
C GLN C 1002 9.96 37.62 7.41
N ALA C 1003 11.22 37.32 7.13
CA ALA C 1003 11.64 35.93 6.83
C ALA C 1003 11.67 35.09 8.09
N ALA C 1004 11.28 33.82 7.99
CA ALA C 1004 11.30 32.89 9.15
C ALA C 1004 11.74 31.51 8.66
N PRO C 1005 12.23 30.60 9.54
CA PRO C 1005 12.57 29.25 9.09
C PRO C 1005 11.39 28.52 8.42
N HIS C 1006 11.57 28.08 7.15
CA HIS C 1006 10.51 27.34 6.38
C HIS C 1006 9.21 28.14 6.23
N GLY C 1007 9.26 29.46 6.37
CA GLY C 1007 8.00 30.22 6.30
C GLY C 1007 8.16 31.72 6.25
N VAL C 1008 7.03 32.43 6.34
CA VAL C 1008 7.06 33.92 6.29
C VAL C 1008 6.15 34.44 7.40
N VAL C 1009 6.51 35.59 7.99
CA VAL C 1009 5.62 36.23 9.00
C VAL C 1009 5.23 37.60 8.44
N PHE C 1010 3.94 37.84 8.29
CA PHE C 1010 3.46 39.15 7.79
C PHE C 1010 3.12 40.06 8.96
N LEU C 1011 3.56 41.32 8.89
CA LEU C 1011 3.18 42.33 9.91
C LEU C 1011 2.11 43.22 9.28
N HIS C 1012 0.84 42.98 9.63
CA HIS C 1012 -0.27 43.75 9.00
C HIS C 1012 -0.54 45.02 9.80
N VAL C 1013 -0.38 46.18 9.13
CA VAL C 1013 -0.68 47.47 9.81
C VAL C 1013 -2.15 47.82 9.47
N THR C 1014 -2.99 47.93 10.50
CA THR C 1014 -4.43 48.17 10.25
C THR C 1014 -4.93 49.36 11.04
N TYR C 1015 -5.98 50.01 10.52
CA TYR C 1015 -6.64 51.14 11.23
C TYR C 1015 -7.87 50.57 11.91
N ILE C 1016 -7.99 50.80 13.22
CA ILE C 1016 -9.20 50.31 13.96
C ILE C 1016 -9.86 51.49 14.68
N PRO C 1017 -11.16 51.78 14.44
CA PRO C 1017 -11.86 52.81 15.20
C PRO C 1017 -11.82 52.46 16.67
N SER C 1018 -11.56 53.44 17.55
CA SER C 1018 -11.35 53.12 18.98
C SER C 1018 -12.38 53.75 19.92
N GLN C 1019 -12.84 54.98 19.63
CA GLN C 1019 -13.79 55.65 20.54
C GLN C 1019 -14.99 56.08 19.71
N GLU C 1020 -16.21 56.02 20.25
CA GLU C 1020 -17.40 56.29 19.42
C GLU C 1020 -18.41 57.18 20.17
N ARG C 1021 -19.22 57.93 19.42
CA ARG C 1021 -20.26 58.78 20.05
C ARG C 1021 -21.58 58.60 19.28
N ASN C 1022 -22.69 58.53 20.00
CA ASN C 1022 -24.01 58.33 19.35
C ASN C 1022 -24.55 59.68 18.87
N PHE C 1023 -25.06 59.74 17.64
CA PHE C 1023 -25.64 61.00 17.10
C PHE C 1023 -27.00 60.72 16.50
N THR C 1024 -27.86 61.76 16.46
CA THR C 1024 -29.15 61.59 15.77
C THR C 1024 -28.85 61.74 14.30
N THR C 1025 -29.52 60.97 13.44
CA THR C 1025 -29.19 61.00 12.00
C THR C 1025 -30.45 61.06 11.18
N ALA C 1026 -30.32 61.32 9.88
CA ALA C 1026 -31.48 61.34 8.96
C ALA C 1026 -30.99 60.87 7.60
N PRO C 1027 -31.83 60.24 6.75
CA PRO C 1027 -31.41 59.85 5.42
C PRO C 1027 -31.15 61.05 4.52
N ALA C 1028 -31.97 62.10 4.69
CA ALA C 1028 -31.83 63.27 3.80
C ALA C 1028 -32.16 64.56 4.54
N ILE C 1029 -31.74 65.70 4.00
CA ILE C 1029 -32.10 67.01 4.61
C ILE C 1029 -33.09 67.69 3.64
N CYS C 1030 -34.17 68.26 4.17
CA CYS C 1030 -35.18 68.88 3.30
C CYS C 1030 -35.00 70.41 3.27
N HIS C 1031 -34.71 70.97 2.10
CA HIS C 1031 -34.59 72.44 1.96
C HIS C 1031 -35.68 72.85 0.95
N GLU C 1032 -36.55 73.79 1.31
CA GLU C 1032 -37.68 74.13 0.42
C GLU C 1032 -38.48 72.83 0.21
N GLY C 1033 -38.57 72.36 -1.04
CA GLY C 1033 -39.25 71.08 -1.31
C GLY C 1033 -38.28 70.11 -1.95
N LYS C 1034 -36.98 70.34 -1.78
CA LYS C 1034 -35.96 69.49 -2.46
C LYS C 1034 -35.27 68.58 -1.44
N ALA C 1035 -35.12 67.30 -1.77
CA ALA C 1035 -34.41 66.36 -0.88
C ALA C 1035 -32.90 66.47 -1.12
N HIS C 1036 -32.13 66.75 -0.06
CA HIS C 1036 -30.65 66.84 -0.18
C HIS C 1036 -30.02 65.59 0.45
N PHE C 1037 -29.14 64.91 -0.30
CA PHE C 1037 -28.46 63.71 0.24
C PHE C 1037 -26.98 64.01 0.41
N PRO C 1038 -26.27 63.38 1.37
CA PRO C 1038 -24.84 63.61 1.49
C PRO C 1038 -24.08 62.97 0.34
N ARG C 1039 -23.17 63.72 -0.29
CA ARG C 1039 -22.33 63.14 -1.37
C ARG C 1039 -21.48 62.04 -0.71
N GLU C 1040 -20.83 62.38 0.41
CA GLU C 1040 -20.05 61.37 1.18
C GLU C 1040 -20.36 61.57 2.67
N GLY C 1041 -20.17 60.53 3.48
CA GLY C 1041 -20.40 60.65 4.92
C GLY C 1041 -21.86 60.50 5.28
N VAL C 1042 -22.29 61.12 6.39
CA VAL C 1042 -23.70 60.95 6.86
C VAL C 1042 -24.16 62.23 7.58
N PHE C 1043 -25.46 62.50 7.55
CA PHE C 1043 -25.98 63.67 8.31
C PHE C 1043 -26.04 63.31 9.78
N VAL C 1044 -25.49 64.18 10.63
CA VAL C 1044 -25.51 63.92 12.10
C VAL C 1044 -25.98 65.21 12.80
N SER C 1045 -26.70 65.07 13.91
CA SER C 1045 -27.09 66.28 14.69
C SER C 1045 -26.40 66.23 16.06
N ASN C 1046 -25.70 67.31 16.43
CA ASN C 1046 -25.01 67.36 17.75
C ASN C 1046 -26.08 67.52 18.84
N GLY C 1047 -27.26 68.01 18.47
CA GLY C 1047 -28.35 68.22 19.44
C GLY C 1047 -29.24 69.37 18.99
N THR C 1048 -28.64 70.40 18.38
CA THR C 1048 -29.43 71.55 17.87
C THR C 1048 -29.05 71.82 16.42
N HIS C 1049 -27.81 71.52 16.04
CA HIS C 1049 -27.34 71.85 14.67
C HIS C 1049 -27.04 70.56 13.89
N TRP C 1050 -27.32 70.57 12.58
CA TRP C 1050 -27.04 69.39 11.72
C TRP C 1050 -25.70 69.60 10.99
N PHE C 1051 -24.93 68.52 10.83
CA PHE C 1051 -23.64 68.63 10.09
C PHE C 1051 -23.40 67.35 9.31
N ILE C 1052 -22.48 67.40 8.35
CA ILE C 1052 -22.07 66.17 7.62
C ILE C 1052 -20.73 65.70 8.20
N THR C 1053 -20.56 64.37 8.33
CA THR C 1053 -19.28 63.83 8.81
C THR C 1053 -18.96 62.58 8.01
N GLN C 1054 -17.68 62.25 7.87
CA GLN C 1054 -17.30 60.99 7.19
C GLN C 1054 -17.71 59.83 8.12
N ARG C 1055 -17.90 58.63 7.58
CA ARG C 1055 -18.42 57.50 8.40
C ARG C 1055 -17.42 56.99 9.44
N ASN C 1056 -16.13 56.96 9.14
CA ASN C 1056 -15.16 56.30 10.06
C ASN C 1056 -14.55 57.29 11.06
N PHE C 1057 -14.69 58.59 10.84
CA PHE C 1057 -14.03 59.54 11.77
C PHE C 1057 -14.92 60.75 11.95
N TYR C 1058 -15.13 61.19 13.21
CA TYR C 1058 -16.08 62.30 13.44
C TYR C 1058 -15.42 63.64 13.14
N GLU C 1059 -15.80 64.25 12.01
CA GLU C 1059 -15.29 65.59 11.65
C GLU C 1059 -16.50 66.39 11.14
N PRO C 1060 -17.26 67.08 12.02
CA PRO C 1060 -18.48 67.75 11.59
C PRO C 1060 -18.21 68.91 10.67
N GLN C 1061 -18.84 68.89 9.49
CA GLN C 1061 -18.69 69.99 8.50
C GLN C 1061 -20.06 70.59 8.21
N ILE C 1062 -20.15 71.92 8.07
CA ILE C 1062 -21.47 72.58 7.85
C ILE C 1062 -22.06 72.08 6.53
N ILE C 1063 -23.37 71.75 6.53
CA ILE C 1063 -24.03 71.22 5.31
C ILE C 1063 -24.10 72.33 4.25
N THR C 1064 -23.46 72.13 3.11
CA THR C 1064 -23.47 73.15 2.02
C THR C 1064 -23.99 72.53 0.76
N THR C 1065 -24.18 73.35 -0.29
CA THR C 1065 -24.56 72.79 -1.60
C THR C 1065 -23.32 72.29 -2.27
N ASP C 1066 -22.23 72.06 -1.53
CA ASP C 1066 -20.98 71.48 -2.11
C ASP C 1066 -20.78 70.07 -1.56
N ASN C 1067 -21.33 69.79 -0.37
CA ASN C 1067 -21.16 68.45 0.27
C ASN C 1067 -22.49 67.65 0.20
N THR C 1068 -23.49 68.15 -0.53
CA THR C 1068 -24.79 67.43 -0.70
C THR C 1068 -25.22 67.43 -2.15
N PHE C 1069 -26.08 66.48 -2.54
CA PHE C 1069 -26.64 66.51 -3.91
C PHE C 1069 -28.16 66.49 -3.80
N VAL C 1070 -28.84 67.05 -4.79
CA VAL C 1070 -30.33 67.13 -4.72
C VAL C 1070 -30.94 66.06 -5.62
N SER C 1071 -31.86 65.26 -5.07
CA SER C 1071 -32.59 64.25 -5.91
C SER C 1071 -34.03 64.16 -5.43
N GLY C 1072 -34.99 64.44 -6.32
CA GLY C 1072 -36.42 64.30 -5.96
C GLY C 1072 -36.92 65.37 -5.00
N THR C 1073 -38.02 65.07 -4.30
CA THR C 1073 -38.63 66.06 -3.37
C THR C 1073 -38.70 65.49 -1.97
N CYS C 1074 -38.95 66.36 -0.98
CA CYS C 1074 -38.98 65.92 0.44
C CYS C 1074 -40.16 64.97 0.72
N ASP C 1075 -41.11 64.83 -0.21
CA ASP C 1075 -42.33 64.02 0.04
C ASP C 1075 -42.09 62.52 -0.13
N VAL C 1076 -40.96 62.12 -0.73
CA VAL C 1076 -40.74 60.67 -1.03
C VAL C 1076 -39.84 60.02 0.03
N VAL C 1077 -38.86 60.76 0.58
CA VAL C 1077 -37.88 60.14 1.53
C VAL C 1077 -38.49 59.98 2.93
N ILE C 1078 -38.52 58.74 3.44
CA ILE C 1078 -39.05 58.49 4.81
C ILE C 1078 -37.97 58.91 5.84
N GLY C 1079 -38.32 59.81 6.77
CA GLY C 1079 -37.37 60.19 7.83
C GLY C 1079 -36.58 61.44 7.47
N ILE C 1080 -36.93 62.10 6.36
CA ILE C 1080 -36.23 63.34 5.95
C ILE C 1080 -36.47 64.43 7.03
N VAL C 1081 -35.47 65.29 7.24
CA VAL C 1081 -35.60 66.37 8.27
C VAL C 1081 -35.33 67.72 7.58
N ASN C 1082 -36.02 68.78 8.03
CA ASN C 1082 -35.86 70.13 7.41
C ASN C 1082 -34.68 70.87 8.05
N ASN C 1083 -33.80 71.46 7.23
CA ASN C 1083 -32.62 72.20 7.74
C ASN C 1083 -32.18 73.19 6.66
N THR C 1084 -31.07 73.89 6.87
CA THR C 1084 -30.65 74.92 5.89
C THR C 1084 -29.38 74.47 5.19
N VAL C 1085 -29.42 74.36 3.86
CA VAL C 1085 -28.20 74.01 3.07
C VAL C 1085 -27.71 75.31 2.41
N TYR C 1086 -26.63 75.90 2.91
CA TYR C 1086 -26.19 77.22 2.37
C TYR C 1086 -25.24 77.02 1.19
N ASP C 1087 -24.68 78.11 0.66
CA ASP C 1087 -23.81 78.02 -0.53
C ASP C 1087 -22.42 78.58 -0.20
C1 NAG D . -34.28 -25.14 -28.43
C2 NAG D . -34.73 -24.11 -29.46
C3 NAG D . -35.43 -24.81 -30.63
C4 NAG D . -34.52 -25.88 -31.22
C5 NAG D . -34.05 -26.83 -30.13
C6 NAG D . -33.02 -27.82 -30.63
C7 NAG D . -35.20 -21.83 -28.74
C8 NAG D . -33.78 -21.52 -29.16
N2 NAG D . -35.59 -23.09 -28.90
O3 NAG D . -35.82 -23.86 -31.60
O4 NAG D . -35.26 -26.65 -32.16
O5 NAG D . -33.43 -26.09 -29.05
O6 NAG D . -32.59 -28.68 -29.58
O7 NAG D . -35.94 -20.96 -28.28
C1 NAG D . -35.04 -26.51 -33.53
C2 NAG D . -36.02 -27.50 -34.16
C3 NAG D . -35.98 -27.37 -35.69
C4 NAG D . -36.19 -25.92 -36.11
C5 NAG D . -35.16 -25.04 -35.41
C6 NAG D . -35.36 -23.56 -35.69
C7 NAG D . -36.53 -29.51 -32.90
C8 NAG D . -36.02 -30.84 -32.42
N2 NAG D . -35.75 -28.85 -33.74
O3 NAG D . -36.96 -28.21 -36.26
O4 NAG D . -36.02 -25.80 -37.52
O5 NAG D . -35.28 -25.19 -33.98
O6 NAG D . -36.63 -23.11 -35.25
O7 NAG D . -37.61 -29.07 -32.52
C1 NAG E . -16.04 -41.66 -17.32
C2 NAG E . -14.56 -41.85 -17.65
C3 NAG E . -14.31 -41.57 -19.12
C4 NAG E . -15.23 -42.41 -19.99
C5 NAG E . -16.67 -42.20 -19.56
C6 NAG E . -17.65 -43.08 -20.29
C7 NAG E . -12.86 -41.46 -15.93
C8 NAG E . -12.85 -42.95 -15.73
N2 NAG E . -13.72 -40.99 -16.83
O3 NAG E . -12.94 -41.83 -19.41
O4 NAG E . -15.11 -42.03 -21.35
O5 NAG E . -16.80 -42.53 -18.15
O6 NAG E . -17.11 -44.37 -20.52
O7 NAG E . -12.10 -40.72 -15.31
C1 NAG E . -14.30 -42.77 -22.22
C2 NAG E . -14.78 -42.48 -23.64
C3 NAG E . -13.83 -43.10 -24.66
C4 NAG E . -12.39 -42.68 -24.37
C5 NAG E . -12.04 -43.05 -22.93
C6 NAG E . -10.65 -42.62 -22.52
C7 NAG E . -17.20 -42.20 -23.84
C8 NAG E . -18.47 -42.82 -24.32
N2 NAG E . -16.12 -42.99 -23.85
O3 NAG E . -14.21 -42.70 -25.96
O4 NAG E . -11.51 -43.36 -25.26
O5 NAG E . -12.95 -42.39 -22.04
O6 NAG E . -10.58 -41.20 -22.40
O7 NAG E . -17.15 -41.03 -23.45
C1 BMA E . -10.70 -42.59 -26.07
C2 BMA E . -9.55 -43.41 -26.58
C3 BMA E . -8.63 -42.58 -27.44
C4 BMA E . -9.43 -41.93 -28.56
C5 BMA E . -10.61 -41.16 -27.99
C6 BMA E . -11.52 -40.62 -29.07
O2 BMA E . -10.05 -44.53 -27.30
O3 BMA E . -7.60 -43.41 -27.98
O4 BMA E . -8.59 -41.03 -29.28
O5 BMA E . -11.41 -42.02 -27.17
O6 BMA E . -12.15 -41.68 -29.79
C1 NAG F . 2.32 -33.02 -39.21
C2 NAG F . 2.96 -31.95 -40.11
C3 NAG F . 1.88 -31.25 -40.93
C4 NAG F . 1.02 -32.26 -41.68
C5 NAG F . 0.48 -33.31 -40.71
C6 NAG F . -0.28 -34.43 -41.37
C7 NAG F . 5.06 -30.94 -39.39
C8 NAG F . 5.69 -29.85 -38.56
N2 NAG F . 3.72 -31.00 -39.35
O3 NAG F . 2.49 -30.34 -41.82
O4 NAG F . -0.07 -31.55 -42.27
O5 NAG F . 1.57 -33.92 -40.02
O6 NAG F . -0.78 -35.35 -40.42
O7 NAG F . 5.73 -31.71 -40.07
C1 NAG F . -0.58 -31.96 -43.51
C2 NAG F . -1.87 -31.19 -43.77
C3 NAG F . -2.41 -31.53 -45.14
C4 NAG F . -1.34 -31.35 -46.21
C5 NAG F . -0.09 -32.14 -45.84
C6 NAG F . 1.06 -31.93 -46.79
C7 NAG F . -3.50 -32.59 -42.50
C8 NAG F . -4.57 -32.54 -41.46
N2 NAG F . -2.85 -31.44 -42.72
O3 NAG F . -3.55 -30.73 -45.43
O4 NAG F . -1.87 -31.81 -47.45
O5 NAG F . 0.36 -31.73 -44.53
O6 NAG F . 1.47 -30.56 -46.81
O7 NAG F . -3.21 -33.63 -43.08
C1 NAG G . -41.99 37.97 8.07
C2 NAG G . -43.02 38.64 8.99
C3 NAG G . -43.80 37.56 9.73
C4 NAG G . -44.42 36.57 8.77
C5 NAG G . -43.34 35.99 7.86
C6 NAG G . -43.87 35.11 6.75
C7 NAG G . -42.56 40.87 9.85
C8 NAG G . -41.88 41.68 10.92
N2 NAG G . -42.40 39.55 9.92
O3 NAG G . -44.79 38.18 10.54
O4 NAG G . -45.03 35.55 9.54
O5 NAG G . -42.61 37.05 7.20
O6 NAG G . -44.76 35.83 5.90
O7 NAG G . -43.21 41.41 8.95
C1 NAG G . -46.06 34.76 9.04
C2 NAG G . -46.47 33.78 10.14
C3 NAG G . -47.65 32.95 9.66
C4 NAG G . -48.79 33.86 9.21
C5 NAG G . -48.29 34.83 8.15
C6 NAG G . -49.33 35.85 7.74
C7 NAG G . -44.77 33.07 11.73
C8 NAG G . -43.61 32.15 11.97
N2 NAG G . -45.38 32.94 10.55
O3 NAG G . -48.08 32.08 10.70
O4 NAG G . -49.84 33.07 8.66
O5 NAG G . -47.16 35.58 8.65
O6 NAG G . -49.70 36.67 8.85
O7 NAG G . -45.15 33.87 12.57
C1 NAG H . 47.81 -3.26 -17.89
C2 NAG H . 48.36 -1.85 -17.71
C3 NAG H . 49.88 -1.89 -17.81
C4 NAG H . 50.46 -2.89 -16.80
C5 NAG H . 49.80 -4.24 -16.99
C6 NAG H . 50.22 -5.24 -15.93
C7 NAG H . 46.98 0.06 -18.28
C8 NAG H . 46.60 0.10 -16.83
N2 NAG H . 47.82 -0.90 -18.65
O3 NAG H . 50.41 -0.58 -17.60
O4 NAG H . 51.86 -3.04 -17.04
O5 NAG H . 48.37 -4.12 -16.91
O6 NAG H . 49.57 -6.50 -16.12
O7 NAG H . 46.54 0.89 -19.09
C1 NAG H . 52.80 -2.50 -16.17
C2 NAG H . 54.14 -2.89 -16.79
C3 NAG H . 55.28 -2.26 -16.00
C4 NAG H . 55.06 -0.76 -15.87
C5 NAG H . 53.70 -0.49 -15.26
C6 NAG H . 53.37 0.99 -15.17
C7 NAG H . 54.21 -5.01 -18.01
C8 NAG H . 54.20 -6.50 -17.89
N2 NAG H . 54.29 -4.32 -16.85
O3 NAG H . 56.51 -2.55 -16.66
O4 NAG H . 56.08 -0.21 -15.02
O5 NAG H . 52.67 -1.09 -16.07
O6 NAG H . 53.35 1.58 -16.46
O7 NAG H . 54.16 -4.44 -19.09
C1 NAG I . 38.64 -26.93 -8.67
C2 NAG I . 38.38 -27.38 -7.22
C3 NAG I . 39.34 -26.68 -6.27
C4 NAG I . 40.78 -26.89 -6.72
C5 NAG I . 40.92 -26.45 -8.17
C6 NAG I . 42.30 -26.72 -8.73
C7 NAG I . 36.14 -28.10 -6.54
C8 NAG I . 36.62 -29.50 -6.75
N2 NAG I . 37.01 -27.13 -6.83
O3 NAG I . 39.12 -27.19 -4.96
O4 NAG I . 41.66 -26.10 -5.91
O5 NAG I . 40.00 -27.20 -8.98
O6 NAG I . 42.82 -27.95 -8.23
O7 NAG I . 35.01 -27.86 -6.13
C1 NAG I . 42.33 -26.68 -4.85
C2 NAG I . 43.54 -25.80 -4.56
C3 NAG I . 44.24 -26.25 -3.27
C4 NAG I . 43.23 -26.37 -2.14
C5 NAG I . 42.10 -27.30 -2.55
C6 NAG I . 41.02 -27.43 -1.51
C7 NAG I . 44.58 -24.82 -6.54
C8 NAG I . 45.75 -24.86 -7.46
N2 NAG I . 44.49 -25.81 -5.66
O3 NAG I . 45.27 -25.33 -2.94
O4 NAG I . 43.89 -26.91 -0.99
O5 NAG I . 41.47 -26.77 -3.73
O6 NAG I . 40.27 -26.22 -1.39
O7 NAG I . 43.73 -23.92 -6.59
C1 BMA I . 43.86 -26.15 0.18
C2 BMA I . 44.16 -27.03 1.36
C3 BMA I . 44.11 -26.23 2.63
C4 BMA I . 45.05 -25.04 2.54
C5 BMA I . 44.74 -24.22 1.29
C6 BMA I . 45.75 -23.12 1.06
O2 BMA I . 45.43 -27.65 1.19
O3 BMA I . 44.48 -27.06 3.74
O4 BMA I . 44.89 -24.21 3.69
O5 BMA I . 44.80 -25.07 0.14
O6 BMA I . 47.04 -23.65 0.80
C1 NAG J . 44.88 -16.54 18.63
C2 NAG J . 44.87 -15.44 19.70
C3 NAG J . 45.66 -14.23 19.20
C4 NAG J . 47.05 -14.64 18.75
C5 NAG J . 46.95 -15.77 17.72
C6 NAG J . 48.29 -16.33 17.31
C7 NAG J . 42.99 -15.35 21.24
C8 NAG J . 41.59 -14.84 21.47
N2 NAG J . 43.52 -15.06 20.07
O3 NAG J . 45.73 -13.26 20.24
O4 NAG J . 47.66 -13.49 18.15
O5 NAG J . 46.21 -16.86 18.30
O6 NAG J . 48.13 -17.36 16.33
O7 NAG J . 43.59 -16.00 22.09
C1 NAG J . 49.04 -13.30 18.27
C2 NAG J . 49.44 -12.16 17.33
C3 NAG J . 50.91 -11.84 17.51
C4 NAG J . 51.24 -11.59 18.96
C5 NAG J . 50.79 -12.78 19.81
C6 NAG J . 50.98 -12.57 21.29
C7 NAG J . 49.69 -13.41 15.19
C8 NAG J . 49.29 -13.44 13.75
N2 NAG J . 49.12 -12.48 15.95
O3 NAG J . 51.25 -10.71 16.70
O4 NAG J . 52.67 -11.43 19.07
O5 NAG J . 49.37 -12.99 19.61
O6 NAG J . 50.24 -11.44 21.75
O7 NAG J . 50.51 -14.22 15.65
C1 NAG K . -5.83 42.67 -37.63
C2 NAG K . -6.43 43.23 -38.92
C3 NAG K . -6.24 42.21 -40.03
C4 NAG K . -4.77 41.84 -40.18
C5 NAG K . -4.24 41.34 -38.84
C6 NAG K . -2.76 41.08 -38.83
C7 NAG K . -8.29 44.80 -38.76
C8 NAG K . -9.77 44.97 -38.63
N2 NAG K . -7.83 43.55 -38.76
O3 NAG K . -6.75 42.75 -41.26
O4 NAG K . -4.70 40.81 -41.17
O5 NAG K . -4.47 42.32 -37.81
O6 NAG K . -2.03 42.26 -39.14
O7 NAG K . -7.54 45.77 -38.85
C1 NAG K . -3.53 40.56 -41.88
C2 NAG K . -3.82 39.41 -42.85
C3 NAG K . -2.58 39.15 -43.70
C4 NAG K . -2.16 40.44 -44.41
C5 NAG K . -1.94 41.54 -43.37
C6 NAG K . -1.63 42.88 -44.01
C7 NAG K . -5.48 37.75 -42.19
C8 NAG K . -5.75 36.53 -41.37
N2 NAG K . -4.23 38.22 -42.15
O3 NAG K . -2.86 38.13 -44.64
O4 NAG K . -0.94 40.21 -45.11
O5 NAG K . -3.13 41.73 -42.58
O6 NAG K . -2.72 43.33 -44.81
O7 NAG K . -6.35 38.28 -42.87
C1 NAG L . -3.85 -9.71 50.07
C2 NAG L . -4.84 -8.66 50.57
C3 NAG L . -5.36 -9.07 51.94
C4 NAG L . -5.97 -10.47 51.88
C5 NAG L . -4.95 -11.44 51.30
C6 NAG L . -5.55 -12.82 51.06
C7 NAG L . -4.64 -6.36 49.78
C8 NAG L . -5.67 -6.73 48.76
N2 NAG L . -4.27 -7.33 50.63
O3 NAG L . -6.32 -8.12 52.39
O4 NAG L . -6.28 -10.91 53.19
O5 NAG L . -4.48 -10.97 50.02
O6 NAG L . -4.57 -13.70 50.51
O7 NAG L . -4.18 -5.22 49.86
C1 NAG L . -7.60 -10.98 53.63
C2 NAG L . -7.48 -11.49 55.08
C3 NAG L . -8.86 -11.50 55.73
C4 NAG L . -9.53 -10.14 55.60
C5 NAG L . -9.58 -9.75 54.12
C6 NAG L . -10.15 -8.36 53.90
C7 NAG L . -5.62 -12.98 55.56
C8 NAG L . -5.06 -14.35 55.39
N2 NAG L . -6.86 -12.78 55.12
O3 NAG L . -8.72 -11.87 57.10
O4 NAG L . -10.86 -10.22 56.11
O5 NAG L . -8.25 -9.72 53.58
O6 NAG L . -9.37 -7.37 54.56
O7 NAG L . -4.97 -12.08 56.09
C1 NAG M . 2.86 -31.64 35.83
C2 NAG M . 2.01 -32.48 34.86
C3 NAG M . 0.55 -32.45 35.28
C4 NAG M . 0.40 -32.87 36.73
C5 NAG M . 1.31 -32.02 37.60
C6 NAG M . 1.31 -32.43 39.06
C7 NAG M . 2.70 -32.75 32.52
C8 NAG M . 3.27 -34.07 32.94
N2 NAG M . 2.15 -32.02 33.49
O3 NAG M . -0.19 -33.30 34.42
O4 NAG M . -0.94 -32.68 37.18
O5 NAG M . 2.67 -32.15 37.14
O6 NAG M . 1.25 -33.85 39.18
O7 NAG M . 2.73 -32.37 31.36
C1 NAG M . -1.81 -33.76 37.21
C2 NAG M . -2.94 -33.41 38.18
C3 NAG M . -4.05 -34.45 38.12
C4 NAG M . -4.50 -34.68 36.69
C5 NAG M . -3.29 -35.06 35.84
C6 NAG M . -3.63 -35.25 34.37
C7 NAG M . -2.21 -32.12 40.11
C8 NAG M . -1.93 -32.15 41.58
N2 NAG M . -2.44 -33.29 39.53
O3 NAG M . -5.13 -34.02 38.92
O4 NAG M . -5.45 -35.75 36.65
O5 NAG M . -2.32 -34.00 35.90
O6 NAG M . -3.94 -34.00 33.76
O7 NAG M . -2.21 -31.06 39.48
C1 BMA M . -6.71 -35.46 36.12
C2 BMA M . -7.38 -36.74 35.75
C3 BMA M . -8.74 -36.46 35.14
C4 BMA M . -9.57 -35.61 36.09
C5 BMA M . -8.80 -34.36 36.49
C6 BMA M . -9.52 -33.57 37.56
O2 BMA M . -7.50 -37.58 36.89
O3 BMA M . -9.40 -37.69 34.86
O4 BMA M . -10.78 -35.23 35.46
O5 BMA M . -7.53 -34.73 37.04
O6 BMA M . -9.60 -34.30 38.78
C1 NAG N . -26.08 -33.56 28.75
C2 NAG N . -27.43 -32.95 28.31
C3 NAG N . -27.88 -31.91 29.33
C4 NAG N . -27.91 -32.50 30.74
C5 NAG N . -26.56 -33.13 31.05
C6 NAG N . -26.53 -33.85 32.38
C7 NAG N . -27.93 -32.90 25.93
C8 NAG N . -27.76 -32.15 24.63
N2 NAG N . -27.33 -32.37 26.98
O3 NAG N . -29.17 -31.43 28.95
O4 NAG N . -28.17 -31.43 31.64
O5 NAG N . -26.23 -34.11 30.05
O6 NAG N . -25.23 -34.38 32.65
O7 NAG N . -28.58 -33.94 25.99
C1 NAG N . -28.93 -31.67 32.79
C2 NAG N . -28.83 -30.43 33.68
C3 NAG N . -29.72 -30.61 34.92
C4 NAG N . -31.14 -30.99 34.50
C5 NAG N . -31.11 -32.22 33.61
C6 NAG N . -32.46 -32.60 33.07
C7 NAG N . -26.68 -30.88 34.85
C8 NAG N . -25.35 -30.29 35.20
N2 NAG N . -27.46 -30.15 34.05
O3 NAG N . -29.71 -29.41 35.68
O4 NAG N . -31.88 -31.26 35.70
O5 NAG N . -30.27 -31.95 32.46
O6 NAG N . -33.02 -31.55 32.27
O7 NAG N . -27.03 -31.98 35.28
C1 NAG O . 13.89 52.98 16.43
C2 NAG O . 14.92 54.10 16.58
C3 NAG O . 16.19 53.53 17.21
C4 NAG O . 15.87 52.84 18.53
C5 NAG O . 14.80 51.78 18.30
C6 NAG O . 14.29 51.15 19.58
C7 NAG O . 14.87 55.96 15.01
C8 NAG O . 15.30 56.47 13.66
N2 NAG O . 15.24 54.72 15.31
O3 NAG O . 17.13 54.58 17.40
O4 NAG O . 17.08 52.25 18.99
O5 NAG O . 13.63 52.37 17.67
O6 NAG O . 13.71 52.11 20.45
O7 NAG O . 14.21 56.66 15.78
C1 NAG O . 17.28 51.96 20.34
C2 NAG O . 18.67 51.34 20.48
C3 NAG O . 18.96 51.07 21.95
C4 NAG O . 18.79 52.35 22.75
C5 NAG O . 17.39 52.92 22.53
C6 NAG O . 17.18 54.26 23.21
C7 NAG O . 19.55 50.07 18.59
C8 NAG O . 19.53 48.76 17.86
N2 NAG O . 18.80 50.13 19.69
O3 NAG O . 20.27 50.56 22.09
O4 NAG O . 18.95 52.06 24.14
O5 NAG O . 17.15 53.13 21.13
O6 NAG O . 18.08 55.24 22.68
O7 NAG O . 20.22 51.02 18.20
C1 NAG P . -30.58 -52.85 -0.77
C2 NAG P . -30.78 -54.02 -1.72
C3 NAG P . -32.25 -54.43 -1.73
C4 NAG P . -32.73 -54.73 -0.31
C5 NAG P . -32.46 -53.54 0.58
C6 NAG P . -32.77 -53.80 2.04
C7 NAG P . -29.33 -54.22 -3.67
C8 NAG P . -29.26 -54.00 -5.15
N2 NAG P . -30.38 -53.68 -3.07
O3 NAG P . -32.43 -55.54 -2.59
O4 NAG P . -34.13 -54.99 -0.34
O5 NAG P . -31.06 -53.18 0.52
O6 NAG P . -31.97 -54.87 2.55
O7 NAG P . -28.46 -54.85 -3.06
C1 NAG Q . 6.11 -54.25 -19.51
C2 NAG Q . 6.88 -55.56 -19.49
C3 NAG Q . 7.92 -55.56 -20.60
C4 NAG Q . 7.24 -55.29 -21.95
C5 NAG Q . 6.46 -53.98 -21.87
C6 NAG Q . 5.67 -53.72 -23.13
C7 NAG Q . 7.07 -56.73 -17.36
C8 NAG Q . 7.86 -56.90 -16.10
N2 NAG Q . 7.49 -55.80 -18.21
O3 NAG Q . 8.61 -56.81 -20.62
O4 NAG Q . 8.23 -55.20 -22.96
O5 NAG Q . 5.51 -54.02 -20.78
O6 NAG Q . 4.70 -54.74 -23.36
O7 NAG Q . 6.08 -57.42 -17.60
C1 NAG R . -39.78 47.97 -11.88
C2 NAG R . -41.14 48.38 -12.43
C3 NAG R . -42.18 48.33 -11.32
C4 NAG R . -42.19 46.94 -10.69
C5 NAG R . -40.79 46.59 -10.20
C6 NAG R . -40.70 45.18 -9.67
C7 NAG R . -41.21 49.89 -14.36
C8 NAG R . -41.07 51.30 -14.83
N2 NAG R . -41.10 49.70 -13.04
O3 NAG R . -43.46 48.67 -11.83
O4 NAG R . -43.08 46.94 -9.58
O5 NAG R . -39.84 46.68 -11.29
O6 NAG R . -41.02 44.22 -10.69
O7 NAG R . -41.41 48.95 -15.13
C1 NAG S . 36.23 -38.77 -30.21
C2 NAG S . 37.60 -39.43 -30.01
C3 NAG S . 38.38 -39.39 -31.32
C4 NAG S . 37.57 -40.03 -32.44
C5 NAG S . 36.22 -39.35 -32.55
C6 NAG S . 35.30 -40.01 -33.55
C7 NAG S . 38.64 -39.32 -27.81
C8 NAG S . 39.71 -38.63 -27.01
N2 NAG S . 38.36 -38.77 -28.98
O3 NAG S . 39.63 -40.04 -31.14
O4 NAG S . 38.28 -39.88 -33.67
O5 NAG S . 35.54 -39.39 -31.28
O6 NAG S . 35.04 -41.36 -33.18
O7 NAG S . 38.08 -40.34 -27.41
C1 NAG T . 36.82 -43.48 10.74
C2 NAG T . 37.05 -44.87 11.30
C3 NAG T . 37.52 -44.77 12.75
C4 NAG T . 38.76 -43.88 12.83
C5 NAG T . 38.45 -42.51 12.22
C6 NAG T . 39.66 -41.62 12.15
C7 NAG T . 35.77 -46.72 10.34
C8 NAG T . 34.52 -47.52 10.41
N2 NAG T . 35.88 -45.70 11.20
O3 NAG T . 37.79 -46.07 13.26
O4 NAG T . 39.12 -43.70 14.20
O5 NAG T . 37.98 -42.67 10.86
O6 NAG T . 40.69 -42.19 11.36
O7 NAG T . 36.68 -46.99 9.55
C1 NAG U . 4.88 58.01 -25.24
C2 NAG U . 5.70 58.93 -26.13
C3 NAG U . 5.25 58.78 -27.58
C4 NAG U . 5.36 57.32 -28.00
C5 NAG U . 4.55 56.45 -27.04
C6 NAG U . 4.70 54.98 -27.32
C7 NAG U . 6.61 60.97 -25.14
C8 NAG U . 6.32 62.36 -24.67
N2 NAG U . 5.59 60.32 -25.69
O3 NAG U . 6.04 59.61 -28.41
O4 NAG U . 4.84 57.17 -29.32
O5 NAG U . 4.99 56.65 -25.68
O6 NAG U . 6.06 54.56 -27.19
O7 NAG U . 7.72 60.46 -25.00
C1 NAG V . 26.27 -34.08 43.32
C2 NAG V . 25.84 -35.12 44.36
C3 NAG V . 26.55 -34.84 45.68
C4 NAG V . 28.05 -34.80 45.48
C5 NAG V . 28.40 -33.78 44.40
C6 NAG V . 29.86 -33.77 44.05
C7 NAG V . 23.60 -36.07 44.20
C8 NAG V . 22.23 -36.02 44.80
N2 NAG V . 24.41 -35.09 44.57
O3 NAG V . 26.18 -35.82 46.63
O4 NAG V . 28.69 -34.42 46.69
O5 NAG V . 27.68 -34.07 43.19
O6 NAG V . 30.28 -35.04 43.52
O7 NAG V . 23.95 -36.97 43.45
C1 NAG W . -4.71 -52.76 23.55
C2 NAG W . -4.64 -54.28 23.37
C3 NAG W . -6.04 -54.82 23.09
C4 NAG W . -6.99 -54.38 24.20
C5 NAG W . -6.98 -52.86 24.33
C6 NAG W . -7.81 -52.37 25.48
C7 NAG W . -2.55 -55.25 22.60
C8 NAG W . -1.73 -55.65 21.41
N2 NAG W . -3.71 -54.66 22.34
O3 NAG W . -5.99 -56.23 22.98
O4 NAG W . -8.32 -54.80 23.86
O5 NAG W . -5.63 -52.40 24.56
O6 NAG W . -7.35 -52.88 26.72
O7 NAG W . -2.16 -55.45 23.75
C1 NAG X . -7.12 59.49 20.88
C2 NAG X . -7.15 60.41 22.09
C3 NAG X . -5.74 60.90 22.39
C4 NAG X . -4.81 59.70 22.59
C5 NAG X . -4.86 58.81 21.35
C6 NAG X . -4.06 57.55 21.52
C7 NAG X . -9.20 61.64 22.55
C8 NAG X . -10.07 62.80 22.17
N2 NAG X . -8.06 61.52 21.90
O3 NAG X . -5.76 61.72 23.55
O4 NAG X . -3.48 60.17 22.76
O5 NAG X . -6.23 58.40 21.09
O6 NAG X . -4.54 56.75 22.60
O7 NAG X . -9.55 60.83 23.41
#